data_6ZBI
#
_entry.id   6ZBI
#
loop_
_entity.id
_entity.type
_entity.pdbx_description
1 polymer Calmodulin-1
2 polymer 'Sodium/hydrogen exchanger 1'
3 non-polymer 'CALCIUM ION'
#
loop_
_entity_poly.entity_id
_entity_poly.type
_entity_poly.pdbx_seq_one_letter_code
_entity_poly.pdbx_strand_id
1 'polypeptide(L)'
;ADQLTEEQIAEFKEAFSLFDKDGDGTITTKELGTVMRSLGQNPTEAELQDMINEVDADGNGTIDFPEFLTMMARKMKDTD
SEEEIREAFRVFDKDGNGYISAAELRHVMTNLGEKLTDEEVDEMIREADIDGDGQVNYEEFVQMMTAK
;
A
2 'polypeptide(L)' ALSKDKEEEIRKILRNNLQKTRQRLRSYNRHTLVAD B,C
#
# COMPACT_ATOMS: atom_id res chain seq x y z
N ALA A 1 10.56 -6.81 -1.06
CA ALA A 1 10.95 -5.50 -1.64
C ALA A 1 10.85 -4.41 -0.61
N ASP A 2 9.61 -4.06 -0.21
CA ASP A 2 9.42 -3.03 0.76
C ASP A 2 9.27 -3.69 2.10
N GLN A 3 10.20 -3.40 3.02
CA GLN A 3 10.15 -4.00 4.33
C GLN A 3 10.38 -2.89 5.32
N LEU A 4 9.87 -3.06 6.55
CA LEU A 4 10.05 -2.06 7.57
C LEU A 4 11.47 -2.14 8.05
N THR A 5 12.05 -0.98 8.40
CA THR A 5 13.40 -0.95 8.88
C THR A 5 13.40 -1.39 10.32
N GLU A 6 14.60 -1.69 10.86
CA GLU A 6 14.72 -2.12 12.24
C GLU A 6 14.23 -1.03 13.15
N GLU A 7 14.54 0.24 12.80
CA GLU A 7 14.13 1.36 13.63
C GLU A 7 12.62 1.42 13.67
N GLN A 8 11.94 1.24 12.52
CA GLN A 8 10.50 1.30 12.49
C GLN A 8 9.93 0.14 13.25
N ILE A 9 10.52 -1.07 13.10
CA ILE A 9 10.02 -2.23 13.80
C ILE A 9 10.20 -2.04 15.28
N ALA A 10 11.35 -1.47 15.71
CA ALA A 10 11.59 -1.26 17.11
C ALA A 10 10.52 -0.34 17.66
N GLU A 11 10.15 0.71 16.89
CA GLU A 11 9.12 1.62 17.33
C GLU A 11 7.82 0.89 17.39
N PHE A 12 7.57 -0.02 16.42
CA PHE A 12 6.35 -0.79 16.40
C PHE A 12 6.27 -1.63 17.65
N LYS A 13 7.39 -2.28 18.03
CA LYS A 13 7.39 -3.12 19.19
C LYS A 13 7.12 -2.28 20.41
N GLU A 14 7.69 -1.06 20.44
CA GLU A 14 7.48 -0.15 21.56
C GLU A 14 6.03 0.22 21.60
N ALA A 15 5.39 0.42 20.42
CA ALA A 15 3.99 0.78 20.38
C ALA A 15 3.16 -0.33 20.96
N PHE A 16 3.53 -1.61 20.71
CA PHE A 16 2.77 -2.71 21.26
C PHE A 16 2.89 -2.64 22.76
N SER A 17 4.10 -2.29 23.22
CA SER A 17 4.39 -2.16 24.63
C SER A 17 3.53 -1.07 25.21
N LEU A 18 3.26 0.01 24.42
CA LEU A 18 2.45 1.11 24.90
C LEU A 18 1.07 0.62 25.25
N PHE A 19 0.51 -0.28 24.43
CA PHE A 19 -0.83 -0.79 24.71
C PHE A 19 -0.71 -1.91 25.71
N ASP A 20 0.35 -2.72 25.61
CA ASP A 20 0.54 -3.84 26.51
C ASP A 20 1.25 -3.32 27.74
N LYS A 21 0.49 -2.65 28.63
CA LYS A 21 1.06 -2.07 29.82
C LYS A 21 1.62 -3.13 30.76
N ASP A 22 1.03 -4.34 30.80
CA ASP A 22 1.52 -5.32 31.74
C ASP A 22 2.68 -6.09 31.15
N GLY A 23 2.95 -5.93 29.84
CA GLY A 23 4.09 -6.59 29.22
C GLY A 23 3.92 -8.09 29.22
N ASP A 24 2.67 -8.62 29.18
CA ASP A 24 2.50 -10.06 29.19
C ASP A 24 2.47 -10.58 27.78
N GLY A 25 2.63 -9.68 26.78
CA GLY A 25 2.63 -10.09 25.39
C GLY A 25 1.23 -10.25 24.89
N THR A 26 0.23 -9.96 25.74
CA THR A 26 -1.15 -10.09 25.33
C THR A 26 -1.86 -8.81 25.65
N ILE A 27 -2.67 -8.30 24.69
CA ILE A 27 -3.42 -7.09 24.91
C ILE A 27 -4.87 -7.45 24.87
N THR A 28 -5.59 -7.10 25.97
CA THR A 28 -7.00 -7.40 26.10
C THR A 28 -7.77 -6.13 26.21
N THR A 29 -9.11 -6.27 26.35
CA THR A 29 -10.00 -5.14 26.44
C THR A 29 -9.65 -4.28 27.64
N LYS A 30 -9.37 -4.91 28.80
CA LYS A 30 -9.05 -4.13 29.98
C LYS A 30 -7.80 -3.33 29.76
N GLU A 31 -6.78 -3.91 29.11
CA GLU A 31 -5.55 -3.17 28.90
C GLU A 31 -5.78 -2.09 27.88
N LEU A 32 -6.54 -2.40 26.81
CA LEU A 32 -6.79 -1.43 25.76
C LEU A 32 -7.59 -0.29 26.34
N GLY A 33 -8.62 -0.61 27.15
CA GLY A 33 -9.46 0.39 27.74
C GLY A 33 -8.65 1.26 28.66
N THR A 34 -7.73 0.65 29.43
CA THR A 34 -6.90 1.41 30.36
C THR A 34 -6.06 2.37 29.58
N VAL A 35 -5.48 1.92 28.44
CA VAL A 35 -4.65 2.79 27.63
C VAL A 35 -5.47 3.94 27.12
N MET A 36 -6.69 3.66 26.62
CA MET A 36 -7.53 4.72 26.09
C MET A 36 -7.91 5.67 27.21
N ARG A 37 -8.22 5.14 28.41
CA ARG A 37 -8.59 5.98 29.54
C ARG A 37 -7.41 6.84 29.91
N SER A 38 -6.19 6.28 29.85
CA SER A 38 -4.99 7.01 30.19
C SER A 38 -4.82 8.15 29.23
N LEU A 39 -5.26 7.95 27.97
CA LEU A 39 -5.13 8.98 26.95
C LEU A 39 -6.21 10.02 27.15
N GLY A 40 -7.15 9.79 28.09
CA GLY A 40 -8.21 10.75 28.33
C GLY A 40 -9.39 10.45 27.46
N GLN A 41 -9.39 9.28 26.79
CA GLN A 41 -10.49 8.91 25.95
C GLN A 41 -11.42 8.08 26.80
N ASN A 42 -12.74 8.14 26.53
CA ASN A 42 -13.68 7.38 27.33
C ASN A 42 -14.56 6.59 26.41
N PRO A 43 -14.07 5.44 25.98
CA PRO A 43 -14.83 4.57 25.11
C PRO A 43 -15.81 3.71 25.85
N THR A 44 -16.86 3.23 25.15
CA THR A 44 -17.84 2.37 25.80
C THR A 44 -17.32 0.96 25.72
N GLU A 45 -17.91 0.06 26.53
CA GLU A 45 -17.48 -1.32 26.55
C GLU A 45 -17.72 -1.94 25.20
N ALA A 46 -18.88 -1.63 24.58
CA ALA A 46 -19.20 -2.20 23.29
C ALA A 46 -18.20 -1.75 22.27
N GLU A 47 -17.79 -0.47 22.32
CA GLU A 47 -16.83 0.04 21.37
C GLU A 47 -15.51 -0.65 21.55
N LEU A 48 -15.09 -0.90 22.82
CA LEU A 48 -13.82 -1.55 23.06
C LEU A 48 -13.83 -2.94 22.49
N GLN A 49 -14.96 -3.66 22.65
CA GLN A 49 -15.05 -5.01 22.12
C GLN A 49 -14.99 -4.95 20.62
N ASP A 50 -15.67 -3.93 20.04
CA ASP A 50 -15.69 -3.77 18.60
C ASP A 50 -14.30 -3.50 18.09
N MET A 51 -13.50 -2.70 18.82
CA MET A 51 -12.15 -2.38 18.37
C MET A 51 -11.35 -3.65 18.26
N ILE A 52 -11.42 -4.54 19.27
CA ILE A 52 -10.67 -5.76 19.23
C ILE A 52 -11.22 -6.66 18.16
N ASN A 53 -12.57 -6.80 18.09
CA ASN A 53 -13.19 -7.68 17.13
C ASN A 53 -12.85 -7.27 15.72
N GLU A 54 -12.88 -5.97 15.42
CA GLU A 54 -12.62 -5.49 14.08
C GLU A 54 -11.21 -5.84 13.64
N VAL A 55 -10.22 -5.67 14.53
CA VAL A 55 -8.84 -5.94 14.15
C VAL A 55 -8.45 -7.36 14.50
N ASP A 56 -9.38 -8.17 15.04
CA ASP A 56 -9.03 -9.53 15.39
C ASP A 56 -9.18 -10.38 14.17
N ALA A 57 -8.18 -10.32 13.26
CA ALA A 57 -8.22 -11.07 12.03
C ALA A 57 -8.19 -12.56 12.28
N ASP A 58 -7.40 -13.01 13.29
CA ASP A 58 -7.30 -14.44 13.53
C ASP A 58 -8.49 -14.92 14.32
N GLY A 59 -9.23 -13.98 14.95
CA GLY A 59 -10.41 -14.33 15.69
C GLY A 59 -10.04 -15.17 16.89
N ASN A 60 -8.84 -14.95 17.47
CA ASN A 60 -8.45 -15.72 18.63
C ASN A 60 -8.92 -15.03 19.88
N GLY A 61 -9.65 -13.90 19.72
CA GLY A 61 -10.19 -13.19 20.86
C GLY A 61 -9.21 -12.15 21.33
N THR A 62 -7.97 -12.11 20.78
CA THR A 62 -7.01 -11.13 21.25
C THR A 62 -6.30 -10.51 20.06
N ILE A 63 -5.60 -9.39 20.35
CA ILE A 63 -4.87 -8.70 19.33
C ILE A 63 -3.43 -9.03 19.60
N ASP A 64 -2.80 -9.81 18.69
CA ASP A 64 -1.43 -10.20 18.86
C ASP A 64 -0.57 -9.15 18.21
N PHE A 65 0.77 -9.26 18.38
CA PHE A 65 1.67 -8.28 17.81
C PHE A 65 1.55 -8.22 16.30
N PRO A 66 1.51 -9.34 15.59
CA PRO A 66 1.34 -9.30 14.14
C PRO A 66 0.10 -8.58 13.72
N GLU A 67 -1.00 -8.79 14.50
CA GLU A 67 -2.24 -8.12 14.22
C GLU A 67 -2.06 -6.63 14.42
N PHE A 68 -1.31 -6.24 15.47
CA PHE A 68 -1.06 -4.84 15.74
C PHE A 68 -0.16 -4.25 14.68
N LEU A 69 0.80 -5.06 14.18
CA LEU A 69 1.73 -4.57 13.19
C LEU A 69 0.97 -4.13 11.97
N THR A 70 0.02 -4.97 11.48
CA THR A 70 -0.76 -4.60 10.31
C THR A 70 -1.73 -3.51 10.67
N MET A 71 -2.21 -3.53 11.95
CA MET A 71 -3.17 -2.55 12.42
C MET A 71 -2.60 -1.16 12.37
N MET A 72 -1.36 -0.98 12.86
CA MET A 72 -0.77 0.35 12.89
C MET A 72 -0.09 0.63 11.57
N ALA A 73 -0.07 -0.36 10.65
CA ALA A 73 0.56 -0.15 9.37
C ALA A 73 -0.48 0.42 8.44
N ARG A 74 -1.76 0.40 8.88
CA ARG A 74 -2.85 0.92 8.09
C ARG A 74 -2.95 0.15 6.80
N LYS A 75 -2.82 -1.19 6.87
CA LYS A 75 -2.91 -2.00 5.69
C LYS A 75 -4.36 -2.19 5.36
N MET A 76 -4.67 -2.32 4.05
CA MET A 76 -6.03 -2.51 3.63
C MET A 76 -6.42 -3.92 3.95
N LYS A 77 -7.70 -4.10 4.34
CA LYS A 77 -8.19 -5.42 4.69
C LYS A 77 -8.80 -6.03 3.46
N ASP A 78 -8.75 -5.31 2.32
CA ASP A 78 -9.32 -5.82 1.10
C ASP A 78 -8.28 -6.68 0.45
N THR A 79 -8.45 -8.02 0.56
CA THR A 79 -7.51 -8.95 -0.02
C THR A 79 -7.93 -9.22 -1.44
N ASP A 80 -9.09 -8.66 -1.86
CA ASP A 80 -9.56 -8.88 -3.21
C ASP A 80 -8.76 -7.99 -4.13
N SER A 81 -7.95 -7.08 -3.54
CA SER A 81 -7.13 -6.18 -4.33
C SER A 81 -6.10 -6.99 -5.08
N GLU A 82 -5.79 -8.21 -4.60
CA GLU A 82 -4.82 -9.06 -5.26
C GLU A 82 -5.35 -9.42 -6.62
N GLU A 83 -6.69 -9.67 -6.71
CA GLU A 83 -7.30 -10.03 -7.96
C GLU A 83 -7.17 -8.86 -8.91
N GLU A 84 -7.35 -7.62 -8.41
CA GLU A 84 -7.25 -6.45 -9.24
C GLU A 84 -5.85 -6.35 -9.79
N ILE A 85 -4.83 -6.62 -8.95
CA ILE A 85 -3.45 -6.55 -9.38
C ILE A 85 -3.24 -7.59 -10.45
N ARG A 86 -3.79 -8.82 -10.24
CA ARG A 86 -3.64 -9.89 -11.20
C ARG A 86 -4.26 -9.49 -12.51
N GLU A 87 -5.43 -8.80 -12.47
CA GLU A 87 -6.09 -8.38 -13.67
C GLU A 87 -5.21 -7.43 -14.44
N ALA A 88 -4.47 -6.55 -13.74
CA ALA A 88 -3.59 -5.61 -14.41
C ALA A 88 -2.56 -6.39 -15.18
N PHE A 89 -2.03 -7.48 -14.59
CA PHE A 89 -1.04 -8.29 -15.27
C PHE A 89 -1.64 -8.90 -16.49
N ARG A 90 -2.92 -9.35 -16.41
CA ARG A 90 -3.57 -9.97 -17.54
C ARG A 90 -3.70 -8.96 -18.66
N VAL A 91 -4.03 -7.69 -18.31
CA VAL A 91 -4.20 -6.67 -19.32
C VAL A 91 -2.88 -6.41 -20.02
N PHE A 92 -1.79 -6.24 -19.24
CA PHE A 92 -0.49 -5.98 -19.82
C PHE A 92 0.02 -7.20 -20.53
N ASP A 93 -0.19 -8.40 -19.95
CA ASP A 93 0.29 -9.61 -20.56
C ASP A 93 -0.76 -10.09 -21.53
N LYS A 94 -0.86 -9.37 -22.67
CA LYS A 94 -1.85 -9.68 -23.68
C LYS A 94 -1.63 -11.06 -24.25
N ASP A 95 -0.36 -11.47 -24.48
CA ASP A 95 -0.11 -12.77 -25.08
C ASP A 95 -0.26 -13.87 -24.06
N GLY A 96 -0.36 -13.54 -22.76
CA GLY A 96 -0.56 -14.55 -21.75
C GLY A 96 0.62 -15.48 -21.65
N ASN A 97 1.86 -15.00 -21.94
CA ASN A 97 3.01 -15.89 -21.86
C ASN A 97 3.58 -15.83 -20.47
N GLY A 98 2.94 -15.06 -19.56
CA GLY A 98 3.40 -14.97 -18.19
C GLY A 98 4.48 -13.94 -18.06
N TYR A 99 4.91 -13.31 -19.19
CA TYR A 99 5.96 -12.33 -19.10
C TYR A 99 5.60 -11.15 -19.97
N ILE A 100 6.22 -9.99 -19.68
CA ILE A 100 5.97 -8.81 -20.45
C ILE A 100 7.23 -8.51 -21.20
N SER A 101 7.12 -8.46 -22.55
CA SER A 101 8.24 -8.18 -23.40
C SER A 101 8.18 -6.75 -23.83
N ALA A 102 9.24 -6.28 -24.52
CA ALA A 102 9.29 -4.91 -25.00
C ALA A 102 8.16 -4.67 -25.96
N ALA A 103 7.86 -5.66 -26.82
CA ALA A 103 6.80 -5.52 -27.80
C ALA A 103 5.49 -5.33 -27.09
N GLU A 104 5.26 -6.08 -26.00
CA GLU A 104 4.01 -5.98 -25.28
C GLU A 104 3.91 -4.61 -24.65
N LEU A 105 5.04 -4.09 -24.12
CA LEU A 105 5.04 -2.78 -23.50
C LEU A 105 4.78 -1.73 -24.55
N ARG A 106 5.36 -1.92 -25.76
CA ARG A 106 5.20 -0.98 -26.84
C ARG A 106 3.73 -0.85 -27.19
N HIS A 107 3.00 -1.99 -27.19
CA HIS A 107 1.58 -1.93 -27.53
C HIS A 107 0.85 -1.09 -26.52
N VAL A 108 1.21 -1.22 -25.21
CA VAL A 108 0.55 -0.44 -24.18
C VAL A 108 0.80 1.02 -24.43
N MET A 109 2.08 1.38 -24.71
CA MET A 109 2.43 2.76 -24.94
C MET A 109 1.77 3.27 -26.20
N THR A 110 1.68 2.41 -27.23
CA THR A 110 1.07 2.81 -28.49
C THR A 110 -0.38 3.16 -28.26
N ASN A 111 -1.06 2.37 -27.40
CA ASN A 111 -2.46 2.59 -27.12
C ASN A 111 -2.67 3.93 -26.45
N LEU A 112 -1.60 4.55 -25.92
CA LEU A 112 -1.74 5.84 -25.26
C LEU A 112 -2.03 6.88 -26.30
N GLY A 113 -1.67 6.63 -27.58
CA GLY A 113 -1.95 7.61 -28.61
C GLY A 113 -0.73 8.42 -28.87
N GLU A 114 0.48 7.84 -28.64
CA GLU A 114 1.69 8.58 -28.86
C GLU A 114 2.62 7.69 -29.64
N LYS A 115 3.58 8.30 -30.35
CA LYS A 115 4.53 7.54 -31.13
C LYS A 115 5.86 7.67 -30.47
N LEU A 116 6.50 6.53 -30.16
CA LEU A 116 7.79 6.54 -29.53
C LEU A 116 8.66 5.60 -30.31
N THR A 117 10.00 5.74 -30.16
CA THR A 117 10.91 4.89 -30.89
C THR A 117 11.11 3.62 -30.13
N ASP A 118 11.60 2.58 -30.85
CA ASP A 118 11.85 1.29 -30.25
C ASP A 118 12.94 1.43 -29.22
N GLU A 119 13.92 2.32 -29.50
CA GLU A 119 15.03 2.53 -28.61
C GLU A 119 14.52 3.03 -27.27
N GLU A 120 13.51 3.92 -27.27
CA GLU A 120 12.98 4.43 -26.03
C GLU A 120 12.36 3.30 -25.26
N VAL A 121 11.64 2.40 -25.95
CA VAL A 121 11.00 1.27 -25.29
C VAL A 121 12.07 0.41 -24.69
N ASP A 122 13.13 0.14 -25.49
CA ASP A 122 14.21 -0.71 -25.04
C ASP A 122 14.87 -0.11 -23.83
N GLU A 123 15.08 1.23 -23.82
CA GLU A 123 15.71 1.86 -22.70
C GLU A 123 14.83 1.75 -21.49
N MET A 124 13.50 1.94 -21.66
CA MET A 124 12.59 1.86 -20.54
C MET A 124 12.61 0.45 -19.99
N ILE A 125 12.55 -0.55 -20.90
CA ILE A 125 12.57 -1.95 -20.49
C ILE A 125 13.87 -2.22 -19.80
N ARG A 126 14.98 -1.71 -20.37
CA ARG A 126 16.30 -1.92 -19.83
C ARG A 126 16.39 -1.38 -18.42
N GLU A 127 15.87 -0.16 -18.18
CA GLU A 127 15.93 0.43 -16.85
C GLU A 127 15.11 -0.38 -15.88
N ALA A 128 13.94 -0.89 -16.33
CA ALA A 128 13.08 -1.65 -15.45
C ALA A 128 13.55 -3.09 -15.42
N ASP A 129 14.57 -3.44 -16.23
CA ASP A 129 15.04 -4.80 -16.28
C ASP A 129 16.11 -4.94 -15.23
N ILE A 130 15.67 -5.15 -13.97
CA ILE A 130 16.57 -5.27 -12.84
C ILE A 130 17.45 -6.49 -13.01
N ASP A 131 16.84 -7.64 -13.40
CA ASP A 131 17.62 -8.86 -13.53
C ASP A 131 18.44 -8.84 -14.80
N GLY A 132 18.09 -7.97 -15.76
CA GLY A 132 18.86 -7.86 -16.98
C GLY A 132 18.67 -9.10 -17.83
N ASP A 133 17.51 -9.77 -17.72
CA ASP A 133 17.29 -10.97 -18.51
C ASP A 133 16.63 -10.63 -19.82
N GLY A 134 16.45 -9.32 -20.12
CA GLY A 134 15.84 -8.92 -21.38
C GLY A 134 14.35 -8.99 -21.29
N GLN A 135 13.80 -9.37 -20.13
CA GLN A 135 12.36 -9.46 -20.00
C GLN A 135 11.95 -8.86 -18.69
N VAL A 136 10.65 -8.49 -18.60
CA VAL A 136 10.14 -7.90 -17.38
C VAL A 136 9.31 -8.97 -16.71
N ASN A 137 9.73 -9.34 -15.48
CA ASN A 137 9.05 -10.37 -14.73
C ASN A 137 8.04 -9.71 -13.83
N TYR A 138 7.29 -10.54 -13.06
CA TYR A 138 6.27 -10.02 -12.17
C TYR A 138 6.86 -9.10 -11.14
N GLU A 139 8.01 -9.50 -10.54
CA GLU A 139 8.62 -8.68 -9.52
C GLU A 139 9.07 -7.36 -10.11
N GLU A 140 9.59 -7.41 -11.35
CA GLU A 140 10.08 -6.22 -12.00
C GLU A 140 8.92 -5.32 -12.34
N PHE A 141 7.79 -5.93 -12.78
CA PHE A 141 6.61 -5.18 -13.13
C PHE A 141 6.07 -4.49 -11.89
N VAL A 142 6.09 -5.20 -10.75
CA VAL A 142 5.58 -4.65 -9.51
C VAL A 142 6.39 -3.42 -9.17
N GLN A 143 7.72 -3.47 -9.38
CA GLN A 143 8.56 -2.32 -9.08
C GLN A 143 8.18 -1.17 -9.97
N MET A 144 7.85 -1.45 -11.25
CA MET A 144 7.45 -0.40 -12.17
C MET A 144 6.16 0.22 -11.71
N MET A 145 5.18 -0.62 -11.28
CA MET A 145 3.89 -0.11 -10.85
C MET A 145 3.98 0.57 -9.51
N THR A 146 4.96 0.21 -8.65
CA THR A 146 5.05 0.84 -7.35
C THR A 146 5.96 2.03 -7.45
N ALA A 147 6.44 2.34 -8.68
CA ALA A 147 7.30 3.47 -8.88
C ALA A 147 6.50 4.72 -8.67
N LYS A 148 7.11 5.72 -7.99
CA LYS A 148 6.42 6.96 -7.74
C LYS A 148 7.37 8.10 -8.10
N ALA B 1 -10.98 -6.20 -15.92
CA ALA B 1 -12.02 -5.20 -15.57
C ALA B 1 -11.47 -4.14 -14.65
N LEU B 2 -10.42 -3.43 -15.11
CA LEU B 2 -9.81 -2.41 -14.30
C LEU B 2 -10.63 -1.16 -14.47
N SER B 3 -10.77 -0.37 -13.38
CA SER B 3 -11.52 0.85 -13.45
C SER B 3 -10.72 1.85 -14.22
N LYS B 4 -11.38 2.90 -14.74
CA LYS B 4 -10.69 3.91 -15.50
C LYS B 4 -9.71 4.61 -14.60
N ASP B 5 -10.11 4.88 -13.34
CA ASP B 5 -9.23 5.57 -12.41
C ASP B 5 -7.99 4.75 -12.19
N LYS B 6 -8.13 3.41 -12.05
CA LYS B 6 -6.98 2.56 -11.84
C LYS B 6 -6.10 2.61 -13.06
N GLU B 7 -6.71 2.57 -14.26
CA GLU B 7 -5.94 2.60 -15.49
C GLU B 7 -5.21 3.92 -15.58
N GLU B 8 -5.88 5.03 -15.18
CA GLU B 8 -5.25 6.33 -15.25
C GLU B 8 -4.04 6.36 -14.35
N GLU B 9 -4.12 5.72 -13.15
CA GLU B 9 -3.00 5.73 -12.24
C GLU B 9 -1.84 5.00 -12.88
N ILE B 10 -2.14 3.88 -13.55
CA ILE B 10 -1.11 3.09 -14.19
C ILE B 10 -0.47 3.93 -15.28
N ARG B 11 -1.30 4.63 -16.07
CA ARG B 11 -0.80 5.44 -17.15
C ARG B 11 0.03 6.57 -16.61
N LYS B 12 -0.39 7.19 -15.49
CA LYS B 12 0.37 8.30 -14.92
C LYS B 12 1.73 7.82 -14.48
N ILE B 13 1.80 6.62 -13.87
CA ILE B 13 3.07 6.09 -13.41
C ILE B 13 3.97 5.88 -14.60
N LEU B 14 3.46 5.26 -15.67
CA LEU B 14 4.25 5.02 -16.84
C LEU B 14 4.61 6.32 -17.51
N ARG B 15 3.66 7.28 -17.55
CA ARG B 15 3.89 8.56 -18.17
C ARG B 15 5.02 9.27 -17.44
N ASN B 16 4.99 9.20 -16.09
CA ASN B 16 5.98 9.88 -15.29
C ASN B 16 7.37 9.35 -15.58
N ASN B 17 7.54 8.01 -15.68
CA ASN B 17 8.86 7.48 -15.93
C ASN B 17 9.21 7.69 -17.38
N LEU B 18 8.19 7.72 -18.27
CA LEU B 18 8.44 7.91 -19.68
C LEU B 18 9.03 9.27 -19.90
N GLN B 19 8.51 10.31 -19.19
CA GLN B 19 9.02 11.64 -19.37
C GLN B 19 10.45 11.69 -18.91
N LYS B 20 10.77 11.03 -17.78
CA LYS B 20 12.13 11.04 -17.27
C LYS B 20 13.02 10.31 -18.23
N THR B 21 12.53 9.18 -18.80
CA THR B 21 13.30 8.40 -19.74
C THR B 21 13.52 9.22 -20.98
N ARG B 22 12.47 9.93 -21.43
CA ARG B 22 12.56 10.75 -22.62
C ARG B 22 13.60 11.82 -22.41
N GLN B 23 13.62 12.46 -21.21
CA GLN B 23 14.58 13.50 -20.96
C GLN B 23 15.97 12.95 -21.06
N ARG B 24 16.21 11.76 -20.47
CA ARG B 24 17.52 11.15 -20.52
C ARG B 24 17.85 10.78 -21.95
N LEU B 25 16.84 10.27 -22.69
CA LEU B 25 17.05 9.86 -24.06
C LEU B 25 17.44 11.04 -24.90
N ARG B 26 16.76 12.19 -24.70
CA ARG B 26 17.03 13.38 -25.49
C ARG B 26 18.41 13.89 -25.16
N SER B 27 18.93 13.59 -23.96
CA SER B 27 20.24 14.03 -23.55
C SER B 27 21.28 13.44 -24.48
N TYR B 28 21.06 12.19 -24.93
CA TYR B 28 22.03 11.53 -25.78
C TYR B 28 21.97 12.06 -27.19
N ASN B 29 21.10 13.06 -27.47
CA ASN B 29 21.00 13.60 -28.81
C ASN B 29 22.30 14.26 -29.17
N ARG B 30 23.05 14.74 -28.15
CA ARG B 30 24.32 15.39 -28.39
C ARG B 30 25.26 14.44 -29.07
N HIS B 31 25.19 13.13 -28.72
CA HIS B 31 26.11 12.17 -29.27
C HIS B 31 25.50 11.50 -30.49
N THR B 32 24.36 12.02 -31.03
CA THR B 32 23.78 11.40 -32.20
C THR B 32 24.40 12.02 -33.43
N LEU B 33 25.23 13.06 -33.25
CA LEU B 33 25.85 13.70 -34.37
C LEU B 33 27.22 13.10 -34.52
N VAL B 34 27.45 12.42 -35.66
CA VAL B 34 28.74 11.80 -35.90
C VAL B 34 29.39 12.48 -37.07
N ALA B 35 28.74 13.54 -37.59
CA ALA B 35 29.29 14.26 -38.71
C ALA B 35 30.47 15.06 -38.23
N ASP B 36 31.54 15.12 -39.05
CA ASP B 36 32.71 15.85 -38.66
C ASP B 36 33.46 16.25 -39.94
N ALA C 1 10.20 3.73 28.55
CA ALA C 1 10.98 4.99 28.66
C ALA C 1 10.80 5.85 27.43
N LEU C 2 9.53 6.08 27.04
CA LEU C 2 9.25 6.88 25.88
C LEU C 2 8.76 8.21 26.36
N SER C 3 9.01 9.26 25.56
CA SER C 3 8.59 10.60 25.92
C SER C 3 7.09 10.68 25.84
N LYS C 4 6.51 11.65 26.59
CA LYS C 4 5.07 11.82 26.62
C LYS C 4 4.56 12.14 25.24
N ASP C 5 5.41 12.73 24.37
CA ASP C 5 4.99 13.06 23.02
C ASP C 5 4.58 11.79 22.31
N LYS C 6 5.32 10.68 22.54
CA LYS C 6 5.01 9.43 21.91
C LYS C 6 3.66 8.96 22.41
N GLU C 7 3.40 9.14 23.72
CA GLU C 7 2.14 8.73 24.30
C GLU C 7 1.03 9.53 23.68
N GLU C 8 1.26 10.85 23.44
CA GLU C 8 0.26 11.70 22.84
C GLU C 8 -0.06 11.20 21.46
N GLU C 9 0.94 10.67 20.74
CA GLU C 9 0.74 10.16 19.40
C GLU C 9 -0.25 9.02 19.42
N ILE C 10 -0.29 8.24 20.53
CA ILE C 10 -1.21 7.11 20.60
C ILE C 10 -2.61 7.64 20.49
N ARG C 11 -2.89 8.83 21.06
CA ARG C 11 -4.25 9.36 21.01
C ARG C 11 -4.62 9.50 19.56
N LYS C 12 -3.71 10.00 18.72
CA LYS C 12 -3.97 10.14 17.31
C LYS C 12 -4.11 8.78 16.68
N ILE C 13 -3.25 7.81 17.09
CA ILE C 13 -3.27 6.49 16.51
C ILE C 13 -4.56 5.80 16.86
N LEU C 14 -5.02 5.93 18.12
CA LEU C 14 -6.25 5.33 18.54
C LEU C 14 -7.42 6.06 17.96
N ARG C 15 -7.33 7.41 17.87
CA ARG C 15 -8.42 8.17 17.34
C ARG C 15 -8.69 7.77 15.92
N ASN C 16 -7.62 7.57 15.11
CA ASN C 16 -7.82 7.19 13.72
C ASN C 16 -8.53 5.86 13.66
N ASN C 17 -8.09 4.87 14.47
CA ASN C 17 -8.72 3.57 14.45
C ASN C 17 -10.11 3.67 15.03
N LEU C 18 -10.28 4.50 16.08
CA LEU C 18 -11.55 4.65 16.74
C LEU C 18 -12.57 5.22 15.78
N GLN C 19 -12.17 6.21 14.94
CA GLN C 19 -13.10 6.81 14.01
C GLN C 19 -13.58 5.79 13.02
N LYS C 20 -12.68 4.88 12.57
CA LYS C 20 -13.08 3.89 11.59
C LYS C 20 -14.15 3.00 12.16
N THR C 21 -14.03 2.60 13.45
CA THR C 21 -15.03 1.74 14.05
C THR C 21 -16.27 2.54 14.30
N ARG C 22 -16.12 3.83 14.67
CA ARG C 22 -17.26 4.68 14.95
C ARG C 22 -18.09 4.83 13.69
N GLN C 23 -17.42 4.97 12.52
CA GLN C 23 -18.15 5.10 11.27
C GLN C 23 -18.91 3.84 11.01
N ARG C 24 -18.31 2.67 11.33
CA ARG C 24 -18.98 1.41 11.13
C ARG C 24 -20.21 1.38 11.99
N LEU C 25 -20.09 1.87 13.25
CA LEU C 25 -21.22 1.90 14.17
C LEU C 25 -22.29 2.79 13.61
N ARG C 26 -21.86 3.93 13.01
CA ARG C 26 -22.78 4.89 12.44
C ARG C 26 -23.58 4.24 11.35
N SER C 27 -22.95 3.33 10.57
CA SER C 27 -23.62 2.68 9.47
C SER C 27 -24.79 1.86 9.97
N TYR C 28 -24.78 1.42 11.25
CA TYR C 28 -25.89 0.65 11.77
C TYR C 28 -27.07 1.57 11.97
N ASN C 29 -26.80 2.86 12.23
CA ASN C 29 -27.86 3.83 12.44
C ASN C 29 -28.66 3.96 11.17
N ARG C 30 -27.98 3.91 10.01
CA ARG C 30 -28.65 4.02 8.73
C ARG C 30 -29.62 2.89 8.55
N HIS C 31 -29.26 1.67 9.04
CA HIS C 31 -30.13 0.53 8.87
C HIS C 31 -31.34 0.64 9.76
N THR C 32 -31.28 1.42 10.86
CA THR C 32 -32.43 1.52 11.75
C THR C 32 -33.22 2.76 11.43
N LEU C 33 -32.55 3.81 10.89
CA LEU C 33 -33.25 5.02 10.56
C LEU C 33 -32.96 5.34 9.13
N VAL C 34 -34.01 5.34 8.28
CA VAL C 34 -33.82 5.63 6.89
C VAL C 34 -35.02 6.42 6.44
N ALA C 35 -34.81 7.40 5.54
CA ALA C 35 -35.90 8.20 5.06
C ALA C 35 -35.51 8.67 3.69
N ASP C 36 -36.52 8.93 2.83
CA ASP C 36 -36.23 9.39 1.49
C ASP C 36 -37.48 10.11 0.96
N ALA A 1 8.35 12.26 20.07
CA ALA A 1 7.25 11.81 19.17
C ALA A 1 7.78 11.41 17.82
N ASP A 2 8.74 12.19 17.29
CA ASP A 2 9.32 11.89 16.00
C ASP A 2 10.04 10.58 16.08
N GLN A 3 10.74 10.32 17.21
CA GLN A 3 11.45 9.09 17.37
C GLN A 3 11.10 8.54 18.71
N LEU A 4 11.03 7.20 18.81
CA LEU A 4 10.69 6.56 20.06
C LEU A 4 11.94 5.92 20.59
N THR A 5 12.14 6.02 21.92
CA THR A 5 13.29 5.40 22.52
C THR A 5 12.97 3.94 22.72
N GLU A 6 14.01 3.13 22.99
CA GLU A 6 13.81 1.71 23.18
C GLU A 6 12.97 1.48 24.40
N GLU A 7 13.08 2.35 25.44
CA GLU A 7 12.31 2.19 26.64
C GLU A 7 10.84 2.30 26.30
N GLN A 8 10.49 3.22 25.37
CA GLN A 8 9.12 3.40 24.96
C GLN A 8 8.65 2.15 24.24
N ILE A 9 9.57 1.50 23.49
CA ILE A 9 9.21 0.33 22.72
C ILE A 9 8.72 -0.74 23.66
N ALA A 10 9.37 -0.91 24.82
CA ALA A 10 8.95 -1.93 25.76
C ALA A 10 7.54 -1.68 26.21
N GLU A 11 7.19 -0.41 26.51
CA GLU A 11 5.85 -0.09 26.94
C GLU A 11 4.89 -0.29 25.79
N PHE A 12 5.32 0.09 24.57
CA PHE A 12 4.48 -0.05 23.40
C PHE A 12 4.20 -1.50 23.16
N LYS A 13 5.23 -2.35 23.29
CA LYS A 13 5.06 -3.76 23.05
C LYS A 13 4.08 -4.32 24.03
N GLU A 14 4.22 -3.93 25.32
CA GLU A 14 3.35 -4.42 26.35
C GLU A 14 1.94 -3.97 26.10
N ALA A 15 1.75 -2.71 25.64
CA ALA A 15 0.41 -2.21 25.42
C ALA A 15 -0.32 -3.00 24.37
N PHE A 16 0.32 -3.34 23.22
CA PHE A 16 -0.40 -4.09 22.20
C PHE A 16 -0.67 -5.47 22.72
N SER A 17 0.28 -6.01 23.53
CA SER A 17 0.14 -7.34 24.10
C SER A 17 -1.09 -7.37 24.96
N LEU A 18 -1.38 -6.24 25.67
CA LEU A 18 -2.52 -6.17 26.55
C LEU A 18 -3.79 -6.41 25.76
N PHE A 19 -3.89 -5.80 24.57
CA PHE A 19 -5.07 -5.97 23.76
C PHE A 19 -5.09 -7.37 23.19
N ASP A 20 -3.92 -7.88 22.75
CA ASP A 20 -3.86 -9.20 22.19
C ASP A 20 -3.67 -10.17 23.33
N LYS A 21 -4.74 -10.42 24.10
CA LYS A 21 -4.67 -11.28 25.25
C LYS A 21 -4.31 -12.69 24.88
N ASP A 22 -4.83 -13.22 23.74
CA ASP A 22 -4.52 -14.61 23.41
C ASP A 22 -3.15 -14.71 22.78
N GLY A 23 -2.52 -13.58 22.41
CA GLY A 23 -1.18 -13.62 21.84
C GLY A 23 -1.17 -14.34 20.52
N ASP A 24 -2.28 -14.30 19.74
CA ASP A 24 -2.28 -15.01 18.47
C ASP A 24 -1.80 -14.08 17.38
N GLY A 25 -1.39 -12.85 17.73
CA GLY A 25 -0.89 -11.92 16.73
C GLY A 25 -2.03 -11.21 16.07
N THR A 26 -3.29 -11.50 16.48
CA THR A 26 -4.42 -10.87 15.86
C THR A 26 -5.34 -10.40 16.96
N ILE A 27 -5.88 -9.16 16.81
CA ILE A 27 -6.80 -8.63 17.77
C ILE A 27 -8.12 -8.48 17.07
N THR A 28 -9.17 -9.12 17.66
CA THR A 28 -10.49 -9.10 17.08
C THR A 28 -11.44 -8.43 18.03
N THR A 29 -12.73 -8.35 17.63
CA THR A 29 -13.77 -7.71 18.42
C THR A 29 -13.89 -8.39 19.75
N LYS A 30 -13.86 -9.74 19.78
CA LYS A 30 -14.01 -10.44 21.03
C LYS A 30 -12.90 -10.09 21.97
N GLU A 31 -11.65 -10.01 21.46
CA GLU A 31 -10.54 -9.69 22.33
C GLU A 31 -10.62 -8.26 22.76
N LEU A 32 -11.02 -7.35 21.83
CA LEU A 32 -11.12 -5.95 22.15
C LEU A 32 -12.18 -5.75 23.20
N GLY A 33 -13.33 -6.45 23.05
CA GLY A 33 -14.42 -6.32 23.99
C GLY A 33 -13.99 -6.80 25.35
N THR A 34 -13.22 -7.91 25.41
CA THR A 34 -12.77 -8.43 26.68
C THR A 34 -11.87 -7.43 27.34
N VAL A 35 -10.96 -6.81 26.56
CA VAL A 35 -10.04 -5.83 27.11
C VAL A 35 -10.80 -4.66 27.67
N MET A 36 -11.79 -4.14 26.91
CA MET A 36 -12.55 -3.00 27.36
C MET A 36 -13.38 -3.41 28.57
N ARG A 37 -13.94 -4.64 28.55
CA ARG A 37 -14.75 -5.12 29.65
C ARG A 37 -13.89 -5.18 30.89
N SER A 38 -12.63 -5.63 30.74
CA SER A 38 -11.72 -5.72 31.87
C SER A 38 -11.49 -4.35 32.43
N LEU A 39 -11.49 -3.31 31.56
CA LEU A 39 -11.27 -1.96 32.02
C LEU A 39 -12.53 -1.40 32.63
N GLY A 40 -13.65 -2.18 32.62
CA GLY A 40 -14.88 -1.72 33.22
C GLY A 40 -15.72 -0.99 32.22
N GLN A 41 -15.38 -1.05 30.92
CA GLN A 41 -16.17 -0.37 29.91
C GLN A 41 -16.99 -1.42 29.25
N ASN A 42 -18.26 -1.09 28.92
CA ASN A 42 -19.12 -2.08 28.29
C ASN A 42 -19.73 -1.46 27.06
N PRO A 43 -19.00 -1.51 25.96
CA PRO A 43 -19.46 -0.99 24.70
C PRO A 43 -20.36 -1.94 23.98
N THR A 44 -21.15 -1.44 22.99
CA THR A 44 -22.03 -2.30 22.26
C THR A 44 -21.23 -2.98 21.17
N GLU A 45 -21.77 -4.08 20.61
CA GLU A 45 -21.07 -4.80 19.58
C GLU A 45 -20.92 -3.94 18.35
N ALA A 46 -21.96 -3.15 18.03
CA ALA A 46 -21.90 -2.29 16.85
C ALA A 46 -20.79 -1.29 17.00
N GLU A 47 -20.62 -0.73 18.22
CA GLU A 47 -19.59 0.25 18.46
C GLU A 47 -18.24 -0.40 18.29
N LEU A 48 -18.08 -1.65 18.79
CA LEU A 48 -16.80 -2.32 18.70
C LEU A 48 -16.44 -2.55 17.25
N GLN A 49 -17.43 -2.91 16.40
CA GLN A 49 -17.16 -3.14 15.00
C GLN A 49 -16.70 -1.86 14.37
N ASP A 50 -17.34 -0.73 14.75
CA ASP A 50 -16.99 0.55 14.19
C ASP A 50 -15.59 0.91 14.61
N MET A 51 -15.21 0.63 15.87
CA MET A 51 -13.90 0.97 16.36
C MET A 51 -12.84 0.26 15.57
N ILE A 52 -13.04 -1.05 15.27
CA ILE A 52 -12.06 -1.80 14.52
C ILE A 52 -11.91 -1.23 13.14
N ASN A 53 -13.02 -0.89 12.46
CA ASN A 53 -12.93 -0.36 11.12
C ASN A 53 -12.18 0.94 11.12
N GLU A 54 -12.41 1.79 12.14
CA GLU A 54 -11.75 3.08 12.20
C GLU A 54 -10.25 2.90 12.38
N VAL A 55 -9.82 1.92 13.19
CA VAL A 55 -8.41 1.71 13.44
C VAL A 55 -7.83 0.80 12.39
N ASP A 56 -8.69 0.17 11.56
CA ASP A 56 -8.22 -0.74 10.56
C ASP A 56 -7.78 0.05 9.35
N ALA A 57 -6.53 0.56 9.41
CA ALA A 57 -5.98 1.38 8.34
C ALA A 57 -5.84 0.58 7.07
N ASP A 58 -5.43 -0.70 7.16
CA ASP A 58 -5.22 -1.49 5.95
C ASP A 58 -6.53 -2.02 5.44
N GLY A 59 -7.58 -2.00 6.28
CA GLY A 59 -8.88 -2.47 5.86
C GLY A 59 -8.86 -3.94 5.60
N ASN A 60 -8.00 -4.71 6.31
CA ASN A 60 -7.95 -6.14 6.09
C ASN A 60 -8.93 -6.82 7.01
N GLY A 61 -9.73 -6.04 7.77
CA GLY A 61 -10.73 -6.61 8.65
C GLY A 61 -10.16 -6.84 10.02
N THR A 62 -8.84 -6.65 10.21
CA THR A 62 -8.26 -6.90 11.51
C THR A 62 -7.29 -5.81 11.86
N ILE A 63 -6.96 -5.71 13.17
CA ILE A 63 -6.02 -4.72 13.62
C ILE A 63 -4.78 -5.49 13.94
N ASP A 64 -3.68 -5.21 13.21
CA ASP A 64 -2.44 -5.90 13.43
C ASP A 64 -1.59 -5.06 14.34
N PHE A 65 -0.41 -5.61 14.71
CA PHE A 65 0.49 -4.92 15.62
C PHE A 65 0.90 -3.56 15.08
N PRO A 66 1.31 -3.45 13.82
CA PRO A 66 1.71 -2.16 13.27
C PRO A 66 0.60 -1.14 13.32
N GLU A 67 -0.64 -1.61 13.09
CA GLU A 67 -1.79 -0.73 13.12
C GLU A 67 -1.95 -0.16 14.51
N PHE A 68 -1.76 -1.00 15.56
CA PHE A 68 -1.90 -0.51 16.92
C PHE A 68 -0.76 0.41 17.25
N LEU A 69 0.47 0.07 16.80
CA LEU A 69 1.60 0.91 17.09
C LEU A 69 1.42 2.25 16.42
N THR A 70 0.91 2.24 15.18
CA THR A 70 0.69 3.47 14.44
C THR A 70 -0.37 4.28 15.13
N MET A 71 -1.48 3.63 15.53
CA MET A 71 -2.57 4.33 16.18
C MET A 71 -2.13 4.94 17.48
N MET A 72 -1.45 4.16 18.35
CA MET A 72 -1.03 4.67 19.64
C MET A 72 0.06 5.70 19.48
N ALA A 73 0.99 5.51 18.52
CA ALA A 73 2.07 6.44 18.31
C ALA A 73 1.52 7.72 17.77
N ARG A 74 0.41 7.62 16.99
CA ARG A 74 -0.21 8.79 16.40
C ARG A 74 0.74 9.42 15.44
N LYS A 75 1.48 8.58 14.68
CA LYS A 75 2.42 9.09 13.72
C LYS A 75 2.30 8.19 12.52
N MET A 76 2.13 8.77 11.32
CA MET A 76 1.97 7.96 10.13
C MET A 76 3.30 7.90 9.44
N LYS A 77 3.83 6.67 9.27
CA LYS A 77 5.09 6.49 8.59
C LYS A 77 5.07 5.11 8.02
N ASP A 78 5.28 4.99 6.69
CA ASP A 78 5.28 3.69 6.07
C ASP A 78 5.82 3.87 4.68
N THR A 79 6.26 2.76 4.05
CA THR A 79 6.77 2.82 2.71
C THR A 79 6.42 1.52 2.04
N ASP A 80 7.08 0.42 2.49
CA ASP A 80 6.82 -0.90 1.94
C ASP A 80 7.09 -0.88 0.45
N SER A 81 8.23 -0.27 0.05
CA SER A 81 8.59 -0.16 -1.34
C SER A 81 8.84 -1.52 -1.94
N GLU A 82 9.48 -2.43 -1.18
CA GLU A 82 9.82 -3.74 -1.68
C GLU A 82 8.58 -4.51 -2.06
N GLU A 83 7.50 -4.39 -1.27
CA GLU A 83 6.28 -5.11 -1.58
C GLU A 83 5.71 -4.59 -2.87
N GLU A 84 5.77 -3.26 -3.07
CA GLU A 84 5.23 -2.67 -4.29
C GLU A 84 6.00 -3.18 -5.48
N ILE A 85 7.34 -3.25 -5.36
CA ILE A 85 8.17 -3.72 -6.45
C ILE A 85 7.83 -5.16 -6.78
N ARG A 86 7.70 -6.01 -5.73
CA ARG A 86 7.40 -7.40 -5.95
C ARG A 86 6.06 -7.55 -6.63
N GLU A 87 5.05 -6.77 -6.17
CA GLU A 87 3.73 -6.85 -6.74
C GLU A 87 3.76 -6.39 -8.18
N ALA A 88 4.57 -5.36 -8.49
CA ALA A 88 4.64 -4.86 -9.85
C ALA A 88 5.13 -5.95 -10.77
N PHE A 89 6.13 -6.75 -10.34
CA PHE A 89 6.64 -7.81 -11.18
C PHE A 89 5.57 -8.82 -11.42
N ARG A 90 4.75 -9.13 -10.38
CA ARG A 90 3.70 -10.11 -10.55
C ARG A 90 2.71 -9.62 -11.57
N VAL A 91 2.35 -8.31 -11.49
CA VAL A 91 1.38 -7.75 -12.40
C VAL A 91 1.91 -7.78 -13.82
N PHE A 92 3.17 -7.33 -14.02
CA PHE A 92 3.74 -7.30 -15.35
C PHE A 92 3.99 -8.70 -15.86
N ASP A 93 4.47 -9.60 -14.97
CA ASP A 93 4.76 -10.95 -15.40
C ASP A 93 3.49 -11.76 -15.29
N LYS A 94 2.56 -11.52 -16.23
CA LYS A 94 1.28 -12.20 -16.24
C LYS A 94 1.45 -13.68 -16.44
N ASP A 95 2.39 -14.10 -17.30
CA ASP A 95 2.56 -15.52 -17.56
C ASP A 95 3.30 -16.19 -16.44
N GLY A 96 3.92 -15.42 -15.52
CA GLY A 96 4.60 -16.01 -14.38
C GLY A 96 5.79 -16.82 -14.82
N ASN A 97 6.45 -16.47 -15.94
CA ASN A 97 7.60 -17.25 -16.37
C ASN A 97 8.85 -16.68 -15.76
N GLY A 98 8.72 -15.63 -14.93
CA GLY A 98 9.86 -15.04 -14.25
C GLY A 98 10.56 -14.08 -15.15
N TYR A 99 10.08 -13.88 -16.40
CA TYR A 99 10.74 -12.95 -17.29
C TYR A 99 9.71 -12.16 -18.03
N ILE A 100 10.15 -10.99 -18.56
CA ILE A 100 9.25 -10.14 -19.31
C ILE A 100 9.71 -10.19 -20.73
N SER A 101 8.80 -10.59 -21.65
CA SER A 101 9.13 -10.70 -23.05
C SER A 101 8.43 -9.59 -23.77
N ALA A 102 8.68 -9.48 -25.09
CA ALA A 102 8.09 -8.44 -25.89
C ALA A 102 6.59 -8.57 -25.90
N ALA A 103 6.08 -9.83 -25.99
CA ALA A 103 4.65 -10.03 -26.02
C ALA A 103 4.03 -9.52 -24.75
N GLU A 104 4.70 -9.73 -23.60
CA GLU A 104 4.17 -9.29 -22.33
C GLU A 104 4.14 -7.79 -22.30
N LEU A 105 5.20 -7.14 -22.85
CA LEU A 105 5.26 -5.69 -22.87
C LEU A 105 4.16 -5.16 -23.76
N ARG A 106 3.92 -5.84 -24.91
CA ARG A 106 2.89 -5.40 -25.83
C ARG A 106 1.55 -5.45 -25.15
N HIS A 107 1.31 -6.47 -24.31
CA HIS A 107 0.04 -6.57 -23.62
C HIS A 107 -0.13 -5.37 -22.72
N VAL A 108 0.95 -4.95 -22.04
CA VAL A 108 0.86 -3.80 -21.16
C VAL A 108 0.52 -2.57 -21.96
N MET A 109 1.22 -2.38 -23.11
CA MET A 109 1.00 -1.22 -23.94
C MET A 109 -0.38 -1.21 -24.54
N THR A 110 -0.91 -2.37 -24.96
CA THR A 110 -2.23 -2.41 -25.58
C THR A 110 -3.29 -2.05 -24.57
N ASN A 111 -3.05 -2.35 -23.26
CA ASN A 111 -4.03 -2.02 -22.24
C ASN A 111 -4.10 -0.53 -22.06
N LEU A 112 -3.09 0.22 -22.58
CA LEU A 112 -3.10 1.66 -22.44
C LEU A 112 -4.06 2.22 -23.46
N GLY A 113 -4.55 1.37 -24.39
CA GLY A 113 -5.49 1.84 -25.38
C GLY A 113 -4.73 2.47 -26.51
N GLU A 114 -3.42 2.17 -26.61
CA GLU A 114 -2.62 2.73 -27.67
C GLU A 114 -1.96 1.59 -28.37
N LYS A 115 -1.78 1.73 -29.71
CA LYS A 115 -1.17 0.69 -30.49
C LYS A 115 0.28 1.06 -30.64
N LEU A 116 1.17 0.04 -30.63
CA LEU A 116 2.57 0.29 -30.76
C LEU A 116 3.07 -0.64 -31.84
N THR A 117 3.94 -0.12 -32.75
CA THR A 117 4.44 -0.96 -33.82
C THR A 117 5.49 -1.89 -33.29
N ASP A 118 5.73 -2.98 -34.05
CA ASP A 118 6.70 -3.99 -33.64
C ASP A 118 8.08 -3.39 -33.60
N GLU A 119 8.41 -2.50 -34.56
CA GLU A 119 9.72 -1.90 -34.61
C GLU A 119 9.96 -1.11 -33.35
N GLU A 120 8.95 -0.33 -32.92
CA GLU A 120 9.09 0.47 -31.73
C GLU A 120 9.20 -0.43 -30.52
N VAL A 121 8.41 -1.52 -30.48
CA VAL A 121 8.46 -2.42 -29.34
C VAL A 121 9.83 -3.02 -29.23
N ASP A 122 10.38 -3.50 -30.36
CA ASP A 122 11.68 -4.14 -30.35
C ASP A 122 12.74 -3.13 -29.95
N GLU A 123 12.69 -1.91 -30.51
CA GLU A 123 13.71 -0.91 -30.20
C GLU A 123 13.64 -0.51 -28.75
N MET A 124 12.42 -0.31 -28.21
CA MET A 124 12.30 0.12 -26.82
C MET A 124 12.85 -0.94 -25.91
N ILE A 125 12.53 -2.21 -26.20
CA ILE A 125 13.01 -3.31 -25.39
C ILE A 125 14.49 -3.43 -25.57
N ARG A 126 14.96 -3.27 -26.81
CA ARG A 126 16.38 -3.38 -27.11
C ARG A 126 17.16 -2.36 -26.33
N GLU A 127 16.67 -1.10 -26.26
CA GLU A 127 17.39 -0.06 -25.53
C GLU A 127 17.45 -0.40 -24.07
N ALA A 128 16.34 -0.95 -23.51
CA ALA A 128 16.31 -1.28 -22.11
C ALA A 128 16.96 -2.63 -21.88
N ASP A 129 17.31 -3.35 -22.98
CA ASP A 129 17.91 -4.65 -22.85
C ASP A 129 19.41 -4.44 -22.76
N ILE A 130 19.89 -4.21 -21.52
CA ILE A 130 21.29 -3.94 -21.28
C ILE A 130 22.11 -5.18 -21.61
N ASP A 131 21.64 -6.36 -21.16
CA ASP A 131 22.39 -7.58 -21.37
C ASP A 131 22.26 -8.02 -22.81
N GLY A 132 21.23 -7.55 -23.53
CA GLY A 132 21.07 -7.91 -24.92
C GLY A 132 20.69 -9.36 -25.05
N ASP A 133 19.97 -9.93 -24.04
CA ASP A 133 19.59 -11.33 -24.12
C ASP A 133 18.27 -11.46 -24.83
N GLY A 134 17.70 -10.34 -25.33
CA GLY A 134 16.44 -10.39 -26.04
C GLY A 134 15.30 -10.38 -25.07
N GLN A 135 15.58 -10.28 -23.75
CA GLN A 135 14.51 -10.30 -22.77
C GLN A 135 14.84 -9.30 -21.71
N VAL A 136 13.78 -8.85 -20.99
CA VAL A 136 13.96 -7.90 -19.93
C VAL A 136 13.94 -8.70 -18.65
N ASN A 137 15.07 -8.65 -17.91
CA ASN A 137 15.20 -9.39 -16.68
C ASN A 137 14.81 -8.51 -15.53
N TYR A 138 14.85 -9.06 -14.30
CA TYR A 138 14.47 -8.32 -13.11
C TYR A 138 15.33 -7.10 -12.93
N GLU A 139 16.65 -7.24 -13.09
CA GLU A 139 17.55 -6.12 -12.88
C GLU A 139 17.28 -5.06 -13.92
N GLU A 140 16.99 -5.49 -15.16
CA GLU A 140 16.76 -4.55 -16.23
C GLU A 140 15.45 -3.84 -16.00
N PHE A 141 14.42 -4.57 -15.50
CA PHE A 141 13.12 -4.00 -15.24
C PHE A 141 13.19 -3.03 -14.09
N VAL A 142 14.01 -3.34 -13.05
CA VAL A 142 14.12 -2.45 -11.91
C VAL A 142 14.62 -1.12 -12.38
N GLN A 143 15.61 -1.11 -13.30
CA GLN A 143 16.15 0.13 -13.81
C GLN A 143 15.08 0.86 -14.58
N MET A 144 14.22 0.12 -15.32
CA MET A 144 13.14 0.73 -16.08
C MET A 144 12.20 1.47 -15.16
N MET A 145 11.80 0.81 -14.05
CA MET A 145 10.88 1.42 -13.11
C MET A 145 11.53 2.51 -12.31
N THR A 146 12.87 2.47 -12.15
CA THR A 146 13.54 3.51 -11.39
C THR A 146 14.13 4.51 -12.35
N ALA A 147 13.68 4.46 -13.63
CA ALA A 147 14.18 5.37 -14.63
C ALA A 147 13.70 6.75 -14.29
N LYS A 148 14.59 7.76 -14.48
CA LYS A 148 14.23 9.12 -14.18
C LYS A 148 13.74 9.78 -15.48
N ALA B 1 -5.42 -4.79 -7.15
CA ALA B 1 -4.16 -5.21 -6.46
C ALA B 1 -3.25 -4.03 -6.25
N LEU B 2 -3.03 -3.23 -7.32
CA LEU B 2 -2.17 -2.08 -7.21
C LEU B 2 -3.04 -0.87 -7.12
N SER B 3 -2.56 0.16 -6.40
CA SER B 3 -3.31 1.39 -6.25
C SER B 3 -3.30 2.06 -7.60
N LYS B 4 -4.41 2.76 -7.94
CA LYS B 4 -4.52 3.42 -9.21
C LYS B 4 -3.43 4.44 -9.34
N ASP B 5 -3.15 5.20 -8.25
CA ASP B 5 -2.13 6.23 -8.32
C ASP B 5 -0.79 5.59 -8.60
N LYS B 6 -0.50 4.46 -7.94
CA LYS B 6 0.76 3.78 -8.14
C LYS B 6 0.84 3.26 -9.55
N GLU B 7 -0.27 2.72 -10.07
CA GLU B 7 -0.30 2.17 -11.41
C GLU B 7 -0.08 3.29 -12.40
N GLU B 8 -0.69 4.47 -12.16
CA GLU B 8 -0.55 5.58 -13.07
C GLU B 8 0.90 6.00 -13.14
N GLU B 9 1.62 5.98 -11.99
CA GLU B 9 3.01 6.40 -12.00
C GLU B 9 3.80 5.48 -12.89
N ILE B 10 3.51 4.17 -12.83
CA ILE B 10 4.20 3.19 -13.64
C ILE B 10 3.91 3.48 -15.10
N ARG B 11 2.63 3.78 -15.41
CA ARG B 11 2.23 4.05 -16.77
C ARG B 11 2.92 5.30 -17.26
N LYS B 12 3.06 6.33 -16.40
CA LYS B 12 3.69 7.57 -16.80
C LYS B 12 5.11 7.31 -17.21
N ILE B 13 5.83 6.42 -16.50
CA ILE B 13 7.22 6.16 -16.84
C ILE B 13 7.31 5.60 -18.23
N LEU B 14 6.48 4.58 -18.54
CA LEU B 14 6.54 3.97 -19.86
C LEU B 14 6.02 4.93 -20.90
N ARG B 15 4.97 5.71 -20.59
CA ARG B 15 4.44 6.65 -21.55
C ARG B 15 5.47 7.71 -21.85
N ASN B 16 6.26 8.13 -20.82
CA ASN B 16 7.26 9.16 -21.02
C ASN B 16 8.27 8.72 -22.06
N ASN B 17 8.79 7.47 -21.96
CA ASN B 17 9.77 7.02 -22.94
C ASN B 17 9.05 6.67 -24.22
N LEU B 18 7.78 6.24 -24.13
CA LEU B 18 7.01 5.86 -25.30
C LEU B 18 6.87 7.06 -26.21
N GLN B 19 6.52 8.24 -25.64
CA GLN B 19 6.33 9.42 -26.45
C GLN B 19 7.64 9.83 -27.08
N LYS B 20 8.75 9.74 -26.32
CA LYS B 20 10.04 10.13 -26.86
C LYS B 20 10.42 9.18 -27.96
N THR B 21 10.12 7.88 -27.77
CA THR B 21 10.46 6.89 -28.77
C THR B 21 9.70 7.17 -30.03
N ARG B 22 8.39 7.52 -29.90
CA ARG B 22 7.58 7.80 -31.06
C ARG B 22 8.16 8.97 -31.81
N GLN B 23 8.55 10.04 -31.07
CA GLN B 23 9.10 11.21 -31.71
C GLN B 23 10.39 10.88 -32.41
N ARG B 24 11.27 10.08 -31.76
CA ARG B 24 12.54 9.73 -32.35
C ARG B 24 12.33 8.87 -33.58
N LEU B 25 11.37 7.94 -33.54
CA LEU B 25 11.14 7.06 -34.65
C LEU B 25 10.62 7.82 -35.85
N ARG B 26 9.66 8.74 -35.65
CA ARG B 26 9.11 9.47 -36.78
C ARG B 26 10.11 10.48 -37.29
N SER B 27 11.17 10.78 -36.49
CA SER B 27 12.15 11.75 -36.91
C SER B 27 13.13 11.13 -37.86
N TYR B 28 13.08 9.79 -38.05
CA TYR B 28 14.02 9.15 -38.96
C TYR B 28 13.60 9.41 -40.37
N ASN B 29 12.31 9.79 -40.59
CA ASN B 29 11.83 10.05 -41.93
C ASN B 29 12.58 11.22 -42.52
N ARG B 30 12.86 12.26 -41.69
CA ARG B 30 13.54 13.43 -42.19
C ARG B 30 15.01 13.33 -41.89
N HIS B 31 15.46 12.18 -41.33
CA HIS B 31 16.86 12.00 -41.02
C HIS B 31 17.64 11.86 -42.29
N THR B 32 16.99 11.38 -43.37
CA THR B 32 17.69 11.22 -44.63
C THR B 32 17.71 12.54 -45.33
N LEU B 33 18.93 13.04 -45.65
CA LEU B 33 19.07 14.31 -46.32
C LEU B 33 19.88 14.06 -47.54
N VAL B 34 19.53 14.78 -48.65
CA VAL B 34 20.26 14.65 -49.90
C VAL B 34 20.11 13.24 -50.40
N ALA B 35 18.87 12.87 -50.79
CA ALA B 35 18.65 11.53 -51.28
C ALA B 35 17.49 11.62 -52.22
N ASP B 36 17.44 10.70 -53.21
CA ASP B 36 16.36 10.70 -54.17
C ASP B 36 15.30 9.72 -53.68
N ALA C 1 -0.35 -9.05 34.96
CA ALA C 1 1.07 -9.00 34.53
C ALA C 1 1.66 -7.64 34.79
N LEU C 2 0.91 -6.57 34.45
CA LEU C 2 1.40 -5.23 34.66
C LEU C 2 0.68 -4.65 35.84
N SER C 3 1.27 -3.59 36.42
CA SER C 3 0.70 -2.92 37.57
C SER C 3 -0.58 -2.26 37.15
N LYS C 4 -1.45 -1.97 38.15
CA LYS C 4 -2.73 -1.34 37.90
C LYS C 4 -2.50 0.00 37.24
N ASP C 5 -1.39 0.68 37.59
CA ASP C 5 -1.10 1.97 37.01
C ASP C 5 -1.00 1.84 35.51
N LYS C 6 -0.37 0.74 35.03
CA LYS C 6 -0.24 0.53 33.60
C LYS C 6 -1.59 0.19 33.03
N GLU C 7 -2.42 -0.54 33.80
CA GLU C 7 -3.74 -0.93 33.35
C GLU C 7 -4.56 0.33 33.14
N GLU C 8 -4.41 1.31 34.05
CA GLU C 8 -5.15 2.56 33.96
C GLU C 8 -4.76 3.27 32.70
N GLU C 9 -3.47 3.16 32.29
CA GLU C 9 -3.02 3.83 31.08
C GLU C 9 -3.76 3.28 29.88
N ILE C 10 -4.13 1.98 29.91
CA ILE C 10 -4.84 1.39 28.78
C ILE C 10 -6.16 2.10 28.65
N ARG C 11 -6.80 2.42 29.81
CA ARG C 11 -8.08 3.07 29.77
C ARG C 11 -7.95 4.37 29.04
N LYS C 12 -6.86 5.13 29.30
CA LYS C 12 -6.65 6.39 28.62
C LYS C 12 -6.45 6.13 27.13
N ILE C 13 -5.70 5.05 26.80
CA ILE C 13 -5.42 4.73 25.41
C ILE C 13 -6.71 4.36 24.71
N LEU C 14 -7.56 3.54 25.35
CA LEU C 14 -8.80 3.15 24.75
C LEU C 14 -9.77 4.31 24.76
N ARG C 15 -9.76 5.14 25.82
CA ARG C 15 -10.65 6.26 25.91
C ARG C 15 -10.37 7.18 24.76
N ASN C 16 -9.08 7.37 24.41
CA ASN C 16 -8.73 8.23 23.31
C ASN C 16 -9.36 7.70 22.05
N ASN C 17 -9.34 6.37 21.84
CA ASN C 17 -9.96 5.80 20.67
C ASN C 17 -11.45 5.94 20.76
N LEU C 18 -12.00 5.76 21.98
CA LEU C 18 -13.43 5.83 22.18
C LEU C 18 -13.94 7.21 21.85
N GLN C 19 -13.23 8.27 22.28
CA GLN C 19 -13.69 9.62 22.03
C GLN C 19 -13.72 9.89 20.56
N LYS C 20 -12.70 9.43 19.81
CA LYS C 20 -12.66 9.63 18.39
C LYS C 20 -13.78 8.85 17.75
N THR C 21 -14.04 7.64 18.28
CA THR C 21 -15.07 6.78 17.75
C THR C 21 -16.41 7.45 17.93
N ARG C 22 -16.66 8.03 19.12
CA ARG C 22 -17.93 8.69 19.37
C ARG C 22 -18.11 9.85 18.44
N GLN C 23 -17.02 10.62 18.17
CA GLN C 23 -17.12 11.76 17.29
C GLN C 23 -17.45 11.28 15.90
N ARG C 24 -16.83 10.16 15.47
CA ARG C 24 -17.07 9.64 14.14
C ARG C 24 -18.52 9.21 14.04
N LEU C 25 -19.04 8.52 15.08
CA LEU C 25 -20.41 8.06 15.06
C LEU C 25 -21.35 9.23 15.05
N ARG C 26 -21.03 10.29 15.84
CA ARG C 26 -21.88 11.45 15.89
C ARG C 26 -21.90 12.12 14.55
N SER C 27 -20.73 12.16 13.87
CA SER C 27 -20.62 12.78 12.58
C SER C 27 -21.48 12.03 11.59
N TYR C 28 -21.52 10.69 11.70
CA TYR C 28 -22.29 9.89 10.77
C TYR C 28 -23.75 10.06 11.08
N ASN C 29 -24.12 10.07 12.38
CA ASN C 29 -25.51 10.23 12.75
C ASN C 29 -26.00 11.57 12.30
N ARG C 30 -25.17 12.62 12.43
CA ARG C 30 -25.57 13.96 12.03
C ARG C 30 -25.74 14.01 10.53
N HIS C 31 -24.86 13.29 9.79
CA HIS C 31 -24.93 13.30 8.35
C HIS C 31 -26.15 12.54 7.90
N THR C 32 -26.66 11.62 8.75
CA THR C 32 -27.82 10.84 8.37
C THR C 32 -29.02 11.73 8.49
N LEU C 33 -29.83 11.82 7.40
CA LEU C 33 -31.01 12.66 7.41
C LEU C 33 -32.19 11.73 7.41
N VAL C 34 -33.23 12.09 8.19
CA VAL C 34 -34.42 11.28 8.25
C VAL C 34 -35.55 12.13 7.78
N ALA C 35 -36.31 11.64 6.79
CA ALA C 35 -37.42 12.39 6.27
C ALA C 35 -38.43 11.39 5.77
N ASP C 36 -39.72 11.80 5.76
CA ASP C 36 -40.76 10.91 5.30
C ASP C 36 -40.86 11.05 3.77
N ALA A 1 -13.45 9.96 4.77
CA ALA A 1 -13.55 8.56 4.30
C ALA A 1 -13.63 8.48 2.80
N ASP A 2 -14.27 9.50 2.17
CA ASP A 2 -14.39 9.53 0.72
C ASP A 2 -13.02 9.64 0.12
N GLN A 3 -12.15 10.45 0.74
CA GLN A 3 -10.81 10.61 0.22
C GLN A 3 -9.91 10.75 1.41
N LEU A 4 -8.78 10.00 1.40
CA LEU A 4 -7.85 10.08 2.50
C LEU A 4 -6.65 10.81 2.02
N THR A 5 -6.18 11.79 2.81
CA THR A 5 -5.01 12.55 2.44
C THR A 5 -3.82 11.82 2.99
N GLU A 6 -2.63 12.01 2.37
CA GLU A 6 -1.44 11.33 2.81
C GLU A 6 -1.10 11.76 4.21
N GLU A 7 -1.28 13.07 4.51
CA GLU A 7 -0.98 13.58 5.83
C GLU A 7 -1.89 12.93 6.84
N GLN A 8 -3.18 12.75 6.47
CA GLN A 8 -4.14 12.14 7.36
C GLN A 8 -3.73 10.71 7.63
N ILE A 9 -3.27 9.99 6.59
CA ILE A 9 -2.86 8.61 6.77
C ILE A 9 -1.67 8.57 7.68
N ALA A 10 -0.71 9.51 7.52
CA ALA A 10 0.46 9.52 8.36
C ALA A 10 0.05 9.70 9.79
N GLU A 11 -0.94 10.59 10.04
CA GLU A 11 -1.44 10.81 11.39
C GLU A 11 -2.09 9.54 11.88
N PHE A 12 -2.84 8.86 10.99
CA PHE A 12 -3.51 7.62 11.36
C PHE A 12 -2.50 6.59 11.74
N LYS A 13 -1.39 6.51 10.98
CA LYS A 13 -0.40 5.51 11.26
C LYS A 13 0.17 5.76 12.63
N GLU A 14 0.40 7.04 12.98
CA GLU A 14 0.95 7.38 14.27
C GLU A 14 -0.05 7.00 15.34
N ALA A 15 -1.36 7.21 15.09
CA ALA A 15 -2.38 6.89 16.07
C ALA A 15 -2.40 5.41 16.37
N PHE A 16 -2.33 4.52 15.35
CA PHE A 16 -2.34 3.10 15.63
C PHE A 16 -1.05 2.72 16.29
N SER A 17 0.06 3.39 15.90
CA SER A 17 1.36 3.09 16.47
C SER A 17 1.35 3.37 17.95
N LEU A 18 0.46 4.30 18.39
CA LEU A 18 0.35 4.64 19.78
C LEU A 18 -0.08 3.44 20.57
N PHE A 19 -0.92 2.59 19.96
CA PHE A 19 -1.40 1.41 20.64
C PHE A 19 -0.28 0.43 20.78
N ASP A 20 0.62 0.36 19.77
CA ASP A 20 1.73 -0.56 19.84
C ASP A 20 2.84 0.14 20.59
N LYS A 21 2.66 0.28 21.92
CA LYS A 21 3.62 0.96 22.76
C LYS A 21 4.95 0.24 22.77
N ASP A 22 4.96 -1.11 22.80
CA ASP A 22 6.22 -1.81 22.88
C ASP A 22 6.89 -1.87 21.53
N GLY A 23 6.19 -1.50 20.44
CA GLY A 23 6.79 -1.47 19.12
C GLY A 23 7.19 -2.86 18.69
N ASP A 24 6.47 -3.92 19.12
CA ASP A 24 6.85 -5.26 18.72
C ASP A 24 6.17 -5.62 17.43
N GLY A 25 5.40 -4.67 16.84
CA GLY A 25 4.75 -4.91 15.57
C GLY A 25 3.38 -5.49 15.76
N THR A 26 3.02 -5.90 17.01
CA THR A 26 1.72 -6.48 17.22
C THR A 26 1.08 -5.81 18.41
N ILE A 27 -0.26 -5.85 18.46
CA ILE A 27 -1.00 -5.29 19.55
C ILE A 27 -1.82 -6.39 20.16
N THR A 28 -1.68 -6.56 21.49
CA THR A 28 -2.39 -7.61 22.20
C THR A 28 -3.28 -6.97 23.22
N THR A 29 -4.01 -7.82 23.99
CA THR A 29 -4.94 -7.36 24.99
C THR A 29 -4.20 -6.56 26.04
N LYS A 30 -3.00 -7.03 26.45
CA LYS A 30 -2.24 -6.33 27.47
C LYS A 30 -1.90 -4.94 26.98
N GLU A 31 -1.44 -4.81 25.72
CA GLU A 31 -1.09 -3.50 25.22
C GLU A 31 -2.32 -2.65 25.07
N LEU A 32 -3.44 -3.26 24.59
CA LEU A 32 -4.67 -2.53 24.40
C LEU A 32 -5.16 -2.04 25.73
N GLY A 33 -5.11 -2.92 26.76
CA GLY A 33 -5.55 -2.56 28.09
C GLY A 33 -4.70 -1.43 28.63
N THR A 34 -3.39 -1.48 28.34
CA THR A 34 -2.48 -0.44 28.81
C THR A 34 -2.88 0.86 28.19
N VAL A 35 -3.22 0.85 26.88
CA VAL A 35 -3.61 2.06 26.19
C VAL A 35 -4.86 2.59 26.83
N MET A 36 -5.83 1.71 27.12
CA MET A 36 -7.07 2.12 27.74
C MET A 36 -6.78 2.73 29.09
N ARG A 37 -5.87 2.11 29.86
CA ARG A 37 -5.53 2.60 31.18
C ARG A 37 -4.94 3.99 31.07
N SER A 38 -4.04 4.21 30.08
CA SER A 38 -3.42 5.51 29.93
C SER A 38 -4.44 6.53 29.51
N LEU A 39 -5.58 6.08 28.91
CA LEU A 39 -6.60 7.00 28.47
C LEU A 39 -7.60 7.20 29.58
N GLY A 40 -7.40 6.55 30.75
CA GLY A 40 -8.30 6.73 31.86
C GLY A 40 -9.51 5.86 31.72
N GLN A 41 -9.43 4.77 30.94
CA GLN A 41 -10.57 3.90 30.77
C GLN A 41 -10.19 2.58 31.36
N ASN A 42 -11.16 1.90 32.02
CA ASN A 42 -10.87 0.62 32.64
C ASN A 42 -11.90 -0.39 32.23
N PRO A 43 -11.79 -0.88 31.00
CA PRO A 43 -12.70 -1.89 30.50
C PRO A 43 -12.38 -3.26 31.03
N THR A 44 -13.32 -4.22 30.91
CA THR A 44 -13.07 -5.54 31.42
C THR A 44 -12.19 -6.27 30.44
N GLU A 45 -11.50 -7.33 30.92
CA GLU A 45 -10.62 -8.10 30.08
C GLU A 45 -11.41 -8.79 29.00
N ALA A 46 -12.59 -9.33 29.35
CA ALA A 46 -13.41 -10.04 28.40
C ALA A 46 -13.82 -9.09 27.29
N GLU A 47 -14.16 -7.83 27.66
CA GLU A 47 -14.57 -6.87 26.67
C GLU A 47 -13.42 -6.58 25.73
N LEU A 48 -12.19 -6.45 26.29
CA LEU A 48 -11.02 -6.17 25.47
C LEU A 48 -10.76 -7.32 24.53
N GLN A 49 -10.92 -8.58 25.03
CA GLN A 49 -10.69 -9.74 24.20
C GLN A 49 -11.71 -9.76 23.09
N ASP A 50 -12.97 -9.39 23.42
CA ASP A 50 -14.02 -9.36 22.43
C ASP A 50 -13.67 -8.38 21.35
N MET A 51 -13.08 -7.22 21.73
CA MET A 51 -12.74 -6.21 20.75
C MET A 51 -11.74 -6.78 19.77
N ILE A 52 -10.74 -7.53 20.28
CA ILE A 52 -9.73 -8.09 19.41
C ILE A 52 -10.36 -9.06 18.45
N ASN A 53 -11.27 -9.94 18.94
CA ASN A 53 -11.88 -10.92 18.07
C ASN A 53 -12.67 -10.25 16.97
N GLU A 54 -13.39 -9.15 17.31
CA GLU A 54 -14.21 -8.45 16.34
C GLU A 54 -13.35 -7.79 15.30
N VAL A 55 -12.20 -7.26 15.73
CA VAL A 55 -11.33 -6.53 14.83
C VAL A 55 -10.37 -7.46 14.15
N ASP A 56 -10.26 -8.71 14.63
CA ASP A 56 -9.33 -9.64 14.05
C ASP A 56 -9.95 -10.25 12.82
N ALA A 57 -9.90 -9.49 11.70
CA ALA A 57 -10.48 -9.93 10.45
C ALA A 57 -9.76 -11.16 9.92
N ASP A 58 -8.42 -11.22 10.09
CA ASP A 58 -7.67 -12.33 9.54
C ASP A 58 -7.81 -13.53 10.44
N GLY A 59 -8.25 -13.32 11.68
CA GLY A 59 -8.43 -14.42 12.61
C GLY A 59 -7.12 -15.05 12.95
N ASN A 60 -6.02 -14.27 12.97
CA ASN A 60 -4.72 -14.83 13.29
C ASN A 60 -4.48 -14.69 14.77
N GLY A 61 -5.49 -14.23 15.52
CA GLY A 61 -5.38 -14.10 16.96
C GLY A 61 -4.71 -12.82 17.33
N THR A 62 -4.31 -11.98 16.34
CA THR A 62 -3.65 -10.74 16.66
C THR A 62 -4.17 -9.65 15.77
N ILE A 63 -3.93 -8.39 16.20
CA ILE A 63 -4.36 -7.27 15.41
C ILE A 63 -3.09 -6.70 14.84
N ASP A 64 -2.98 -6.72 13.49
CA ASP A 64 -1.81 -6.21 12.83
C ASP A 64 -2.08 -4.78 12.47
N PHE A 65 -1.04 -4.11 11.93
CA PHE A 65 -1.14 -2.71 11.57
C PHE A 65 -2.26 -2.45 10.58
N PRO A 66 -2.37 -3.19 9.48
CA PRO A 66 -3.45 -2.96 8.53
C PRO A 66 -4.82 -3.18 9.12
N GLU A 67 -4.94 -4.06 10.14
CA GLU A 67 -6.23 -4.30 10.75
C GLU A 67 -6.64 -3.03 11.47
N PHE A 68 -5.68 -2.35 12.15
CA PHE A 68 -5.99 -1.11 12.83
C PHE A 68 -6.24 -0.03 11.81
N LEU A 69 -5.46 -0.01 10.71
CA LEU A 69 -5.59 1.00 9.69
C LEU A 69 -6.98 0.92 9.10
N THR A 70 -7.46 -0.29 8.77
CA THR A 70 -8.77 -0.44 8.17
C THR A 70 -9.83 -0.14 9.21
N MET A 71 -9.59 -0.52 10.49
CA MET A 71 -10.57 -0.26 11.52
C MET A 71 -10.77 1.23 11.68
N MET A 72 -9.65 1.98 11.78
CA MET A 72 -9.73 3.41 11.96
C MET A 72 -10.25 4.07 10.71
N ALA A 73 -9.89 3.54 9.52
CA ALA A 73 -10.36 4.10 8.28
C ALA A 73 -11.83 3.83 8.13
N ARG A 74 -12.31 2.80 8.86
CA ARG A 74 -13.70 2.41 8.87
C ARG A 74 -14.03 1.75 7.57
N LYS A 75 -14.42 2.54 6.54
CA LYS A 75 -14.77 1.93 5.28
C LYS A 75 -14.51 2.95 4.20
N MET A 76 -13.90 2.50 3.08
CA MET A 76 -13.61 3.39 1.99
C MET A 76 -14.16 2.74 0.75
N LYS A 77 -14.65 3.56 -0.20
CA LYS A 77 -15.21 3.03 -1.41
C LYS A 77 -14.16 3.07 -2.49
N ASP A 78 -12.94 3.57 -2.16
CA ASP A 78 -11.88 3.63 -3.12
C ASP A 78 -11.40 2.23 -3.40
N THR A 79 -10.98 1.99 -4.66
CA THR A 79 -10.50 0.68 -5.03
C THR A 79 -9.01 0.78 -5.14
N ASP A 80 -8.29 -0.11 -4.41
CA ASP A 80 -6.85 -0.07 -4.40
C ASP A 80 -6.30 -0.49 -5.74
N SER A 81 -7.00 -1.40 -6.46
CA SER A 81 -6.50 -1.84 -7.75
C SER A 81 -6.46 -0.68 -8.70
N GLU A 82 -7.54 0.13 -8.74
CA GLU A 82 -7.59 1.26 -9.63
C GLU A 82 -6.57 2.28 -9.20
N GLU A 83 -6.43 2.47 -7.87
CA GLU A 83 -5.50 3.43 -7.35
C GLU A 83 -4.10 3.06 -7.73
N GLU A 84 -3.76 1.75 -7.66
CA GLU A 84 -2.43 1.30 -8.00
C GLU A 84 -2.12 1.60 -9.45
N ILE A 85 -3.09 1.34 -10.36
CA ILE A 85 -2.87 1.60 -11.76
C ILE A 85 -2.69 3.08 -11.98
N ARG A 86 -3.54 3.91 -11.34
CA ARG A 86 -3.44 5.35 -11.52
C ARG A 86 -2.11 5.85 -11.01
N GLU A 87 -1.66 5.34 -9.84
CA GLU A 87 -0.41 5.76 -9.26
C GLU A 87 0.74 5.40 -10.18
N ALA A 88 0.68 4.21 -10.83
CA ALA A 88 1.74 3.80 -11.70
C ALA A 88 1.89 4.78 -12.83
N PHE A 89 0.76 5.28 -13.38
CA PHE A 89 0.84 6.23 -14.46
C PHE A 89 1.48 7.51 -13.97
N ARG A 90 1.13 7.94 -12.74
CA ARG A 90 1.69 9.16 -12.21
C ARG A 90 3.18 9.00 -12.00
N VAL A 91 3.60 7.82 -11.50
CA VAL A 91 5.00 7.58 -11.22
C VAL A 91 5.81 7.61 -12.51
N PHE A 92 5.35 6.89 -13.55
CA PHE A 92 6.08 6.86 -14.80
C PHE A 92 5.95 8.17 -15.51
N ASP A 93 4.73 8.77 -15.52
CA ASP A 93 4.54 10.01 -16.20
C ASP A 93 4.86 11.14 -15.26
N LYS A 94 6.16 11.32 -14.98
CA LYS A 94 6.62 12.35 -14.07
C LYS A 94 6.30 13.72 -14.59
N ASP A 95 6.45 13.96 -15.91
CA ASP A 95 6.20 15.29 -16.44
C ASP A 95 4.71 15.55 -16.57
N GLY A 96 3.86 14.51 -16.43
CA GLY A 96 2.43 14.72 -16.50
C GLY A 96 2.00 15.14 -17.88
N ASN A 97 2.72 14.73 -18.95
CA ASN A 97 2.32 15.14 -20.28
C ASN A 97 1.35 14.13 -20.85
N GLY A 98 1.00 13.10 -20.06
CA GLY A 98 0.05 12.10 -20.50
C GLY A 98 0.73 11.05 -21.34
N TYR A 99 2.06 11.18 -21.56
CA TYR A 99 2.75 10.21 -22.37
C TYR A 99 4.06 9.88 -21.71
N ILE A 100 4.64 8.72 -22.08
CA ILE A 100 5.91 8.32 -21.53
C ILE A 100 6.93 8.52 -22.60
N SER A 101 7.92 9.40 -22.32
CA SER A 101 8.96 9.69 -23.27
C SER A 101 10.14 8.83 -22.93
N ALA A 102 11.13 8.78 -23.84
CA ALA A 102 12.30 7.97 -23.62
C ALA A 102 13.03 8.46 -22.40
N ALA A 103 13.09 9.79 -22.21
CA ALA A 103 13.78 10.35 -21.07
C ALA A 103 13.09 9.91 -19.80
N GLU A 104 11.73 9.87 -19.82
CA GLU A 104 10.99 9.49 -18.65
C GLU A 104 11.26 8.04 -18.34
N LEU A 105 11.33 7.18 -19.39
CA LEU A 105 11.59 5.77 -19.18
C LEU A 105 12.99 5.60 -18.66
N ARG A 106 13.94 6.41 -19.19
CA ARG A 106 15.33 6.33 -18.78
C ARG A 106 15.44 6.60 -17.30
N HIS A 107 14.65 7.58 -16.78
CA HIS A 107 14.72 7.89 -15.37
C HIS A 107 14.31 6.68 -14.56
N VAL A 108 13.27 5.94 -15.03
CA VAL A 108 12.83 4.78 -14.29
C VAL A 108 13.91 3.73 -14.31
N MET A 109 14.50 3.46 -15.50
CA MET A 109 15.53 2.45 -15.61
C MET A 109 16.78 2.82 -14.85
N THR A 110 17.17 4.11 -14.84
CA THR A 110 18.37 4.49 -14.13
C THR A 110 18.15 4.34 -12.65
N ASN A 111 16.89 4.47 -12.18
CA ASN A 111 16.61 4.34 -10.77
C ASN A 111 16.74 2.89 -10.37
N LEU A 112 16.76 1.96 -11.34
CA LEU A 112 16.91 0.55 -11.03
C LEU A 112 18.33 0.30 -10.62
N GLY A 113 19.26 1.22 -10.99
CA GLY A 113 20.64 1.06 -10.63
C GLY A 113 21.33 0.31 -11.75
N GLU A 114 20.61 0.08 -12.87
CA GLU A 114 21.19 -0.62 -13.98
C GLU A 114 21.62 0.41 -14.97
N LYS A 115 22.80 0.19 -15.59
CA LYS A 115 23.30 1.13 -16.56
C LYS A 115 22.75 0.75 -17.89
N LEU A 116 22.09 1.71 -18.57
CA LEU A 116 21.54 1.45 -19.87
C LEU A 116 21.99 2.55 -20.79
N THR A 117 22.39 2.18 -22.02
CA THR A 117 22.82 3.17 -22.98
C THR A 117 21.58 3.70 -23.65
N ASP A 118 21.72 4.85 -24.35
CA ASP A 118 20.59 5.45 -25.03
C ASP A 118 20.07 4.49 -26.07
N GLU A 119 20.98 3.80 -26.77
CA GLU A 119 20.58 2.87 -27.81
C GLU A 119 19.77 1.75 -27.21
N GLU A 120 20.21 1.21 -26.04
CA GLU A 120 19.51 0.12 -25.41
C GLU A 120 18.14 0.56 -24.98
N VAL A 121 18.02 1.78 -24.42
CA VAL A 121 16.74 2.27 -23.97
C VAL A 121 15.82 2.43 -25.16
N ASP A 122 16.36 2.98 -26.26
CA ASP A 122 15.57 3.21 -27.45
C ASP A 122 15.07 1.89 -28.01
N GLU A 123 15.92 0.84 -27.99
CA GLU A 123 15.50 -0.44 -28.53
C GLU A 123 14.38 -1.00 -27.71
N MET A 124 14.43 -0.85 -26.37
CA MET A 124 13.39 -1.38 -25.52
C MET A 124 12.10 -0.67 -25.82
N ILE A 125 12.18 0.66 -26.01
CA ILE A 125 11.01 1.46 -26.29
C ILE A 125 10.42 1.06 -27.60
N ARG A 126 11.27 0.84 -28.64
CA ARG A 126 10.77 0.44 -29.94
C ARG A 126 10.08 -0.88 -29.84
N GLU A 127 10.64 -1.83 -29.06
CA GLU A 127 10.03 -3.14 -28.93
C GLU A 127 8.69 -3.02 -28.23
N ALA A 128 8.59 -2.13 -27.22
CA ALA A 128 7.36 -1.97 -26.49
C ALA A 128 6.46 -1.01 -27.23
N ASP A 129 6.93 -0.48 -28.38
CA ASP A 129 6.14 0.45 -29.13
C ASP A 129 5.26 -0.34 -30.05
N ILE A 130 4.08 -0.75 -29.51
CA ILE A 130 3.14 -1.56 -30.26
C ILE A 130 2.62 -0.82 -31.46
N ASP A 131 2.23 0.47 -31.26
CA ASP A 131 1.67 1.24 -32.36
C ASP A 131 2.76 1.70 -33.29
N GLY A 132 4.03 1.70 -32.82
CA GLY A 132 5.13 2.11 -33.68
C GLY A 132 5.04 3.59 -33.95
N ASP A 133 4.48 4.38 -33.00
CA ASP A 133 4.35 5.80 -33.20
C ASP A 133 5.55 6.53 -32.64
N GLY A 134 6.60 5.79 -32.20
CA GLY A 134 7.79 6.43 -31.69
C GLY A 134 7.64 6.79 -30.24
N GLN A 135 6.52 6.40 -29.59
CA GLN A 135 6.36 6.76 -28.20
C GLN A 135 5.51 5.72 -27.52
N VAL A 136 5.53 5.76 -26.16
CA VAL A 136 4.78 4.82 -25.38
C VAL A 136 3.61 5.57 -24.81
N ASN A 137 2.39 5.13 -25.18
CA ASN A 137 1.18 5.77 -24.72
C ASN A 137 0.70 5.01 -23.51
N TYR A 138 -0.36 5.53 -22.85
CA TYR A 138 -0.89 4.91 -21.66
C TYR A 138 -1.38 3.52 -21.98
N GLU A 139 -1.94 3.29 -23.18
CA GLU A 139 -2.44 1.98 -23.54
C GLU A 139 -1.28 1.02 -23.62
N GLU A 140 -0.17 1.47 -24.24
CA GLU A 140 1.01 0.65 -24.42
C GLU A 140 1.59 0.32 -23.07
N PHE A 141 1.52 1.28 -22.12
CA PHE A 141 2.03 1.09 -20.79
C PHE A 141 1.31 -0.06 -20.13
N VAL A 142 -0.02 -0.18 -20.36
CA VAL A 142 -0.79 -1.26 -19.76
C VAL A 142 -0.23 -2.58 -20.23
N GLN A 143 0.06 -2.72 -21.54
CA GLN A 143 0.60 -3.97 -22.05
C GLN A 143 1.94 -4.25 -21.42
N MET A 144 2.77 -3.22 -21.22
CA MET A 144 4.07 -3.40 -20.61
C MET A 144 3.92 -3.90 -19.19
N MET A 145 2.98 -3.32 -18.42
CA MET A 145 2.78 -3.72 -17.04
C MET A 145 2.12 -5.08 -16.94
N THR A 146 1.33 -5.50 -17.96
CA THR A 146 0.68 -6.79 -17.88
C THR A 146 1.55 -7.81 -18.56
N ALA A 147 2.80 -7.45 -18.86
CA ALA A 147 3.71 -8.35 -19.51
C ALA A 147 4.09 -9.44 -18.55
N LYS A 148 4.18 -10.69 -19.05
CA LYS A 148 4.54 -11.81 -18.21
C LYS A 148 5.80 -12.44 -18.80
N ALA B 1 4.30 8.14 -2.17
CA ALA B 1 3.02 7.99 -2.92
C ALA B 1 2.87 6.59 -3.45
N LEU B 2 3.94 6.04 -4.05
CA LEU B 2 3.89 4.71 -4.58
C LEU B 2 4.59 3.81 -3.61
N SER B 3 3.89 2.74 -3.16
CA SER B 3 4.46 1.82 -2.19
C SER B 3 5.64 1.13 -2.82
N LYS B 4 6.70 0.90 -2.01
CA LYS B 4 7.89 0.25 -2.49
C LYS B 4 7.55 -1.14 -2.96
N ASP B 5 6.67 -1.86 -2.23
CA ASP B 5 6.32 -3.21 -2.60
C ASP B 5 5.68 -3.20 -3.97
N LYS B 6 4.83 -2.19 -4.24
CA LYS B 6 4.17 -2.10 -5.53
C LYS B 6 5.21 -1.79 -6.58
N GLU B 7 6.18 -0.91 -6.22
CA GLU B 7 7.24 -0.53 -7.15
C GLU B 7 8.08 -1.73 -7.47
N GLU B 8 8.35 -2.60 -6.46
CA GLU B 8 9.17 -3.76 -6.68
C GLU B 8 8.53 -4.67 -7.70
N GLU B 9 7.18 -4.81 -7.67
CA GLU B 9 6.51 -5.68 -8.61
C GLU B 9 6.71 -5.14 -10.00
N ILE B 10 6.62 -3.80 -10.14
CA ILE B 10 6.79 -3.15 -11.43
C ILE B 10 8.22 -3.35 -11.86
N ARG B 11 9.17 -3.21 -10.92
CA ARG B 11 10.57 -3.35 -11.21
C ARG B 11 10.85 -4.74 -11.73
N LYS B 12 10.26 -5.78 -11.09
CA LYS B 12 10.51 -7.15 -11.53
C LYS B 12 10.00 -7.34 -12.93
N ILE B 13 8.83 -6.75 -13.27
CA ILE B 13 8.28 -6.89 -14.60
C ILE B 13 9.22 -6.28 -15.61
N LEU B 14 9.71 -5.05 -15.33
CA LEU B 14 10.60 -4.40 -16.26
C LEU B 14 11.92 -5.11 -16.30
N ARG B 15 12.42 -5.58 -15.14
CA ARG B 15 13.69 -6.28 -15.09
C ARG B 15 13.61 -7.54 -15.91
N ASN B 16 12.45 -8.24 -15.83
CA ASN B 16 12.29 -9.48 -16.55
C ASN B 16 12.44 -9.26 -18.04
N ASN B 17 11.82 -8.21 -18.60
CA ASN B 17 11.93 -7.99 -20.03
C ASN B 17 13.29 -7.42 -20.33
N LEU B 18 13.88 -6.68 -19.37
CA LEU B 18 15.19 -6.08 -19.56
C LEU B 18 16.21 -7.17 -19.80
N GLN B 19 16.17 -8.25 -18.98
CA GLN B 19 17.13 -9.32 -19.15
C GLN B 19 16.94 -9.99 -20.49
N LYS B 20 15.67 -10.21 -20.89
CA LYS B 20 15.39 -10.85 -22.15
C LYS B 20 15.86 -9.96 -23.28
N THR B 21 15.63 -8.63 -23.13
CA THR B 21 16.03 -7.69 -24.16
C THR B 21 17.52 -7.70 -24.28
N ARG B 22 18.24 -7.71 -23.14
CA ARG B 22 19.68 -7.69 -23.18
C ARG B 22 20.19 -8.93 -23.86
N GLN B 23 19.60 -10.10 -23.54
CA GLN B 23 20.03 -11.34 -24.15
C GLN B 23 19.79 -11.29 -25.64
N ARG B 24 18.60 -10.80 -26.05
CA ARG B 24 18.27 -10.72 -27.45
C ARG B 24 19.19 -9.75 -28.13
N LEU B 25 19.48 -8.61 -27.46
CA LEU B 25 20.33 -7.59 -28.02
C LEU B 25 21.72 -8.17 -28.24
N ARG B 26 22.23 -8.93 -27.25
CA ARG B 26 23.55 -9.51 -27.37
C ARG B 26 23.56 -10.49 -28.51
N SER B 27 22.46 -11.27 -28.65
CA SER B 27 22.36 -12.27 -29.71
C SER B 27 22.40 -11.57 -31.05
N TYR B 28 21.70 -10.42 -31.17
CA TYR B 28 21.64 -9.70 -32.43
C TYR B 28 22.98 -9.06 -32.69
N ASN B 29 23.61 -8.47 -31.66
CA ASN B 29 24.89 -7.82 -31.82
C ASN B 29 25.93 -8.83 -32.24
N ARG B 30 25.84 -10.06 -31.70
CA ARG B 30 26.80 -11.10 -32.02
C ARG B 30 26.77 -11.40 -33.50
N HIS B 31 25.58 -11.40 -34.14
CA HIS B 31 25.53 -11.72 -35.55
C HIS B 31 25.78 -10.47 -36.35
N THR B 32 25.51 -9.28 -35.76
CA THR B 32 25.72 -8.04 -36.47
C THR B 32 27.19 -7.80 -36.64
N LEU B 33 27.99 -8.05 -35.57
CA LEU B 33 29.41 -7.82 -35.64
C LEU B 33 30.08 -9.14 -35.91
N VAL B 34 30.74 -9.26 -37.08
CA VAL B 34 31.41 -10.49 -37.42
C VAL B 34 32.75 -10.52 -36.74
N ALA B 35 33.20 -9.34 -36.23
CA ALA B 35 34.46 -9.25 -35.54
C ALA B 35 35.58 -9.59 -36.50
N ASP B 36 35.53 -9.02 -37.72
CA ASP B 36 36.55 -9.29 -38.69
C ASP B 36 36.49 -8.17 -39.74
N ALA C 1 6.95 10.40 19.65
CA ALA C 1 6.94 11.88 19.82
C ALA C 1 5.61 12.45 19.42
N LEU C 2 4.52 11.99 20.08
CA LEU C 2 3.21 12.47 19.77
C LEU C 2 2.86 13.49 20.81
N SER C 3 2.17 14.58 20.41
CA SER C 3 1.81 15.62 21.34
C SER C 3 0.64 15.15 22.17
N LYS C 4 0.36 15.91 23.26
CA LYS C 4 -0.75 15.58 24.15
C LYS C 4 -2.04 15.67 23.39
N ASP C 5 -2.16 16.64 22.45
CA ASP C 5 -3.38 16.79 21.70
C ASP C 5 -3.63 15.53 20.91
N LYS C 6 -2.56 14.93 20.34
CA LYS C 6 -2.72 13.72 19.58
C LYS C 6 -3.10 12.59 20.50
N GLU C 7 -2.54 12.57 21.73
CA GLU C 7 -2.85 11.53 22.68
C GLU C 7 -4.31 11.62 23.03
N GLU C 8 -4.83 12.85 23.19
CA GLU C 8 -6.24 13.05 23.52
C GLU C 8 -7.09 12.53 22.40
N GLU C 9 -6.61 12.69 21.14
CA GLU C 9 -7.36 12.24 19.98
C GLU C 9 -7.53 10.74 20.03
N ILE C 10 -6.58 10.00 20.65
CA ILE C 10 -6.68 8.56 20.71
C ILE C 10 -7.96 8.21 21.42
N ARG C 11 -8.34 9.00 22.46
CA ARG C 11 -9.55 8.70 23.20
C ARG C 11 -10.71 8.72 22.26
N LYS C 12 -10.78 9.73 21.36
CA LYS C 12 -11.87 9.82 20.41
C LYS C 12 -11.82 8.65 19.46
N ILE C 13 -10.60 8.28 18.99
CA ILE C 13 -10.44 7.21 18.04
C ILE C 13 -10.80 5.90 18.68
N LEU C 14 -10.33 5.67 19.91
CA LEU C 14 -10.59 4.44 20.61
C LEU C 14 -12.03 4.39 21.06
N ARG C 15 -12.59 5.53 21.52
CA ARG C 15 -13.96 5.57 21.96
C ARG C 15 -14.87 5.24 20.81
N ASN C 16 -14.56 5.76 19.61
CA ASN C 16 -15.40 5.49 18.46
C ASN C 16 -15.39 4.00 18.19
N ASN C 17 -14.21 3.36 18.31
CA ASN C 17 -14.12 1.94 18.08
C ASN C 17 -14.88 1.21 19.17
N LEU C 18 -14.76 1.73 20.41
CA LEU C 18 -15.40 1.12 21.56
C LEU C 18 -16.90 1.18 21.42
N GLN C 19 -17.45 2.32 20.94
CA GLN C 19 -18.88 2.45 20.81
C GLN C 19 -19.42 1.43 19.84
N LYS C 20 -18.70 1.21 18.72
CA LYS C 20 -19.16 0.25 17.74
C LYS C 20 -19.12 -1.13 18.36
N THR C 21 -18.06 -1.39 19.15
CA THR C 21 -17.92 -2.68 19.79
C THR C 21 -19.02 -2.86 20.80
N ARG C 22 -19.32 -1.79 21.56
CA ARG C 22 -20.34 -1.85 22.59
C ARG C 22 -21.68 -2.18 21.97
N GLN C 23 -22.01 -1.56 20.82
CA GLN C 23 -23.30 -1.82 20.19
C GLN C 23 -23.39 -3.28 19.80
N ARG C 24 -22.30 -3.86 19.27
CA ARG C 24 -22.34 -5.25 18.88
C ARG C 24 -22.42 -6.11 20.12
N LEU C 25 -21.69 -5.73 21.18
CA LEU C 25 -21.69 -6.49 22.42
C LEU C 25 -23.09 -6.51 23.01
N ARG C 26 -23.78 -5.34 22.99
CA ARG C 26 -25.11 -5.27 23.55
C ARG C 26 -26.06 -6.05 22.69
N SER C 27 -25.76 -6.16 21.37
CA SER C 27 -26.61 -6.89 20.46
C SER C 27 -26.57 -8.36 20.78
N TYR C 28 -25.52 -8.80 21.53
CA TYR C 28 -25.41 -10.20 21.88
C TYR C 28 -26.45 -10.53 22.90
N ASN C 29 -26.73 -9.58 23.83
CA ASN C 29 -27.70 -9.82 24.87
C ASN C 29 -29.09 -9.83 24.29
N ARG C 30 -29.24 -9.39 23.02
CA ARG C 30 -30.55 -9.37 22.40
C ARG C 30 -30.95 -10.77 22.01
N HIS C 31 -30.01 -11.74 22.11
CA HIS C 31 -30.33 -13.10 21.76
C HIS C 31 -30.85 -13.79 23.00
N THR C 32 -30.95 -13.06 24.13
CA THR C 32 -31.45 -13.65 25.35
C THR C 32 -32.82 -13.10 25.56
N LEU C 33 -33.82 -13.99 25.71
CA LEU C 33 -35.17 -13.54 25.90
C LEU C 33 -35.47 -13.66 27.37
N VAL C 34 -36.02 -12.57 27.95
CA VAL C 34 -36.36 -12.57 29.36
C VAL C 34 -37.84 -12.34 29.43
N ALA C 35 -38.56 -13.26 30.11
CA ALA C 35 -40.00 -13.13 30.22
C ALA C 35 -40.34 -12.19 31.34
N ASP C 36 -39.37 -11.85 32.20
CA ASP C 36 -39.63 -10.97 33.30
C ASP C 36 -39.60 -9.52 32.78
N ALA A 1 4.58 -0.47 3.13
CA ALA A 1 5.78 -1.34 3.00
C ALA A 1 6.78 -1.05 4.09
N ASP A 2 6.29 -0.90 5.34
CA ASP A 2 7.17 -0.61 6.44
C ASP A 2 7.32 -1.87 7.24
N GLN A 3 8.53 -2.07 7.82
CA GLN A 3 8.78 -3.26 8.59
C GLN A 3 9.17 -2.82 9.97
N LEU A 4 8.77 -3.60 11.00
CA LEU A 4 9.08 -3.26 12.36
C LEU A 4 10.13 -4.21 12.84
N THR A 5 10.78 -3.88 13.98
CA THR A 5 11.80 -4.72 14.54
C THR A 5 11.09 -5.90 15.16
N GLU A 6 11.80 -7.05 15.27
CA GLU A 6 11.21 -8.25 15.83
C GLU A 6 10.80 -8.00 17.26
N GLU A 7 11.65 -7.30 18.04
CA GLU A 7 11.34 -7.03 19.43
C GLU A 7 10.12 -6.15 19.51
N GLN A 8 9.99 -5.17 18.59
CA GLN A 8 8.87 -4.27 18.60
C GLN A 8 7.62 -5.05 18.29
N ILE A 9 7.70 -5.99 17.31
CA ILE A 9 6.55 -6.78 16.93
C ILE A 9 6.15 -7.66 18.08
N ALA A 10 7.14 -8.25 18.79
CA ALA A 10 6.84 -9.12 19.91
C ALA A 10 6.09 -8.34 20.97
N GLU A 11 6.53 -7.09 21.24
CA GLU A 11 5.87 -6.27 22.24
C GLU A 11 4.48 -5.95 21.74
N PHE A 12 4.34 -5.69 20.43
CA PHE A 12 3.06 -5.37 19.84
C PHE A 12 2.13 -6.53 19.97
N LYS A 13 2.65 -7.75 19.81
CA LYS A 13 1.81 -8.92 19.90
C LYS A 13 1.19 -8.98 21.25
N GLU A 14 1.97 -8.64 22.31
CA GLU A 14 1.45 -8.66 23.65
C GLU A 14 0.36 -7.64 23.77
N ALA A 15 0.52 -6.47 23.11
CA ALA A 15 -0.49 -5.43 23.17
C ALA A 15 -1.78 -5.91 22.55
N PHE A 16 -1.72 -6.66 21.44
CA PHE A 16 -2.94 -7.16 20.81
C PHE A 16 -3.54 -8.17 21.73
N SER A 17 -2.67 -8.95 22.39
CA SER A 17 -3.12 -9.96 23.33
C SER A 17 -3.88 -9.27 24.43
N LEU A 18 -3.44 -8.06 24.83
CA LEU A 18 -4.11 -7.32 25.88
C LEU A 18 -5.54 -7.05 25.50
N PHE A 19 -5.78 -6.64 24.23
CA PHE A 19 -7.13 -6.39 23.80
C PHE A 19 -7.86 -7.71 23.63
N ASP A 20 -7.15 -8.71 23.06
CA ASP A 20 -7.74 -10.00 22.82
C ASP A 20 -7.59 -10.83 24.07
N LYS A 21 -8.44 -10.58 25.08
CA LYS A 21 -8.37 -11.30 26.33
C LYS A 21 -8.64 -12.77 26.14
N ASP A 22 -9.57 -13.14 25.23
CA ASP A 22 -9.88 -14.55 25.06
C ASP A 22 -8.83 -15.25 24.25
N GLY A 23 -7.91 -14.49 23.60
CA GLY A 23 -6.83 -15.11 22.85
C GLY A 23 -7.35 -15.92 21.70
N ASP A 24 -8.51 -15.54 21.10
CA ASP A 24 -9.03 -16.32 19.99
C ASP A 24 -8.50 -15.76 18.70
N GLY A 25 -7.64 -14.72 18.77
CA GLY A 25 -7.06 -14.15 17.57
C GLY A 25 -8.03 -13.19 16.95
N THR A 26 -9.20 -12.98 17.58
CA THR A 26 -10.19 -12.09 17.03
C THR A 26 -10.62 -11.14 18.10
N ILE A 27 -10.69 -9.82 17.75
CA ILE A 27 -11.12 -8.82 18.69
C ILE A 27 -12.40 -8.24 18.13
N THR A 28 -13.46 -8.24 18.97
CA THR A 28 -14.75 -7.74 18.55
C THR A 28 -15.13 -6.57 19.43
N THR A 29 -16.33 -6.00 19.16
CA THR A 29 -16.82 -4.85 19.90
C THR A 29 -16.91 -5.19 21.36
N LYS A 30 -17.42 -6.39 21.69
CA LYS A 30 -17.57 -6.78 23.08
C LYS A 30 -16.22 -6.79 23.75
N GLU A 31 -15.20 -7.37 23.11
CA GLU A 31 -13.88 -7.43 23.72
C GLU A 31 -13.30 -6.05 23.81
N LEU A 32 -13.49 -5.21 22.75
CA LEU A 32 -12.95 -3.87 22.74
C LEU A 32 -13.61 -3.06 23.83
N GLY A 33 -14.95 -3.19 23.98
CA GLY A 33 -15.67 -2.46 24.99
C GLY A 33 -15.20 -2.88 26.36
N THR A 34 -14.94 -4.19 26.53
CA THR A 34 -14.49 -4.69 27.81
C THR A 34 -13.14 -4.10 28.13
N VAL A 35 -12.24 -4.01 27.12
CA VAL A 35 -10.94 -3.44 27.34
C VAL A 35 -11.08 -2.00 27.73
N MET A 36 -11.97 -1.24 27.03
CA MET A 36 -12.16 0.15 27.35
C MET A 36 -12.70 0.29 28.74
N ARG A 37 -13.65 -0.58 29.13
CA ARG A 37 -14.24 -0.54 30.45
C ARG A 37 -13.16 -0.78 31.47
N SER A 38 -12.25 -1.74 31.18
CA SER A 38 -11.17 -2.07 32.09
C SER A 38 -10.26 -0.89 32.25
N LEU A 39 -10.09 -0.09 31.18
CA LEU A 39 -9.22 1.07 31.25
C LEU A 39 -9.94 2.22 31.90
N GLY A 40 -11.25 2.05 32.22
CA GLY A 40 -12.00 3.11 32.86
C GLY A 40 -12.56 4.06 31.85
N GLN A 41 -12.64 3.63 30.57
CA GLN A 41 -13.18 4.49 29.54
C GLN A 41 -14.56 3.98 29.23
N ASN A 42 -15.49 4.90 28.86
CA ASN A 42 -16.85 4.50 28.57
C ASN A 42 -17.23 5.09 27.23
N PRO A 43 -16.90 4.40 26.17
CA PRO A 43 -17.21 4.84 24.82
C PRO A 43 -18.63 4.52 24.43
N THR A 44 -19.12 5.18 23.35
CA THR A 44 -20.47 4.92 22.89
C THR A 44 -20.41 3.69 22.03
N GLU A 45 -21.53 2.95 21.93
CA GLU A 45 -21.58 1.74 21.15
C GLU A 45 -21.36 2.07 19.69
N ALA A 46 -21.97 3.17 19.20
CA ALA A 46 -21.83 3.56 17.82
C ALA A 46 -20.38 3.87 17.52
N GLU A 47 -19.69 4.52 18.48
CA GLU A 47 -18.30 4.86 18.28
C GLU A 47 -17.48 3.61 18.17
N LEU A 48 -17.78 2.59 19.00
CA LEU A 48 -17.02 1.36 18.97
C LEU A 48 -17.20 0.69 17.63
N GLN A 49 -18.44 0.68 17.10
CA GLN A 49 -18.69 0.05 15.82
C GLN A 49 -17.98 0.81 14.74
N ASP A 50 -17.97 2.16 14.83
CA ASP A 50 -17.33 2.99 13.84
C ASP A 50 -15.85 2.71 13.85
N MET A 51 -15.25 2.52 15.05
CA MET A 51 -13.83 2.28 15.14
C MET A 51 -13.48 0.99 14.43
N ILE A 52 -14.30 -0.06 14.60
CA ILE A 52 -14.01 -1.33 13.95
C ILE A 52 -14.06 -1.15 12.46
N ASN A 53 -15.11 -0.48 11.93
CA ASN A 53 -15.22 -0.29 10.50
C ASN A 53 -14.08 0.53 9.98
N GLU A 54 -13.66 1.57 10.73
CA GLU A 54 -12.58 2.43 10.30
C GLU A 54 -11.29 1.68 10.16
N VAL A 55 -10.98 0.77 11.11
CA VAL A 55 -9.72 0.06 11.05
C VAL A 55 -9.89 -1.20 10.24
N ASP A 56 -11.14 -1.55 9.86
CA ASP A 56 -11.35 -2.76 9.11
C ASP A 56 -11.14 -2.46 7.65
N ALA A 57 -9.86 -2.20 7.28
CA ALA A 57 -9.50 -1.88 5.92
C ALA A 57 -9.77 -3.06 5.01
N ASP A 58 -9.54 -4.29 5.49
CA ASP A 58 -9.75 -5.45 4.66
C ASP A 58 -11.21 -5.78 4.57
N GLY A 59 -12.02 -5.20 5.48
CA GLY A 59 -13.44 -5.40 5.44
C GLY A 59 -13.79 -6.83 5.72
N ASN A 60 -13.02 -7.52 6.60
CA ASN A 60 -13.33 -8.90 6.89
C ASN A 60 -14.35 -8.95 8.00
N GLY A 61 -14.80 -7.77 8.49
CA GLY A 61 -15.84 -7.70 9.51
C GLY A 61 -15.24 -7.89 10.87
N THR A 62 -13.92 -8.10 10.98
CA THR A 62 -13.33 -8.31 12.28
C THR A 62 -11.99 -7.63 12.33
N ILE A 63 -11.43 -7.50 13.55
CA ILE A 63 -10.14 -6.88 13.72
C ILE A 63 -9.19 -7.98 14.09
N ASP A 64 -8.10 -8.12 13.32
CA ASP A 64 -7.12 -9.13 13.57
C ASP A 64 -5.93 -8.45 14.21
N PHE A 65 -4.96 -9.25 14.70
CA PHE A 65 -3.79 -8.70 15.35
C PHE A 65 -3.03 -7.78 14.40
N PRO A 66 -2.69 -8.22 13.20
CA PRO A 66 -1.98 -7.35 12.26
C PRO A 66 -2.79 -6.16 11.83
N GLU A 67 -4.13 -6.30 11.86
CA GLU A 67 -5.01 -5.21 11.46
C GLU A 67 -4.82 -4.08 12.44
N PHE A 68 -4.68 -4.40 13.76
CA PHE A 68 -4.45 -3.38 14.76
C PHE A 68 -3.06 -2.81 14.60
N LEU A 69 -2.09 -3.66 14.19
CA LEU A 69 -0.72 -3.23 14.07
C LEU A 69 -0.61 -2.09 13.09
N THR A 70 -1.35 -2.16 11.96
CA THR A 70 -1.28 -1.10 10.97
C THR A 70 -1.74 0.19 11.57
N MET A 71 -2.89 0.18 12.28
CA MET A 71 -3.43 1.38 12.88
C MET A 71 -2.52 1.91 13.97
N MET A 72 -2.01 1.01 14.84
CA MET A 72 -1.16 1.44 15.94
C MET A 72 0.17 1.92 15.42
N ALA A 73 0.64 1.37 14.27
CA ALA A 73 1.92 1.76 13.72
C ALA A 73 1.78 3.04 12.94
N ARG A 74 0.60 3.69 12.96
CA ARG A 74 0.43 4.91 12.22
C ARG A 74 1.11 6.01 12.99
N LYS A 75 2.31 6.41 12.52
CA LYS A 75 3.05 7.46 13.17
C LYS A 75 4.15 7.84 12.23
N MET A 76 4.87 8.95 12.54
CA MET A 76 5.94 9.38 11.69
C MET A 76 7.17 8.63 12.13
N LYS A 77 7.82 7.93 11.18
CA LYS A 77 9.00 7.18 11.51
C LYS A 77 9.76 6.99 10.23
N ASP A 78 11.12 7.01 10.33
CA ASP A 78 11.94 6.83 9.15
C ASP A 78 11.77 5.41 8.69
N THR A 79 11.91 5.19 7.36
CA THR A 79 11.73 3.87 6.82
C THR A 79 12.77 3.67 5.75
N ASP A 80 13.16 2.39 5.53
CA ASP A 80 14.17 2.08 4.56
C ASP A 80 13.48 1.52 3.34
N SER A 81 12.15 1.68 3.24
CA SER A 81 11.41 1.18 2.10
C SER A 81 11.85 1.88 0.85
N GLU A 82 12.43 3.10 0.98
CA GLU A 82 12.88 3.85 -0.16
C GLU A 82 14.06 3.15 -0.78
N GLU A 83 14.76 2.29 -0.02
CA GLU A 83 15.90 1.59 -0.54
C GLU A 83 15.45 0.64 -1.62
N GLU A 84 14.28 -0.01 -1.42
CA GLU A 84 13.77 -0.94 -2.40
C GLU A 84 13.42 -0.19 -3.65
N ILE A 85 12.85 1.02 -3.48
CA ILE A 85 12.47 1.83 -4.61
C ILE A 85 13.71 2.20 -5.39
N ARG A 86 14.79 2.55 -4.67
CA ARG A 86 16.05 2.92 -5.30
C ARG A 86 16.57 1.76 -6.11
N GLU A 87 16.42 0.52 -5.60
CA GLU A 87 16.89 -0.64 -6.28
C GLU A 87 16.23 -0.76 -7.64
N ALA A 88 14.92 -0.46 -7.73
CA ALA A 88 14.23 -0.56 -8.99
C ALA A 88 14.84 0.39 -9.98
N PHE A 89 15.20 1.62 -9.52
CA PHE A 89 15.79 2.58 -10.41
C PHE A 89 17.13 2.09 -10.89
N ARG A 90 17.93 1.48 -9.99
CA ARG A 90 19.23 0.99 -10.37
C ARG A 90 19.09 -0.13 -11.36
N VAL A 91 18.10 -1.02 -11.17
CA VAL A 91 17.90 -2.14 -12.06
C VAL A 91 17.54 -1.66 -13.43
N PHE A 92 16.57 -0.73 -13.54
CA PHE A 92 16.17 -0.22 -14.84
C PHE A 92 17.23 0.66 -15.42
N ASP A 93 17.84 1.52 -14.57
CA ASP A 93 18.84 2.45 -15.05
C ASP A 93 20.18 1.75 -15.01
N LYS A 94 20.38 0.77 -15.91
CA LYS A 94 21.60 0.02 -15.98
C LYS A 94 22.77 0.92 -16.32
N ASP A 95 22.57 1.89 -17.25
CA ASP A 95 23.67 2.74 -17.65
C ASP A 95 23.92 3.82 -16.62
N GLY A 96 23.01 3.99 -15.64
CA GLY A 96 23.24 4.97 -14.59
C GLY A 96 23.23 6.37 -15.14
N ASN A 97 22.47 6.66 -16.23
CA ASN A 97 22.46 8.01 -16.75
C ASN A 97 21.41 8.83 -16.06
N GLY A 98 20.66 8.22 -15.11
CA GLY A 98 19.65 8.94 -14.35
C GLY A 98 18.37 9.06 -15.12
N TYR A 99 18.31 8.54 -16.37
CA TYR A 99 17.10 8.65 -17.15
C TYR A 99 16.83 7.35 -17.84
N ILE A 100 15.57 7.16 -18.28
CA ILE A 100 15.21 5.94 -18.97
C ILE A 100 14.91 6.32 -20.39
N SER A 101 15.68 5.74 -21.34
CA SER A 101 15.49 6.03 -22.75
C SER A 101 14.80 4.85 -23.35
N ALA A 102 14.42 4.97 -24.65
CA ALA A 102 13.74 3.89 -25.32
C ALA A 102 14.63 2.68 -25.39
N ALA A 103 15.94 2.88 -25.68
CA ALA A 103 16.86 1.77 -25.76
C ALA A 103 16.98 1.13 -24.40
N GLU A 104 17.00 1.95 -23.33
CA GLU A 104 17.12 1.44 -21.99
C GLU A 104 15.91 0.63 -21.63
N LEU A 105 14.70 1.11 -22.02
CA LEU A 105 13.48 0.38 -21.72
C LEU A 105 13.48 -0.90 -22.51
N ARG A 106 13.94 -0.82 -23.78
CA ARG A 106 13.98 -1.99 -24.64
C ARG A 106 14.87 -3.02 -24.02
N HIS A 107 15.99 -2.59 -23.40
CA HIS A 107 16.91 -3.51 -22.78
C HIS A 107 16.21 -4.23 -21.65
N VAL A 108 15.35 -3.52 -20.88
CA VAL A 108 14.64 -4.15 -19.79
C VAL A 108 13.76 -5.24 -20.34
N MET A 109 13.01 -4.94 -21.43
CA MET A 109 12.12 -5.91 -22.03
C MET A 109 12.93 -7.05 -22.58
N THR A 110 14.10 -6.76 -23.18
CA THR A 110 14.95 -7.79 -23.73
C THR A 110 15.39 -8.71 -22.63
N ASN A 111 15.76 -8.14 -21.47
CA ASN A 111 16.22 -8.91 -20.33
C ASN A 111 15.10 -9.80 -19.84
N LEU A 112 13.82 -9.38 -20.03
CA LEU A 112 12.71 -10.17 -19.57
C LEU A 112 12.59 -11.40 -20.42
N GLY A 113 13.12 -11.38 -21.67
CA GLY A 113 13.05 -12.54 -22.52
C GLY A 113 11.96 -12.35 -23.52
N GLU A 114 11.65 -11.09 -23.90
CA GLU A 114 10.61 -10.86 -24.87
C GLU A 114 11.15 -9.88 -25.87
N LYS A 115 10.59 -9.92 -27.11
CA LYS A 115 11.05 -9.04 -28.15
C LYS A 115 9.98 -8.02 -28.40
N LEU A 116 10.37 -6.73 -28.40
CA LEU A 116 9.43 -5.66 -28.64
C LEU A 116 9.96 -4.86 -29.79
N THR A 117 9.05 -4.32 -30.64
CA THR A 117 9.48 -3.53 -31.77
C THR A 117 9.74 -2.13 -31.27
N ASP A 118 10.53 -1.35 -32.03
CA ASP A 118 10.85 0.01 -31.63
C ASP A 118 9.60 0.83 -31.58
N GLU A 119 8.67 0.62 -32.55
CA GLU A 119 7.44 1.39 -32.58
C GLU A 119 6.62 1.08 -31.36
N GLU A 120 6.54 -0.21 -30.98
CA GLU A 120 5.75 -0.60 -29.83
C GLU A 120 6.35 0.00 -28.58
N VAL A 121 7.70 -0.02 -28.46
CA VAL A 121 8.35 0.54 -27.29
C VAL A 121 8.08 2.01 -27.23
N ASP A 122 8.18 2.70 -28.37
CA ASP A 122 7.96 4.13 -28.41
C ASP A 122 6.55 4.46 -28.00
N GLU A 123 5.56 3.66 -28.45
CA GLU A 123 4.18 3.94 -28.10
C GLU A 123 3.99 3.72 -26.62
N MET A 124 4.63 2.67 -26.05
CA MET A 124 4.51 2.38 -24.64
C MET A 124 5.04 3.54 -23.86
N ILE A 125 6.23 4.02 -24.26
CA ILE A 125 6.87 5.12 -23.59
C ILE A 125 6.04 6.36 -23.71
N ARG A 126 5.46 6.61 -24.90
CA ARG A 126 4.66 7.79 -25.11
C ARG A 126 3.49 7.79 -24.15
N GLU A 127 2.85 6.63 -23.93
CA GLU A 127 1.72 6.55 -23.03
C GLU A 127 2.16 6.86 -21.62
N ALA A 128 3.36 6.39 -21.22
CA ALA A 128 3.85 6.63 -19.87
C ALA A 128 4.53 7.96 -19.82
N ASP A 129 4.62 8.67 -20.96
CA ASP A 129 5.28 9.94 -21.00
C ASP A 129 4.26 11.00 -20.64
N ILE A 130 4.09 11.22 -19.33
CA ILE A 130 3.12 12.17 -18.81
C ILE A 130 3.49 13.57 -19.23
N ASP A 131 4.78 13.94 -19.11
CA ASP A 131 5.20 15.29 -19.45
C ASP A 131 5.26 15.46 -20.95
N GLY A 132 5.32 14.35 -21.71
CA GLY A 132 5.34 14.45 -23.15
C GLY A 132 6.66 15.02 -23.63
N ASP A 133 7.76 14.82 -22.87
CA ASP A 133 9.04 15.36 -23.28
C ASP A 133 9.78 14.35 -24.11
N GLY A 134 9.16 13.18 -24.41
CA GLY A 134 9.80 12.17 -25.21
C GLY A 134 10.71 11.33 -24.36
N GLN A 135 10.73 11.58 -23.03
CA GLN A 135 11.62 10.83 -22.17
C GLN A 135 10.88 10.44 -20.91
N VAL A 136 11.40 9.39 -20.23
CA VAL A 136 10.80 8.93 -19.01
C VAL A 136 11.71 9.37 -17.90
N ASN A 137 11.18 10.23 -17.01
CA ASN A 137 11.94 10.74 -15.90
C ASN A 137 11.63 9.89 -14.71
N TYR A 138 12.33 10.16 -13.57
CA TYR A 138 12.12 9.37 -12.38
C TYR A 138 10.71 9.50 -11.88
N GLU A 139 10.08 10.69 -12.02
CA GLU A 139 8.73 10.87 -11.56
C GLU A 139 7.79 10.02 -12.38
N GLU A 140 8.04 9.97 -13.70
CA GLU A 140 7.21 9.20 -14.60
C GLU A 140 7.38 7.73 -14.30
N PHE A 141 8.63 7.32 -13.96
CA PHE A 141 8.92 5.94 -13.65
C PHE A 141 8.12 5.54 -12.42
N VAL A 142 8.09 6.42 -11.39
CA VAL A 142 7.37 6.11 -10.17
C VAL A 142 5.92 5.90 -10.50
N GLN A 143 5.33 6.76 -11.37
CA GLN A 143 3.92 6.62 -11.72
C GLN A 143 3.70 5.29 -12.41
N MET A 144 4.65 4.87 -13.27
CA MET A 144 4.53 3.60 -13.96
C MET A 144 4.54 2.47 -12.94
N MET A 145 5.42 2.55 -11.93
CA MET A 145 5.51 1.50 -10.93
C MET A 145 4.33 1.54 -9.99
N THR A 146 3.68 2.71 -9.83
CA THR A 146 2.54 2.80 -8.93
C THR A 146 1.27 2.71 -9.73
N ALA A 147 1.38 2.29 -11.01
CA ALA A 147 0.22 2.18 -11.86
C ALA A 147 -0.69 1.12 -11.29
N LYS A 148 -2.02 1.41 -11.31
CA LYS A 148 -3.00 0.48 -10.79
C LYS A 148 -2.72 0.24 -9.30
N ALA B 1 20.73 -5.73 -6.13
CA ALA B 1 20.02 -6.66 -5.22
C ALA B 1 18.54 -6.44 -5.26
N LEU B 2 17.90 -6.82 -6.39
CA LEU B 2 16.48 -6.65 -6.54
C LEU B 2 15.87 -8.00 -6.30
N SER B 3 14.88 -8.08 -5.39
CA SER B 3 14.27 -9.36 -5.09
C SER B 3 13.42 -9.81 -6.24
N LYS B 4 13.23 -11.14 -6.33
CA LYS B 4 12.45 -11.73 -7.39
C LYS B 4 11.00 -11.31 -7.25
N ASP B 5 10.50 -11.26 -5.99
CA ASP B 5 9.10 -10.93 -5.78
C ASP B 5 8.83 -9.54 -6.31
N LYS B 6 9.74 -8.58 -6.06
CA LYS B 6 9.52 -7.23 -6.54
C LYS B 6 9.65 -7.22 -8.04
N GLU B 7 10.63 -7.97 -8.59
CA GLU B 7 10.83 -8.01 -10.02
C GLU B 7 9.60 -8.55 -10.70
N GLU B 8 8.99 -9.61 -10.12
CA GLU B 8 7.80 -10.19 -10.71
C GLU B 8 6.68 -9.18 -10.71
N GLU B 9 6.55 -8.39 -9.62
CA GLU B 9 5.48 -7.40 -9.55
C GLU B 9 5.70 -6.37 -10.61
N ILE B 10 6.97 -5.97 -10.83
CA ILE B 10 7.29 -4.97 -11.82
C ILE B 10 6.94 -5.52 -13.18
N ARG B 11 7.27 -6.82 -13.41
CA ARG B 11 6.99 -7.46 -14.67
C ARG B 11 5.50 -7.45 -14.94
N LYS B 12 4.68 -7.77 -13.90
CA LYS B 12 3.25 -7.83 -14.07
C LYS B 12 2.71 -6.48 -14.47
N ILE B 13 3.25 -5.39 -13.86
CA ILE B 13 2.79 -4.06 -14.18
C ILE B 13 3.06 -3.77 -15.64
N LEU B 14 4.29 -4.06 -16.11
CA LEU B 14 4.64 -3.79 -17.48
C LEU B 14 3.84 -4.66 -18.41
N ARG B 15 3.58 -5.92 -18.00
CA ARG B 15 2.79 -6.81 -18.84
C ARG B 15 1.41 -6.24 -19.00
N ASN B 16 0.86 -5.62 -17.94
CA ASN B 16 -0.47 -5.05 -17.99
C ASN B 16 -0.53 -3.97 -19.05
N ASN B 17 0.44 -3.04 -19.09
CA ASN B 17 0.39 -1.99 -20.10
C ASN B 17 0.81 -2.55 -21.43
N LEU B 18 1.66 -3.60 -21.43
CA LEU B 18 2.12 -4.20 -22.66
C LEU B 18 0.94 -4.75 -23.42
N GLN B 19 0.03 -5.46 -22.72
CA GLN B 19 -1.12 -6.04 -23.40
C GLN B 19 -2.00 -4.95 -23.95
N LYS B 20 -2.20 -3.86 -23.19
CA LYS B 20 -3.03 -2.77 -23.66
C LYS B 20 -2.37 -2.13 -24.85
N THR B 21 -1.03 -1.98 -24.81
CA THR B 21 -0.30 -1.37 -25.90
C THR B 21 -0.41 -2.24 -27.11
N ARG B 22 -0.29 -3.58 -26.92
CA ARG B 22 -0.36 -4.50 -28.03
C ARG B 22 -1.71 -4.39 -28.69
N GLN B 23 -2.80 -4.29 -27.89
CA GLN B 23 -4.13 -4.19 -28.45
C GLN B 23 -4.24 -2.94 -29.28
N ARG B 24 -3.72 -1.81 -28.78
CA ARG B 24 -3.80 -0.57 -29.52
C ARG B 24 -2.95 -0.65 -30.75
N LEU B 25 -1.77 -1.30 -30.67
CA LEU B 25 -0.89 -1.41 -31.81
C LEU B 25 -1.55 -2.26 -32.87
N ARG B 26 -2.16 -3.40 -32.47
CA ARG B 26 -2.82 -4.25 -33.44
C ARG B 26 -3.97 -3.51 -34.06
N SER B 27 -4.70 -2.71 -33.24
CA SER B 27 -5.83 -1.96 -33.74
C SER B 27 -5.37 -0.97 -34.78
N TYR B 28 -4.19 -0.36 -34.56
CA TYR B 28 -3.67 0.62 -35.49
C TYR B 28 -3.19 -0.10 -36.72
N ASN B 29 -2.57 -1.29 -36.56
CA ASN B 29 -2.07 -2.04 -37.69
C ASN B 29 -3.23 -2.41 -38.59
N ARG B 30 -4.39 -2.77 -37.99
CA ARG B 30 -5.54 -3.15 -38.78
C ARG B 30 -6.10 -1.97 -39.52
N HIS B 31 -5.77 -0.73 -39.07
CA HIS B 31 -6.29 0.45 -39.71
C HIS B 31 -5.46 0.74 -40.93
N THR B 32 -4.35 -0.01 -41.14
CA THR B 32 -3.51 0.21 -42.29
C THR B 32 -4.31 -0.11 -43.53
N LEU B 33 -5.08 -1.23 -43.46
CA LEU B 33 -5.91 -1.65 -44.58
C LEU B 33 -5.02 -2.17 -45.67
N VAL B 34 -5.63 -2.54 -46.82
CA VAL B 34 -4.87 -3.05 -47.92
C VAL B 34 -5.57 -2.62 -49.17
N ALA B 35 -4.80 -2.30 -50.23
CA ALA B 35 -5.40 -1.87 -51.46
C ALA B 35 -4.47 -2.27 -52.56
N ASP B 36 -5.02 -2.48 -53.78
CA ASP B 36 -4.20 -2.87 -54.90
C ASP B 36 -3.75 -1.60 -55.62
N ALA C 1 3.64 -13.14 32.38
CA ALA C 1 4.60 -12.17 32.96
C ALA C 1 4.65 -10.91 32.13
N LEU C 2 3.49 -10.22 32.03
CA LEU C 2 3.41 -9.00 31.26
C LEU C 2 3.38 -7.88 32.26
N SER C 3 4.25 -6.87 32.07
CA SER C 3 4.32 -5.75 32.98
C SER C 3 3.04 -4.97 32.89
N LYS C 4 2.59 -4.45 34.07
CA LYS C 4 1.38 -3.66 34.15
C LYS C 4 1.54 -2.40 33.33
N ASP C 5 2.81 -1.97 33.13
CA ASP C 5 3.08 -0.76 32.38
C ASP C 5 2.52 -0.91 30.99
N LYS C 6 2.58 -2.13 30.41
CA LYS C 6 2.07 -2.35 29.08
C LYS C 6 0.57 -2.15 29.10
N GLU C 7 -0.11 -2.59 30.19
CA GLU C 7 -1.54 -2.43 30.29
C GLU C 7 -1.85 -0.95 30.36
N GLU C 8 -1.05 -0.19 31.13
CA GLU C 8 -1.26 1.24 31.25
C GLU C 8 -1.04 1.88 29.91
N GLU C 9 -0.06 1.36 29.15
CA GLU C 9 0.29 1.87 27.85
C GLU C 9 -0.91 1.78 26.93
N ILE C 10 -1.80 0.78 27.14
CA ILE C 10 -2.95 0.62 26.26
C ILE C 10 -3.76 1.88 26.27
N ARG C 11 -3.87 2.56 27.43
CA ARG C 11 -4.67 3.77 27.48
C ARG C 11 -4.14 4.75 26.48
N LYS C 12 -2.80 4.92 26.41
CA LYS C 12 -2.23 5.85 25.47
C LYS C 12 -2.40 5.33 24.06
N ILE C 13 -2.19 4.01 23.86
CA ILE C 13 -2.28 3.42 22.53
C ILE C 13 -3.70 3.50 22.02
N LEU C 14 -4.67 3.16 22.87
CA LEU C 14 -6.05 3.19 22.48
C LEU C 14 -6.53 4.60 22.34
N ARG C 15 -6.11 5.49 23.27
CA ARG C 15 -6.55 6.87 23.21
C ARG C 15 -6.04 7.50 21.94
N ASN C 16 -4.77 7.20 21.55
CA ASN C 16 -4.23 7.77 20.34
C ASN C 16 -5.06 7.31 19.17
N ASN C 17 -5.46 6.01 19.17
CA ASN C 17 -6.27 5.48 18.09
C ASN C 17 -7.62 6.17 18.10
N LEU C 18 -8.15 6.40 19.32
CA LEU C 18 -9.44 7.03 19.49
C LEU C 18 -9.41 8.44 18.97
N GLN C 19 -8.31 9.18 19.24
CA GLN C 19 -8.23 10.57 18.80
C GLN C 19 -8.26 10.63 17.30
N LYS C 20 -7.55 9.70 16.61
CA LYS C 20 -7.54 9.70 15.17
C LYS C 20 -8.93 9.39 14.67
N THR C 21 -9.60 8.45 15.35
CA THR C 21 -10.94 8.06 14.98
C THR C 21 -11.88 9.23 15.17
N ARG C 22 -11.71 9.96 16.30
CA ARG C 22 -12.56 11.09 16.61
C ARG C 22 -12.40 12.16 15.56
N GLN C 23 -11.16 12.40 15.08
CA GLN C 23 -10.95 13.43 14.09
C GLN C 23 -11.73 13.11 12.84
N ARG C 24 -11.71 11.83 12.40
CA ARG C 24 -12.44 11.46 11.21
C ARG C 24 -13.92 11.58 11.46
N LEU C 25 -14.39 11.18 12.66
CA LEU C 25 -15.80 11.25 12.97
C LEU C 25 -16.24 12.69 12.96
N ARG C 26 -15.40 13.59 13.51
CA ARG C 26 -15.73 15.00 13.56
C ARG C 26 -15.79 15.54 12.16
N SER C 27 -14.89 15.08 11.28
CA SER C 27 -14.85 15.55 9.92
C SER C 27 -16.15 15.21 9.24
N TYR C 28 -16.69 13.99 9.48
CA TYR C 28 -17.92 13.59 8.85
C TYR C 28 -19.02 13.70 9.87
N ASN C 29 -19.22 14.91 10.43
CA ASN C 29 -20.26 15.11 11.42
C ASN C 29 -21.57 15.34 10.72
N ARG C 30 -21.55 15.42 9.37
CA ARG C 30 -22.75 15.64 8.61
C ARG C 30 -23.61 14.41 8.66
N HIS C 31 -22.98 13.23 8.91
CA HIS C 31 -23.71 11.99 8.97
C HIS C 31 -24.60 11.95 10.18
N THR C 32 -24.26 12.73 11.24
CA THR C 32 -25.05 12.71 12.44
C THR C 32 -25.95 13.92 12.42
N LEU C 33 -27.28 13.66 12.46
CA LEU C 33 -28.33 14.67 12.45
C LEU C 33 -29.36 14.21 11.48
N VAL C 34 -29.14 14.51 10.17
CA VAL C 34 -30.08 14.10 9.15
C VAL C 34 -29.29 13.36 8.13
N ALA C 35 -29.72 12.12 7.80
CA ALA C 35 -29.02 11.33 6.83
C ALA C 35 -30.03 10.46 6.16
N ASP C 36 -29.75 10.07 4.89
CA ASP C 36 -30.67 9.22 4.17
C ASP C 36 -30.18 7.77 4.34
N ALA A 1 12.21 -13.22 7.37
CA ALA A 1 10.95 -13.96 7.65
C ALA A 1 10.06 -13.16 8.56
N ASP A 2 10.64 -12.52 9.60
CA ASP A 2 9.86 -11.74 10.52
C ASP A 2 9.96 -10.32 10.09
N GLN A 3 8.80 -9.68 9.83
CA GLN A 3 8.78 -8.30 9.41
C GLN A 3 9.22 -7.44 10.57
N LEU A 4 8.79 -7.80 11.79
CA LEU A 4 9.15 -7.04 12.95
C LEU A 4 10.38 -7.65 13.57
N THR A 5 11.27 -6.78 14.08
CA THR A 5 12.48 -7.25 14.70
C THR A 5 12.15 -7.64 16.12
N GLU A 6 13.10 -8.33 16.79
CA GLU A 6 12.90 -8.79 18.14
C GLU A 6 12.69 -7.61 19.07
N GLU A 7 13.46 -6.52 18.89
CA GLU A 7 13.33 -5.38 19.77
C GLU A 7 11.97 -4.73 19.59
N GLN A 8 11.45 -4.72 18.34
CA GLN A 8 10.16 -4.12 18.09
C GLN A 8 9.11 -4.98 18.75
N ILE A 9 9.26 -6.32 18.69
CA ILE A 9 8.30 -7.21 19.29
C ILE A 9 8.31 -7.02 20.78
N ALA A 10 9.52 -6.85 21.39
CA ALA A 10 9.61 -6.66 22.82
C ALA A 10 8.88 -5.40 23.21
N GLU A 11 9.03 -4.31 22.41
CA GLU A 11 8.34 -3.08 22.70
C GLU A 11 6.86 -3.29 22.53
N PHE A 12 6.48 -4.09 21.51
CA PHE A 12 5.08 -4.36 21.25
C PHE A 12 4.47 -5.08 22.41
N LYS A 13 5.24 -5.99 23.04
CA LYS A 13 4.72 -6.75 24.15
C LYS A 13 4.32 -5.80 25.25
N GLU A 14 5.13 -4.75 25.48
CA GLU A 14 4.82 -3.78 26.51
C GLU A 14 3.55 -3.07 26.14
N ALA A 15 3.36 -2.76 24.83
CA ALA A 15 2.17 -2.08 24.38
C ALA A 15 0.94 -2.93 24.63
N PHE A 16 1.02 -4.25 24.39
CA PHE A 16 -0.13 -5.11 24.61
C PHE A 16 -0.38 -5.18 26.08
N SER A 17 0.71 -5.20 26.86
CA SER A 17 0.63 -5.25 28.30
C SER A 17 -0.07 -4.01 28.81
N LEU A 18 -0.03 -2.90 28.03
CA LEU A 18 -0.68 -1.69 28.45
C LEU A 18 -2.16 -1.92 28.48
N PHE A 19 -2.68 -2.55 27.42
CA PHE A 19 -4.09 -2.81 27.35
C PHE A 19 -4.43 -3.93 28.29
N ASP A 20 -3.55 -4.95 28.39
CA ASP A 20 -3.81 -6.05 29.26
C ASP A 20 -3.30 -5.69 30.64
N LYS A 21 -4.01 -4.75 31.31
CA LYS A 21 -3.62 -4.28 32.62
C LYS A 21 -3.69 -5.39 33.63
N ASP A 22 -4.72 -6.28 33.54
CA ASP A 22 -4.85 -7.33 34.54
C ASP A 22 -3.90 -8.45 34.28
N GLY A 23 -3.23 -8.48 33.10
CA GLY A 23 -2.27 -9.52 32.81
C GLY A 23 -2.91 -10.87 32.72
N ASP A 24 -4.19 -10.96 32.28
CA ASP A 24 -4.83 -12.27 32.18
C ASP A 24 -4.57 -12.86 30.83
N GLY A 25 -3.77 -12.16 29.98
CA GLY A 25 -3.44 -12.68 28.68
C GLY A 25 -4.44 -12.25 27.64
N THR A 26 -5.57 -11.65 28.07
CA THR A 26 -6.57 -11.24 27.11
C THR A 26 -6.98 -9.82 27.37
N ILE A 27 -7.52 -9.16 26.33
CA ILE A 27 -7.99 -7.80 26.44
C ILE A 27 -9.47 -7.84 26.22
N THR A 28 -10.24 -7.24 27.16
CA THR A 28 -11.68 -7.24 27.06
C THR A 28 -12.15 -5.81 26.97
N THR A 29 -13.50 -5.64 26.87
CA THR A 29 -14.10 -4.33 26.74
C THR A 29 -13.76 -3.51 27.96
N LYS A 30 -13.86 -4.10 29.17
CA LYS A 30 -13.59 -3.36 30.38
C LYS A 30 -12.15 -2.91 30.39
N GLU A 31 -11.22 -3.78 29.96
CA GLU A 31 -9.82 -3.41 29.98
C GLU A 31 -9.57 -2.37 28.92
N LEU A 32 -10.20 -2.51 27.74
CA LEU A 32 -10.00 -1.57 26.66
C LEU A 32 -10.56 -0.23 27.07
N GLY A 33 -11.76 -0.23 27.71
CA GLY A 33 -12.39 0.99 28.15
C GLY A 33 -11.52 1.66 29.17
N THR A 34 -10.90 0.88 30.06
CA THR A 34 -10.05 1.44 31.10
C THR A 34 -8.88 2.16 30.45
N VAL A 35 -8.29 1.54 29.40
CA VAL A 35 -7.16 2.15 28.73
C VAL A 35 -7.60 3.44 28.09
N MET A 36 -8.78 3.44 27.43
CA MET A 36 -9.28 4.63 26.79
C MET A 36 -9.51 5.69 27.84
N ARG A 37 -10.08 5.31 29.00
CA ARG A 37 -10.35 6.26 30.05
C ARG A 37 -9.04 6.85 30.54
N SER A 38 -8.00 5.98 30.67
CA SER A 38 -6.71 6.43 31.14
C SER A 38 -6.13 7.43 30.17
N LEU A 39 -6.41 7.25 28.86
CA LEU A 39 -5.88 8.16 27.86
C LEU A 39 -6.76 9.39 27.77
N GLY A 40 -7.87 9.42 28.53
CA GLY A 40 -8.73 10.60 28.52
C GLY A 40 -9.69 10.52 27.37
N GLN A 41 -9.92 9.31 26.81
CA GLN A 41 -10.85 9.18 25.71
C GLN A 41 -12.08 8.51 26.26
N ASN A 42 -13.26 8.88 25.74
CA ASN A 42 -14.49 8.30 26.22
C ASN A 42 -15.33 7.88 25.05
N PRO A 43 -15.02 6.72 24.50
CA PRO A 43 -15.77 6.18 23.38
C PRO A 43 -17.05 5.53 23.81
N THR A 44 -17.97 5.29 22.86
CA THR A 44 -19.23 4.67 23.20
C THR A 44 -19.01 3.19 23.34
N GLU A 45 -19.95 2.51 24.02
CA GLU A 45 -19.85 1.07 24.23
C GLU A 45 -19.93 0.36 22.91
N ALA A 46 -20.78 0.86 21.98
CA ALA A 46 -20.94 0.23 20.69
C ALA A 46 -19.62 0.26 19.96
N GLU A 47 -18.89 1.39 20.04
CA GLU A 47 -17.63 1.49 19.36
C GLU A 47 -16.64 0.53 19.97
N LEU A 48 -16.65 0.39 21.31
CA LEU A 48 -15.70 -0.49 21.97
C LEU A 48 -15.92 -1.93 21.57
N GLN A 49 -17.19 -2.39 21.50
CA GLN A 49 -17.44 -3.77 21.13
C GLN A 49 -17.14 -3.97 19.67
N ASP A 50 -17.35 -2.92 18.85
CA ASP A 50 -17.08 -3.02 17.43
C ASP A 50 -15.60 -3.23 17.21
N MET A 51 -14.76 -2.54 18.02
CA MET A 51 -13.33 -2.67 17.87
C MET A 51 -12.92 -4.08 18.19
N ILE A 52 -13.53 -4.69 19.23
CA ILE A 52 -13.18 -6.05 19.58
C ILE A 52 -13.55 -6.97 18.45
N ASN A 53 -14.77 -6.81 17.89
CA ASN A 53 -15.21 -7.68 16.82
C ASN A 53 -14.32 -7.52 15.61
N GLU A 54 -13.89 -6.27 15.30
CA GLU A 54 -13.07 -6.02 14.14
C GLU A 54 -11.73 -6.70 14.27
N VAL A 55 -11.11 -6.64 15.47
CA VAL A 55 -9.80 -7.22 15.64
C VAL A 55 -9.91 -8.66 16.06
N ASP A 56 -11.14 -9.18 16.23
CA ASP A 56 -11.28 -10.55 16.66
C ASP A 56 -11.20 -11.44 15.45
N ALA A 57 -9.96 -11.64 14.94
CA ALA A 57 -9.74 -12.45 13.76
C ALA A 57 -10.12 -13.88 13.99
N ASP A 58 -9.84 -14.42 15.21
CA ASP A 58 -10.14 -15.82 15.46
C ASP A 58 -11.59 -16.00 15.76
N GLY A 59 -12.30 -14.89 16.08
CA GLY A 59 -13.71 -14.97 16.34
C GLY A 59 -13.97 -15.75 17.60
N ASN A 60 -13.02 -15.73 18.56
CA ASN A 60 -13.22 -16.46 19.79
C ASN A 60 -13.89 -15.57 20.82
N GLY A 61 -14.30 -14.35 20.40
CA GLY A 61 -14.99 -13.45 21.28
C GLY A 61 -14.02 -12.70 22.14
N THR A 62 -12.70 -12.93 21.98
CA THR A 62 -11.74 -12.23 22.81
C THR A 62 -10.59 -11.75 21.96
N ILE A 63 -9.83 -10.79 22.55
CA ILE A 63 -8.68 -10.25 21.87
C ILE A 63 -7.48 -10.81 22.56
N ASP A 64 -6.64 -11.51 21.77
CA ASP A 64 -5.44 -12.09 22.31
C ASP A 64 -4.31 -11.21 21.86
N PHE A 65 -3.11 -11.41 22.44
CA PHE A 65 -1.96 -10.60 22.12
C PHE A 65 -1.64 -10.64 20.63
N PRO A 66 -1.57 -11.79 19.99
CA PRO A 66 -1.28 -11.83 18.55
C PRO A 66 -2.30 -11.13 17.70
N GLU A 67 -3.58 -11.08 18.16
CA GLU A 67 -4.61 -10.42 17.39
C GLU A 67 -4.29 -8.94 17.34
N PHE A 68 -3.83 -8.36 18.48
CA PHE A 68 -3.49 -6.96 18.52
C PHE A 68 -2.21 -6.74 17.76
N LEU A 69 -1.27 -7.71 17.81
CA LEU A 69 -0.01 -7.58 17.11
C LEU A 69 -0.28 -7.43 15.64
N THR A 70 -1.19 -8.27 15.09
CA THR A 70 -1.48 -8.22 13.68
C THR A 70 -2.11 -6.89 13.33
N MET A 71 -3.09 -6.43 14.15
CA MET A 71 -3.76 -5.18 13.89
C MET A 71 -2.81 -4.01 13.97
N MET A 72 -1.98 -3.96 15.03
CA MET A 72 -1.05 -2.86 15.21
C MET A 72 0.05 -2.92 14.18
N ALA A 73 0.39 -4.13 13.70
CA ALA A 73 1.46 -4.28 12.73
C ALA A 73 1.11 -3.56 11.45
N ARG A 74 -0.19 -3.46 11.12
CA ARG A 74 -0.58 -2.79 9.89
C ARG A 74 -0.34 -1.32 10.06
N LYS A 75 0.35 -0.71 9.06
CA LYS A 75 0.65 0.70 9.12
C LYS A 75 0.31 1.29 7.79
N MET A 76 -0.07 2.59 7.78
CA MET A 76 -0.43 3.24 6.55
C MET A 76 0.81 3.81 5.93
N LYS A 77 0.84 3.85 4.57
CA LYS A 77 1.96 4.40 3.83
C LYS A 77 3.22 3.65 4.16
N ASP A 78 3.15 2.31 4.23
CA ASP A 78 4.33 1.54 4.53
C ASP A 78 4.41 0.42 3.53
N THR A 79 3.39 -0.47 3.50
CA THR A 79 3.41 -1.59 2.58
C THR A 79 2.50 -1.28 1.43
N ASP A 80 1.85 -0.10 1.43
CA ASP A 80 0.95 0.26 0.37
C ASP A 80 1.72 0.37 -0.92
N SER A 81 2.92 1.01 -0.88
CA SER A 81 3.72 1.18 -2.06
C SER A 81 4.21 -0.17 -2.55
N GLU A 82 4.55 -1.07 -1.60
CA GLU A 82 5.05 -2.38 -1.98
C GLU A 82 3.95 -3.14 -2.68
N GLU A 83 2.70 -3.03 -2.19
CA GLU A 83 1.60 -3.74 -2.80
C GLU A 83 1.37 -3.21 -4.18
N GLU A 84 1.49 -1.87 -4.36
CA GLU A 84 1.27 -1.29 -5.67
C GLU A 84 2.31 -1.81 -6.63
N ILE A 85 3.58 -1.88 -6.19
CA ILE A 85 4.65 -2.35 -7.04
C ILE A 85 4.40 -3.79 -7.41
N ARG A 86 4.02 -4.63 -6.42
CA ARG A 86 3.77 -6.04 -6.68
C ARG A 86 2.64 -6.19 -7.66
N GLU A 87 1.55 -5.42 -7.47
CA GLU A 87 0.41 -5.49 -8.34
C GLU A 87 0.79 -5.03 -9.72
N ALA A 88 1.64 -3.99 -9.82
CA ALA A 88 2.04 -3.46 -11.11
C ALA A 88 2.75 -4.53 -11.90
N PHE A 89 3.60 -5.35 -11.24
CA PHE A 89 4.31 -6.38 -11.96
C PHE A 89 3.33 -7.37 -12.52
N ARG A 90 2.27 -7.71 -11.76
CA ARG A 90 1.30 -8.67 -12.24
C ARG A 90 0.59 -8.10 -13.44
N VAL A 91 0.26 -6.78 -13.42
CA VAL A 91 -0.44 -6.17 -14.51
C VAL A 91 0.44 -6.07 -15.73
N PHE A 92 1.69 -5.56 -15.56
CA PHE A 92 2.58 -5.39 -16.69
C PHE A 92 3.06 -6.72 -17.21
N ASP A 93 3.30 -7.70 -16.31
CA ASP A 93 3.79 -8.98 -16.75
C ASP A 93 2.62 -9.84 -17.14
N LYS A 94 2.04 -9.57 -18.32
CA LYS A 94 0.89 -10.29 -18.80
C LYS A 94 1.19 -11.75 -19.03
N ASP A 95 2.38 -12.09 -19.57
CA ASP A 95 2.68 -13.48 -19.85
C ASP A 95 3.08 -14.21 -18.59
N GLY A 96 3.33 -13.50 -17.48
CA GLY A 96 3.67 -14.18 -16.24
C GLY A 96 5.01 -14.86 -16.33
N ASN A 97 5.93 -14.37 -17.19
CA ASN A 97 7.22 -15.02 -17.31
C ASN A 97 8.19 -14.38 -16.34
N GLY A 98 7.71 -13.39 -15.56
CA GLY A 98 8.56 -12.75 -14.58
C GLY A 98 9.38 -11.68 -15.24
N TYR A 99 9.21 -11.46 -16.56
CA TYR A 99 10.00 -10.46 -17.23
C TYR A 99 9.13 -9.63 -18.14
N ILE A 100 9.66 -8.44 -18.51
CA ILE A 100 8.95 -7.55 -19.38
C ILE A 100 9.56 -7.69 -20.75
N SER A 101 8.72 -8.03 -21.74
CA SER A 101 9.18 -8.19 -23.09
C SER A 101 8.72 -6.98 -23.85
N ALA A 102 9.28 -6.75 -25.05
CA ALA A 102 8.91 -5.60 -25.84
C ALA A 102 7.44 -5.69 -26.17
N ALA A 103 6.95 -6.91 -26.47
CA ALA A 103 5.55 -7.10 -26.81
C ALA A 103 4.70 -6.71 -25.64
N GLU A 104 5.14 -7.05 -24.41
CA GLU A 104 4.39 -6.73 -23.22
C GLU A 104 4.32 -5.23 -23.05
N LEU A 105 5.43 -4.51 -23.33
CA LEU A 105 5.42 -3.07 -23.19
C LEU A 105 4.49 -2.48 -24.22
N ARG A 106 4.54 -3.01 -25.46
CA ARG A 106 3.68 -2.51 -26.52
C ARG A 106 2.25 -2.73 -26.14
N HIS A 107 1.93 -3.87 -25.50
CA HIS A 107 0.57 -4.17 -25.10
C HIS A 107 0.09 -3.11 -24.13
N VAL A 108 0.97 -2.69 -23.19
CA VAL A 108 0.57 -1.68 -22.22
C VAL A 108 0.25 -0.40 -22.93
N MET A 109 1.12 0.02 -23.88
CA MET A 109 0.91 1.25 -24.61
C MET A 109 -0.32 1.12 -25.45
N THR A 110 -0.57 -0.07 -26.03
CA THR A 110 -1.74 -0.29 -26.86
C THR A 110 -2.97 -0.11 -26.01
N ASN A 111 -2.95 -0.65 -24.76
CA ASN A 111 -4.09 -0.53 -23.87
C ASN A 111 -4.30 0.91 -23.52
N LEU A 112 -3.23 1.74 -23.57
CA LEU A 112 -3.35 3.14 -23.24
C LEU A 112 -4.10 3.83 -24.35
N GLY A 113 -4.30 3.15 -25.50
CA GLY A 113 -5.01 3.75 -26.61
C GLY A 113 -4.07 4.61 -27.38
N GLU A 114 -2.75 4.36 -27.25
CA GLU A 114 -1.78 5.16 -27.96
C GLU A 114 -1.07 4.26 -28.92
N LYS A 115 -0.82 4.77 -30.15
CA LYS A 115 -0.13 3.99 -31.14
C LYS A 115 1.30 4.44 -31.11
N LEU A 116 2.24 3.48 -30.96
CA LEU A 116 3.63 3.82 -30.91
C LEU A 116 4.34 2.92 -31.88
N THR A 117 5.29 3.48 -32.66
CA THR A 117 6.01 2.68 -33.63
C THR A 117 6.99 1.80 -32.90
N ASP A 118 7.37 0.67 -33.54
CA ASP A 118 8.28 -0.29 -32.95
C ASP A 118 9.63 0.32 -32.70
N GLU A 119 10.11 1.18 -33.62
CA GLU A 119 11.42 1.78 -33.47
C GLU A 119 11.48 2.59 -32.21
N GLU A 120 10.42 3.40 -31.94
CA GLU A 120 10.40 4.22 -30.75
C GLU A 120 10.28 3.35 -29.53
N VAL A 121 9.47 2.28 -29.60
CA VAL A 121 9.30 1.39 -28.46
C VAL A 121 10.63 0.78 -28.12
N ASP A 122 11.37 0.33 -29.14
CA ASP A 122 12.67 -0.28 -28.93
C ASP A 122 13.59 0.72 -28.29
N GLU A 123 13.54 2.00 -28.74
CA GLU A 123 14.41 3.01 -28.18
C GLU A 123 14.09 3.22 -26.72
N MET A 124 12.79 3.26 -26.37
CA MET A 124 12.40 3.48 -24.99
C MET A 124 12.90 2.35 -24.14
N ILE A 125 12.75 1.10 -24.64
CA ILE A 125 13.18 -0.06 -23.90
C ILE A 125 14.67 -0.03 -23.76
N ARG A 126 15.39 0.30 -24.86
CA ARG A 126 16.84 0.33 -24.83
C ARG A 126 17.30 1.35 -23.82
N GLU A 127 16.66 2.55 -23.78
CA GLU A 127 17.07 3.58 -22.86
C GLU A 127 16.88 3.12 -21.44
N ALA A 128 15.77 2.42 -21.15
CA ALA A 128 15.51 1.96 -19.81
C ALA A 128 16.21 0.65 -19.57
N ASP A 129 16.94 0.14 -20.59
CA ASP A 129 17.62 -1.11 -20.44
C ASP A 129 19.00 -0.82 -19.89
N ILE A 130 19.09 -0.75 -18.54
CA ILE A 130 20.32 -0.43 -17.87
C ILE A 130 21.34 -1.52 -18.11
N ASP A 131 20.93 -2.80 -17.98
CA ASP A 131 21.86 -3.90 -18.15
C ASP A 131 22.18 -4.11 -19.60
N GLY A 132 21.33 -3.59 -20.51
CA GLY A 132 21.60 -3.74 -21.93
C GLY A 132 21.40 -5.16 -22.37
N ASP A 133 20.54 -5.94 -21.67
CA ASP A 133 20.32 -7.32 -22.04
C ASP A 133 19.17 -7.43 -23.01
N GLY A 134 18.59 -6.29 -23.44
CA GLY A 134 17.50 -6.32 -24.39
C GLY A 134 16.21 -6.57 -23.68
N GLN A 135 16.22 -6.65 -22.33
CA GLN A 135 15.00 -6.91 -21.60
C GLN A 135 14.93 -6.01 -20.40
N VAL A 136 13.70 -5.80 -19.89
CA VAL A 136 13.51 -4.98 -18.73
C VAL A 136 13.21 -5.92 -17.61
N ASN A 137 14.11 -5.96 -16.61
CA ASN A 137 13.96 -6.83 -15.48
C ASN A 137 13.22 -6.08 -14.41
N TYR A 138 12.95 -6.76 -13.27
CA TYR A 138 12.22 -6.14 -12.20
C TYR A 138 12.96 -4.94 -11.65
N GLU A 139 14.30 -5.00 -11.59
CA GLU A 139 15.06 -3.88 -11.07
C GLU A 139 14.93 -2.71 -12.01
N GLU A 140 14.99 -2.99 -13.33
CA GLU A 140 14.89 -1.96 -14.34
C GLU A 140 13.50 -1.38 -14.32
N PHE A 141 12.47 -2.24 -14.10
CA PHE A 141 11.10 -1.80 -14.06
C PHE A 141 10.90 -0.84 -12.92
N VAL A 142 11.56 -1.09 -11.76
CA VAL A 142 11.40 -0.23 -10.61
C VAL A 142 11.87 1.15 -10.99
N GLN A 143 12.99 1.25 -11.76
CA GLN A 143 13.51 2.53 -12.16
C GLN A 143 12.49 3.25 -13.01
N MET A 144 11.76 2.52 -13.87
CA MET A 144 10.75 3.12 -14.73
C MET A 144 9.68 3.77 -13.89
N MET A 145 9.24 3.06 -12.82
CA MET A 145 8.20 3.59 -11.95
C MET A 145 8.71 4.73 -11.12
N THR A 146 10.04 4.81 -10.87
CA THR A 146 10.57 5.89 -10.08
C THR A 146 11.02 6.99 -11.00
N ALA A 147 10.72 6.86 -12.31
CA ALA A 147 11.12 7.86 -13.27
C ALA A 147 10.31 9.10 -13.03
N LYS A 148 10.96 10.27 -13.13
CA LYS A 148 10.27 11.52 -12.91
C LYS A 148 9.91 12.11 -14.28
N ALA B 1 -7.34 -5.02 -12.12
CA ALA B 1 -8.21 -4.45 -11.07
C ALA B 1 -7.45 -3.46 -10.22
N LEU B 2 -6.91 -2.41 -10.88
CA LEU B 2 -6.16 -1.41 -10.15
C LEU B 2 -7.05 -0.21 -9.99
N SER B 3 -6.83 0.55 -8.90
CA SER B 3 -7.61 1.74 -8.65
C SER B 3 -7.23 2.75 -9.71
N LYS B 4 -8.19 3.61 -10.10
CA LYS B 4 -7.93 4.60 -11.12
C LYS B 4 -6.84 5.53 -10.69
N ASP B 5 -6.79 5.89 -9.39
CA ASP B 5 -5.76 6.81 -8.94
C ASP B 5 -4.40 6.18 -9.16
N LYS B 6 -4.27 4.86 -8.87
CA LYS B 6 -3.01 4.19 -9.04
C LYS B 6 -2.72 4.01 -10.51
N GLU B 7 -3.75 3.63 -11.30
CA GLU B 7 -3.56 3.40 -12.71
C GLU B 7 -3.17 4.68 -13.40
N GLU B 8 -3.84 5.79 -13.05
CA GLU B 8 -3.54 7.06 -13.67
C GLU B 8 -2.14 7.49 -13.31
N GLU B 9 -1.69 7.22 -12.06
CA GLU B 9 -0.36 7.62 -11.66
C GLU B 9 0.66 6.90 -12.52
N ILE B 10 0.43 5.58 -12.73
CA ILE B 10 1.33 4.79 -13.55
C ILE B 10 1.29 5.31 -14.97
N ARG B 11 0.07 5.61 -15.46
CA ARG B 11 -0.11 6.09 -16.81
C ARG B 11 0.62 7.39 -16.99
N LYS B 12 0.54 8.31 -16.00
CA LYS B 12 1.19 9.59 -16.11
C LYS B 12 2.68 9.40 -16.21
N ILE B 13 3.26 8.44 -15.45
CA ILE B 13 4.69 8.22 -15.49
C ILE B 13 5.10 7.82 -16.88
N LEU B 14 4.38 6.86 -17.50
CA LEU B 14 4.73 6.41 -18.82
C LEU B 14 4.51 7.52 -19.80
N ARG B 15 3.43 8.31 -19.63
CA ARG B 15 3.16 9.41 -20.52
C ARG B 15 4.27 10.42 -20.42
N ASN B 16 4.78 10.67 -19.19
CA ASN B 16 5.82 11.65 -19.00
C ASN B 16 7.07 11.26 -19.75
N ASN B 17 7.50 9.98 -19.68
CA ASN B 17 8.70 9.59 -20.40
C ASN B 17 8.37 9.45 -21.86
N LEU B 18 7.12 9.08 -22.19
CA LEU B 18 6.71 8.92 -23.57
C LEU B 18 6.81 10.23 -24.30
N GLN B 19 6.31 11.33 -23.68
CA GLN B 19 6.34 12.62 -24.31
C GLN B 19 7.76 13.07 -24.50
N LYS B 20 8.64 12.84 -23.49
CA LYS B 20 10.01 13.25 -23.60
C LYS B 20 10.68 12.46 -24.71
N THR B 21 10.37 11.15 -24.80
CA THR B 21 10.97 10.31 -25.81
C THR B 21 10.49 10.76 -27.17
N ARG B 22 9.18 11.06 -27.28
CA ARG B 22 8.62 11.49 -28.56
C ARG B 22 9.28 12.77 -28.99
N GLN B 23 9.43 13.74 -28.06
CA GLN B 23 10.02 15.01 -28.39
C GLN B 23 11.46 14.80 -28.81
N ARG B 24 12.21 13.96 -28.06
CA ARG B 24 13.60 13.70 -28.38
C ARG B 24 13.69 13.03 -29.72
N LEU B 25 12.82 12.03 -29.97
CA LEU B 25 12.85 11.29 -31.21
C LEU B 25 12.56 12.24 -32.36
N ARG B 26 11.54 13.11 -32.19
CA ARG B 26 11.17 14.05 -33.23
C ARG B 26 12.31 15.02 -33.47
N SER B 27 12.99 15.44 -32.37
CA SER B 27 14.07 16.38 -32.49
C SER B 27 15.19 15.79 -33.32
N TYR B 28 15.52 14.50 -33.08
CA TYR B 28 16.61 13.89 -33.81
C TYR B 28 16.08 13.26 -35.08
N ASN B 29 15.50 14.08 -35.98
CA ASN B 29 15.01 13.57 -37.24
C ASN B 29 16.14 13.57 -38.23
N ARG B 30 17.27 14.22 -37.87
CA ARG B 30 18.40 14.30 -38.76
C ARG B 30 19.00 12.93 -38.97
N HIS B 31 19.01 12.09 -37.91
CA HIS B 31 19.59 10.77 -38.03
C HIS B 31 18.50 9.74 -38.07
N THR B 32 17.24 10.17 -38.29
CA THR B 32 16.15 9.22 -38.34
C THR B 32 15.55 9.30 -39.71
N LEU B 33 15.53 8.16 -40.44
CA LEU B 33 14.98 8.15 -41.78
C LEU B 33 13.65 7.46 -41.77
N VAL B 34 13.18 7.01 -40.59
CA VAL B 34 11.90 6.33 -40.52
C VAL B 34 11.01 7.15 -39.64
N ALA B 35 9.85 7.57 -40.18
CA ALA B 35 8.93 8.35 -39.41
C ALA B 35 7.55 8.03 -39.91
N ASP B 36 6.54 8.19 -39.03
CA ASP B 36 5.19 7.89 -39.41
C ASP B 36 4.58 9.16 -40.02
N ALA C 1 9.26 1.37 34.46
CA ALA C 1 10.23 2.12 33.61
C ALA C 1 9.80 2.13 32.17
N LEU C 2 8.57 2.61 31.91
CA LEU C 2 8.06 2.67 30.57
C LEU C 2 8.14 4.11 30.15
N SER C 3 8.67 4.35 28.93
CA SER C 3 8.80 5.70 28.43
C SER C 3 7.43 6.30 28.25
N LYS C 4 7.31 7.60 28.57
CA LYS C 4 6.06 8.32 28.46
C LYS C 4 5.65 8.35 27.00
N ASP C 5 6.65 8.43 26.09
CA ASP C 5 6.37 8.50 24.67
C ASP C 5 5.61 7.25 24.26
N LYS C 6 5.98 6.08 24.83
CA LYS C 6 5.30 4.85 24.49
C LYS C 6 3.86 4.94 24.95
N GLU C 7 3.60 5.56 26.12
CA GLU C 7 2.24 5.69 26.61
C GLU C 7 1.48 6.59 25.67
N GLU C 8 2.13 7.68 25.20
CA GLU C 8 1.50 8.61 24.29
C GLU C 8 1.20 7.90 22.99
N GLU C 9 2.09 6.96 22.60
CA GLU C 9 1.94 6.20 21.38
C GLU C 9 0.64 5.44 21.39
N ILE C 10 0.17 5.01 22.60
CA ILE C 10 -1.06 4.24 22.69
C ILE C 10 -2.18 5.06 22.10
N ARG C 11 -2.16 6.39 22.34
CA ARG C 11 -3.22 7.24 21.84
C ARG C 11 -3.25 7.14 20.34
N LYS C 12 -2.06 7.18 19.69
CA LYS C 12 -1.97 7.08 18.26
C LYS C 12 -2.40 5.70 17.83
N ILE C 13 -1.99 4.66 18.60
CA ILE C 13 -2.32 3.29 18.28
C ILE C 13 -3.81 3.11 18.30
N LEU C 14 -4.49 3.62 19.35
CA LEU C 14 -5.93 3.51 19.43
C LEU C 14 -6.59 4.40 18.44
N ARG C 15 -6.05 5.62 18.21
CA ARG C 15 -6.69 6.54 17.29
C ARG C 15 -6.75 5.91 15.92
N ASN C 16 -5.63 5.32 15.46
CA ASN C 16 -5.61 4.71 14.15
C ASN C 16 -6.62 3.58 14.09
N ASN C 17 -6.64 2.74 15.13
CA ASN C 17 -7.55 1.61 15.18
C ASN C 17 -8.99 2.09 15.28
N LEU C 18 -9.21 3.15 16.08
CA LEU C 18 -10.53 3.69 16.30
C LEU C 18 -11.10 4.23 15.01
N GLN C 19 -10.27 4.91 14.20
CA GLN C 19 -10.73 5.50 12.97
C GLN C 19 -11.27 4.46 12.03
N LYS C 20 -10.65 3.25 12.01
CA LYS C 20 -11.12 2.21 11.12
C LYS C 20 -12.53 1.85 11.46
N THR C 21 -12.87 1.79 12.77
CA THR C 21 -14.22 1.43 13.16
C THR C 21 -15.15 2.57 12.84
N ARG C 22 -14.69 3.83 13.00
CA ARG C 22 -15.53 4.97 12.74
C ARG C 22 -15.89 5.00 11.28
N GLN C 23 -14.94 4.63 10.38
CA GLN C 23 -15.22 4.63 8.96
C GLN C 23 -16.32 3.64 8.66
N ARG C 24 -16.32 2.48 9.34
CA ARG C 24 -17.34 1.48 9.11
C ARG C 24 -18.68 2.04 9.53
N LEU C 25 -18.73 2.80 10.64
CA LEU C 25 -19.98 3.36 11.10
C LEU C 25 -20.48 4.38 10.10
N ARG C 26 -19.56 5.18 9.50
CA ARG C 26 -19.95 6.17 8.54
C ARG C 26 -20.48 5.51 7.30
N SER C 27 -20.03 4.27 7.01
CA SER C 27 -20.47 3.57 5.81
C SER C 27 -21.94 3.30 5.88
N TYR C 28 -22.53 3.22 7.09
CA TYR C 28 -23.95 2.95 7.21
C TYR C 28 -24.73 4.18 6.86
N ASN C 29 -24.07 5.36 6.79
CA ASN C 29 -24.77 6.57 6.46
C ASN C 29 -24.90 6.67 4.97
N ARG C 30 -24.28 5.71 4.23
CA ARG C 30 -24.35 5.73 2.80
C ARG C 30 -25.54 4.90 2.37
N HIS C 31 -26.28 4.35 3.36
CA HIS C 31 -27.44 3.55 3.05
C HIS C 31 -28.53 4.44 2.53
N THR C 32 -28.48 5.74 2.89
CA THR C 32 -29.49 6.67 2.43
C THR C 32 -29.16 7.06 1.02
N LEU C 33 -30.16 7.58 0.28
CA LEU C 33 -29.95 7.96 -1.09
C LEU C 33 -29.15 9.24 -1.10
N VAL C 34 -28.18 9.33 -2.02
CA VAL C 34 -27.35 10.50 -2.11
C VAL C 34 -27.27 10.86 -3.57
N ALA C 35 -26.89 12.13 -3.84
CA ALA C 35 -26.78 12.57 -5.22
C ALA C 35 -25.44 13.22 -5.35
N ASP C 36 -24.79 13.01 -6.53
CA ASP C 36 -23.49 13.58 -6.79
C ASP C 36 -22.49 13.04 -5.74
N ALA A 1 -13.00 23.30 9.54
CA ALA A 1 -12.24 23.45 10.80
C ALA A 1 -11.33 22.28 11.01
N ASP A 2 -11.84 21.06 10.78
CA ASP A 2 -11.03 19.87 10.97
C ASP A 2 -10.52 19.46 9.62
N GLN A 3 -9.18 19.48 9.45
CA GLN A 3 -8.59 19.10 8.20
C GLN A 3 -7.38 18.28 8.52
N LEU A 4 -7.03 17.35 7.62
CA LEU A 4 -5.87 16.51 7.83
C LEU A 4 -4.77 17.08 6.99
N THR A 5 -3.57 17.26 7.60
CA THR A 5 -2.46 17.81 6.86
C THR A 5 -1.81 16.69 6.10
N GLU A 6 -0.99 17.06 5.08
CA GLU A 6 -0.31 16.09 4.27
C GLU A 6 0.65 15.29 5.11
N GLU A 7 1.34 15.96 6.06
CA GLU A 7 2.31 15.28 6.89
C GLU A 7 1.63 14.24 7.73
N GLN A 8 0.43 14.55 8.29
CA GLN A 8 -0.27 13.60 9.11
C GLN A 8 -0.74 12.45 8.24
N ILE A 9 -1.20 12.74 7.02
CA ILE A 9 -1.67 11.69 6.13
C ILE A 9 -0.51 10.78 5.78
N ALA A 10 0.68 11.35 5.51
CA ALA A 10 1.82 10.54 5.14
C ALA A 10 2.16 9.62 6.29
N GLU A 11 2.11 10.12 7.54
CA GLU A 11 2.43 9.31 8.68
C GLU A 11 1.35 8.26 8.82
N PHE A 12 0.09 8.65 8.57
CA PHE A 12 -1.02 7.73 8.68
C PHE A 12 -0.87 6.62 7.70
N LYS A 13 -0.42 6.92 6.48
CA LYS A 13 -0.27 5.91 5.47
C LYS A 13 0.73 4.89 5.94
N GLU A 14 1.81 5.35 6.60
CA GLU A 14 2.82 4.44 7.10
C GLU A 14 2.19 3.58 8.16
N ALA A 15 1.31 4.15 9.00
CA ALA A 15 0.67 3.38 10.06
C ALA A 15 -0.20 2.29 9.47
N PHE A 16 -0.92 2.58 8.36
CA PHE A 16 -1.77 1.56 7.76
C PHE A 16 -0.89 0.48 7.22
N SER A 17 0.27 0.89 6.69
CA SER A 17 1.23 -0.04 6.14
C SER A 17 1.67 -0.99 7.24
N LEU A 18 1.77 -0.49 8.49
CA LEU A 18 2.18 -1.31 9.60
C LEU A 18 1.19 -2.42 9.80
N PHE A 19 -0.12 -2.12 9.70
CA PHE A 19 -1.13 -3.13 9.88
C PHE A 19 -1.17 -4.03 8.67
N ASP A 20 -0.99 -3.45 7.47
CA ASP A 20 -1.04 -4.22 6.25
C ASP A 20 0.33 -4.80 6.02
N LYS A 21 0.64 -5.91 6.72
CA LYS A 21 1.92 -6.55 6.62
C LYS A 21 2.17 -7.08 5.22
N ASP A 22 1.15 -7.65 4.54
CA ASP A 22 1.39 -8.19 3.23
C ASP A 22 1.38 -7.12 2.17
N GLY A 23 0.95 -5.88 2.51
CA GLY A 23 0.98 -4.80 1.55
C GLY A 23 0.03 -5.05 0.40
N ASP A 24 -1.09 -5.79 0.62
CA ASP A 24 -2.00 -6.06 -0.47
C ASP A 24 -3.07 -4.99 -0.52
N GLY A 25 -2.98 -3.96 0.37
CA GLY A 25 -3.95 -2.89 0.37
C GLY A 25 -5.16 -3.29 1.15
N THR A 26 -5.18 -4.53 1.69
CA THR A 26 -6.33 -5.00 2.43
C THR A 26 -5.85 -5.53 3.75
N ILE A 27 -6.56 -5.17 4.84
CA ILE A 27 -6.21 -5.64 6.15
C ILE A 27 -7.35 -6.51 6.62
N THR A 28 -7.02 -7.77 7.01
CA THR A 28 -8.04 -8.71 7.43
C THR A 28 -7.78 -9.10 8.86
N THR A 29 -8.62 -10.00 9.40
CA THR A 29 -8.53 -10.45 10.77
C THR A 29 -7.18 -11.07 11.01
N LYS A 30 -6.71 -11.90 10.05
CA LYS A 30 -5.44 -12.57 10.22
C LYS A 30 -4.33 -11.55 10.35
N GLU A 31 -4.34 -10.52 9.48
CA GLU A 31 -3.30 -9.51 9.53
C GLU A 31 -3.44 -8.69 10.78
N LEU A 32 -4.69 -8.33 11.14
CA LEU A 32 -4.93 -7.51 12.32
C LEU A 32 -4.49 -8.27 13.55
N GLY A 33 -4.84 -9.57 13.63
CA GLY A 33 -4.48 -10.38 14.77
C GLY A 33 -2.98 -10.48 14.86
N THR A 34 -2.31 -10.64 13.70
CA THR A 34 -0.87 -10.76 13.68
C THR A 34 -0.25 -9.50 14.24
N VAL A 35 -0.79 -8.33 13.84
CA VAL A 35 -0.26 -7.08 14.32
C VAL A 35 -0.42 -6.97 15.81
N MET A 36 -1.62 -7.33 16.34
CA MET A 36 -1.85 -7.24 17.76
C MET A 36 -0.96 -8.21 18.49
N ARG A 37 -0.78 -9.43 17.94
CA ARG A 37 0.06 -10.43 18.57
C ARG A 37 1.48 -9.94 18.58
N SER A 38 1.92 -9.26 17.50
CA SER A 38 3.26 -8.74 17.41
C SER A 38 3.47 -7.74 18.50
N LEU A 39 2.40 -7.00 18.87
CA LEU A 39 2.50 -5.99 19.91
C LEU A 39 2.46 -6.66 21.27
N GLY A 40 2.25 -8.00 21.31
CA GLY A 40 2.22 -8.70 22.58
C GLY A 40 0.83 -8.75 23.13
N GLN A 41 -0.19 -8.39 22.31
CA GLN A 41 -1.55 -8.41 22.80
C GLN A 41 -2.15 -9.71 22.33
N ASN A 42 -3.10 -10.27 23.10
CA ASN A 42 -3.72 -11.53 22.73
C ASN A 42 -5.21 -11.34 22.70
N PRO A 43 -5.71 -10.85 21.57
CA PRO A 43 -7.13 -10.64 21.39
C PRO A 43 -7.87 -11.91 21.08
N THR A 44 -9.21 -11.91 21.29
CA THR A 44 -9.99 -13.08 21.01
C THR A 44 -10.34 -13.02 19.53
N GLU A 45 -10.56 -14.20 18.90
CA GLU A 45 -10.88 -14.22 17.49
C GLU A 45 -12.22 -13.55 17.25
N ALA A 46 -13.20 -13.80 18.14
CA ALA A 46 -14.51 -13.20 17.99
C ALA A 46 -14.38 -11.71 18.11
N GLU A 47 -13.52 -11.25 19.04
CA GLU A 47 -13.34 -9.84 19.26
C GLU A 47 -12.77 -9.22 18.01
N LEU A 48 -11.78 -9.88 17.37
CA LEU A 48 -11.16 -9.32 16.18
C LEU A 48 -12.19 -9.20 15.08
N GLN A 49 -13.06 -10.23 14.93
CA GLN A 49 -14.06 -10.18 13.88
C GLN A 49 -15.04 -9.06 14.19
N ASP A 50 -15.40 -8.91 15.48
CA ASP A 50 -16.32 -7.88 15.88
C ASP A 50 -15.73 -6.52 15.60
N MET A 51 -14.42 -6.34 15.83
CA MET A 51 -13.79 -5.06 15.61
C MET A 51 -13.91 -4.67 14.17
N ILE A 52 -13.69 -5.63 13.24
CA ILE A 52 -13.78 -5.32 11.83
C ILE A 52 -15.19 -4.92 11.49
N ASN A 53 -16.20 -5.66 11.98
CA ASN A 53 -17.58 -5.37 11.67
C ASN A 53 -17.97 -4.00 12.19
N GLU A 54 -17.50 -3.64 13.39
CA GLU A 54 -17.85 -2.37 14.00
C GLU A 54 -17.38 -1.21 13.17
N VAL A 55 -16.16 -1.32 12.59
CA VAL A 55 -15.62 -0.20 11.85
C VAL A 55 -15.83 -0.41 10.38
N ASP A 56 -16.61 -1.44 9.98
CA ASP A 56 -16.82 -1.67 8.58
C ASP A 56 -18.02 -0.89 8.15
N ALA A 57 -17.86 0.45 8.08
CA ALA A 57 -18.94 1.34 7.71
C ALA A 57 -19.39 1.05 6.29
N ASP A 58 -18.45 0.76 5.37
CA ASP A 58 -18.82 0.52 4.00
C ASP A 58 -19.37 -0.88 3.85
N GLY A 59 -19.14 -1.74 4.86
CA GLY A 59 -19.66 -3.09 4.85
C GLY A 59 -19.08 -3.89 3.71
N ASN A 60 -17.80 -3.64 3.35
CA ASN A 60 -17.20 -4.39 2.28
C ASN A 60 -16.62 -5.68 2.82
N GLY A 61 -16.75 -5.91 4.15
CA GLY A 61 -16.27 -7.13 4.76
C GLY A 61 -14.84 -6.99 5.19
N THR A 62 -14.16 -5.88 4.82
CA THR A 62 -12.76 -5.74 5.20
C THR A 62 -12.49 -4.32 5.59
N ILE A 63 -11.27 -4.08 6.14
CA ILE A 63 -10.88 -2.74 6.52
C ILE A 63 -9.78 -2.38 5.58
N ASP A 64 -9.96 -1.29 4.79
CA ASP A 64 -8.95 -0.89 3.84
C ASP A 64 -8.23 0.30 4.40
N PHE A 65 -7.24 0.82 3.65
CA PHE A 65 -6.46 1.96 4.09
C PHE A 65 -7.34 3.16 4.37
N PRO A 66 -8.20 3.56 3.43
CA PRO A 66 -9.08 4.71 3.67
C PRO A 66 -9.99 4.49 4.84
N GLU A 67 -10.48 3.23 4.95
CA GLU A 67 -11.37 2.86 6.03
C GLU A 67 -10.63 2.99 7.34
N PHE A 68 -9.35 2.58 7.37
CA PHE A 68 -8.55 2.68 8.58
C PHE A 68 -8.32 4.13 8.91
N LEU A 69 -8.16 5.00 7.88
CA LEU A 69 -7.92 6.40 8.14
C LEU A 69 -9.09 6.97 8.88
N THR A 70 -10.33 6.63 8.44
CA THR A 70 -11.50 7.14 9.11
C THR A 70 -11.64 6.45 10.45
N MET A 71 -11.20 5.19 10.54
CA MET A 71 -11.28 4.44 11.78
C MET A 71 -10.43 5.08 12.84
N MET A 72 -9.15 5.38 12.51
CA MET A 72 -8.23 5.96 13.46
C MET A 72 -8.56 7.40 13.74
N ALA A 73 -8.92 8.18 12.69
CA ALA A 73 -9.20 9.59 12.86
C ALA A 73 -10.54 9.77 13.50
N ARG A 74 -11.48 8.83 13.25
CA ARG A 74 -12.82 8.93 13.79
C ARG A 74 -13.47 10.14 13.19
N LYS A 75 -13.08 10.46 11.93
CA LYS A 75 -13.60 11.59 11.22
C LYS A 75 -13.84 11.13 9.82
N MET A 76 -14.78 11.77 9.10
CA MET A 76 -15.06 11.37 7.75
C MET A 76 -14.79 12.53 6.84
N LYS A 77 -14.28 12.24 5.63
CA LYS A 77 -13.98 13.27 4.68
C LYS A 77 -14.12 12.66 3.32
N ASP A 78 -14.31 13.49 2.28
CA ASP A 78 -14.46 12.97 0.93
C ASP A 78 -13.17 13.25 0.20
N THR A 79 -12.29 12.24 0.12
CA THR A 79 -11.03 12.40 -0.59
C THR A 79 -10.85 11.18 -1.43
N ASP A 80 -10.61 11.36 -2.75
CA ASP A 80 -10.43 10.22 -3.62
C ASP A 80 -9.04 10.22 -4.18
N SER A 81 -8.17 11.15 -3.71
CA SER A 81 -6.81 11.21 -4.21
C SER A 81 -6.06 9.99 -3.73
N GLU A 82 -6.36 9.56 -2.48
CA GLU A 82 -5.70 8.41 -1.91
C GLU A 82 -6.08 7.19 -2.69
N GLU A 83 -7.36 7.10 -3.12
CA GLU A 83 -7.82 5.96 -3.87
C GLU A 83 -7.09 5.86 -5.18
N GLU A 84 -6.82 7.01 -5.83
CA GLU A 84 -6.13 7.01 -7.10
C GLU A 84 -4.73 6.46 -6.91
N ILE A 85 -4.04 6.91 -5.84
CA ILE A 85 -2.69 6.46 -5.59
C ILE A 85 -2.72 4.99 -5.27
N ARG A 86 -3.70 4.56 -4.43
CA ARG A 86 -3.82 3.17 -4.05
C ARG A 86 -4.07 2.33 -5.26
N GLU A 87 -4.93 2.81 -6.18
CA GLU A 87 -5.26 2.06 -7.37
C GLU A 87 -4.02 1.85 -8.20
N ALA A 88 -3.14 2.87 -8.32
CA ALA A 88 -1.94 2.72 -9.12
C ALA A 88 -1.10 1.62 -8.54
N PHE A 89 -0.98 1.55 -7.20
CA PHE A 89 -0.19 0.52 -6.57
C PHE A 89 -0.81 -0.82 -6.87
N ARG A 90 -2.15 -0.90 -6.82
CA ARG A 90 -2.82 -2.16 -7.07
C ARG A 90 -2.58 -2.61 -8.49
N VAL A 91 -2.65 -1.66 -9.46
CA VAL A 91 -2.46 -2.01 -10.85
C VAL A 91 -1.07 -2.55 -11.07
N PHE A 92 -0.04 -1.84 -10.57
CA PHE A 92 1.32 -2.29 -10.77
C PHE A 92 1.58 -3.52 -9.92
N ASP A 93 1.09 -3.53 -8.68
CA ASP A 93 1.32 -4.65 -7.80
C ASP A 93 0.23 -5.67 -8.03
N LYS A 94 0.30 -6.35 -9.19
CA LYS A 94 -0.67 -7.35 -9.55
C LYS A 94 -0.67 -8.50 -8.57
N ASP A 95 0.53 -8.93 -8.11
CA ASP A 95 0.59 -10.07 -7.21
C ASP A 95 0.25 -9.66 -5.80
N GLY A 96 0.15 -8.34 -5.52
CA GLY A 96 -0.23 -7.89 -4.20
C GLY A 96 0.81 -8.27 -3.17
N ASN A 97 2.12 -8.34 -3.54
CA ASN A 97 3.13 -8.71 -2.57
C ASN A 97 3.64 -7.47 -1.87
N GLY A 98 3.12 -6.28 -2.23
CA GLY A 98 3.52 -5.05 -1.56
C GLY A 98 4.81 -4.53 -2.12
N TYR A 99 5.42 -5.23 -3.10
CA TYR A 99 6.68 -4.76 -3.65
C TYR A 99 6.66 -4.93 -5.13
N ILE A 100 7.54 -4.17 -5.83
CA ILE A 100 7.62 -4.25 -7.26
C ILE A 100 8.95 -4.86 -7.60
N SER A 101 8.91 -6.01 -8.31
CA SER A 101 10.11 -6.70 -8.69
C SER A 101 10.35 -6.45 -10.16
N ALA A 102 11.49 -6.93 -10.68
CA ALA A 102 11.82 -6.73 -12.07
C ALA A 102 10.78 -7.40 -12.93
N ALA A 103 10.37 -8.62 -12.55
CA ALA A 103 9.38 -9.34 -13.32
C ALA A 103 8.07 -8.60 -13.28
N GLU A 104 7.73 -8.04 -12.11
CA GLU A 104 6.49 -7.33 -11.94
C GLU A 104 6.51 -6.09 -12.80
N LEU A 105 7.65 -5.37 -12.84
CA LEU A 105 7.76 -4.17 -13.65
C LEU A 105 7.71 -4.56 -15.10
N ARG A 106 8.36 -5.68 -15.46
CA ARG A 106 8.39 -6.15 -16.82
C ARG A 106 6.98 -6.38 -17.31
N HIS A 107 6.09 -6.88 -16.43
CA HIS A 107 4.72 -7.14 -16.81
C HIS A 107 4.07 -5.87 -17.29
N VAL A 108 4.32 -4.74 -16.57
CA VAL A 108 3.74 -3.47 -16.96
C VAL A 108 4.26 -3.09 -18.33
N MET A 109 5.58 -3.26 -18.57
CA MET A 109 6.16 -2.89 -19.83
C MET A 109 5.63 -3.78 -20.93
N THR A 110 5.39 -5.07 -20.66
CA THR A 110 4.88 -5.95 -21.71
C THR A 110 3.47 -5.56 -22.06
N ASN A 111 2.72 -4.98 -21.09
CA ASN A 111 1.35 -4.58 -21.33
C ASN A 111 1.33 -3.39 -22.26
N LEU A 112 2.49 -2.71 -22.44
CA LEU A 112 2.54 -1.55 -23.33
C LEU A 112 2.44 -2.05 -24.74
N GLY A 113 2.69 -3.36 -24.97
CA GLY A 113 2.60 -3.93 -26.29
C GLY A 113 3.95 -3.83 -26.94
N GLU A 114 4.97 -3.43 -26.17
CA GLU A 114 6.31 -3.31 -26.71
C GLU A 114 7.16 -4.29 -25.97
N LYS A 115 7.94 -5.11 -26.71
CA LYS A 115 8.79 -6.08 -26.08
C LYS A 115 9.95 -5.34 -25.46
N LEU A 116 10.38 -5.78 -24.26
CA LEU A 116 11.47 -5.14 -23.59
C LEU A 116 12.44 -6.23 -23.22
N THR A 117 13.75 -5.99 -23.45
CA THR A 117 14.73 -7.01 -23.14
C THR A 117 14.99 -7.01 -21.65
N ASP A 118 15.56 -8.13 -21.15
CA ASP A 118 15.85 -8.28 -19.74
C ASP A 118 16.86 -7.24 -19.30
N GLU A 119 17.85 -6.94 -20.16
CA GLU A 119 18.87 -5.98 -19.82
C GLU A 119 18.22 -4.63 -19.59
N GLU A 120 17.27 -4.25 -20.46
CA GLU A 120 16.60 -2.97 -20.32
C GLU A 120 15.76 -2.99 -19.07
N VAL A 121 15.10 -4.13 -18.75
CA VAL A 121 14.27 -4.22 -17.57
C VAL A 121 15.13 -4.00 -16.36
N ASP A 122 16.33 -4.64 -16.34
CA ASP A 122 17.22 -4.51 -15.22
C ASP A 122 17.64 -3.06 -15.07
N GLU A 123 17.90 -2.38 -16.21
CA GLU A 123 18.31 -0.99 -16.15
C GLU A 123 17.18 -0.15 -15.62
N MET A 124 15.92 -0.46 -16.00
CA MET A 124 14.79 0.31 -15.52
C MET A 124 14.70 0.17 -14.02
N ILE A 125 14.88 -1.06 -13.51
CA ILE A 125 14.80 -1.30 -12.09
C ILE A 125 15.92 -0.57 -11.41
N ARG A 126 17.14 -0.64 -11.97
CA ARG A 126 18.29 0.01 -11.37
C ARG A 126 18.07 1.49 -11.31
N GLU A 127 17.55 2.10 -12.40
CA GLU A 127 17.33 3.53 -12.44
C GLU A 127 16.32 3.93 -11.40
N ALA A 128 15.24 3.15 -11.24
CA ALA A 128 14.21 3.48 -10.28
C ALA A 128 14.59 2.98 -8.92
N ASP A 129 15.77 2.33 -8.79
CA ASP A 129 16.17 1.81 -7.51
C ASP A 129 16.98 2.88 -6.82
N ILE A 130 16.26 3.75 -6.08
CA ILE A 130 16.88 4.87 -5.38
C ILE A 130 17.76 4.34 -4.26
N ASP A 131 17.25 3.37 -3.49
CA ASP A 131 18.01 2.85 -2.36
C ASP A 131 19.08 1.90 -2.84
N GLY A 132 18.95 1.36 -4.07
CA GLY A 132 19.96 0.47 -4.59
C GLY A 132 19.90 -0.86 -3.86
N ASP A 133 18.72 -1.26 -3.35
CA ASP A 133 18.62 -2.51 -2.62
C ASP A 133 18.23 -3.63 -3.56
N GLY A 134 18.13 -3.35 -4.88
CA GLY A 134 17.79 -4.38 -5.83
C GLY A 134 16.30 -4.58 -5.89
N GLN A 135 15.53 -3.80 -5.11
CA GLN A 135 14.10 -3.95 -5.12
C GLN A 135 13.48 -2.58 -5.19
N VAL A 136 12.22 -2.50 -5.68
CA VAL A 136 11.54 -1.25 -5.78
C VAL A 136 10.46 -1.26 -4.72
N ASN A 137 10.58 -0.31 -3.76
CA ASN A 137 9.63 -0.22 -2.68
C ASN A 137 8.55 0.73 -3.10
N TYR A 138 7.46 0.80 -2.28
CA TYR A 138 6.35 1.67 -2.59
C TYR A 138 6.80 3.11 -2.59
N GLU A 139 7.76 3.49 -1.71
CA GLU A 139 8.25 4.85 -1.67
C GLU A 139 8.96 5.16 -2.96
N GLU A 140 9.73 4.18 -3.47
CA GLU A 140 10.48 4.36 -4.70
C GLU A 140 9.51 4.49 -5.85
N PHE A 141 8.38 3.75 -5.79
CA PHE A 141 7.38 3.81 -6.82
C PHE A 141 6.85 5.22 -6.91
N VAL A 142 6.57 5.85 -5.74
CA VAL A 142 6.05 7.20 -5.72
C VAL A 142 7.03 8.11 -6.41
N GLN A 143 8.35 7.92 -6.15
CA GLN A 143 9.35 8.76 -6.76
C GLN A 143 9.32 8.57 -8.26
N MET A 144 9.12 7.32 -8.73
CA MET A 144 9.07 7.03 -10.15
C MET A 144 7.91 7.76 -10.78
N MET A 145 6.73 7.71 -10.13
CA MET A 145 5.54 8.36 -10.68
C MET A 145 5.64 9.86 -10.58
N THR A 146 6.43 10.40 -9.64
CA THR A 146 6.55 11.83 -9.52
C THR A 146 7.77 12.28 -10.25
N ALA A 147 8.40 11.37 -11.02
CA ALA A 147 9.59 11.71 -11.76
C ALA A 147 9.18 12.59 -12.91
N LYS A 148 10.04 13.57 -13.25
CA LYS A 148 9.75 14.47 -14.33
C LYS A 148 10.14 13.77 -15.64
N ALA B 1 -10.97 1.98 -14.02
CA ALA B 1 -10.16 2.11 -12.78
C ALA B 1 -9.44 3.43 -12.75
N LEU B 2 -8.46 3.60 -13.67
CA LEU B 2 -7.71 4.82 -13.72
C LEU B 2 -8.23 5.62 -14.89
N SER B 3 -8.21 6.96 -14.74
CA SER B 3 -8.68 7.83 -15.80
C SER B 3 -7.69 7.70 -16.94
N LYS B 4 -8.19 7.77 -18.19
CA LYS B 4 -7.33 7.64 -19.34
C LYS B 4 -6.29 8.72 -19.35
N ASP B 5 -6.68 9.97 -18.97
CA ASP B 5 -5.73 11.06 -18.96
C ASP B 5 -4.63 10.77 -17.97
N LYS B 6 -4.99 10.22 -16.80
CA LYS B 6 -4.01 9.93 -15.77
C LYS B 6 -3.16 8.77 -16.22
N GLU B 7 -3.79 7.76 -16.88
CA GLU B 7 -3.06 6.60 -17.33
C GLU B 7 -2.04 7.02 -18.34
N GLU B 8 -2.41 7.97 -19.23
CA GLU B 8 -1.49 8.42 -20.25
C GLU B 8 -0.30 9.09 -19.59
N GLU B 9 -0.52 9.84 -18.50
CA GLU B 9 0.58 10.52 -17.84
C GLU B 9 1.54 9.48 -17.29
N ILE B 10 1.00 8.39 -16.72
CA ILE B 10 1.82 7.33 -16.17
C ILE B 10 2.60 6.71 -17.29
N ARG B 11 1.92 6.45 -18.42
CA ARG B 11 2.53 5.84 -19.58
C ARG B 11 3.64 6.73 -20.11
N LYS B 12 3.39 8.05 -20.19
CA LYS B 12 4.38 8.98 -20.71
C LYS B 12 5.61 9.00 -19.86
N ILE B 13 5.48 8.95 -18.52
CA ILE B 13 6.64 8.99 -17.65
C ILE B 13 7.53 7.82 -17.95
N LEU B 14 6.96 6.59 -18.00
CA LEU B 14 7.77 5.43 -18.26
C LEU B 14 8.28 5.46 -19.68
N ARG B 15 7.45 5.92 -20.62
CA ARG B 15 7.84 5.99 -22.01
C ARG B 15 9.01 6.95 -22.14
N ASN B 16 8.97 8.07 -21.40
CA ASN B 16 10.01 9.07 -21.49
C ASN B 16 11.36 8.49 -21.11
N ASN B 17 11.43 7.70 -20.01
CA ASN B 17 12.72 7.13 -19.64
C ASN B 17 13.02 5.97 -20.56
N LEU B 18 11.97 5.30 -21.09
CA LEU B 18 12.17 4.17 -21.97
C LEU B 18 12.86 4.62 -23.23
N GLN B 19 12.45 5.78 -23.80
CA GLN B 19 13.06 6.25 -25.02
C GLN B 19 14.52 6.54 -24.80
N LYS B 20 14.88 7.14 -23.65
CA LYS B 20 16.26 7.45 -23.36
C LYS B 20 17.04 6.17 -23.21
N THR B 21 16.41 5.17 -22.54
CA THR B 21 17.06 3.89 -22.32
C THR B 21 17.28 3.21 -23.65
N ARG B 22 16.28 3.25 -24.54
CA ARG B 22 16.37 2.62 -25.83
C ARG B 22 17.49 3.25 -26.62
N GLN B 23 17.62 4.59 -26.54
CA GLN B 23 18.64 5.29 -27.29
C GLN B 23 20.01 4.83 -26.85
N ARG B 24 20.22 4.63 -25.53
CA ARG B 24 21.52 4.20 -25.05
C ARG B 24 21.85 2.84 -25.58
N LEU B 25 20.87 1.91 -25.62
CA LEU B 25 21.14 0.58 -26.12
C LEU B 25 21.36 0.63 -27.61
N ARG B 26 20.57 1.48 -28.33
CA ARG B 26 20.71 1.58 -29.77
C ARG B 26 22.09 2.08 -30.09
N SER B 27 22.62 3.01 -29.26
CA SER B 27 23.94 3.55 -29.47
C SER B 27 24.96 2.46 -29.39
N TYR B 28 24.75 1.48 -28.48
CA TYR B 28 25.69 0.40 -28.32
C TYR B 28 25.58 -0.53 -29.51
N ASN B 29 24.34 -0.73 -30.04
CA ASN B 29 24.14 -1.61 -31.16
C ASN B 29 24.84 -1.05 -32.38
N ARG B 30 25.10 0.27 -32.42
CA ARG B 30 25.76 0.86 -33.56
C ARG B 30 27.20 0.40 -33.60
N HIS B 31 27.72 -0.11 -32.46
CA HIS B 31 29.10 -0.55 -32.41
C HIS B 31 29.12 -2.05 -32.53
N THR B 32 27.97 -2.65 -32.90
CA THR B 32 27.92 -4.09 -33.04
C THR B 32 27.99 -4.40 -34.50
N LEU B 33 28.99 -5.24 -34.90
CA LEU B 33 29.17 -5.57 -36.29
C LEU B 33 28.46 -6.85 -36.60
N VAL B 34 27.76 -7.45 -35.61
CA VAL B 34 27.07 -8.69 -35.85
C VAL B 34 25.62 -8.37 -36.03
N ALA B 35 25.05 -8.75 -37.19
CA ALA B 35 23.66 -8.49 -37.45
C ALA B 35 23.19 -9.56 -38.38
N ASP B 36 21.87 -9.85 -38.34
CA ASP B 36 21.29 -10.85 -39.20
C ASP B 36 21.94 -12.21 -38.88
N ALA C 1 10.65 -1.78 9.22
CA ALA C 1 10.56 -0.65 8.25
C ALA C 1 10.54 0.67 8.98
N LEU C 2 9.71 0.77 10.05
CA LEU C 2 9.63 1.99 10.80
C LEU C 2 10.36 1.80 12.09
N SER C 3 10.62 2.92 12.79
CA SER C 3 11.33 2.88 14.05
C SER C 3 10.46 2.22 15.10
N LYS C 4 11.11 1.79 16.20
CA LYS C 4 10.42 1.12 17.29
C LYS C 4 9.37 2.03 17.85
N ASP C 5 9.65 3.35 17.92
CA ASP C 5 8.70 4.29 18.48
C ASP C 5 7.41 4.24 17.68
N LYS C 6 7.51 4.09 16.34
CA LYS C 6 6.32 4.03 15.52
C LYS C 6 5.57 2.75 15.85
N GLU C 7 6.32 1.65 16.10
CA GLU C 7 5.70 0.38 16.43
C GLU C 7 4.97 0.53 17.74
N GLU C 8 5.58 1.25 18.70
CA GLU C 8 4.96 1.47 20.00
C GLU C 8 3.70 2.26 19.83
N GLU C 9 3.70 3.20 18.87
CA GLU C 9 2.54 4.04 18.61
C GLU C 9 1.36 3.19 18.23
N ILE C 10 1.60 2.04 17.54
CA ILE C 10 0.51 1.19 17.12
C ILE C 10 -0.22 0.71 18.35
N ARG C 11 0.50 0.42 19.45
CA ARG C 11 -0.14 -0.07 20.64
C ARG C 11 -1.16 0.93 21.10
N LYS C 12 -0.80 2.23 21.08
CA LYS C 12 -1.72 3.27 21.50
C LYS C 12 -2.87 3.35 20.51
N ILE C 13 -2.56 3.18 19.19
CA ILE C 13 -3.57 3.27 18.16
C ILE C 13 -4.56 2.14 18.31
N LEU C 14 -4.06 0.90 18.56
CA LEU C 14 -4.94 -0.23 18.73
C LEU C 14 -5.62 -0.16 20.06
N ARG C 15 -4.93 0.31 21.12
CA ARG C 15 -5.54 0.36 22.44
C ARG C 15 -6.74 1.25 22.39
N ASN C 16 -6.64 2.42 21.73
CA ASN C 16 -7.75 3.35 21.66
C ASN C 16 -8.91 2.67 20.98
N ASN C 17 -8.65 1.99 19.83
CA ASN C 17 -9.71 1.32 19.10
C ASN C 17 -10.24 0.17 19.91
N LEU C 18 -9.33 -0.56 20.60
CA LEU C 18 -9.70 -1.72 21.38
C LEU C 18 -10.62 -1.32 22.51
N GLN C 19 -10.34 -0.20 23.19
CA GLN C 19 -11.16 0.22 24.32
C GLN C 19 -12.56 0.50 23.88
N LYS C 20 -12.73 1.13 22.70
CA LYS C 20 -14.07 1.45 22.22
C LYS C 20 -14.81 0.16 21.97
N THR C 21 -14.11 -0.84 21.39
CA THR C 21 -14.71 -2.12 21.09
C THR C 21 -15.06 -2.84 22.36
N ARG C 22 -14.16 -2.77 23.37
CA ARG C 22 -14.39 -3.45 24.63
C ARG C 22 -15.65 -2.92 25.27
N GLN C 23 -15.88 -1.59 25.21
CA GLN C 23 -17.05 -1.01 25.83
C GLN C 23 -18.29 -1.55 25.17
N ARG C 24 -18.29 -1.71 23.83
CA ARG C 24 -19.45 -2.21 23.14
C ARG C 24 -19.69 -3.64 23.54
N LEU C 25 -18.62 -4.45 23.68
CA LEU C 25 -18.78 -5.84 24.07
C LEU C 25 -19.26 -5.90 25.49
N ARG C 26 -18.73 -5.02 26.36
CA ARG C 26 -19.12 -5.00 27.75
C ARG C 26 -20.60 -4.68 27.85
N SER C 27 -21.08 -3.77 26.99
CA SER C 27 -22.48 -3.38 26.99
C SER C 27 -23.33 -4.57 26.67
N TYR C 28 -22.89 -5.42 25.71
CA TYR C 28 -23.67 -6.57 25.32
C TYR C 28 -23.61 -7.61 26.40
N ASN C 29 -22.53 -7.61 27.20
CA ASN C 29 -22.36 -8.59 28.25
C ASN C 29 -23.34 -8.30 29.37
N ARG C 30 -24.01 -7.12 29.34
CA ARG C 30 -24.94 -6.78 30.38
C ARG C 30 -26.26 -7.46 30.12
N HIS C 31 -26.41 -8.15 28.97
CA HIS C 31 -27.66 -8.81 28.67
C HIS C 31 -27.53 -10.27 29.00
N THR C 32 -26.42 -10.64 29.68
CA THR C 32 -26.24 -12.04 30.05
C THR C 32 -27.02 -12.31 31.30
N LEU C 33 -27.25 -13.60 31.60
CA LEU C 33 -28.01 -13.96 32.77
C LEU C 33 -27.02 -14.32 33.84
N VAL C 34 -27.24 -13.78 35.06
CA VAL C 34 -26.36 -14.06 36.16
C VAL C 34 -27.22 -14.13 37.39
N ALA C 35 -26.88 -15.03 38.33
CA ALA C 35 -27.63 -15.16 39.54
C ALA C 35 -26.69 -15.65 40.60
N ASP C 36 -27.00 -15.34 41.87
CA ASP C 36 -26.15 -15.77 42.95
C ASP C 36 -26.61 -17.17 43.39
N ALA A 1 -1.63 -19.53 24.43
CA ALA A 1 -1.58 -20.86 23.75
C ALA A 1 -0.82 -20.76 22.45
N ASP A 2 -1.09 -19.70 21.66
CA ASP A 2 -0.42 -19.53 20.40
C ASP A 2 0.80 -18.69 20.67
N GLN A 3 2.00 -19.32 20.59
CA GLN A 3 3.22 -18.59 20.84
C GLN A 3 3.54 -17.79 19.61
N LEU A 4 4.04 -16.55 19.82
CA LEU A 4 4.38 -15.70 18.71
C LEU A 4 5.87 -15.61 18.66
N THR A 5 6.42 -15.53 17.43
CA THR A 5 7.85 -15.43 17.27
C THR A 5 8.23 -13.99 17.51
N GLU A 6 9.55 -13.74 17.67
CA GLU A 6 10.02 -12.39 17.92
C GLU A 6 9.70 -11.53 16.73
N GLU A 7 9.81 -12.09 15.51
CA GLU A 7 9.54 -11.32 14.31
C GLU A 7 8.10 -10.89 14.29
N GLN A 8 7.17 -11.80 14.69
CA GLN A 8 5.76 -11.45 14.68
C GLN A 8 5.51 -10.41 15.73
N ILE A 9 6.14 -10.55 16.92
CA ILE A 9 5.93 -9.60 17.99
C ILE A 9 6.43 -8.25 17.57
N ALA A 10 7.58 -8.20 16.84
CA ALA A 10 8.11 -6.93 16.40
C ALA A 10 7.10 -6.25 15.50
N GLU A 11 6.43 -7.03 14.61
CA GLU A 11 5.43 -6.47 13.73
C GLU A 11 4.27 -5.98 14.56
N PHE A 12 3.92 -6.74 15.62
CA PHE A 12 2.83 -6.36 16.49
C PHE A 12 3.13 -5.04 17.14
N LYS A 13 4.39 -4.85 17.59
CA LYS A 13 4.75 -3.63 18.25
C LYS A 13 4.60 -2.47 17.30
N GLU A 14 4.95 -2.69 16.01
CA GLU A 14 4.84 -1.64 15.03
C GLU A 14 3.39 -1.27 14.88
N ALA A 15 2.47 -2.27 14.90
CA ALA A 15 1.06 -2.00 14.76
C ALA A 15 0.56 -1.20 15.94
N PHE A 16 1.06 -1.47 17.16
CA PHE A 16 0.60 -0.71 18.32
C PHE A 16 1.01 0.70 18.11
N SER A 17 2.23 0.88 17.56
CA SER A 17 2.77 2.20 17.29
C SER A 17 1.93 2.88 16.24
N LEU A 18 1.23 2.09 15.38
CA LEU A 18 0.41 2.68 14.34
C LEU A 18 -0.73 3.44 14.97
N PHE A 19 -1.31 2.89 16.05
CA PHE A 19 -2.40 3.57 16.70
C PHE A 19 -1.82 4.55 17.68
N ASP A 20 -0.72 4.16 18.37
CA ASP A 20 -0.12 5.02 19.34
C ASP A 20 0.84 5.94 18.64
N LYS A 21 0.29 6.86 17.82
CA LYS A 21 1.10 7.80 17.08
C LYS A 21 1.81 8.73 18.02
N ASP A 22 1.16 9.14 19.14
CA ASP A 22 1.80 10.07 20.04
C ASP A 22 2.81 9.38 20.92
N GLY A 23 2.84 8.04 20.91
CA GLY A 23 3.82 7.31 21.69
C GLY A 23 3.63 7.54 23.17
N ASP A 24 2.38 7.79 23.64
CA ASP A 24 2.21 8.02 25.06
C ASP A 24 2.01 6.70 25.77
N GLY A 25 2.02 5.57 25.02
CA GLY A 25 1.90 4.27 25.63
C GLY A 25 0.47 3.86 25.77
N THR A 26 -0.50 4.75 25.52
CA THR A 26 -1.89 4.38 25.67
C THR A 26 -2.65 4.78 24.45
N ILE A 27 -3.81 4.09 24.24
CA ILE A 27 -4.66 4.38 23.10
C ILE A 27 -6.02 4.74 23.66
N THR A 28 -6.51 5.95 23.31
CA THR A 28 -7.78 6.44 23.79
C THR A 28 -8.69 6.68 22.61
N THR A 29 -9.93 7.13 22.90
CA THR A 29 -10.92 7.38 21.86
C THR A 29 -10.43 8.46 20.93
N LYS A 30 -9.89 9.58 21.47
CA LYS A 30 -9.44 10.66 20.62
C LYS A 30 -8.27 10.18 19.78
N GLU A 31 -7.37 9.38 20.38
CA GLU A 31 -6.22 8.89 19.67
C GLU A 31 -6.67 7.93 18.59
N LEU A 32 -7.64 7.05 18.92
CA LEU A 32 -8.15 6.09 17.95
C LEU A 32 -8.85 6.83 16.85
N GLY A 33 -9.61 7.88 17.22
CA GLY A 33 -10.32 8.68 16.24
C GLY A 33 -9.35 9.31 15.30
N THR A 34 -8.19 9.76 15.82
CA THR A 34 -7.18 10.39 14.98
C THR A 34 -6.71 9.38 13.97
N VAL A 35 -6.50 8.12 14.40
CA VAL A 35 -6.03 7.08 13.51
C VAL A 35 -7.09 6.85 12.45
N MET A 36 -8.37 6.78 12.86
CA MET A 36 -9.45 6.56 11.92
C MET A 36 -9.51 7.71 10.96
N ARG A 37 -9.34 8.95 11.46
CA ARG A 37 -9.40 10.13 10.60
C ARG A 37 -8.29 10.04 9.59
N SER A 38 -7.10 9.60 10.03
CA SER A 38 -5.96 9.48 9.13
C SER A 38 -6.25 8.47 8.07
N LEU A 39 -7.03 7.42 8.42
CA LEU A 39 -7.37 6.39 7.46
C LEU A 39 -8.49 6.87 6.57
N GLY A 40 -9.03 8.07 6.82
CA GLY A 40 -10.09 8.60 5.98
C GLY A 40 -11.43 8.08 6.43
N GLN A 41 -11.50 7.58 7.69
CA GLN A 41 -12.76 7.07 8.20
C GLN A 41 -13.30 8.12 9.13
N ASN A 42 -14.65 8.25 9.19
CA ASN A 42 -15.23 9.25 10.06
C ASN A 42 -16.29 8.61 10.93
N PRO A 43 -15.88 7.85 11.91
CA PRO A 43 -16.80 7.21 12.82
C PRO A 43 -17.29 8.15 13.89
N THR A 44 -18.41 7.81 14.55
CA THR A 44 -18.93 8.67 15.58
C THR A 44 -18.15 8.42 16.85
N GLU A 45 -18.17 9.40 17.77
CA GLU A 45 -17.44 9.26 19.01
C GLU A 45 -18.02 8.15 19.83
N ALA A 46 -19.37 8.03 19.83
CA ALA A 46 -20.03 6.99 20.60
C ALA A 46 -19.61 5.65 20.08
N GLU A 47 -19.51 5.50 18.74
CA GLU A 47 -19.12 4.24 18.15
C GLU A 47 -17.72 3.92 18.56
N LEU A 48 -16.81 4.92 18.55
CA LEU A 48 -15.43 4.68 18.91
C LEU A 48 -15.34 4.25 20.35
N GLN A 49 -16.15 4.86 21.24
CA GLN A 49 -16.11 4.48 22.64
C GLN A 49 -16.58 3.06 22.77
N ASP A 50 -17.61 2.68 21.99
CA ASP A 50 -18.13 1.34 22.03
C ASP A 50 -17.07 0.38 21.57
N MET A 51 -16.27 0.77 20.54
CA MET A 51 -15.23 -0.10 20.03
C MET A 51 -14.23 -0.38 21.11
N ILE A 52 -13.85 0.66 21.89
CA ILE A 52 -12.87 0.48 22.94
C ILE A 52 -13.42 -0.47 23.97
N ASN A 53 -14.68 -0.28 24.40
CA ASN A 53 -15.28 -1.13 25.41
C ASN A 53 -15.36 -2.56 24.93
N GLU A 54 -15.69 -2.76 23.63
CA GLU A 54 -15.83 -4.09 23.08
C GLU A 54 -14.53 -4.84 23.19
N VAL A 55 -13.39 -4.19 22.91
CA VAL A 55 -12.12 -4.90 22.95
C VAL A 55 -11.44 -4.64 24.27
N ASP A 56 -12.14 -4.05 25.25
CA ASP A 56 -11.52 -3.76 26.52
C ASP A 56 -11.73 -4.97 27.40
N ALA A 57 -10.87 -6.00 27.21
CA ALA A 57 -10.97 -7.22 27.96
C ALA A 57 -10.74 -6.99 29.44
N ASP A 58 -9.80 -6.10 29.81
CA ASP A 58 -9.52 -5.89 31.22
C ASP A 58 -10.52 -4.94 31.82
N GLY A 59 -11.26 -4.21 30.96
CA GLY A 59 -12.26 -3.29 31.45
C GLY A 59 -11.63 -2.17 32.22
N ASN A 60 -10.39 -1.78 31.86
CA ASN A 60 -9.73 -0.71 32.58
C ASN A 60 -10.06 0.61 31.92
N GLY A 61 -10.93 0.58 30.88
CA GLY A 61 -11.33 1.81 30.22
C GLY A 61 -10.41 2.11 29.07
N THR A 62 -9.31 1.35 28.91
CA THR A 62 -8.38 1.65 27.83
C THR A 62 -7.96 0.38 27.15
N ILE A 63 -7.35 0.54 25.95
CA ILE A 63 -6.90 -0.60 25.22
C ILE A 63 -5.40 -0.58 25.35
N ASP A 64 -4.84 -1.63 25.98
CA ASP A 64 -3.42 -1.71 26.17
C ASP A 64 -2.86 -2.54 25.05
N PHE A 65 -1.52 -2.60 24.95
CA PHE A 65 -0.87 -3.35 23.89
C PHE A 65 -1.26 -4.82 23.93
N PRO A 66 -1.26 -5.48 25.08
CA PRO A 66 -1.66 -6.89 25.15
C PRO A 66 -3.05 -7.13 24.64
N GLU A 67 -3.96 -6.17 24.93
CA GLU A 67 -5.33 -6.29 24.48
C GLU A 67 -5.36 -6.27 22.97
N PHE A 68 -4.53 -5.39 22.34
CA PHE A 68 -4.47 -5.33 20.90
C PHE A 68 -3.80 -6.57 20.37
N LEU A 69 -2.78 -7.08 21.10
CA LEU A 69 -2.05 -8.23 20.65
C LEU A 69 -2.98 -9.41 20.58
N THR A 70 -3.86 -9.57 21.59
CA THR A 70 -4.80 -10.68 21.61
C THR A 70 -5.81 -10.51 20.50
N MET A 71 -6.33 -9.28 20.34
CA MET A 71 -7.35 -9.01 19.32
C MET A 71 -6.79 -9.23 17.94
N MET A 72 -5.57 -8.73 17.67
CA MET A 72 -4.98 -8.85 16.35
C MET A 72 -4.32 -10.20 16.18
N ALA A 73 -4.45 -11.10 17.18
CA ALA A 73 -3.84 -12.41 17.09
C ALA A 73 -4.61 -13.29 16.13
N ARG A 74 -5.59 -12.72 15.42
CA ARG A 74 -6.37 -13.48 14.46
C ARG A 74 -5.45 -13.94 13.36
N LYS A 75 -5.75 -15.10 12.76
CA LYS A 75 -4.93 -15.65 11.71
C LYS A 75 -5.08 -14.79 10.48
N MET A 76 -3.99 -14.67 9.70
CA MET A 76 -4.01 -13.87 8.51
C MET A 76 -3.00 -14.46 7.57
N LYS A 77 -3.11 -14.13 6.27
CA LYS A 77 -2.19 -14.64 5.28
C LYS A 77 -1.04 -13.67 5.22
N ASP A 78 0.22 -14.19 5.21
CA ASP A 78 1.38 -13.34 5.19
C ASP A 78 1.78 -13.07 3.75
N THR A 79 0.92 -13.48 2.79
CA THR A 79 1.20 -13.27 1.37
C THR A 79 2.29 -14.21 0.96
N ASP A 80 2.99 -13.90 -0.15
CA ASP A 80 4.04 -14.75 -0.63
C ASP A 80 4.88 -13.92 -1.57
N SER A 81 6.14 -14.34 -1.79
CA SER A 81 7.03 -13.62 -2.67
C SER A 81 6.49 -13.66 -4.08
N GLU A 82 5.94 -14.81 -4.50
CA GLU A 82 5.40 -14.94 -5.84
C GLU A 82 4.25 -13.98 -6.01
N GLU A 83 3.40 -13.87 -4.98
CA GLU A 83 2.25 -12.98 -5.04
C GLU A 83 2.74 -11.55 -5.13
N GLU A 84 3.84 -11.22 -4.41
CA GLU A 84 4.36 -9.87 -4.44
C GLU A 84 4.82 -9.55 -5.84
N ILE A 85 5.49 -10.51 -6.52
CA ILE A 85 5.96 -10.28 -7.87
C ILE A 85 4.75 -10.07 -8.76
N ARG A 86 3.71 -10.90 -8.57
CA ARG A 86 2.50 -10.82 -9.36
C ARG A 86 1.86 -9.47 -9.13
N GLU A 87 1.90 -8.97 -7.89
CA GLU A 87 1.31 -7.69 -7.55
C GLU A 87 1.96 -6.60 -8.36
N ALA A 88 3.29 -6.67 -8.62
CA ALA A 88 3.95 -5.64 -9.39
C ALA A 88 3.34 -5.59 -10.76
N PHE A 89 3.01 -6.77 -11.34
CA PHE A 89 2.42 -6.81 -12.66
C PHE A 89 1.07 -6.16 -12.60
N ARG A 90 0.31 -6.40 -11.52
CA ARG A 90 -1.01 -5.82 -11.39
C ARG A 90 -0.90 -4.33 -11.26
N VAL A 91 0.11 -3.83 -10.51
CA VAL A 91 0.29 -2.41 -10.33
C VAL A 91 0.60 -1.76 -11.65
N PHE A 92 1.53 -2.34 -12.43
CA PHE A 92 1.89 -1.77 -13.71
C PHE A 92 0.76 -1.95 -14.68
N ASP A 93 0.12 -3.14 -14.65
CA ASP A 93 -0.96 -3.43 -15.56
C ASP A 93 -2.25 -2.94 -14.95
N LYS A 94 -2.42 -1.60 -14.91
CA LYS A 94 -3.60 -0.99 -14.34
C LYS A 94 -4.84 -1.38 -15.08
N ASP A 95 -4.77 -1.46 -16.43
CA ASP A 95 -5.94 -1.78 -17.22
C ASP A 95 -6.23 -3.26 -17.18
N GLY A 96 -5.28 -4.08 -16.68
CA GLY A 96 -5.51 -5.51 -16.58
C GLY A 96 -5.63 -6.14 -17.94
N ASN A 97 -4.94 -5.60 -18.98
CA ASN A 97 -5.06 -6.19 -20.30
C ASN A 97 -4.03 -7.29 -20.46
N GLY A 98 -3.19 -7.52 -19.43
CA GLY A 98 -2.21 -8.58 -19.48
C GLY A 98 -0.98 -8.15 -20.23
N TYR A 99 -0.95 -6.91 -20.75
CA TYR A 99 0.22 -6.46 -21.49
C TYR A 99 0.54 -5.05 -21.08
N ILE A 100 1.81 -4.64 -21.34
CA ILE A 100 2.22 -3.30 -21.02
C ILE A 100 2.42 -2.58 -22.33
N SER A 101 1.67 -1.48 -22.52
CA SER A 101 1.74 -0.72 -23.74
C SER A 101 2.42 0.59 -23.44
N ALA A 102 2.70 1.38 -24.49
CA ALA A 102 3.36 2.66 -24.32
C ALA A 102 2.52 3.57 -23.48
N ALA A 103 1.18 3.57 -23.71
CA ALA A 103 0.30 4.42 -22.94
C ALA A 103 0.34 3.98 -21.49
N GLU A 104 0.38 2.65 -21.28
CA GLU A 104 0.40 2.09 -19.95
C GLU A 104 1.68 2.50 -19.26
N LEU A 105 2.80 2.50 -20.00
CA LEU A 105 4.09 2.88 -19.44
C LEU A 105 4.02 4.33 -19.04
N ARG A 106 3.34 5.17 -19.85
CA ARG A 106 3.23 6.58 -19.58
C ARG A 106 2.55 6.78 -18.25
N HIS A 107 1.52 5.94 -17.93
CA HIS A 107 0.83 6.06 -16.66
C HIS A 107 1.80 5.79 -15.53
N VAL A 108 2.72 4.81 -15.72
CA VAL A 108 3.68 4.49 -14.67
C VAL A 108 4.54 5.70 -14.42
N MET A 109 5.05 6.33 -15.50
CA MET A 109 5.89 7.51 -15.35
C MET A 109 5.08 8.64 -14.75
N THR A 110 3.80 8.77 -15.15
CA THR A 110 2.95 9.83 -14.64
C THR A 110 2.80 9.65 -13.16
N ASN A 111 2.60 8.38 -12.70
CA ASN A 111 2.44 8.10 -11.29
C ASN A 111 3.71 8.49 -10.56
N LEU A 112 4.88 8.29 -11.20
CA LEU A 112 6.14 8.63 -10.58
C LEU A 112 6.25 10.13 -10.50
N GLY A 113 5.54 10.86 -11.38
CA GLY A 113 5.59 12.31 -11.34
C GLY A 113 6.56 12.79 -12.39
N GLU A 114 7.00 11.88 -13.28
CA GLU A 114 7.93 12.28 -14.31
C GLU A 114 7.15 12.41 -15.58
N LYS A 115 7.30 13.56 -16.27
CA LYS A 115 6.58 13.80 -17.50
C LYS A 115 7.59 13.80 -18.61
N LEU A 116 7.36 12.94 -19.63
CA LEU A 116 8.24 12.87 -20.77
C LEU A 116 7.38 12.94 -21.99
N THR A 117 8.00 13.08 -23.18
CA THR A 117 7.25 13.19 -24.40
C THR A 117 6.82 11.82 -24.85
N ASP A 118 5.81 11.78 -25.75
CA ASP A 118 5.30 10.53 -26.27
C ASP A 118 6.37 9.83 -27.05
N GLU A 119 7.19 10.59 -27.79
CA GLU A 119 8.25 10.01 -28.58
C GLU A 119 9.22 9.32 -27.66
N GLU A 120 9.52 9.96 -26.50
CA GLU A 120 10.44 9.39 -25.56
C GLU A 120 9.87 8.12 -25.00
N VAL A 121 8.55 8.11 -24.69
CA VAL A 121 7.91 6.93 -24.13
C VAL A 121 8.00 5.81 -25.14
N ASP A 122 7.70 6.11 -26.42
CA ASP A 122 7.72 5.12 -27.46
C ASP A 122 9.13 4.58 -27.60
N GLU A 123 10.14 5.46 -27.50
CA GLU A 123 11.52 5.04 -27.64
C GLU A 123 11.87 4.07 -26.53
N MET A 124 11.40 4.35 -25.29
CA MET A 124 11.71 3.48 -24.18
C MET A 124 11.08 2.13 -24.41
N ILE A 125 9.84 2.10 -24.94
CA ILE A 125 9.17 0.85 -25.18
C ILE A 125 9.93 0.07 -26.21
N ARG A 126 10.36 0.72 -27.32
CA ARG A 126 11.07 0.02 -28.36
C ARG A 126 12.38 -0.51 -27.84
N GLU A 127 13.08 0.28 -26.99
CA GLU A 127 14.35 -0.15 -26.46
C GLU A 127 14.16 -1.36 -25.59
N ALA A 128 13.09 -1.38 -24.77
CA ALA A 128 12.85 -2.50 -23.88
C ALA A 128 12.11 -3.59 -24.60
N ASP A 129 11.80 -3.40 -25.89
CA ASP A 129 11.06 -4.39 -26.62
C ASP A 129 12.06 -5.33 -27.25
N ILE A 130 12.33 -6.45 -26.54
CA ILE A 130 13.32 -7.41 -26.97
C ILE A 130 12.84 -8.12 -28.22
N ASP A 131 11.55 -8.54 -28.23
CA ASP A 131 11.03 -9.28 -29.36
C ASP A 131 10.73 -8.34 -30.51
N GLY A 132 10.58 -7.03 -30.24
CA GLY A 132 10.31 -6.09 -31.30
C GLY A 132 8.92 -6.29 -31.83
N ASP A 133 7.97 -6.76 -30.99
CA ASP A 133 6.61 -6.97 -31.45
C ASP A 133 5.80 -5.72 -31.24
N GLY A 134 6.43 -4.63 -30.76
CA GLY A 134 5.72 -3.39 -30.55
C GLY A 134 5.00 -3.41 -29.23
N GLN A 135 5.14 -4.49 -28.45
CA GLN A 135 4.46 -4.57 -27.19
C GLN A 135 5.41 -5.14 -26.17
N VAL A 136 5.16 -4.82 -24.87
CA VAL A 136 5.99 -5.34 -23.82
C VAL A 136 5.20 -6.46 -23.21
N ASN A 137 5.76 -7.68 -23.31
CA ASN A 137 5.10 -8.85 -22.78
C ASN A 137 5.58 -9.06 -21.38
N TYR A 138 4.88 -9.95 -20.64
CA TYR A 138 5.23 -10.22 -19.27
C TYR A 138 6.62 -10.79 -19.19
N GLU A 139 7.03 -11.61 -20.18
CA GLU A 139 8.34 -12.20 -20.18
C GLU A 139 9.37 -11.11 -20.30
N GLU A 140 9.09 -10.10 -21.15
CA GLU A 140 10.00 -9.00 -21.36
C GLU A 140 10.10 -8.21 -20.09
N PHE A 141 8.96 -8.04 -19.38
CA PHE A 141 8.92 -7.30 -18.15
C PHE A 141 9.75 -8.00 -17.10
N VAL A 142 9.70 -9.35 -17.04
CA VAL A 142 10.46 -10.09 -16.05
C VAL A 142 11.92 -9.81 -16.26
N GLN A 143 12.38 -9.82 -17.52
CA GLN A 143 13.78 -9.57 -17.80
C GLN A 143 14.12 -8.15 -17.40
N MET A 144 13.20 -7.20 -17.64
CA MET A 144 13.45 -5.82 -17.27
C MET A 144 13.62 -5.71 -15.77
N MET A 145 12.72 -6.36 -15.01
CA MET A 145 12.77 -6.27 -13.56
C MET A 145 13.92 -7.06 -12.99
N THR A 146 14.41 -8.10 -13.68
CA THR A 146 15.51 -8.87 -13.14
C THR A 146 16.80 -8.30 -13.67
N ALA A 147 16.73 -7.15 -14.36
CA ALA A 147 17.91 -6.52 -14.89
C ALA A 147 18.74 -6.02 -13.75
N LYS A 148 20.07 -6.20 -13.84
CA LYS A 148 20.95 -5.75 -12.79
C LYS A 148 21.85 -4.65 -13.37
N ALA B 1 1.09 -0.47 -1.02
CA ALA B 1 0.90 -1.73 -1.79
C ALA B 1 2.20 -2.47 -1.91
N LEU B 2 3.21 -1.83 -2.54
CA LEU B 2 4.50 -2.46 -2.70
C LEU B 2 5.42 -1.86 -1.67
N SER B 3 6.44 -2.65 -1.27
CA SER B 3 7.40 -2.18 -0.30
C SER B 3 8.16 -1.04 -0.92
N LYS B 4 8.52 -0.03 -0.09
CA LYS B 4 9.22 1.13 -0.59
C LYS B 4 10.54 0.69 -1.19
N ASP B 5 11.24 -0.25 -0.53
CA ASP B 5 12.51 -0.71 -1.05
C ASP B 5 12.31 -1.34 -2.40
N LYS B 6 11.23 -2.13 -2.56
CA LYS B 6 10.96 -2.78 -3.83
C LYS B 6 10.65 -1.73 -4.87
N GLU B 7 9.85 -0.71 -4.49
CA GLU B 7 9.48 0.33 -5.41
C GLU B 7 10.70 1.07 -5.86
N GLU B 8 11.63 1.34 -4.92
CA GLU B 8 12.84 2.06 -5.27
C GLU B 8 13.66 1.26 -6.25
N GLU B 9 13.72 -0.09 -6.07
CA GLU B 9 14.51 -0.90 -6.98
C GLU B 9 13.89 -0.85 -8.36
N ILE B 10 12.55 -0.89 -8.43
CA ILE B 10 11.85 -0.84 -9.70
C ILE B 10 12.09 0.51 -10.31
N ARG B 11 12.01 1.57 -9.47
CA ARG B 11 12.19 2.93 -9.93
C ARG B 11 13.59 3.09 -10.49
N LYS B 12 14.62 2.54 -9.80
CA LYS B 12 15.98 2.68 -10.27
C LYS B 12 16.14 2.04 -11.63
N ILE B 13 15.51 0.88 -11.86
CA ILE B 13 15.66 0.22 -13.14
C ILE B 13 15.11 1.12 -14.21
N LEU B 14 13.89 1.68 -14.00
CA LEU B 14 13.30 2.54 -14.99
C LEU B 14 14.15 3.77 -15.15
N ARG B 15 14.69 4.29 -14.02
CA ARG B 15 15.53 5.47 -14.07
C ARG B 15 16.77 5.17 -14.87
N ASN B 16 17.35 3.96 -14.70
CA ASN B 16 18.55 3.59 -15.41
C ASN B 16 18.32 3.60 -16.91
N ASN B 17 17.18 3.04 -17.40
CA ASN B 17 16.96 3.06 -18.83
C ASN B 17 16.52 4.44 -19.24
N LEU B 18 15.86 5.17 -18.32
CA LEU B 18 15.39 6.51 -18.61
C LEU B 18 16.59 7.41 -18.88
N GLN B 19 17.66 7.30 -18.06
CA GLN B 19 18.81 8.15 -18.23
C GLN B 19 19.45 7.88 -19.57
N LYS B 20 19.55 6.60 -19.97
CA LYS B 20 20.16 6.26 -21.24
C LYS B 20 19.29 6.78 -22.35
N THR B 21 17.95 6.64 -22.17
CA THR B 21 17.01 7.08 -23.18
C THR B 21 17.11 8.59 -23.32
N ARG B 22 17.18 9.31 -22.18
CA ARG B 22 17.25 10.75 -22.23
C ARG B 22 18.52 11.18 -22.92
N GLN B 23 19.65 10.50 -22.61
CA GLN B 23 20.92 10.86 -23.21
C GLN B 23 20.86 10.65 -24.70
N ARG B 24 20.31 9.49 -25.14
CA ARG B 24 20.24 9.20 -26.56
C ARG B 24 19.29 10.15 -27.24
N LEU B 25 18.12 10.41 -26.60
CA LEU B 25 17.14 11.28 -27.21
C LEU B 25 17.69 12.67 -27.30
N ARG B 26 18.39 13.14 -26.24
CA ARG B 26 18.94 14.48 -26.24
C ARG B 26 19.99 14.60 -27.31
N SER B 27 20.82 13.54 -27.50
CA SER B 27 21.87 13.59 -28.50
C SER B 27 21.26 13.68 -29.87
N TYR B 28 20.02 13.17 -30.05
CA TYR B 28 19.37 13.22 -31.33
C TYR B 28 18.93 14.64 -31.60
N ASN B 29 18.34 15.30 -30.57
CA ASN B 29 17.85 16.65 -30.74
C ASN B 29 18.98 17.61 -31.05
N ARG B 30 20.14 17.45 -30.38
CA ARG B 30 21.24 18.36 -30.63
C ARG B 30 21.81 18.12 -32.00
N HIS B 31 21.59 16.92 -32.58
CA HIS B 31 22.12 16.62 -33.89
C HIS B 31 21.27 17.32 -34.93
N THR B 32 19.99 17.62 -34.59
CA THR B 32 19.09 18.26 -35.53
C THR B 32 19.59 19.64 -35.86
N LEU B 33 20.06 20.42 -34.86
CA LEU B 33 20.52 21.76 -35.12
C LEU B 33 22.02 21.77 -35.04
N VAL B 34 22.68 22.34 -36.07
CA VAL B 34 24.12 22.40 -36.09
C VAL B 34 24.49 23.81 -36.42
N ALA B 35 25.74 24.20 -36.07
CA ALA B 35 26.18 25.54 -36.35
C ALA B 35 27.66 25.49 -36.51
N ASP B 36 28.23 26.44 -37.27
CA ASP B 36 29.65 26.46 -37.49
C ASP B 36 30.05 27.91 -37.77
N ALA C 1 11.35 3.10 9.56
CA ALA C 1 11.25 2.38 8.26
C ALA C 1 10.06 1.45 8.24
N LEU C 2 8.85 2.02 8.41
CA LEU C 2 7.66 1.22 8.41
C LEU C 2 7.04 1.37 7.05
N SER C 3 6.74 0.24 6.39
CA SER C 3 6.17 0.30 5.06
C SER C 3 4.77 0.85 5.12
N LYS C 4 4.37 1.56 4.04
CA LYS C 4 3.07 2.18 3.96
C LYS C 4 1.98 1.13 3.90
N ASP C 5 2.28 -0.07 3.37
CA ASP C 5 1.26 -1.09 3.27
C ASP C 5 0.79 -1.48 4.66
N LYS C 6 1.66 -1.33 5.68
CA LYS C 6 1.28 -1.68 7.03
C LYS C 6 0.19 -0.74 7.48
N GLU C 7 0.29 0.56 7.11
CA GLU C 7 -0.72 1.53 7.50
C GLU C 7 -2.01 1.18 6.81
N GLU C 8 -1.93 0.74 5.54
CA GLU C 8 -3.11 0.38 4.79
C GLU C 8 -3.78 -0.80 5.44
N GLU C 9 -2.98 -1.72 6.01
CA GLU C 9 -3.51 -2.90 6.67
C GLU C 9 -4.37 -2.49 7.84
N ILE C 10 -4.09 -1.34 8.48
CA ILE C 10 -4.86 -0.91 9.63
C ILE C 10 -6.30 -0.79 9.23
N ARG C 11 -6.58 -0.29 8.00
CA ARG C 11 -7.95 -0.12 7.58
C ARG C 11 -8.63 -1.46 7.60
N LYS C 12 -7.95 -2.51 7.10
CA LYS C 12 -8.52 -3.84 7.10
C LYS C 12 -8.64 -4.34 8.52
N ILE C 13 -7.61 -4.06 9.35
CA ILE C 13 -7.60 -4.51 10.73
C ILE C 13 -8.73 -3.86 11.48
N LEU C 14 -8.94 -2.55 11.29
CA LEU C 14 -10.01 -1.84 11.94
C LEU C 14 -11.33 -2.23 11.35
N ARG C 15 -11.36 -2.56 10.03
CA ARG C 15 -12.59 -2.91 9.39
C ARG C 15 -13.17 -4.13 10.07
N ASN C 16 -12.32 -5.11 10.41
CA ASN C 16 -12.80 -6.31 11.05
C ASN C 16 -13.42 -5.94 12.39
N ASN C 17 -12.72 -5.07 13.16
CA ASN C 17 -13.24 -4.65 14.45
C ASN C 17 -14.49 -3.85 14.26
N LEU C 18 -14.51 -2.99 13.22
CA LEU C 18 -15.63 -2.13 12.96
C LEU C 18 -16.86 -2.95 12.65
N GLN C 19 -16.73 -4.02 11.83
CA GLN C 19 -17.88 -4.82 11.48
C GLN C 19 -18.43 -5.51 12.70
N LYS C 20 -17.56 -6.05 13.56
CA LYS C 20 -18.01 -6.73 14.75
C LYS C 20 -18.67 -5.74 15.66
N THR C 21 -18.09 -4.53 15.76
CA THR C 21 -18.63 -3.50 16.62
C THR C 21 -19.97 -3.07 16.09
N ARG C 22 -20.10 -2.95 14.76
CA ARG C 22 -21.34 -2.52 14.15
C ARG C 22 -22.42 -3.52 14.49
N GLN C 23 -22.10 -4.84 14.43
CA GLN C 23 -23.08 -5.86 14.73
C GLN C 23 -23.52 -5.72 16.17
N ARG C 24 -22.57 -5.45 17.08
CA ARG C 24 -22.91 -5.30 18.49
C ARG C 24 -23.76 -4.06 18.66
N LEU C 25 -23.43 -2.98 17.93
CA LEU C 25 -24.17 -1.74 18.04
C LEU C 25 -25.57 -1.97 17.56
N ARG C 26 -25.73 -2.71 16.43
CA ARG C 26 -27.05 -2.99 15.89
C ARG C 26 -27.82 -3.83 16.88
N SER C 27 -27.13 -4.77 17.56
CA SER C 27 -27.77 -5.65 18.51
C SER C 27 -28.37 -4.85 19.63
N TYR C 28 -27.68 -3.78 20.09
CA TYR C 28 -28.18 -2.99 21.19
C TYR C 28 -29.03 -1.85 20.66
N ASN C 29 -29.31 -1.84 19.34
CA ASN C 29 -30.11 -0.78 18.77
C ASN C 29 -31.56 -1.15 18.92
N ARG C 30 -31.84 -2.37 19.43
CA ARG C 30 -33.21 -2.80 19.60
C ARG C 30 -33.69 -2.32 20.95
N HIS C 31 -32.84 -1.59 21.69
CA HIS C 31 -33.24 -1.09 22.99
C HIS C 31 -33.72 0.32 22.82
N THR C 32 -33.83 0.79 21.57
CA THR C 32 -34.30 2.14 21.32
C THR C 32 -35.61 2.00 20.61
N LEU C 33 -36.67 2.64 21.16
CA LEU C 33 -37.97 2.57 20.55
C LEU C 33 -38.34 3.95 20.10
N VAL C 34 -38.86 4.06 18.85
CA VAL C 34 -39.24 5.34 18.33
C VAL C 34 -40.70 5.24 17.98
N ALA C 35 -41.52 6.17 18.49
CA ALA C 35 -42.92 6.14 18.21
C ALA C 35 -43.42 7.54 18.33
N ASP C 36 -44.53 7.85 17.62
CA ASP C 36 -45.09 9.18 17.67
C ASP C 36 -46.08 9.23 18.84
N ALA A 1 1.49 -6.98 -0.04
CA ALA A 1 0.75 -6.28 -1.12
C ALA A 1 0.82 -4.79 -0.93
N ASP A 2 0.64 -4.32 0.32
CA ASP A 2 0.67 -2.91 0.59
C ASP A 2 2.03 -2.61 1.16
N GLN A 3 2.63 -1.47 0.72
CA GLN A 3 3.94 -1.10 1.21
C GLN A 3 3.80 0.26 1.81
N LEU A 4 4.32 0.43 3.05
CA LEU A 4 4.25 1.70 3.72
C LEU A 4 5.61 2.32 3.66
N THR A 5 5.65 3.67 3.58
CA THR A 5 6.91 4.37 3.53
C THR A 5 7.43 4.46 4.94
N GLU A 6 8.72 4.84 5.08
CA GLU A 6 9.33 4.96 6.38
C GLU A 6 8.61 6.02 7.18
N GLU A 7 8.23 7.14 6.52
CA GLU A 7 7.55 8.20 7.21
C GLU A 7 6.23 7.71 7.75
N GLN A 8 5.48 6.93 6.94
CA GLN A 8 4.19 6.44 7.36
C GLN A 8 4.39 5.46 8.50
N ILE A 9 5.40 4.59 8.40
CA ILE A 9 5.66 3.61 9.43
C ILE A 9 6.03 4.30 10.71
N ALA A 10 6.86 5.36 10.63
CA ALA A 10 7.26 6.07 11.83
C ALA A 10 6.05 6.62 12.53
N GLU A 11 5.10 7.18 11.76
CA GLU A 11 3.88 7.73 12.36
C GLU A 11 3.07 6.60 12.92
N PHE A 12 3.04 5.45 12.21
CA PHE A 12 2.27 4.31 12.67
C PHE A 12 2.80 3.82 13.98
N LYS A 13 4.14 3.77 14.12
CA LYS A 13 4.71 3.28 15.34
C LYS A 13 4.34 4.22 16.46
N GLU A 14 4.32 5.53 16.16
CA GLU A 14 3.97 6.51 17.16
C GLU A 14 2.55 6.28 17.61
N ALA A 15 1.64 5.90 16.69
CA ALA A 15 0.27 5.67 17.06
C ALA A 15 0.15 4.52 18.04
N PHE A 16 0.92 3.42 17.88
CA PHE A 16 0.80 2.34 18.85
C PHE A 16 1.33 2.84 20.17
N SER A 17 2.36 3.71 20.12
CA SER A 17 2.94 4.28 21.32
C SER A 17 1.89 5.11 22.01
N LEU A 18 1.00 5.76 21.22
CA LEU A 18 -0.05 6.57 21.79
C LEU A 18 -0.94 5.72 22.65
N PHE A 19 -1.27 4.50 22.19
CA PHE A 19 -2.10 3.63 22.97
C PHE A 19 -1.30 3.02 24.09
N ASP A 20 -0.03 2.66 23.79
CA ASP A 20 0.83 2.06 24.78
C ASP A 20 1.49 3.17 25.55
N LYS A 21 0.71 3.82 26.44
CA LYS A 21 1.21 4.93 27.23
C LYS A 21 2.33 4.50 28.14
N ASP A 22 2.27 3.27 28.69
CA ASP A 22 3.31 2.84 29.61
C ASP A 22 4.56 2.43 28.86
N GLY A 23 4.46 2.27 27.52
CA GLY A 23 5.64 1.94 26.73
C GLY A 23 6.21 0.61 27.13
N ASP A 24 5.38 -0.34 27.63
CA ASP A 24 5.92 -1.62 28.02
C ASP A 24 5.90 -2.57 26.84
N GLY A 25 5.46 -2.10 25.66
CA GLY A 25 5.44 -2.92 24.48
C GLY A 25 4.21 -3.80 24.47
N THR A 26 3.34 -3.65 25.48
CA THR A 26 2.15 -4.47 25.53
C THR A 26 0.97 -3.58 25.75
N ILE A 27 -0.12 -3.80 24.97
CA ILE A 27 -1.34 -3.02 25.12
C ILE A 27 -2.43 -3.98 25.52
N THR A 28 -3.10 -3.67 26.65
CA THR A 28 -4.16 -4.50 27.15
C THR A 28 -5.43 -3.68 27.19
N THR A 29 -6.53 -4.31 27.63
CA THR A 29 -7.82 -3.66 27.70
C THR A 29 -7.74 -2.48 28.64
N LYS A 30 -7.03 -2.66 29.78
CA LYS A 30 -6.92 -1.59 30.75
C LYS A 30 -6.24 -0.39 30.14
N GLU A 31 -5.19 -0.63 29.32
CA GLU A 31 -4.47 0.48 28.71
C GLU A 31 -5.36 1.12 27.68
N LEU A 32 -6.11 0.31 26.91
CA LEU A 32 -6.98 0.84 25.87
C LEU A 32 -8.04 1.69 26.53
N GLY A 33 -8.60 1.18 27.67
CA GLY A 33 -9.62 1.91 28.40
C GLY A 33 -9.05 3.21 28.90
N THR A 34 -7.78 3.18 29.36
CA THR A 34 -7.14 4.38 29.87
C THR A 34 -7.07 5.41 28.76
N VAL A 35 -6.72 4.95 27.54
CA VAL A 35 -6.62 5.85 26.41
C VAL A 35 -7.98 6.47 26.16
N MET A 36 -9.05 5.65 26.22
CA MET A 36 -10.39 6.16 25.99
C MET A 36 -10.74 7.17 27.05
N ARG A 37 -10.38 6.89 28.33
CA ARG A 37 -10.70 7.81 29.41
C ARG A 37 -9.97 9.11 29.19
N SER A 38 -8.71 9.04 28.71
CA SER A 38 -7.92 10.22 28.46
C SER A 38 -8.58 11.02 27.37
N LEU A 39 -9.22 10.35 26.40
CA LEU A 39 -9.87 11.03 25.31
C LEU A 39 -11.20 11.59 25.78
N GLY A 40 -11.64 11.25 27.02
CA GLY A 40 -12.88 11.78 27.52
C GLY A 40 -14.01 10.88 27.16
N GLN A 41 -13.72 9.65 26.69
CA GLN A 41 -14.76 8.72 26.33
C GLN A 41 -14.78 7.65 27.38
N ASN A 42 -15.98 7.16 27.74
CA ASN A 42 -16.07 6.15 28.76
C ASN A 42 -16.95 5.02 28.28
N PRO A 43 -16.35 4.13 27.51
CA PRO A 43 -17.07 2.97 27.00
C PRO A 43 -17.18 1.87 28.01
N THR A 44 -18.09 0.90 27.80
CA THR A 44 -18.25 -0.18 28.73
C THR A 44 -17.09 -1.13 28.56
N GLU A 45 -16.78 -1.88 29.63
CA GLU A 45 -15.67 -2.82 29.62
C GLU A 45 -15.89 -3.90 28.61
N ALA A 46 -17.14 -4.41 28.49
CA ALA A 46 -17.42 -5.48 27.57
C ALA A 46 -17.11 -5.06 26.17
N GLU A 47 -17.44 -3.80 25.80
CA GLU A 47 -17.19 -3.33 24.46
C GLU A 47 -15.70 -3.27 24.22
N LEU A 48 -14.93 -2.79 25.22
CA LEU A 48 -13.49 -2.69 25.07
C LEU A 48 -12.90 -4.05 24.89
N GLN A 49 -13.38 -5.05 25.64
CA GLN A 49 -12.85 -6.40 25.52
C GLN A 49 -13.18 -6.93 24.15
N ASP A 50 -14.41 -6.65 23.67
CA ASP A 50 -14.83 -7.12 22.37
C ASP A 50 -13.95 -6.52 21.31
N MET A 51 -13.58 -5.22 21.46
CA MET A 51 -12.74 -4.57 20.49
C MET A 51 -11.40 -5.25 20.44
N ILE A 52 -10.85 -5.62 21.62
CA ILE A 52 -9.57 -6.28 21.67
C ILE A 52 -9.66 -7.60 20.96
N ASN A 53 -10.72 -8.39 21.23
CA ASN A 53 -10.86 -9.67 20.59
C ASN A 53 -11.01 -9.51 19.10
N GLU A 54 -11.77 -8.49 18.67
CA GLU A 54 -12.00 -8.27 17.25
C GLU A 54 -10.72 -7.93 16.54
N VAL A 55 -9.85 -7.09 17.14
CA VAL A 55 -8.63 -6.70 16.47
C VAL A 55 -7.52 -7.66 16.81
N ASP A 56 -7.84 -8.78 17.50
CA ASP A 56 -6.82 -9.72 17.86
C ASP A 56 -6.73 -10.74 16.75
N ALA A 57 -5.87 -10.46 15.76
CA ALA A 57 -5.69 -11.36 14.64
C ALA A 57 -5.14 -12.68 15.12
N ASP A 58 -4.21 -12.65 16.10
CA ASP A 58 -3.62 -13.88 16.58
C ASP A 58 -4.50 -14.48 17.65
N GLY A 59 -5.42 -13.68 18.21
CA GLY A 59 -6.33 -14.19 19.22
C GLY A 59 -5.58 -14.58 20.47
N ASN A 60 -4.44 -13.91 20.76
CA ASN A 60 -3.69 -14.25 21.94
C ASN A 60 -4.15 -13.42 23.11
N GLY A 61 -5.19 -12.57 22.90
CA GLY A 61 -5.70 -11.75 23.98
C GLY A 61 -4.84 -10.54 24.14
N THR A 62 -3.84 -10.35 23.26
CA THR A 62 -2.96 -9.22 23.37
C THR A 62 -2.89 -8.57 22.02
N ILE A 63 -2.86 -7.21 22.01
CA ILE A 63 -2.77 -6.49 20.78
C ILE A 63 -1.34 -6.04 20.68
N ASP A 64 -0.63 -6.54 19.65
CA ASP A 64 0.75 -6.21 19.47
C ASP A 64 0.84 -5.10 18.45
N PHE A 65 2.08 -4.60 18.21
CA PHE A 65 2.29 -3.52 17.27
C PHE A 65 1.83 -3.89 15.88
N PRO A 66 2.21 -5.05 15.36
CA PRO A 66 1.77 -5.45 14.03
C PRO A 66 0.28 -5.51 13.90
N GLU A 67 -0.38 -5.96 14.99
CA GLU A 67 -1.83 -6.04 14.99
C GLU A 67 -2.41 -4.66 14.86
N PHE A 68 -1.83 -3.65 15.56
CA PHE A 68 -2.32 -2.29 15.45
C PHE A 68 -1.98 -1.74 14.10
N LEU A 69 -0.78 -2.06 13.58
CA LEU A 69 -0.34 -1.57 12.31
C LEU A 69 -1.28 -2.04 11.23
N THR A 70 -1.61 -3.35 11.23
CA THR A 70 -2.49 -3.88 10.22
C THR A 70 -3.90 -3.40 10.44
N MET A 71 -4.34 -3.30 11.72
CA MET A 71 -5.70 -2.86 12.00
C MET A 71 -5.92 -1.46 11.49
N MET A 72 -4.98 -0.55 11.79
CA MET A 72 -5.12 0.82 11.37
C MET A 72 -4.95 0.93 9.87
N ALA A 73 -4.16 0.00 9.28
CA ALA A 73 -3.92 0.05 7.85
C ALA A 73 -5.10 -0.53 7.10
N ARG A 74 -6.12 -1.07 7.79
CA ARG A 74 -7.25 -1.64 7.10
C ARG A 74 -8.18 -0.53 6.70
N LYS A 75 -7.82 0.18 5.61
CA LYS A 75 -8.66 1.26 5.12
C LYS A 75 -9.49 0.70 4.00
N MET A 76 -9.31 -0.61 3.72
CA MET A 76 -10.04 -1.26 2.66
C MET A 76 -10.19 -2.69 3.07
N LYS A 77 -11.18 -3.39 2.48
CA LYS A 77 -11.40 -4.77 2.85
C LYS A 77 -10.38 -5.65 2.17
N ASP A 78 -10.23 -5.54 0.83
CA ASP A 78 -9.27 -6.34 0.14
C ASP A 78 -9.23 -5.88 -1.29
N THR A 79 -8.13 -6.21 -2.00
CA THR A 79 -7.99 -5.83 -3.39
C THR A 79 -7.47 -7.03 -4.11
N ASP A 80 -7.64 -7.07 -5.45
CA ASP A 80 -7.15 -8.17 -6.23
C ASP A 80 -6.02 -7.68 -7.07
N SER A 81 -5.01 -8.55 -7.29
CA SER A 81 -3.86 -8.19 -8.08
C SER A 81 -4.29 -7.90 -9.49
N GLU A 82 -5.28 -8.67 -10.01
CA GLU A 82 -5.74 -8.48 -11.36
C GLU A 82 -6.34 -7.09 -11.50
N GLU A 83 -7.05 -6.61 -10.46
CA GLU A 83 -7.65 -5.30 -10.52
C GLU A 83 -6.56 -4.26 -10.61
N GLU A 84 -5.47 -4.44 -9.85
CA GLU A 84 -4.38 -3.48 -9.87
C GLU A 84 -3.77 -3.47 -11.25
N ILE A 85 -3.58 -4.67 -11.85
CA ILE A 85 -3.00 -4.76 -13.17
C ILE A 85 -3.91 -4.07 -14.16
N ARG A 86 -5.24 -4.30 -14.05
CA ARG A 86 -6.19 -3.70 -14.96
C ARG A 86 -6.11 -2.19 -14.85
N GLU A 87 -6.01 -1.66 -13.61
CA GLU A 87 -5.93 -0.25 -13.40
C GLU A 87 -4.67 0.28 -14.02
N ALA A 88 -3.56 -0.49 -13.94
CA ALA A 88 -2.30 -0.05 -14.50
C ALA A 88 -2.46 0.13 -15.99
N PHE A 89 -3.20 -0.78 -16.66
CA PHE A 89 -3.39 -0.66 -18.09
C PHE A 89 -4.12 0.61 -18.41
N ARG A 90 -5.10 0.99 -17.57
CA ARG A 90 -5.89 2.18 -17.84
C ARG A 90 -5.00 3.40 -17.87
N VAL A 91 -4.10 3.57 -16.87
CA VAL A 91 -3.26 4.76 -16.84
C VAL A 91 -2.14 4.65 -17.85
N PHE A 92 -1.54 3.45 -18.04
CA PHE A 92 -0.45 3.33 -18.99
C PHE A 92 -0.97 3.47 -20.40
N ASP A 93 -2.12 2.82 -20.70
CA ASP A 93 -2.66 2.88 -22.03
C ASP A 93 -3.55 4.10 -22.13
N LYS A 94 -2.93 5.29 -22.16
CA LYS A 94 -3.70 6.52 -22.22
C LYS A 94 -4.43 6.67 -23.53
N ASP A 95 -3.90 6.09 -24.63
CA ASP A 95 -4.58 6.26 -25.90
C ASP A 95 -5.69 5.24 -26.06
N GLY A 96 -5.75 4.22 -25.16
CA GLY A 96 -6.82 3.25 -25.22
C GLY A 96 -6.74 2.41 -26.47
N ASN A 97 -5.52 2.22 -27.06
CA ASN A 97 -5.44 1.40 -28.25
C ASN A 97 -5.16 -0.03 -27.88
N GLY A 98 -5.06 -0.32 -26.57
CA GLY A 98 -4.82 -1.68 -26.12
C GLY A 98 -3.35 -1.99 -26.18
N TYR A 99 -2.50 -1.02 -26.60
CA TYR A 99 -1.08 -1.29 -26.70
C TYR A 99 -0.31 -0.14 -26.10
N ILE A 100 0.95 -0.42 -25.73
CA ILE A 100 1.80 0.59 -25.15
C ILE A 100 2.75 1.01 -26.24
N SER A 101 2.54 2.23 -26.79
CA SER A 101 3.41 2.74 -27.83
C SER A 101 4.61 3.34 -27.17
N ALA A 102 5.63 3.69 -27.98
CA ALA A 102 6.83 4.28 -27.44
C ALA A 102 6.49 5.59 -26.78
N ALA A 103 5.59 6.39 -27.40
CA ALA A 103 5.21 7.66 -26.84
C ALA A 103 4.57 7.44 -25.49
N GLU A 104 3.73 6.39 -25.37
CA GLU A 104 3.05 6.11 -24.12
C GLU A 104 4.07 5.74 -23.08
N LEU A 105 5.11 4.95 -23.46
CA LEU A 105 6.13 4.56 -22.50
C LEU A 105 6.90 5.77 -22.07
N ARG A 106 7.22 6.67 -23.03
CA ARG A 106 7.97 7.87 -22.72
C ARG A 106 7.17 8.72 -21.77
N HIS A 107 5.85 8.78 -21.96
CA HIS A 107 5.00 9.58 -21.10
C HIS A 107 5.12 9.08 -19.69
N VAL A 108 5.05 7.74 -19.48
CA VAL A 108 5.13 7.20 -18.15
C VAL A 108 6.49 7.49 -17.56
N MET A 109 7.58 7.23 -18.32
CA MET A 109 8.91 7.44 -17.79
C MET A 109 9.16 8.90 -17.49
N THR A 110 8.70 9.82 -18.38
CA THR A 110 8.93 11.24 -18.13
C THR A 110 8.09 11.70 -16.97
N ASN A 111 6.90 11.07 -16.77
CA ASN A 111 6.04 11.42 -15.66
C ASN A 111 6.75 11.06 -14.38
N LEU A 112 7.50 9.93 -14.40
CA LEU A 112 8.21 9.48 -13.22
C LEU A 112 9.36 10.42 -12.95
N GLY A 113 9.82 11.14 -14.01
CA GLY A 113 10.91 12.08 -13.82
C GLY A 113 12.19 11.44 -14.26
N GLU A 114 12.12 10.28 -14.92
CA GLU A 114 13.33 9.63 -15.37
C GLU A 114 13.61 10.09 -16.77
N LYS A 115 14.89 10.42 -17.04
CA LYS A 115 15.28 10.89 -18.34
C LYS A 115 15.74 9.70 -19.13
N LEU A 116 15.13 9.49 -20.33
CA LEU A 116 15.50 8.37 -21.15
C LEU A 116 15.86 8.91 -22.50
N THR A 117 16.91 8.34 -23.12
CA THR A 117 17.31 8.78 -24.44
C THR A 117 16.44 8.06 -25.43
N ASP A 118 16.43 8.52 -26.71
CA ASP A 118 15.61 7.91 -27.72
C ASP A 118 16.03 6.48 -27.91
N GLU A 119 17.36 6.22 -27.88
CA GLU A 119 17.86 4.88 -28.07
C GLU A 119 17.46 4.02 -26.89
N GLU A 120 17.54 4.59 -25.67
CA GLU A 120 17.22 3.85 -24.47
C GLU A 120 15.77 3.46 -24.48
N VAL A 121 14.86 4.36 -24.91
CA VAL A 121 13.44 4.05 -24.92
C VAL A 121 13.21 2.89 -25.83
N ASP A 122 13.85 2.91 -27.01
CA ASP A 122 13.67 1.85 -27.98
C ASP A 122 14.19 0.56 -27.40
N GLU A 123 15.35 0.61 -26.69
CA GLU A 123 15.92 -0.58 -26.11
C GLU A 123 15.00 -1.14 -25.05
N MET A 124 14.38 -0.28 -24.22
CA MET A 124 13.51 -0.75 -23.16
C MET A 124 12.34 -1.49 -23.75
N ILE A 125 11.74 -0.93 -24.82
CA ILE A 125 10.59 -1.53 -25.44
C ILE A 125 10.99 -2.82 -26.11
N ARG A 126 12.12 -2.84 -26.83
CA ARG A 126 12.55 -4.04 -27.51
C ARG A 126 12.87 -5.13 -26.52
N GLU A 127 13.50 -4.78 -25.38
CA GLU A 127 13.85 -5.77 -24.38
C GLU A 127 12.60 -6.38 -23.80
N ALA A 128 11.56 -5.55 -23.55
CA ALA A 128 10.34 -6.07 -22.99
C ALA A 128 9.48 -6.64 -24.09
N ASP A 129 9.93 -6.55 -25.35
CA ASP A 129 9.17 -7.07 -26.45
C ASP A 129 9.49 -8.53 -26.62
N ILE A 130 8.72 -9.39 -25.96
CA ILE A 130 8.92 -10.82 -26.04
C ILE A 130 8.69 -11.28 -27.46
N ASP A 131 7.60 -10.80 -28.09
CA ASP A 131 7.28 -11.21 -29.44
C ASP A 131 8.13 -10.46 -30.44
N GLY A 132 8.70 -9.30 -30.03
CA GLY A 132 9.56 -8.55 -30.93
C GLY A 132 8.76 -7.93 -32.04
N ASP A 133 7.46 -7.63 -31.81
CA ASP A 133 6.65 -7.05 -32.85
C ASP A 133 6.72 -5.54 -32.77
N GLY A 134 7.54 -4.99 -31.85
CA GLY A 134 7.68 -3.56 -31.73
C GLY A 134 6.55 -3.00 -30.91
N GLN A 135 5.64 -3.86 -30.41
CA GLN A 135 4.53 -3.40 -29.62
C GLN A 135 4.49 -4.21 -28.35
N VAL A 136 3.96 -3.57 -27.28
CA VAL A 136 3.85 -4.25 -26.01
C VAL A 136 2.38 -4.57 -25.85
N ASN A 137 2.06 -5.87 -25.82
CA ASN A 137 0.70 -6.32 -25.69
C ASN A 137 0.39 -6.49 -24.23
N TYR A 138 -0.85 -6.95 -23.93
CA TYR A 138 -1.28 -7.14 -22.58
C TYR A 138 -0.42 -8.18 -21.90
N GLU A 139 -0.12 -9.29 -22.59
CA GLU A 139 0.67 -10.34 -21.99
C GLU A 139 2.06 -9.82 -21.71
N GLU A 140 2.61 -9.02 -22.64
CA GLU A 140 3.94 -8.48 -22.47
C GLU A 140 3.96 -7.50 -21.33
N PHE A 141 2.90 -6.66 -21.21
CA PHE A 141 2.83 -5.68 -20.15
C PHE A 141 2.68 -6.37 -18.83
N VAL A 142 1.89 -7.46 -18.77
CA VAL A 142 1.67 -8.18 -17.53
C VAL A 142 3.01 -8.69 -17.04
N GLN A 143 3.85 -9.20 -17.95
CA GLN A 143 5.15 -9.71 -17.56
C GLN A 143 5.97 -8.58 -16.99
N MET A 144 5.85 -7.38 -17.58
CA MET A 144 6.60 -6.23 -17.11
C MET A 144 6.22 -5.91 -15.69
N MET A 145 4.90 -5.84 -15.42
CA MET A 145 4.42 -5.48 -14.09
C MET A 145 4.63 -6.60 -13.10
N THR A 146 4.69 -7.87 -13.55
CA THR A 146 4.87 -8.95 -12.60
C THR A 146 6.34 -9.22 -12.46
N ALA A 147 7.19 -8.39 -13.09
CA ALA A 147 8.61 -8.58 -13.01
C ALA A 147 9.05 -8.24 -11.61
N LYS A 148 9.99 -9.04 -11.07
CA LYS A 148 10.48 -8.81 -9.73
C LYS A 148 11.82 -8.07 -9.83
N ALA B 1 -6.19 7.58 -9.16
CA ALA B 1 -6.67 6.21 -9.50
C ALA B 1 -5.82 5.17 -8.83
N LEU B 2 -4.48 5.36 -8.86
CA LEU B 2 -3.59 4.42 -8.25
C LEU B 2 -3.13 4.99 -6.94
N SER B 3 -2.94 4.11 -5.94
CA SER B 3 -2.47 4.54 -4.65
C SER B 3 -1.03 4.92 -4.79
N LYS B 4 -0.52 5.80 -3.91
CA LYS B 4 0.84 6.27 -3.99
C LYS B 4 1.80 5.10 -3.86
N ASP B 5 1.55 4.17 -2.91
CA ASP B 5 2.48 3.06 -2.74
C ASP B 5 2.45 2.18 -3.98
N LYS B 6 1.27 2.03 -4.61
CA LYS B 6 1.17 1.22 -5.80
C LYS B 6 1.98 1.87 -6.90
N GLU B 7 1.90 3.22 -7.01
CA GLU B 7 2.62 3.94 -8.02
C GLU B 7 4.10 3.80 -7.76
N GLU B 8 4.50 3.87 -6.47
CA GLU B 8 5.90 3.75 -6.12
C GLU B 8 6.40 2.37 -6.51
N GLU B 9 5.56 1.33 -6.30
CA GLU B 9 5.95 -0.03 -6.63
C GLU B 9 6.19 -0.13 -8.10
N ILE B 10 5.30 0.49 -8.92
CA ILE B 10 5.43 0.42 -10.35
C ILE B 10 6.72 1.08 -10.76
N ARG B 11 7.04 2.26 -10.16
CA ARG B 11 8.26 2.95 -10.51
C ARG B 11 9.44 2.10 -10.15
N LYS B 12 9.42 1.45 -8.96
CA LYS B 12 10.53 0.64 -8.53
C LYS B 12 10.71 -0.52 -9.48
N ILE B 13 9.60 -1.14 -9.95
CA ILE B 13 9.71 -2.26 -10.87
C ILE B 13 10.37 -1.81 -12.14
N LEU B 14 9.91 -0.68 -12.72
CA LEU B 14 10.48 -0.20 -13.96
C LEU B 14 11.91 0.23 -13.74
N ARG B 15 12.19 0.88 -12.60
CA ARG B 15 13.51 1.36 -12.30
C ARG B 15 14.46 0.18 -12.17
N ASN B 16 13.99 -0.93 -11.57
CA ASN B 16 14.83 -2.08 -11.36
C ASN B 16 15.33 -2.62 -12.68
N ASN B 17 14.46 -2.79 -13.69
CA ASN B 17 14.92 -3.30 -14.96
C ASN B 17 15.63 -2.21 -15.71
N LEU B 18 15.21 -0.94 -15.51
CA LEU B 18 15.81 0.17 -16.22
C LEU B 18 17.27 0.27 -15.89
N GLN B 19 17.65 0.12 -14.60
CA GLN B 19 19.04 0.25 -14.23
C GLN B 19 19.84 -0.86 -14.88
N LYS B 20 19.29 -2.08 -14.92
CA LYS B 20 19.99 -3.19 -15.53
C LYS B 20 20.14 -2.95 -17.01
N THR B 21 19.08 -2.38 -17.64
CA THR B 21 19.09 -2.12 -19.05
C THR B 21 20.15 -1.09 -19.35
N ARG B 22 20.29 -0.05 -18.49
CA ARG B 22 21.28 0.98 -18.73
C ARG B 22 22.65 0.38 -18.71
N GLN B 23 22.92 -0.54 -17.75
CA GLN B 23 24.23 -1.15 -17.67
C GLN B 23 24.46 -2.00 -18.88
N ARG B 24 23.42 -2.75 -19.32
CA ARG B 24 23.55 -3.61 -20.47
C ARG B 24 23.76 -2.78 -21.70
N LEU B 25 23.04 -1.64 -21.81
CA LEU B 25 23.15 -0.78 -22.97
C LEU B 25 24.56 -0.26 -23.09
N ARG B 26 25.18 0.14 -21.96
CA ARG B 26 26.53 0.67 -22.01
C ARG B 26 27.50 -0.44 -22.32
N SER B 27 27.08 -1.71 -22.15
CA SER B 27 27.95 -2.83 -22.42
C SER B 27 27.86 -3.19 -23.88
N TYR B 28 26.93 -2.56 -24.63
CA TYR B 28 26.78 -2.88 -26.02
C TYR B 28 27.66 -1.97 -26.83
N ASN B 29 28.99 -2.12 -26.68
CA ASN B 29 29.92 -1.29 -27.41
C ASN B 29 30.04 -1.87 -28.80
N ARG B 30 29.51 -3.10 -28.99
CA ARG B 30 29.54 -3.77 -30.26
C ARG B 30 28.73 -3.00 -31.27
N HIS B 31 27.61 -2.39 -30.80
CA HIS B 31 26.74 -1.66 -31.69
C HIS B 31 27.17 -0.22 -31.77
N THR B 32 28.35 0.11 -31.20
CA THR B 32 28.82 1.47 -31.24
C THR B 32 29.76 1.58 -32.40
N LEU B 33 29.51 2.54 -33.30
CA LEU B 33 30.36 2.72 -34.46
C LEU B 33 30.47 4.18 -34.72
N VAL B 34 31.41 4.57 -35.61
CA VAL B 34 31.61 5.96 -35.93
C VAL B 34 31.59 6.07 -37.42
N ALA B 35 31.33 7.30 -37.93
CA ALA B 35 31.30 7.51 -39.35
C ALA B 35 32.72 7.64 -39.83
N ASP B 36 33.01 7.08 -41.02
CA ASP B 36 34.35 7.16 -41.55
C ASP B 36 34.43 8.42 -42.43
N ALA C 1 5.94 11.42 22.94
CA ALA C 1 6.01 12.89 23.11
C ALA C 1 5.43 13.60 21.93
N LEU C 2 4.12 13.39 21.67
CA LEU C 2 3.47 14.02 20.54
C LEU C 2 2.63 15.15 21.08
N SER C 3 2.29 16.09 20.18
CA SER C 3 1.48 17.24 20.54
C SER C 3 0.11 16.76 20.94
N LYS C 4 -0.59 17.57 21.77
CA LYS C 4 -1.91 17.23 22.24
C LYS C 4 -2.83 17.06 21.05
N ASP C 5 -2.56 17.78 19.94
CA ASP C 5 -3.39 17.68 18.77
C ASP C 5 -3.39 16.25 18.28
N LYS C 6 -2.21 15.58 18.33
CA LYS C 6 -2.13 14.20 17.90
C LYS C 6 -2.95 13.34 18.82
N GLU C 7 -2.95 13.65 20.13
CA GLU C 7 -3.71 12.88 21.09
C GLU C 7 -5.18 13.04 20.77
N GLU C 8 -5.61 14.27 20.41
CA GLU C 8 -6.99 14.54 20.07
C GLU C 8 -7.35 13.75 18.84
N GLU C 9 -6.37 13.60 17.91
CA GLU C 9 -6.58 12.88 16.67
C GLU C 9 -6.98 11.46 16.98
N ILE C 10 -6.51 10.90 18.11
CA ILE C 10 -6.83 9.52 18.47
C ILE C 10 -8.32 9.38 18.56
N ARG C 11 -9.05 10.42 19.01
CA ARG C 11 -10.49 10.31 19.15
C ARG C 11 -11.06 9.90 17.80
N LYS C 12 -10.58 10.51 16.70
CA LYS C 12 -11.07 10.15 15.38
C LYS C 12 -10.60 8.74 15.05
N ILE C 13 -9.36 8.42 15.45
CA ILE C 13 -8.77 7.12 15.20
C ILE C 13 -9.58 6.04 15.86
N LEU C 14 -9.91 6.20 17.15
CA LEU C 14 -10.72 5.23 17.85
C LEU C 14 -12.15 5.31 17.41
N ARG C 15 -12.66 6.51 17.08
CA ARG C 15 -14.05 6.65 16.70
C ARG C 15 -14.35 5.81 15.48
N ASN C 16 -13.47 5.85 14.46
CA ASN C 16 -13.71 5.08 13.26
C ASN C 16 -13.73 3.62 13.62
N ASN C 17 -12.76 3.17 14.43
CA ASN C 17 -12.67 1.78 14.81
C ASN C 17 -13.86 1.42 15.66
N LEU C 18 -14.28 2.35 16.55
CA LEU C 18 -15.38 2.12 17.45
C LEU C 18 -16.65 1.93 16.65
N GLN C 19 -16.88 2.78 15.63
CA GLN C 19 -18.08 2.68 14.84
C GLN C 19 -18.11 1.38 14.08
N LYS C 20 -16.95 0.95 13.55
CA LYS C 20 -16.89 -0.30 12.82
C LYS C 20 -17.20 -1.42 13.76
N THR C 21 -16.67 -1.33 15.00
CA THR C 21 -16.88 -2.36 16.00
C THR C 21 -18.35 -2.41 16.35
N ARG C 22 -18.99 -1.23 16.48
CA ARG C 22 -20.39 -1.17 16.85
C ARG C 22 -21.21 -1.85 15.77
N GLN C 23 -20.87 -1.64 14.48
CA GLN C 23 -21.61 -2.26 13.40
C GLN C 23 -21.51 -3.75 13.51
N ARG C 24 -20.32 -4.28 13.86
CA ARG C 24 -20.14 -5.71 14.00
C ARG C 24 -20.98 -6.21 15.14
N LEU C 25 -21.04 -5.43 16.25
CA LEU C 25 -21.83 -5.84 17.39
C LEU C 25 -23.29 -5.93 17.00
N ARG C 26 -23.76 -4.96 16.17
CA ARG C 26 -25.14 -4.97 15.75
C ARG C 26 -25.40 -6.19 14.90
N SER C 27 -24.40 -6.57 14.08
CA SER C 27 -24.55 -7.70 13.19
C SER C 27 -24.73 -8.96 13.99
N TYR C 28 -24.01 -9.10 15.12
CA TYR C 28 -24.12 -10.31 15.91
C TYR C 28 -25.26 -10.19 16.89
N ASN C 29 -25.91 -9.00 16.97
CA ASN C 29 -27.01 -8.83 17.90
C ASN C 29 -28.14 -9.74 17.49
N ARG C 30 -28.41 -9.84 16.17
CA ARG C 30 -29.49 -10.67 15.69
C ARG C 30 -29.07 -12.11 15.70
N HIS C 31 -27.80 -12.40 16.01
CA HIS C 31 -27.32 -13.76 16.02
C HIS C 31 -27.30 -14.26 17.43
N THR C 32 -27.92 -13.51 18.37
CA THR C 32 -27.95 -13.94 19.76
C THR C 32 -29.00 -15.00 19.90
N LEU C 33 -28.89 -15.83 20.97
CA LEU C 33 -29.84 -16.89 21.20
C LEU C 33 -31.18 -16.28 21.51
N VAL C 34 -31.21 -15.25 22.38
CA VAL C 34 -32.47 -14.63 22.73
C VAL C 34 -32.32 -13.17 22.43
N ALA C 35 -33.19 -12.64 21.55
CA ALA C 35 -33.12 -11.24 21.19
C ALA C 35 -33.97 -10.44 22.14
N ASP C 36 -34.76 -11.11 22.99
CA ASP C 36 -35.60 -10.40 23.92
C ASP C 36 -34.74 -9.96 25.12
N ALA A 1 3.86 19.16 6.79
CA ALA A 1 5.20 19.41 7.38
C ALA A 1 5.61 18.28 8.29
N ASP A 2 4.66 17.78 9.10
CA ASP A 2 4.96 16.71 10.01
C ASP A 2 4.49 15.44 9.37
N GLN A 3 5.32 14.38 9.46
CA GLN A 3 4.97 13.12 8.86
C GLN A 3 5.70 12.05 9.63
N LEU A 4 5.22 10.79 9.52
CA LEU A 4 5.85 9.71 10.21
C LEU A 4 7.00 9.21 9.38
N THR A 5 8.08 8.79 10.06
CA THR A 5 9.24 8.29 9.36
C THR A 5 8.99 6.85 8.99
N GLU A 6 9.85 6.29 8.11
CA GLU A 6 9.70 4.92 7.68
C GLU A 6 9.85 4.00 8.86
N GLU A 7 10.79 4.32 9.77
CA GLU A 7 11.01 3.50 10.94
C GLU A 7 9.76 3.47 11.78
N GLN A 8 9.11 4.64 11.96
CA GLN A 8 7.91 4.71 12.76
C GLN A 8 6.81 3.92 12.10
N ILE A 9 6.72 4.00 10.75
CA ILE A 9 5.70 3.26 10.03
C ILE A 9 5.93 1.79 10.22
N ALA A 10 7.20 1.34 10.12
CA ALA A 10 7.53 -0.06 10.29
C ALA A 10 7.17 -0.50 11.68
N GLU A 11 7.43 0.36 12.69
CA GLU A 11 7.11 0.03 14.05
C GLU A 11 5.62 -0.11 14.18
N PHE A 12 4.85 0.77 13.48
CA PHE A 12 3.41 0.74 13.55
C PHE A 12 2.89 -0.57 13.04
N LYS A 13 3.58 -1.18 12.07
CA LYS A 13 3.13 -2.44 11.51
C LYS A 13 3.09 -3.49 12.59
N GLU A 14 4.08 -3.46 13.51
CA GLU A 14 4.13 -4.42 14.57
C GLU A 14 2.94 -4.25 15.48
N ALA A 15 2.50 -2.99 15.70
CA ALA A 15 1.37 -2.73 16.57
C ALA A 15 0.12 -3.38 16.04
N PHE A 16 -0.09 -3.39 14.71
CA PHE A 16 -1.30 -4.00 14.16
C PHE A 16 -1.22 -5.48 14.41
N SER A 17 0.01 -6.03 14.30
CA SER A 17 0.21 -7.44 14.52
C SER A 17 -0.18 -7.77 15.94
N LEU A 18 0.04 -6.84 16.88
CA LEU A 18 -0.31 -7.05 18.27
C LEU A 18 -1.80 -7.30 18.37
N PHE A 19 -2.61 -6.52 17.64
CA PHE A 19 -4.05 -6.70 17.69
C PHE A 19 -4.42 -7.96 16.95
N ASP A 20 -3.71 -8.27 15.85
CA ASP A 20 -4.02 -9.45 15.08
C ASP A 20 -3.29 -10.62 15.71
N LYS A 21 -3.79 -11.08 16.88
CA LYS A 21 -3.17 -12.16 17.59
C LYS A 21 -3.21 -13.45 16.80
N ASP A 22 -4.32 -13.73 16.07
CA ASP A 22 -4.40 -14.98 15.36
C ASP A 22 -3.61 -14.92 14.07
N GLY A 23 -3.15 -13.72 13.66
CA GLY A 23 -2.34 -13.61 12.46
C GLY A 23 -3.11 -14.01 11.23
N ASP A 24 -4.44 -13.81 11.20
CA ASP A 24 -5.19 -14.20 10.02
C ASP A 24 -5.24 -13.06 9.04
N GLY A 25 -4.57 -11.94 9.35
CA GLY A 25 -4.52 -10.81 8.44
C GLY A 25 -5.66 -9.87 8.69
N THR A 26 -6.64 -10.26 9.53
CA THR A 26 -7.76 -9.38 9.79
C THR A 26 -7.98 -9.30 11.26
N ILE A 27 -8.62 -8.19 11.69
CA ILE A 27 -8.92 -7.99 13.09
C ILE A 27 -10.41 -7.84 13.21
N THR A 28 -11.02 -8.65 14.11
CA THR A 28 -12.46 -8.63 14.29
C THR A 28 -12.76 -8.21 15.70
N THR A 29 -14.08 -8.16 16.04
CA THR A 29 -14.53 -7.76 17.36
C THR A 29 -13.95 -8.67 18.40
N LYS A 30 -13.96 -10.00 18.14
CA LYS A 30 -13.47 -10.93 19.11
C LYS A 30 -12.00 -10.70 19.35
N GLU A 31 -11.21 -10.42 18.30
CA GLU A 31 -9.80 -10.20 18.48
C GLU A 31 -9.58 -8.90 19.19
N LEU A 32 -10.36 -7.85 18.84
CA LEU A 32 -10.20 -6.56 19.47
C LEU A 32 -10.55 -6.67 20.93
N GLY A 33 -11.66 -7.38 21.23
CA GLY A 33 -12.09 -7.57 22.59
C GLY A 33 -11.04 -8.32 23.36
N THR A 34 -10.44 -9.34 22.73
CA THR A 34 -9.43 -10.14 23.38
C THR A 34 -8.24 -9.27 23.71
N VAL A 35 -7.84 -8.39 22.77
CA VAL A 35 -6.71 -7.51 23.01
C VAL A 35 -7.00 -6.61 24.17
N MET A 36 -8.21 -5.99 24.19
CA MET A 36 -8.55 -5.10 25.28
C MET A 36 -8.65 -5.86 26.57
N ARG A 37 -9.22 -7.08 26.52
CA ARG A 37 -9.37 -7.88 27.72
C ARG A 37 -8.00 -8.19 28.27
N SER A 38 -7.05 -8.52 27.37
CA SER A 38 -5.70 -8.85 27.78
C SER A 38 -5.07 -7.66 28.44
N LEU A 39 -5.43 -6.43 27.98
CA LEU A 39 -4.86 -5.23 28.55
C LEU A 39 -5.54 -4.92 29.87
N GLY A 40 -6.60 -5.67 30.23
CA GLY A 40 -7.27 -5.43 31.49
C GLY A 40 -8.37 -4.44 31.31
N GLN A 41 -8.75 -4.16 30.04
CA GLN A 41 -9.82 -3.21 29.79
C GLN A 41 -11.09 -4.00 29.65
N ASN A 42 -12.23 -3.36 30.01
CA ASN A 42 -13.51 -4.04 29.91
C ASN A 42 -14.43 -3.16 29.10
N PRO A 43 -14.30 -3.25 27.79
CA PRO A 43 -15.13 -2.47 26.88
C PRO A 43 -16.51 -3.02 26.71
N THR A 44 -17.46 -2.17 26.27
CA THR A 44 -18.80 -2.63 26.06
C THR A 44 -18.90 -3.09 24.64
N GLU A 45 -19.94 -3.90 24.33
CA GLU A 45 -20.13 -4.41 22.99
C GLU A 45 -20.37 -3.26 22.05
N ALA A 46 -21.15 -2.26 22.48
CA ALA A 46 -21.46 -1.12 21.65
C ALA A 46 -20.20 -0.39 21.27
N GLU A 47 -19.26 -0.23 22.23
CA GLU A 47 -18.03 0.47 21.94
C GLU A 47 -17.20 -0.32 20.98
N LEU A 48 -17.14 -1.66 21.14
CA LEU A 48 -16.33 -2.49 20.27
C LEU A 48 -16.84 -2.44 18.86
N GLN A 49 -18.18 -2.53 18.66
CA GLN A 49 -18.72 -2.51 17.32
C GLN A 49 -18.60 -1.12 16.76
N ASP A 50 -18.64 -0.09 17.63
CA ASP A 50 -18.54 1.27 17.17
C ASP A 50 -17.18 1.49 16.55
N MET A 51 -16.12 0.92 17.15
CA MET A 51 -14.79 1.10 16.62
C MET A 51 -14.69 0.53 15.23
N ILE A 52 -15.26 -0.68 15.02
CA ILE A 52 -15.19 -1.29 13.72
C ILE A 52 -15.95 -0.48 12.70
N ASN A 53 -17.19 -0.06 13.04
CA ASN A 53 -17.98 0.69 12.10
C ASN A 53 -17.37 2.04 11.82
N GLU A 54 -16.84 2.72 12.86
CA GLU A 54 -16.27 4.03 12.68
C GLU A 54 -15.04 3.99 11.81
N VAL A 55 -14.18 2.97 12.00
CA VAL A 55 -12.96 2.91 11.24
C VAL A 55 -13.18 2.17 9.95
N ASP A 56 -14.42 1.68 9.69
CA ASP A 56 -14.67 0.96 8.48
C ASP A 56 -15.00 1.95 7.39
N ALA A 57 -13.97 2.69 6.92
CA ALA A 57 -14.14 3.64 5.86
C ALA A 57 -14.53 2.90 4.61
N ASP A 58 -13.93 1.71 4.39
CA ASP A 58 -14.22 0.94 3.21
C ASP A 58 -15.50 0.17 3.41
N GLY A 59 -15.96 0.06 4.67
CA GLY A 59 -17.20 -0.62 4.97
C GLY A 59 -17.13 -2.06 4.56
N ASN A 60 -15.96 -2.70 4.72
CA ASN A 60 -15.85 -4.10 4.34
C ASN A 60 -16.30 -4.96 5.51
N GLY A 61 -16.70 -4.32 6.64
CA GLY A 61 -17.19 -5.05 7.79
C GLY A 61 -16.07 -5.59 8.61
N THR A 62 -14.80 -5.34 8.20
CA THR A 62 -13.69 -5.86 8.96
C THR A 62 -12.64 -4.79 9.06
N ILE A 63 -11.68 -4.97 10.00
CA ILE A 63 -10.61 -4.02 10.15
C ILE A 63 -9.37 -4.69 9.66
N ASP A 64 -8.71 -4.04 8.68
CA ASP A 64 -7.49 -4.58 8.11
C ASP A 64 -6.34 -3.80 8.69
N PHE A 65 -5.11 -4.24 8.41
CA PHE A 65 -3.93 -3.58 8.93
C PHE A 65 -3.88 -2.13 8.47
N PRO A 66 -4.03 -1.86 7.17
CA PRO A 66 -4.01 -0.47 6.70
C PRO A 66 -5.13 0.34 7.26
N GLU A 67 -6.27 -0.33 7.50
CA GLU A 67 -7.44 0.33 8.02
C GLU A 67 -7.12 0.86 9.40
N PHE A 68 -6.40 0.07 10.24
CA PHE A 68 -6.03 0.54 11.57
C PHE A 68 -5.00 1.62 11.44
N LEU A 69 -4.09 1.51 10.45
CA LEU A 69 -3.04 2.49 10.27
C LEU A 69 -3.67 3.82 10.02
N THR A 70 -4.78 3.86 9.26
CA THR A 70 -5.43 5.11 8.95
C THR A 70 -5.90 5.77 10.22
N MET A 71 -6.53 5.01 11.13
CA MET A 71 -7.03 5.58 12.36
C MET A 71 -5.88 5.93 13.30
N MET A 72 -4.92 5.01 13.46
CA MET A 72 -3.81 5.22 14.36
C MET A 72 -2.91 6.35 13.90
N ALA A 73 -2.68 6.46 12.57
CA ALA A 73 -1.78 7.48 12.06
C ALA A 73 -2.55 8.75 11.86
N ARG A 74 -3.88 8.72 12.09
CA ARG A 74 -4.70 9.91 11.91
C ARG A 74 -4.63 10.34 10.48
N LYS A 75 -4.97 9.40 9.55
CA LYS A 75 -4.96 9.66 8.14
C LYS A 75 -3.53 9.74 7.67
N MET A 76 -3.10 10.96 7.24
CA MET A 76 -1.75 11.17 6.75
C MET A 76 -1.65 10.66 5.33
N LYS A 77 -1.95 9.37 5.12
CA LYS A 77 -1.90 8.79 3.80
C LYS A 77 -3.27 8.27 3.50
N ASP A 78 -3.74 8.46 2.25
CA ASP A 78 -5.06 8.00 1.88
C ASP A 78 -4.92 6.92 0.85
N THR A 79 -3.71 6.36 0.67
CA THR A 79 -3.53 5.31 -0.31
C THR A 79 -2.37 4.47 0.11
N ASP A 80 -2.39 3.18 -0.30
CA ASP A 80 -1.32 2.27 0.04
C ASP A 80 -0.63 1.92 -1.23
N SER A 81 0.02 2.92 -1.87
CA SER A 81 0.71 2.69 -3.12
C SER A 81 1.90 1.80 -2.91
N GLU A 82 2.44 1.77 -1.67
CA GLU A 82 3.60 0.95 -1.39
C GLU A 82 3.26 -0.50 -1.57
N GLU A 83 2.04 -0.90 -1.14
CA GLU A 83 1.61 -2.27 -1.27
C GLU A 83 1.50 -2.63 -2.73
N GLU A 84 0.96 -1.70 -3.54
CA GLU A 84 0.80 -1.95 -4.96
C GLU A 84 2.15 -2.11 -5.60
N ILE A 85 3.12 -1.24 -5.21
CA ILE A 85 4.45 -1.30 -5.78
C ILE A 85 5.09 -2.62 -5.42
N ARG A 86 4.96 -3.07 -4.15
CA ARG A 86 5.55 -4.30 -3.72
C ARG A 86 4.99 -5.45 -4.52
N GLU A 87 3.66 -5.47 -4.72
CA GLU A 87 3.02 -6.53 -5.48
C GLU A 87 3.50 -6.47 -6.91
N ALA A 88 3.68 -5.26 -7.46
CA ALA A 88 4.11 -5.10 -8.82
C ALA A 88 5.46 -5.74 -9.02
N PHE A 89 6.39 -5.63 -8.04
CA PHE A 89 7.69 -6.23 -8.21
C PHE A 89 7.57 -7.72 -8.38
N ARG A 90 6.65 -8.36 -7.64
CA ARG A 90 6.47 -9.80 -7.75
C ARG A 90 6.02 -10.14 -9.15
N VAL A 91 5.03 -9.37 -9.68
CA VAL A 91 4.51 -9.62 -10.99
C VAL A 91 5.55 -9.35 -12.05
N PHE A 92 6.26 -8.20 -11.95
CA PHE A 92 7.26 -7.86 -12.94
C PHE A 92 8.42 -8.81 -12.88
N ASP A 93 8.84 -9.22 -11.66
CA ASP A 93 9.96 -10.11 -11.54
C ASP A 93 9.44 -11.52 -11.65
N LYS A 94 9.07 -11.92 -12.89
CA LYS A 94 8.52 -13.22 -13.16
C LYS A 94 9.54 -14.30 -12.85
N ASP A 95 10.83 -14.10 -13.19
CA ASP A 95 11.81 -15.14 -12.97
C ASP A 95 12.24 -15.18 -11.52
N GLY A 96 11.86 -14.16 -10.71
CA GLY A 96 12.19 -14.18 -9.30
C GLY A 96 13.68 -14.09 -9.09
N ASN A 97 14.43 -13.42 -10.00
CA ASN A 97 15.86 -13.32 -9.81
C ASN A 97 16.19 -12.09 -9.00
N GLY A 98 15.15 -11.35 -8.56
CA GLY A 98 15.36 -10.17 -7.74
C GLY A 98 15.67 -8.98 -8.61
N TYR A 99 15.72 -9.16 -9.94
CA TYR A 99 16.03 -8.04 -10.81
C TYR A 99 15.11 -8.09 -12.00
N ILE A 100 14.97 -6.93 -12.67
CA ILE A 100 14.12 -6.85 -13.83
C ILE A 100 15.01 -6.62 -15.01
N SER A 101 14.86 -7.49 -16.04
CA SER A 101 15.68 -7.41 -17.22
C SER A 101 14.81 -6.91 -18.33
N ALA A 102 15.42 -6.60 -19.49
CA ALA A 102 14.69 -6.10 -20.63
C ALA A 102 13.69 -7.13 -21.08
N ALA A 103 14.08 -8.42 -21.06
CA ALA A 103 13.18 -9.48 -21.48
C ALA A 103 11.98 -9.52 -20.57
N GLU A 104 12.20 -9.33 -19.25
CA GLU A 104 11.11 -9.37 -18.31
C GLU A 104 10.18 -8.20 -18.56
N LEU A 105 10.74 -7.01 -18.86
CA LEU A 105 9.91 -5.85 -19.12
C LEU A 105 9.12 -6.09 -20.38
N ARG A 106 9.76 -6.68 -21.41
CA ARG A 106 9.10 -6.96 -22.66
C ARG A 106 7.94 -7.89 -22.41
N HIS A 107 8.15 -8.89 -21.53
CA HIS A 107 7.10 -9.84 -21.21
C HIS A 107 5.92 -9.12 -20.63
N VAL A 108 6.16 -8.16 -19.70
CA VAL A 108 5.08 -7.43 -19.07
C VAL A 108 4.31 -6.68 -20.13
N MET A 109 5.02 -5.97 -21.03
CA MET A 109 4.36 -5.20 -22.06
C MET A 109 3.63 -6.13 -23.00
N THR A 110 4.22 -7.30 -23.32
CA THR A 110 3.59 -8.25 -24.21
C THR A 110 2.30 -8.72 -23.60
N ASN A 111 2.31 -8.98 -22.28
CA ASN A 111 1.11 -9.43 -21.59
C ASN A 111 0.06 -8.36 -21.67
N LEU A 112 0.48 -7.07 -21.60
CA LEU A 112 -0.47 -5.97 -21.66
C LEU A 112 -1.02 -5.85 -23.06
N GLY A 113 -0.36 -6.48 -24.06
CA GLY A 113 -0.86 -6.41 -25.42
C GLY A 113 -0.11 -5.35 -26.18
N GLU A 114 0.99 -4.83 -25.60
CA GLU A 114 1.75 -3.81 -26.27
C GLU A 114 2.91 -4.49 -26.91
N LYS A 115 3.19 -4.15 -28.20
CA LYS A 115 4.29 -4.77 -28.89
C LYS A 115 5.36 -3.74 -29.07
N LEU A 116 6.60 -4.10 -28.67
CA LEU A 116 7.71 -3.19 -28.79
C LEU A 116 8.82 -3.94 -29.45
N THR A 117 9.69 -3.22 -30.19
CA THR A 117 10.81 -3.85 -30.83
C THR A 117 11.89 -3.98 -29.79
N ASP A 118 12.92 -4.82 -30.07
CA ASP A 118 13.99 -5.02 -29.13
C ASP A 118 14.72 -3.71 -28.92
N GLU A 119 14.91 -2.93 -30.00
CA GLU A 119 15.60 -1.67 -29.91
C GLU A 119 14.83 -0.72 -29.02
N GLU A 120 13.50 -0.67 -29.17
CA GLU A 120 12.69 0.24 -28.37
C GLU A 120 12.74 -0.16 -26.92
N VAL A 121 12.67 -1.49 -26.64
CA VAL A 121 12.69 -1.94 -25.26
C VAL A 121 14.03 -1.60 -24.65
N ASP A 122 15.11 -1.83 -25.41
CA ASP A 122 16.45 -1.57 -24.91
C ASP A 122 16.59 -0.11 -24.57
N GLU A 123 16.08 0.79 -25.44
CA GLU A 123 16.20 2.21 -25.20
C GLU A 123 15.44 2.59 -23.95
N MET A 124 14.24 2.01 -23.74
CA MET A 124 13.46 2.35 -22.57
C MET A 124 14.18 1.86 -21.34
N ILE A 125 14.77 0.64 -21.41
CA ILE A 125 15.48 0.09 -20.29
C ILE A 125 16.67 0.95 -19.96
N ARG A 126 17.43 1.39 -21.00
CA ARG A 126 18.61 2.19 -20.76
C ARG A 126 18.21 3.54 -20.19
N GLU A 127 17.03 4.05 -20.57
CA GLU A 127 16.57 5.33 -20.08
C GLU A 127 16.33 5.25 -18.60
N ALA A 128 15.73 4.14 -18.14
CA ALA A 128 15.43 3.99 -16.73
C ALA A 128 16.62 3.37 -16.04
N ASP A 129 17.70 3.07 -16.79
CA ASP A 129 18.86 2.45 -16.20
C ASP A 129 19.75 3.57 -15.72
N ILE A 130 19.49 4.02 -14.47
CA ILE A 130 20.23 5.09 -13.85
C ILE A 130 21.67 4.69 -13.65
N ASP A 131 21.92 3.47 -13.11
CA ASP A 131 23.28 3.06 -12.84
C ASP A 131 23.96 2.58 -14.10
N GLY A 132 23.20 2.31 -15.16
CA GLY A 132 23.79 1.88 -16.41
C GLY A 132 24.38 0.49 -16.27
N ASP A 133 23.82 -0.38 -15.40
CA ASP A 133 24.38 -1.70 -15.23
C ASP A 133 23.74 -2.66 -16.21
N GLY A 134 22.85 -2.16 -17.11
CA GLY A 134 22.23 -3.02 -18.09
C GLY A 134 21.05 -3.72 -17.49
N GLN A 135 20.73 -3.44 -16.20
CA GLN A 135 19.62 -4.10 -15.56
C GLN A 135 18.87 -3.07 -14.76
N VAL A 136 17.60 -3.39 -14.45
CA VAL A 136 16.77 -2.49 -13.69
C VAL A 136 16.68 -3.07 -12.30
N ASN A 137 17.12 -2.28 -11.29
CA ASN A 137 17.10 -2.72 -9.91
C ASN A 137 15.84 -2.19 -9.28
N TYR A 138 15.65 -2.49 -7.96
CA TYR A 138 14.48 -2.05 -7.26
C TYR A 138 14.38 -0.55 -7.24
N GLU A 139 15.50 0.13 -6.94
CA GLU A 139 15.50 1.59 -6.88
C GLU A 139 15.19 2.15 -8.24
N GLU A 140 15.73 1.51 -9.30
CA GLU A 140 15.54 1.98 -10.64
C GLU A 140 14.10 1.78 -11.05
N PHE A 141 13.50 0.63 -10.66
CA PHE A 141 12.13 0.33 -11.00
C PHE A 141 11.21 1.32 -10.31
N VAL A 142 11.57 1.74 -9.09
CA VAL A 142 10.75 2.67 -8.35
C VAL A 142 10.63 3.94 -9.17
N GLN A 143 11.73 4.37 -9.84
CA GLN A 143 11.71 5.57 -10.64
C GLN A 143 10.68 5.40 -11.75
N MET A 144 10.60 4.19 -12.34
CA MET A 144 9.67 3.92 -13.42
C MET A 144 8.25 4.12 -12.94
N MET A 145 7.93 3.57 -11.75
CA MET A 145 6.59 3.67 -11.21
C MET A 145 6.29 5.08 -10.76
N THR A 146 7.32 5.89 -10.43
CA THR A 146 7.08 7.25 -10.00
C THR A 146 7.19 8.16 -11.18
N ALA A 147 7.30 7.59 -12.40
CA ALA A 147 7.42 8.39 -13.59
C ALA A 147 6.11 9.11 -13.82
N LYS A 148 6.20 10.38 -14.23
CA LYS A 148 5.01 11.16 -14.47
C LYS A 148 5.34 12.22 -15.53
N ALA B 1 -1.80 -11.72 -9.19
CA ALA B 1 -3.23 -11.44 -8.86
C ALA B 1 -3.46 -9.97 -8.70
N LEU B 2 -3.04 -9.16 -9.69
CA LEU B 2 -3.23 -7.73 -9.63
C LEU B 2 -4.60 -7.43 -10.15
N SER B 3 -5.22 -6.37 -9.60
CA SER B 3 -6.53 -5.96 -10.04
C SER B 3 -6.38 -5.36 -11.41
N LYS B 4 -7.46 -5.38 -12.21
CA LYS B 4 -7.41 -4.83 -13.55
C LYS B 4 -7.08 -3.37 -13.48
N ASP B 5 -7.68 -2.64 -12.53
CA ASP B 5 -7.42 -1.21 -12.42
C ASP B 5 -5.97 -0.98 -12.11
N LYS B 6 -5.35 -1.84 -11.27
CA LYS B 6 -3.96 -1.68 -10.92
C LYS B 6 -3.13 -1.92 -12.16
N GLU B 7 -3.50 -2.93 -12.97
CA GLU B 7 -2.75 -3.24 -14.18
C GLU B 7 -2.88 -2.10 -15.14
N GLU B 8 -4.10 -1.52 -15.24
CA GLU B 8 -4.32 -0.41 -16.15
C GLU B 8 -3.47 0.77 -15.73
N GLU B 9 -3.34 1.01 -14.41
CA GLU B 9 -2.57 2.13 -13.93
C GLU B 9 -1.13 1.93 -14.34
N ILE B 10 -0.61 0.70 -14.19
CA ILE B 10 0.75 0.40 -14.54
C ILE B 10 0.92 0.59 -16.03
N ARG B 11 -0.06 0.12 -16.82
CA ARG B 11 0.00 0.23 -18.26
C ARG B 11 0.03 1.68 -18.65
N LYS B 12 -0.80 2.53 -17.99
CA LYS B 12 -0.84 3.94 -18.33
C LYS B 12 0.51 4.56 -18.05
N ILE B 13 1.18 4.19 -16.93
CA ILE B 13 2.46 4.77 -16.63
C ILE B 13 3.45 4.41 -17.71
N LEU B 14 3.51 3.11 -18.08
CA LEU B 14 4.44 2.67 -19.10
C LEU B 14 4.08 3.30 -20.42
N ARG B 15 2.77 3.41 -20.72
CA ARG B 15 2.34 4.00 -21.97
C ARG B 15 2.80 5.43 -22.03
N ASN B 16 2.73 6.15 -20.88
CA ASN B 16 3.10 7.54 -20.85
C ASN B 16 4.55 7.70 -21.24
N ASN B 17 5.48 6.89 -20.70
CA ASN B 17 6.87 7.02 -21.06
C ASN B 17 7.08 6.42 -22.44
N LEU B 18 6.26 5.41 -22.81
CA LEU B 18 6.39 4.77 -24.10
C LEU B 18 6.14 5.78 -25.20
N GLN B 19 5.09 6.62 -25.06
CA GLN B 19 4.77 7.59 -26.08
C GLN B 19 5.90 8.59 -26.21
N LYS B 20 6.47 9.02 -25.07
CA LYS B 20 7.55 9.98 -25.11
C LYS B 20 8.76 9.33 -25.72
N THR B 21 9.01 8.06 -25.37
CA THR B 21 10.16 7.33 -25.89
C THR B 21 10.01 7.18 -27.38
N ARG B 22 8.79 6.83 -27.85
CA ARG B 22 8.56 6.65 -29.26
C ARG B 22 8.79 7.94 -29.98
N GLN B 23 8.28 9.07 -29.42
CA GLN B 23 8.45 10.36 -30.06
C GLN B 23 9.91 10.69 -30.14
N ARG B 24 10.67 10.46 -29.06
CA ARG B 24 12.08 10.77 -29.04
C ARG B 24 12.81 9.87 -30.01
N LEU B 25 12.40 8.58 -30.08
CA LEU B 25 13.06 7.64 -30.96
C LEU B 25 12.91 8.10 -32.39
N ARG B 26 11.69 8.53 -32.77
CA ARG B 26 11.45 8.99 -34.12
C ARG B 26 12.19 10.28 -34.35
N SER B 27 12.23 11.16 -33.32
CA SER B 27 12.89 12.44 -33.44
C SER B 27 14.36 12.23 -33.71
N TYR B 28 15.00 11.26 -33.03
CA TYR B 28 16.41 11.02 -33.24
C TYR B 28 16.56 10.08 -34.41
N ASN B 29 16.07 10.52 -35.59
CA ASN B 29 16.15 9.73 -36.79
C ASN B 29 17.60 9.53 -37.17
N ARG B 30 18.42 10.57 -36.97
CA ARG B 30 19.82 10.48 -37.33
C ARG B 30 20.51 9.46 -36.47
N HIS B 31 20.13 9.35 -35.18
CA HIS B 31 20.81 8.41 -34.31
C HIS B 31 20.28 7.01 -34.51
N THR B 32 19.02 6.87 -34.97
CA THR B 32 18.48 5.54 -35.18
C THR B 32 17.97 5.46 -36.58
N LEU B 33 18.55 4.54 -37.38
CA LEU B 33 18.14 4.41 -38.75
C LEU B 33 17.23 3.22 -38.84
N VAL B 34 15.98 3.45 -39.31
CA VAL B 34 15.04 2.38 -39.44
C VAL B 34 14.23 2.66 -40.67
N ALA B 35 13.89 1.59 -41.42
CA ALA B 35 13.13 1.76 -42.63
C ALA B 35 11.69 1.96 -42.26
N ASP B 36 11.00 2.89 -42.96
CA ASP B 36 9.61 3.16 -42.69
C ASP B 36 9.46 3.62 -41.22
N ALA C 1 7.26 -11.18 19.73
CA ALA C 1 8.19 -11.01 20.87
C ALA C 1 8.64 -9.58 20.98
N LEU C 2 7.72 -8.69 21.39
CA LEU C 2 8.05 -7.30 21.54
C LEU C 2 8.19 -7.00 23.01
N SER C 3 8.83 -5.85 23.31
CA SER C 3 9.04 -5.43 24.68
C SER C 3 7.71 -5.15 25.31
N LYS C 4 7.63 -5.29 26.65
CA LYS C 4 6.42 -5.05 27.40
C LYS C 4 5.96 -3.64 27.15
N ASP C 5 6.92 -2.73 26.87
CA ASP C 5 6.59 -1.34 26.63
C ASP C 5 5.65 -1.25 25.45
N LYS C 6 5.84 -2.11 24.42
CA LYS C 6 4.98 -2.08 23.25
C LYS C 6 3.59 -2.51 23.66
N GLU C 7 3.47 -3.48 24.59
CA GLU C 7 2.16 -3.92 25.03
C GLU C 7 1.47 -2.79 25.73
N GLU C 8 2.24 -2.03 26.56
CA GLU C 8 1.69 -0.90 27.27
C GLU C 8 1.28 0.16 26.28
N GLU C 9 2.05 0.27 25.18
CA GLU C 9 1.77 1.26 24.15
C GLU C 9 0.39 1.02 23.58
N ILE C 10 -0.07 -0.26 23.50
CA ILE C 10 -1.37 -0.54 22.95
C ILE C 10 -2.42 0.17 23.77
N ARG C 11 -2.24 0.19 25.11
CA ARG C 11 -3.22 0.85 25.96
C ARG C 11 -3.32 2.29 25.54
N LYS C 12 -2.18 2.94 25.27
CA LYS C 12 -2.19 4.33 24.86
C LYS C 12 -2.82 4.45 23.49
N ILE C 13 -2.54 3.47 22.60
CA ILE C 13 -3.06 3.51 21.25
C ILE C 13 -4.56 3.37 21.31
N LEU C 14 -5.07 2.43 22.12
CA LEU C 14 -6.50 2.25 22.25
C LEU C 14 -7.11 3.37 23.03
N ARG C 15 -6.38 3.95 24.02
CA ARG C 15 -6.93 5.01 24.83
C ARG C 15 -7.32 6.18 23.94
N ASN C 16 -6.42 6.56 23.01
CA ASN C 16 -6.71 7.67 22.13
C ASN C 16 -7.87 7.31 21.25
N ASN C 17 -7.87 6.08 20.71
CA ASN C 17 -8.93 5.64 19.82
C ASN C 17 -10.24 5.57 20.58
N LEU C 18 -10.18 5.08 21.83
CA LEU C 18 -11.36 4.90 22.64
C LEU C 18 -12.03 6.23 22.90
N GLN C 19 -11.24 7.28 23.21
CA GLN C 19 -11.83 8.57 23.50
C GLN C 19 -12.55 9.09 22.28
N LYS C 20 -11.96 8.90 21.08
CA LYS C 20 -12.59 9.38 19.87
C LYS C 20 -13.88 8.63 19.64
N THR C 21 -13.89 7.30 19.91
CA THR C 21 -15.08 6.52 19.70
C THR C 21 -16.12 6.87 20.72
N ARG C 22 -15.68 7.18 21.97
CA ARG C 22 -16.61 7.52 23.03
C ARG C 22 -17.38 8.75 22.63
N GLN C 23 -16.70 9.76 22.05
CA GLN C 23 -17.37 10.98 21.68
C GLN C 23 -18.40 10.68 20.62
N ARG C 24 -18.06 9.81 19.65
CA ARG C 24 -18.99 9.47 18.59
C ARG C 24 -20.14 8.67 19.17
N LEU C 25 -19.85 7.77 20.13
CA LEU C 25 -20.87 6.95 20.73
C LEU C 25 -21.85 7.83 21.47
N ARG C 26 -21.35 8.84 22.20
CA ARG C 26 -22.22 9.72 22.96
C ARG C 26 -22.93 10.67 22.03
N SER C 27 -22.50 10.75 20.75
CA SER C 27 -23.14 11.66 19.82
C SER C 27 -24.44 11.06 19.36
N TYR C 28 -24.70 9.77 19.70
CA TYR C 28 -25.93 9.16 19.27
C TYR C 28 -26.96 9.32 20.37
N ASN C 29 -26.60 10.05 21.45
CA ASN C 29 -27.52 10.26 22.55
C ASN C 29 -28.64 11.16 22.08
N ARG C 30 -28.37 12.00 21.07
CA ARG C 30 -29.37 12.92 20.57
C ARG C 30 -30.20 12.21 19.53
N HIS C 31 -29.87 10.95 19.20
CA HIS C 31 -30.62 10.23 18.20
C HIS C 31 -31.47 9.20 18.88
N THR C 32 -31.67 9.34 20.21
CA THR C 32 -32.48 8.40 20.92
C THR C 32 -33.13 9.14 22.05
N LEU C 33 -34.19 8.55 22.65
CA LEU C 33 -34.88 9.22 23.73
C LEU C 33 -34.39 8.60 25.01
N VAL C 34 -33.87 9.45 25.92
CA VAL C 34 -33.38 8.96 27.18
C VAL C 34 -34.22 9.62 28.24
N ALA C 35 -34.78 8.79 29.16
CA ALA C 35 -35.60 9.32 30.21
C ALA C 35 -35.00 8.85 31.50
N ASP C 36 -35.02 9.72 32.54
CA ASP C 36 -34.47 9.36 33.82
C ASP C 36 -35.60 8.77 34.66
N ALA A 1 7.97 -10.72 3.66
CA ALA A 1 9.18 -11.07 4.46
C ALA A 1 9.56 -9.93 5.38
N ASP A 2 8.63 -9.53 6.27
CA ASP A 2 8.89 -8.46 7.19
C ASP A 2 9.29 -9.07 8.50
N GLN A 3 10.36 -8.53 9.11
CA GLN A 3 10.82 -9.05 10.38
C GLN A 3 11.03 -7.87 11.28
N LEU A 4 10.49 -7.95 12.52
CA LEU A 4 10.64 -6.88 13.46
C LEU A 4 11.95 -7.06 14.16
N THR A 5 12.62 -5.93 14.48
CA THR A 5 13.89 -5.99 15.16
C THR A 5 13.62 -6.19 16.62
N GLU A 6 14.69 -6.55 17.38
CA GLU A 6 14.56 -6.79 18.80
C GLU A 6 14.12 -5.52 19.49
N GLU A 7 14.68 -4.35 19.06
CA GLU A 7 14.33 -3.10 19.68
C GLU A 7 12.87 -2.81 19.47
N GLN A 8 12.34 -3.09 18.26
CA GLN A 8 10.94 -2.83 17.97
C GLN A 8 10.08 -3.72 18.82
N ILE A 9 10.48 -5.01 18.98
CA ILE A 9 9.71 -5.93 19.78
C ILE A 9 9.76 -5.49 21.22
N ALA A 10 10.93 -5.03 21.70
CA ALA A 10 11.07 -4.59 23.07
C ALA A 10 10.14 -3.42 23.31
N GLU A 11 10.04 -2.49 22.33
CA GLU A 11 9.19 -1.36 22.45
C GLU A 11 7.76 -1.83 22.51
N PHE A 12 7.43 -2.87 21.72
CA PHE A 12 6.09 -3.41 21.68
C PHE A 12 5.71 -3.98 23.02
N LYS A 13 6.70 -4.46 23.79
CA LYS A 13 6.41 -5.04 25.08
C LYS A 13 5.76 -3.98 25.95
N GLU A 14 6.26 -2.73 25.87
CA GLU A 14 5.71 -1.66 26.64
C GLU A 14 4.28 -1.42 26.20
N ALA A 15 4.01 -1.48 24.88
CA ALA A 15 2.68 -1.25 24.37
C ALA A 15 1.72 -2.29 24.87
N PHE A 16 2.15 -3.57 24.99
CA PHE A 16 1.25 -4.61 25.47
C PHE A 16 0.92 -4.27 26.89
N SER A 17 1.94 -3.82 27.64
CA SER A 17 1.75 -3.46 29.04
C SER A 17 0.83 -2.28 29.14
N LEU A 18 0.75 -1.44 28.08
CA LEU A 18 -0.12 -0.28 28.11
C LEU A 18 -1.55 -0.72 28.22
N PHE A 19 -1.93 -1.81 27.54
CA PHE A 19 -3.30 -2.26 27.59
C PHE A 19 -3.43 -3.31 28.66
N ASP A 20 -2.39 -4.15 28.84
CA ASP A 20 -2.44 -5.19 29.84
C ASP A 20 -1.96 -4.59 31.13
N LYS A 21 -2.86 -3.83 31.80
CA LYS A 21 -2.53 -3.16 33.04
C LYS A 21 -2.20 -4.14 34.13
N ASP A 22 -2.94 -5.27 34.21
CA ASP A 22 -2.69 -6.21 35.29
C ASP A 22 -1.50 -7.08 34.99
N GLY A 23 -0.98 -7.05 33.73
CA GLY A 23 0.20 -7.83 33.39
C GLY A 23 -0.06 -9.30 33.52
N ASP A 24 -1.30 -9.77 33.28
CA ASP A 24 -1.57 -11.19 33.39
C ASP A 24 -1.38 -11.86 32.07
N GLY A 25 -0.93 -11.11 31.03
CA GLY A 25 -0.70 -11.67 29.73
C GLY A 25 -1.99 -11.75 28.96
N THR A 26 -3.10 -11.29 29.56
CA THR A 26 -4.38 -11.35 28.90
C THR A 26 -5.01 -9.99 28.97
N ILE A 27 -5.56 -9.52 27.83
CA ILE A 27 -6.23 -8.24 27.80
C ILE A 27 -7.69 -8.52 27.53
N THR A 28 -8.57 -8.00 28.42
CA THR A 28 -9.98 -8.21 28.30
C THR A 28 -10.68 -6.89 28.11
N THR A 29 -12.02 -6.94 27.98
CA THR A 29 -12.82 -5.76 27.76
C THR A 29 -12.64 -4.79 28.89
N LYS A 30 -12.64 -5.28 30.14
CA LYS A 30 -12.51 -4.40 31.28
C LYS A 30 -11.18 -3.70 31.24
N GLU A 31 -10.09 -4.42 30.88
CA GLU A 31 -8.78 -3.79 30.85
C GLU A 31 -8.72 -2.83 29.69
N LEU A 32 -9.27 -3.21 28.52
CA LEU A 32 -9.23 -2.38 27.35
C LEU A 32 -10.03 -1.12 27.59
N GLY A 33 -11.24 -1.28 28.20
CA GLY A 33 -12.11 -0.15 28.46
C GLY A 33 -11.44 0.78 29.41
N THR A 34 -10.75 0.24 30.44
CA THR A 34 -10.09 1.08 31.42
C THR A 34 -9.02 1.90 30.74
N VAL A 35 -8.26 1.25 29.83
CA VAL A 35 -7.20 1.95 29.13
C VAL A 35 -7.79 3.05 28.28
N MET A 36 -8.88 2.76 27.55
CA MET A 36 -9.50 3.75 26.69
C MET A 36 -10.05 4.87 27.55
N ARG A 37 -10.65 4.54 28.71
CA ARG A 37 -11.19 5.55 29.60
C ARG A 37 -10.07 6.43 30.09
N SER A 38 -8.89 5.84 30.36
CA SER A 38 -7.75 6.60 30.84
C SER A 38 -7.35 7.61 29.80
N LEU A 39 -7.51 7.26 28.51
CA LEU A 39 -7.15 8.17 27.44
C LEU A 39 -8.25 9.19 27.25
N GLY A 40 -9.39 9.04 27.96
CA GLY A 40 -10.46 10.00 27.83
C GLY A 40 -11.42 9.56 26.76
N GLN A 41 -11.31 8.30 26.28
CA GLN A 41 -12.22 7.82 25.26
C GLN A 41 -13.36 7.17 25.97
N ASN A 42 -14.57 7.19 25.35
CA ASN A 42 -15.72 6.59 25.97
C ASN A 42 -16.35 5.65 24.97
N PRO A 43 -15.85 4.43 24.93
CA PRO A 43 -16.37 3.42 24.03
C PRO A 43 -17.62 2.76 24.54
N THR A 44 -18.41 2.16 23.63
CA THR A 44 -19.62 1.49 24.04
C THR A 44 -19.24 0.08 24.36
N GLU A 45 -20.00 -0.60 25.26
CA GLU A 45 -19.69 -1.96 25.64
C GLU A 45 -19.84 -2.86 24.44
N ALA A 46 -20.87 -2.64 23.61
CA ALA A 46 -21.09 -3.46 22.45
C ALA A 46 -19.94 -3.31 21.50
N GLU A 47 -19.43 -2.07 21.36
CA GLU A 47 -18.32 -1.82 20.46
C GLU A 47 -17.10 -2.55 20.94
N LEU A 48 -16.86 -2.57 22.27
CA LEU A 48 -15.68 -3.21 22.81
C LEU A 48 -15.73 -4.69 22.51
N GLN A 49 -16.93 -5.32 22.61
CA GLN A 49 -17.04 -6.74 22.34
C GLN A 49 -16.71 -6.99 20.89
N ASP A 50 -17.19 -6.11 20.00
CA ASP A 50 -16.93 -6.28 18.58
C ASP A 50 -15.47 -6.08 18.29
N MET A 51 -14.82 -5.07 18.94
CA MET A 51 -13.43 -4.81 18.68
C MET A 51 -12.59 -6.01 19.08
N ILE A 52 -12.90 -6.62 20.25
CA ILE A 52 -12.13 -7.76 20.69
C ILE A 52 -12.35 -8.91 19.73
N ASN A 53 -13.61 -9.17 19.34
CA ASN A 53 -13.90 -10.28 18.45
C ASN A 53 -13.21 -10.09 17.12
N GLU A 54 -13.25 -8.86 16.57
CA GLU A 54 -12.65 -8.59 15.29
C GLU A 54 -11.16 -8.81 15.32
N VAL A 55 -10.48 -8.37 16.39
CA VAL A 55 -9.05 -8.50 16.47
C VAL A 55 -8.68 -9.83 17.09
N ASP A 56 -9.69 -10.69 17.38
CA ASP A 56 -9.39 -11.97 17.98
C ASP A 56 -9.05 -12.93 16.87
N ALA A 57 -7.78 -12.87 16.41
CA ALA A 57 -7.32 -13.71 15.33
C ALA A 57 -7.37 -15.17 15.70
N ASP A 58 -7.02 -15.51 16.96
CA ASP A 58 -6.99 -16.90 17.36
C ASP A 58 -8.37 -17.35 17.76
N GLY A 59 -9.29 -16.40 18.01
CA GLY A 59 -10.64 -16.75 18.37
C GLY A 59 -10.68 -17.42 19.71
N ASN A 60 -9.73 -17.08 20.61
CA ASN A 60 -9.71 -17.70 21.91
C ASN A 60 -10.57 -16.92 22.87
N GLY A 61 -11.25 -15.85 22.37
CA GLY A 61 -12.13 -15.08 23.21
C GLY A 61 -11.38 -13.95 23.85
N THR A 62 -10.04 -13.90 23.71
CA THR A 62 -9.29 -12.84 24.34
C THR A 62 -8.24 -12.33 23.40
N ILE A 63 -7.64 -11.18 23.75
CA ILE A 63 -6.62 -10.59 22.92
C ILE A 63 -5.32 -10.86 23.63
N ASP A 64 -4.39 -11.53 22.92
CA ASP A 64 -3.10 -11.86 23.48
C ASP A 64 -2.12 -10.86 22.95
N PHE A 65 -0.87 -10.91 23.48
CA PHE A 65 0.16 -9.98 23.08
C PHE A 65 0.45 -10.06 21.58
N PRO A 66 0.67 -11.24 21.02
CA PRO A 66 0.95 -11.34 19.58
C PRO A 66 -0.17 -10.84 18.71
N GLU A 67 -1.43 -10.93 19.21
CA GLU A 67 -2.55 -10.47 18.43
C GLU A 67 -2.45 -8.97 18.30
N PHE A 68 -2.03 -8.27 19.38
CA PHE A 68 -1.88 -6.83 19.30
C PHE A 68 -0.69 -6.49 18.44
N LEU A 69 0.39 -7.30 18.53
CA LEU A 69 1.59 -7.04 17.77
C LEU A 69 1.28 -7.12 16.29
N THR A 70 0.53 -8.16 15.86
CA THR A 70 0.22 -8.29 14.46
C THR A 70 -0.79 -7.25 14.06
N MET A 71 -1.74 -6.92 14.96
CA MET A 71 -2.74 -5.93 14.66
C MET A 71 -2.11 -4.58 14.43
N MET A 72 -1.18 -4.16 15.32
CA MET A 72 -0.55 -2.87 15.18
C MET A 72 0.44 -2.89 14.04
N ALA A 73 0.77 -4.10 13.53
CA ALA A 73 1.71 -4.20 12.45
C ALA A 73 0.96 -3.96 11.16
N ARG A 74 -0.40 -3.97 11.21
CA ARG A 74 -1.18 -3.74 10.02
C ARG A 74 -1.24 -2.27 9.78
N LYS A 75 -1.21 -1.88 8.50
CA LYS A 75 -1.26 -0.48 8.10
C LYS A 75 0.13 0.09 8.21
N MET A 76 0.56 0.81 7.17
CA MET A 76 1.88 1.39 7.17
C MET A 76 1.70 2.84 6.86
N LYS A 77 2.70 3.67 7.23
CA LYS A 77 2.61 5.08 6.97
C LYS A 77 2.93 5.28 5.52
N ASP A 78 2.11 6.11 4.82
CA ASP A 78 2.34 6.33 3.42
C ASP A 78 1.66 7.63 3.07
N THR A 79 1.70 7.99 1.76
CA THR A 79 1.09 9.22 1.32
C THR A 79 0.17 8.88 0.18
N ASP A 80 -0.73 9.84 -0.17
CA ASP A 80 -1.67 9.64 -1.23
C ASP A 80 -0.93 9.45 -2.54
N SER A 81 0.28 10.06 -2.66
CA SER A 81 1.05 9.95 -3.88
C SER A 81 1.39 8.50 -4.13
N GLU A 82 1.73 7.73 -3.06
CA GLU A 82 2.06 6.33 -3.24
C GLU A 82 0.85 5.59 -3.74
N GLU A 83 -0.34 5.91 -3.19
CA GLU A 83 -1.56 5.25 -3.61
C GLU A 83 -1.82 5.57 -5.05
N GLU A 84 -1.56 6.83 -5.45
CA GLU A 84 -1.76 7.25 -6.83
C GLU A 84 -0.87 6.43 -7.73
N ILE A 85 0.40 6.25 -7.33
CA ILE A 85 1.34 5.49 -8.10
C ILE A 85 0.88 4.06 -8.20
N ARG A 86 0.37 3.49 -7.08
CA ARG A 86 -0.07 2.11 -7.06
C ARG A 86 -1.20 1.93 -8.05
N GLU A 87 -2.14 2.90 -8.12
CA GLU A 87 -3.25 2.81 -9.03
C GLU A 87 -2.74 2.79 -10.45
N ALA A 88 -1.69 3.59 -10.75
CA ALA A 88 -1.15 3.64 -12.08
C ALA A 88 -0.60 2.28 -12.45
N PHE A 89 0.06 1.58 -11.50
CA PHE A 89 0.60 0.27 -11.80
C PHE A 89 -0.51 -0.68 -12.14
N ARG A 90 -1.65 -0.58 -11.44
CA ARG A 90 -2.76 -1.49 -11.72
C ARG A 90 -3.23 -1.29 -13.14
N VAL A 91 -3.34 -0.01 -13.58
CA VAL A 91 -3.81 0.27 -14.91
C VAL A 91 -2.86 -0.29 -15.95
N PHE A 92 -1.54 -0.03 -15.78
CA PHE A 92 -0.57 -0.51 -16.75
C PHE A 92 -0.40 -2.00 -16.65
N ASP A 93 -0.37 -2.54 -15.42
CA ASP A 93 -0.17 -3.96 -15.25
C ASP A 93 -1.50 -4.65 -15.33
N LYS A 94 -2.08 -4.70 -16.55
CA LYS A 94 -3.36 -5.31 -16.78
C LYS A 94 -3.31 -6.78 -16.49
N ASP A 95 -2.18 -7.45 -16.85
CA ASP A 95 -2.10 -8.89 -16.64
C ASP A 95 -1.82 -9.20 -15.18
N GLY A 96 -1.47 -8.18 -14.36
CA GLY A 96 -1.25 -8.41 -12.94
C GLY A 96 -0.08 -9.33 -12.70
N ASN A 97 0.95 -9.34 -13.58
CA ASN A 97 2.08 -10.21 -13.34
C ASN A 97 3.11 -9.50 -12.50
N GLY A 98 2.83 -8.24 -12.11
CA GLY A 98 3.74 -7.48 -11.28
C GLY A 98 4.81 -6.84 -12.11
N TYR A 99 4.81 -7.05 -13.44
CA TYR A 99 5.84 -6.46 -14.27
C TYR A 99 5.22 -5.94 -15.53
N ILE A 100 5.94 -5.04 -16.23
CA ILE A 100 5.45 -4.49 -17.47
C ILE A 100 6.30 -5.08 -18.56
N SER A 101 5.64 -5.80 -19.51
CA SER A 101 6.34 -6.43 -20.60
C SER A 101 6.13 -5.60 -21.83
N ALA A 102 6.83 -5.99 -22.93
CA ALA A 102 6.73 -5.28 -24.19
C ALA A 102 5.31 -5.36 -24.70
N ALA A 103 4.65 -6.53 -24.53
CA ALA A 103 3.31 -6.70 -25.00
C ALA A 103 2.39 -5.74 -24.29
N GLU A 104 2.62 -5.54 -22.98
CA GLU A 104 1.78 -4.64 -22.21
C GLU A 104 1.98 -3.24 -22.72
N LEU A 105 3.23 -2.86 -23.04
CA LEU A 105 3.50 -1.54 -23.56
C LEU A 105 2.87 -1.38 -24.91
N ARG A 106 2.90 -2.45 -25.73
CA ARG A 106 2.32 -2.39 -27.05
C ARG A 106 0.86 -2.06 -26.95
N HIS A 107 0.13 -2.67 -25.99
CA HIS A 107 -1.28 -2.40 -25.85
C HIS A 107 -1.48 -0.96 -25.43
N VAL A 108 -0.63 -0.45 -24.51
CA VAL A 108 -0.77 0.93 -24.05
C VAL A 108 -0.50 1.86 -25.20
N MET A 109 0.58 1.60 -25.96
CA MET A 109 0.96 2.46 -27.06
C MET A 109 -0.10 2.38 -28.14
N THR A 110 -0.70 1.19 -28.35
CA THR A 110 -1.72 1.03 -29.36
C THR A 110 -2.91 1.87 -28.98
N ASN A 111 -3.27 1.87 -27.68
CA ASN A 111 -4.41 2.64 -27.21
C ASN A 111 -4.13 4.11 -27.38
N LEU A 112 -2.83 4.50 -27.36
CA LEU A 112 -2.47 5.89 -27.52
C LEU A 112 -2.72 6.30 -28.96
N GLY A 113 -2.87 5.31 -29.87
CA GLY A 113 -3.13 5.62 -31.25
C GLY A 113 -1.83 5.92 -31.94
N GLU A 114 -0.70 5.50 -31.34
CA GLU A 114 0.59 5.75 -31.95
C GLU A 114 1.13 4.45 -32.43
N LYS A 115 1.71 4.45 -33.65
CA LYS A 115 2.27 3.25 -34.21
C LYS A 115 3.72 3.23 -33.82
N LEU A 116 4.14 2.14 -33.15
CA LEU A 116 5.52 2.04 -32.73
C LEU A 116 6.02 0.73 -33.27
N THR A 117 7.19 0.76 -33.97
CA THR A 117 7.75 -0.44 -34.55
C THR A 117 8.26 -1.32 -33.44
N ASP A 118 8.33 -2.65 -33.70
CA ASP A 118 8.79 -3.60 -32.71
C ASP A 118 10.21 -3.30 -32.31
N GLU A 119 11.06 -2.91 -33.30
CA GLU A 119 12.45 -2.61 -32.99
C GLU A 119 12.50 -1.44 -32.05
N GLU A 120 11.63 -0.43 -32.31
CA GLU A 120 11.59 0.75 -31.49
C GLU A 120 11.14 0.37 -30.10
N VAL A 121 10.16 -0.55 -29.99
CA VAL A 121 9.65 -0.97 -28.70
C VAL A 121 10.76 -1.63 -27.92
N ASP A 122 11.50 -2.56 -28.58
CA ASP A 122 12.56 -3.28 -27.92
C ASP A 122 13.65 -2.32 -27.48
N GLU A 123 14.05 -1.40 -28.38
CA GLU A 123 15.11 -0.47 -28.04
C GLU A 123 14.65 0.45 -26.94
N MET A 124 13.38 0.90 -27.00
CA MET A 124 12.84 1.80 -26.00
C MET A 124 12.88 1.15 -24.66
N ILE A 125 12.42 -0.12 -24.59
CA ILE A 125 12.38 -0.85 -23.35
C ILE A 125 13.78 -1.06 -22.82
N ARG A 126 14.74 -1.43 -23.68
CA ARG A 126 16.10 -1.66 -23.20
C ARG A 126 16.68 -0.40 -22.64
N GLU A 127 16.42 0.76 -23.29
CA GLU A 127 16.96 2.01 -22.82
C GLU A 127 16.38 2.36 -21.47
N ALA A 128 15.07 2.09 -21.28
CA ALA A 128 14.43 2.42 -20.02
C ALA A 128 14.66 1.30 -19.03
N ASP A 129 15.33 0.21 -19.43
CA ASP A 129 15.54 -0.91 -18.55
C ASP A 129 16.86 -0.69 -17.84
N ILE A 130 16.79 -0.18 -16.60
CA ILE A 130 17.96 0.11 -15.80
C ILE A 130 18.62 -1.18 -15.36
N ASP A 131 17.80 -2.15 -14.87
CA ASP A 131 18.37 -3.39 -14.37
C ASP A 131 18.81 -4.27 -15.50
N GLY A 132 18.29 -4.02 -16.73
CA GLY A 132 18.69 -4.82 -17.86
C GLY A 132 18.17 -6.23 -17.72
N ASP A 133 17.02 -6.42 -17.05
CA ASP A 133 16.49 -7.75 -16.88
C ASP A 133 15.57 -8.09 -18.03
N GLY A 134 15.48 -7.18 -19.04
CA GLY A 134 14.65 -7.42 -20.19
C GLY A 134 13.23 -7.06 -19.90
N GLN A 135 12.94 -6.54 -18.69
CA GLN A 135 11.59 -6.18 -18.36
C GLN A 135 11.59 -4.87 -17.65
N VAL A 136 10.45 -4.14 -17.75
CA VAL A 136 10.32 -2.86 -17.11
C VAL A 136 9.74 -3.15 -15.75
N ASN A 137 10.53 -2.81 -14.71
CA ASN A 137 10.14 -3.07 -13.35
C ASN A 137 9.56 -1.82 -12.75
N TYR A 138 9.10 -1.92 -11.49
CA TYR A 138 8.47 -0.80 -10.82
C TYR A 138 9.40 0.38 -10.66
N GLU A 139 10.72 0.14 -10.43
CA GLU A 139 11.64 1.24 -10.26
C GLU A 139 11.73 2.02 -11.54
N GLU A 140 11.78 1.29 -12.67
CA GLU A 140 11.88 1.91 -13.97
C GLU A 140 10.63 2.68 -14.29
N PHE A 141 9.45 2.18 -13.86
CA PHE A 141 8.20 2.85 -14.13
C PHE A 141 8.23 4.23 -13.52
N VAL A 142 8.78 4.35 -12.29
CA VAL A 142 8.84 5.64 -11.64
C VAL A 142 9.67 6.59 -12.48
N GLN A 143 10.82 6.11 -12.99
CA GLN A 143 11.68 6.94 -13.81
C GLN A 143 10.97 7.29 -15.09
N MET A 144 10.21 6.33 -15.65
CA MET A 144 9.50 6.55 -16.89
C MET A 144 8.49 7.65 -16.72
N MET A 145 7.74 7.62 -15.60
CA MET A 145 6.72 8.61 -15.34
C MET A 145 7.33 9.94 -14.95
N THR A 146 8.56 9.95 -14.42
CA THR A 146 9.18 11.20 -14.03
C THR A 146 10.03 11.69 -15.17
N ALA A 147 9.89 11.06 -16.36
CA ALA A 147 10.64 11.44 -17.51
C ALA A 147 10.18 12.80 -17.96
N LYS A 148 11.14 13.66 -18.36
CA LYS A 148 10.79 14.98 -18.81
C LYS A 148 10.26 14.87 -20.24
N ALA B 1 -11.37 3.64 -12.37
CA ALA B 1 -11.61 4.81 -11.49
C ALA B 1 -10.42 5.72 -11.48
N LEU B 2 -9.84 5.98 -12.68
CA LEU B 2 -8.69 6.85 -12.77
C LEU B 2 -9.16 8.17 -13.27
N SER B 3 -8.63 9.26 -12.67
CA SER B 3 -9.01 10.59 -13.07
C SER B 3 -8.42 10.87 -14.42
N LYS B 4 -9.18 11.59 -15.28
CA LYS B 4 -8.73 11.92 -16.60
C LYS B 4 -7.50 12.78 -16.53
N ASP B 5 -7.42 13.69 -15.55
CA ASP B 5 -6.27 14.57 -15.45
C ASP B 5 -5.03 13.74 -15.24
N LYS B 6 -5.13 12.69 -14.40
CA LYS B 6 -3.98 11.86 -14.13
C LYS B 6 -3.67 10.98 -15.32
N GLU B 7 -4.71 10.39 -15.95
CA GLU B 7 -4.51 9.52 -17.09
C GLU B 7 -3.93 10.30 -18.23
N GLU B 8 -4.45 11.51 -18.49
CA GLU B 8 -3.97 12.33 -19.57
C GLU B 8 -2.55 12.75 -19.31
N GLU B 9 -2.19 13.02 -18.03
CA GLU B 9 -0.85 13.45 -17.71
C GLU B 9 0.11 12.33 -18.05
N ILE B 10 -0.27 11.07 -17.73
CA ILE B 10 0.56 9.93 -18.01
C ILE B 10 0.72 9.82 -19.51
N ARG B 11 -0.39 10.01 -20.25
CA ARG B 11 -0.36 9.91 -21.70
C ARG B 11 0.58 10.94 -22.26
N LYS B 12 0.51 12.20 -21.75
CA LYS B 12 1.37 13.25 -22.26
C LYS B 12 2.81 12.92 -22.01
N ILE B 13 3.12 12.36 -20.82
CA ILE B 13 4.49 12.00 -20.49
C ILE B 13 4.96 10.96 -21.46
N LEU B 14 4.13 9.91 -21.72
CA LEU B 14 4.54 8.86 -22.61
C LEU B 14 4.70 9.39 -24.00
N ARG B 15 3.79 10.29 -24.46
CA ARG B 15 3.91 10.82 -25.81
C ARG B 15 5.17 11.63 -25.94
N ASN B 16 5.49 12.47 -24.93
CA ASN B 16 6.66 13.30 -24.99
C ASN B 16 7.89 12.42 -24.87
N ASN B 17 7.83 11.47 -23.92
CA ASN B 17 8.93 10.56 -23.67
C ASN B 17 9.22 9.72 -24.90
N LEU B 18 8.17 9.20 -25.54
CA LEU B 18 8.35 8.36 -26.70
C LEU B 18 8.92 9.17 -27.84
N GLN B 19 8.44 10.42 -28.04
CA GLN B 19 8.95 11.24 -29.12
C GLN B 19 10.40 11.56 -28.86
N LYS B 20 10.77 11.84 -27.60
CA LYS B 20 12.15 12.14 -27.27
C LYS B 20 12.99 10.92 -27.53
N THR B 21 12.45 9.72 -27.21
CA THR B 21 13.17 8.49 -27.43
C THR B 21 13.39 8.33 -28.91
N ARG B 22 12.36 8.63 -29.71
CA ARG B 22 12.45 8.50 -31.15
C ARG B 22 13.52 9.42 -31.68
N GLN B 23 13.60 10.65 -31.13
CA GLN B 23 14.60 11.60 -31.59
C GLN B 23 15.98 11.05 -31.33
N ARG B 24 16.21 10.48 -30.12
CA ARG B 24 17.50 9.92 -29.80
C ARG B 24 17.77 8.72 -30.65
N LEU B 25 16.71 7.92 -30.93
CA LEU B 25 16.86 6.73 -31.73
C LEU B 25 17.38 7.10 -33.10
N ARG B 26 16.84 8.18 -33.71
CA ARG B 26 17.29 8.58 -35.01
C ARG B 26 18.73 9.02 -34.97
N SER B 27 19.15 9.73 -33.89
CA SER B 27 20.50 10.21 -33.81
C SER B 27 21.46 9.06 -33.62
N TYR B 28 21.01 7.92 -33.07
CA TYR B 28 21.88 6.79 -32.86
C TYR B 28 21.48 5.69 -33.80
N ASN B 29 20.81 6.05 -34.92
CA ASN B 29 20.38 5.06 -35.88
C ASN B 29 21.59 4.36 -36.46
N ARG B 30 22.66 5.12 -36.74
CA ARG B 30 23.86 4.55 -37.30
C ARG B 30 24.49 3.58 -36.33
N HIS B 31 24.44 3.90 -35.02
CA HIS B 31 25.04 3.03 -34.03
C HIS B 31 24.13 1.85 -33.77
N THR B 32 22.82 2.01 -34.03
CA THR B 32 21.87 0.94 -33.79
C THR B 32 22.14 -0.19 -34.74
N LEU B 33 22.42 0.11 -36.02
CA LEU B 33 22.66 -0.94 -36.99
C LEU B 33 24.14 -1.15 -37.06
N VAL B 34 24.60 -2.34 -36.58
CA VAL B 34 26.00 -2.65 -36.62
C VAL B 34 26.17 -3.88 -37.46
N ALA B 35 25.47 -4.98 -37.09
CA ALA B 35 25.57 -6.20 -37.83
C ALA B 35 24.29 -6.95 -37.63
N ASP B 36 23.95 -7.84 -38.58
CA ASP B 36 22.73 -8.62 -38.46
C ASP B 36 23.11 -9.98 -37.86
N ALA C 1 9.58 6.34 33.06
CA ALA C 1 10.13 5.18 32.30
C ALA C 1 9.57 5.13 30.91
N LEU C 2 8.24 5.33 30.78
CA LEU C 2 7.62 5.29 29.48
C LEU C 2 7.32 6.72 29.12
N SER C 3 7.71 7.14 27.90
CA SER C 3 7.50 8.49 27.47
C SER C 3 6.01 8.75 27.37
N LYS C 4 5.61 9.98 27.77
CA LYS C 4 4.22 10.39 27.74
C LYS C 4 3.75 10.39 26.30
N ASP C 5 4.64 10.79 25.37
CA ASP C 5 4.29 10.86 23.96
C ASP C 5 3.87 9.49 23.49
N LYS C 6 4.56 8.43 23.95
CA LYS C 6 4.22 7.08 23.55
C LYS C 6 2.85 6.75 24.05
N GLU C 7 2.51 7.20 25.28
CA GLU C 7 1.19 6.94 25.83
C GLU C 7 0.16 7.63 24.98
N GLU C 8 0.46 8.87 24.52
CA GLU C 8 -0.46 9.62 23.71
C GLU C 8 -0.65 8.91 22.39
N GLU C 9 0.39 8.18 21.93
CA GLU C 9 0.34 7.45 20.67
C GLU C 9 -0.77 6.44 20.72
N ILE C 10 -1.07 5.89 21.92
CA ILE C 10 -2.11 4.89 22.07
C ILE C 10 -3.41 5.47 21.58
N ARG C 11 -3.63 6.78 21.82
CA ARG C 11 -4.86 7.41 21.41
C ARG C 11 -5.04 7.24 19.93
N LYS C 12 -3.97 7.48 19.15
CA LYS C 12 -4.03 7.33 17.72
C LYS C 12 -4.16 5.88 17.36
N ILE C 13 -3.47 5.00 18.10
CA ILE C 13 -3.49 3.57 17.81
C ILE C 13 -4.88 3.03 18.03
N LEU C 14 -5.53 3.37 19.17
CA LEU C 14 -6.87 2.90 19.44
C LEU C 14 -7.86 3.61 18.56
N ARG C 15 -7.62 4.91 18.26
CA ARG C 15 -8.52 5.65 17.42
C ARG C 15 -8.56 5.01 16.06
N ASN C 16 -7.39 4.59 15.54
CA ASN C 16 -7.33 3.96 14.24
C ASN C 16 -8.16 2.71 14.26
N ASN C 17 -8.07 1.90 15.34
CA ASN C 17 -8.84 0.69 15.41
C ASN C 17 -10.30 1.02 15.58
N LEU C 18 -10.60 2.07 16.37
CA LEU C 18 -11.97 2.46 16.63
C LEU C 18 -12.63 2.89 15.34
N GLN C 19 -11.94 3.70 14.52
CA GLN C 19 -12.54 4.19 13.29
C GLN C 19 -12.79 3.05 12.34
N LYS C 20 -11.84 2.10 12.24
CA LYS C 20 -12.02 0.97 11.34
C LYS C 20 -13.15 0.12 11.84
N THR C 21 -13.25 -0.05 13.18
CA THR C 21 -14.28 -0.85 13.77
C THR C 21 -15.62 -0.21 13.50
N ARG C 22 -15.69 1.14 13.61
CA ARG C 22 -16.94 1.84 13.39
C ARG C 22 -17.39 1.61 11.98
N GLN C 23 -16.45 1.65 11.00
CA GLN C 23 -16.82 1.45 9.62
C GLN C 23 -17.35 0.05 9.42
N ARG C 24 -16.73 -0.95 10.09
CA ARG C 24 -17.19 -2.32 9.95
C ARG C 24 -18.57 -2.44 10.55
N LEU C 25 -18.83 -1.78 11.70
CA LEU C 25 -20.13 -1.86 12.32
C LEU C 25 -21.16 -1.22 11.44
N ARG C 26 -20.79 -0.08 10.79
CA ARG C 26 -21.71 0.60 9.92
C ARG C 26 -22.02 -0.28 8.73
N SER C 27 -20.99 -1.02 8.24
CA SER C 27 -21.16 -1.88 7.09
C SER C 27 -21.97 -3.10 7.47
N TYR C 28 -22.17 -3.33 8.79
CA TYR C 28 -22.91 -4.48 9.23
C TYR C 28 -24.36 -4.23 8.92
N ASN C 29 -24.79 -2.96 9.01
CA ASN C 29 -26.17 -2.61 8.74
C ASN C 29 -26.50 -2.94 7.30
N ARG C 30 -25.52 -2.74 6.39
CA ARG C 30 -25.73 -3.00 4.98
C ARG C 30 -25.87 -4.49 4.72
N HIS C 31 -25.49 -5.35 5.69
CA HIS C 31 -25.59 -6.77 5.49
C HIS C 31 -27.04 -7.17 5.46
N THR C 32 -27.92 -6.35 6.08
CA THR C 32 -29.33 -6.67 6.11
C THR C 32 -29.90 -6.51 4.73
N LEU C 33 -29.35 -5.56 3.93
CA LEU C 33 -29.83 -5.34 2.59
C LEU C 33 -29.52 -6.56 1.76
N VAL C 34 -28.31 -7.14 1.97
CA VAL C 34 -27.91 -8.31 1.23
C VAL C 34 -28.79 -9.46 1.60
N ALA C 35 -29.07 -9.63 2.92
CA ALA C 35 -29.91 -10.71 3.38
C ALA C 35 -31.29 -10.56 2.82
N ASP C 36 -31.81 -9.32 2.79
CA ASP C 36 -33.15 -9.09 2.28
C ASP C 36 -33.02 -8.48 0.87
N ALA A 1 11.87 2.67 11.01
CA ALA A 1 12.54 3.96 11.29
C ALA A 1 12.43 4.34 12.74
N ASP A 2 11.21 4.26 13.30
CA ASP A 2 11.00 4.59 14.68
C ASP A 2 11.18 3.33 15.47
N GLN A 3 12.34 3.21 16.15
CA GLN A 3 12.61 2.03 16.94
C GLN A 3 12.27 2.35 18.37
N LEU A 4 11.74 1.35 19.10
CA LEU A 4 11.38 1.55 20.48
C LEU A 4 12.44 0.92 21.33
N THR A 5 12.79 1.60 22.44
CA THR A 5 13.79 1.09 23.34
C THR A 5 13.13 0.08 24.23
N GLU A 6 13.95 -0.68 25.00
CA GLU A 6 13.41 -1.69 25.87
C GLU A 6 12.53 -1.05 26.91
N GLU A 7 12.94 0.14 27.39
CA GLU A 7 12.16 0.83 28.41
C GLU A 7 10.82 1.21 27.83
N GLN A 8 10.78 1.68 26.56
CA GLN A 8 9.53 2.07 25.95
C GLN A 8 8.66 0.85 25.77
N ILE A 9 9.27 -0.28 25.35
CA ILE A 9 8.50 -1.49 25.15
C ILE A 9 7.93 -1.94 26.46
N ALA A 10 8.75 -1.89 27.55
CA ALA A 10 8.28 -2.33 28.85
C ALA A 10 7.11 -1.46 29.26
N GLU A 11 7.19 -0.14 29.01
CA GLU A 11 6.13 0.75 29.36
C GLU A 11 4.91 0.41 28.55
N PHE A 12 5.11 0.09 27.25
CA PHE A 12 4.01 -0.26 26.38
C PHE A 12 3.37 -1.53 26.84
N LYS A 13 4.17 -2.48 27.31
CA LYS A 13 3.62 -3.73 27.77
C LYS A 13 2.71 -3.47 28.94
N GLU A 14 3.08 -2.50 29.80
CA GLU A 14 2.28 -2.17 30.94
C GLU A 14 0.93 -1.68 30.46
N ALA A 15 0.89 -0.96 29.32
CA ALA A 15 -0.37 -0.45 28.81
C ALA A 15 -1.30 -1.59 28.46
N PHE A 16 -0.80 -2.71 27.88
CA PHE A 16 -1.71 -3.81 27.57
C PHE A 16 -2.22 -4.38 28.87
N SER A 17 -1.37 -4.37 29.93
CA SER A 17 -1.78 -4.87 31.23
C SER A 17 -2.91 -4.03 31.74
N LEU A 18 -2.91 -2.71 31.42
CA LEU A 18 -3.97 -1.83 31.87
C LEU A 18 -5.28 -2.32 31.33
N PHE A 19 -5.32 -2.73 30.04
CA PHE A 19 -6.53 -3.21 29.45
C PHE A 19 -6.83 -4.59 29.98
N ASP A 20 -5.78 -5.42 30.15
CA ASP A 20 -5.96 -6.76 30.65
C ASP A 20 -5.97 -6.71 32.15
N LYS A 21 -7.10 -6.22 32.72
CA LYS A 21 -7.22 -6.09 34.15
C LYS A 21 -7.14 -7.42 34.84
N ASP A 22 -7.66 -8.50 34.20
CA ASP A 22 -7.64 -9.79 34.85
C ASP A 22 -6.27 -10.41 34.76
N GLY A 23 -5.36 -9.85 33.93
CA GLY A 23 -4.01 -10.36 33.84
C GLY A 23 -3.97 -11.79 33.37
N ASP A 24 -4.95 -12.23 32.53
CA ASP A 24 -4.92 -13.60 32.07
C ASP A 24 -4.15 -13.68 30.78
N GLY A 25 -3.61 -12.53 30.29
CA GLY A 25 -2.83 -12.53 29.08
C GLY A 25 -3.73 -12.50 27.87
N THR A 26 -5.06 -12.46 28.08
CA THR A 26 -5.97 -12.44 26.96
C THR A 26 -6.93 -11.31 27.14
N ILE A 27 -7.14 -10.52 26.06
CA ILE A 27 -8.08 -9.42 26.12
C ILE A 27 -9.15 -9.64 25.09
N THR A 28 -10.42 -9.57 25.55
CA THR A 28 -11.55 -9.76 24.70
C THR A 28 -12.37 -8.49 24.72
N THR A 29 -13.48 -8.47 23.96
CA THR A 29 -14.33 -7.32 23.86
C THR A 29 -14.88 -6.95 25.22
N LYS A 30 -15.27 -7.96 26.02
CA LYS A 30 -15.85 -7.69 27.32
C LYS A 30 -14.84 -6.99 28.19
N GLU A 31 -13.55 -7.40 28.14
CA GLU A 31 -12.55 -6.77 28.98
C GLU A 31 -12.33 -5.35 28.54
N LEU A 32 -12.27 -5.12 27.20
CA LEU A 32 -12.05 -3.77 26.70
C LEU A 32 -13.22 -2.91 27.05
N GLY A 33 -14.46 -3.48 26.97
CA GLY A 33 -15.65 -2.73 27.30
C GLY A 33 -15.59 -2.34 28.75
N THR A 34 -15.09 -3.25 29.60
CA THR A 34 -14.97 -2.98 31.02
C THR A 34 -14.02 -1.83 31.22
N VAL A 35 -12.89 -1.83 30.46
CA VAL A 35 -11.91 -0.77 30.58
C VAL A 35 -12.55 0.54 30.21
N MET A 36 -13.34 0.55 29.10
CA MET A 36 -14.00 1.76 28.67
C MET A 36 -14.96 2.21 29.74
N ARG A 37 -15.69 1.26 30.37
CA ARG A 37 -16.63 1.60 31.40
C ARG A 37 -15.91 2.21 32.57
N SER A 38 -14.73 1.64 32.92
CA SER A 38 -13.94 2.16 34.03
C SER A 38 -13.51 3.57 33.72
N LEU A 39 -13.23 3.86 32.43
CA LEU A 39 -12.79 5.18 32.04
C LEU A 39 -13.99 6.11 31.97
N GLY A 40 -15.22 5.59 32.12
CA GLY A 40 -16.40 6.42 32.10
C GLY A 40 -16.95 6.55 30.71
N GLN A 41 -16.44 5.76 29.74
CA GLN A 41 -16.96 5.82 28.39
C GLN A 41 -17.98 4.74 28.26
N ASN A 42 -18.99 4.94 27.39
CA ASN A 42 -20.01 3.95 27.21
C ASN A 42 -20.21 3.75 25.73
N PRO A 43 -19.32 3.01 25.12
CA PRO A 43 -19.38 2.71 23.69
C PRO A 43 -20.25 1.52 23.40
N THR A 44 -20.57 1.30 22.11
CA THR A 44 -21.40 0.16 21.76
C THR A 44 -20.51 -1.04 21.70
N GLU A 45 -21.12 -2.24 21.89
CA GLU A 45 -20.36 -3.48 21.86
C GLU A 45 -19.87 -3.73 20.46
N ALA A 46 -20.70 -3.41 19.45
CA ALA A 46 -20.34 -3.65 18.07
C ALA A 46 -19.12 -2.84 17.71
N GLU A 47 -19.03 -1.58 18.17
CA GLU A 47 -17.90 -0.76 17.84
C GLU A 47 -16.65 -1.33 18.45
N LEU A 48 -16.74 -1.81 19.72
CA LEU A 48 -15.57 -2.33 20.39
C LEU A 48 -15.10 -3.61 19.75
N GLN A 49 -16.02 -4.51 19.34
CA GLN A 49 -15.57 -5.75 18.73
C GLN A 49 -15.00 -5.44 17.36
N ASP A 50 -15.54 -4.38 16.70
CA ASP A 50 -15.05 -4.00 15.40
C ASP A 50 -13.62 -3.54 15.54
N MET A 51 -13.29 -2.83 16.64
CA MET A 51 -11.95 -2.35 16.84
C MET A 51 -11.02 -3.52 16.94
N ILE A 52 -11.43 -4.60 17.67
CA ILE A 52 -10.58 -5.75 17.81
C ILE A 52 -10.38 -6.38 16.46
N ASN A 53 -11.47 -6.58 15.70
CA ASN A 53 -11.37 -7.22 14.40
C ASN A 53 -10.53 -6.40 13.45
N GLU A 54 -10.69 -5.06 13.48
CA GLU A 54 -9.95 -4.20 12.58
C GLU A 54 -8.47 -4.30 12.83
N VAL A 55 -8.04 -4.33 14.11
CA VAL A 55 -6.63 -4.38 14.41
C VAL A 55 -6.18 -5.81 14.49
N ASP A 56 -7.09 -6.78 14.26
CA ASP A 56 -6.72 -8.18 14.35
C ASP A 56 -6.14 -8.59 13.03
N ALA A 57 -4.93 -8.06 12.71
CA ALA A 57 -4.26 -8.37 11.46
C ALA A 57 -3.93 -9.83 11.38
N ASP A 58 -3.52 -10.44 12.51
CA ASP A 58 -3.14 -11.84 12.49
C ASP A 58 -4.37 -12.70 12.47
N GLY A 59 -5.54 -12.12 12.81
CA GLY A 59 -6.78 -12.85 12.80
C GLY A 59 -6.77 -13.96 13.81
N ASN A 60 -6.13 -13.77 14.97
CA ASN A 60 -6.10 -14.82 15.96
C ASN A 60 -7.35 -14.74 16.79
N GLY A 61 -8.23 -13.74 16.50
CA GLY A 61 -9.49 -13.62 17.21
C GLY A 61 -9.34 -12.78 18.44
N THR A 62 -8.10 -12.43 18.81
CA THR A 62 -7.90 -11.64 20.02
C THR A 62 -6.80 -10.65 19.77
N ILE A 63 -6.52 -9.78 20.78
CA ILE A 63 -5.46 -8.83 20.62
C ILE A 63 -4.30 -9.42 21.37
N ASP A 64 -3.20 -9.75 20.66
CA ASP A 64 -2.06 -10.36 21.29
C ASP A 64 -1.14 -9.27 21.75
N PHE A 65 -0.09 -9.65 22.50
CA PHE A 65 0.85 -8.69 23.04
C PHE A 65 1.58 -7.98 21.92
N PRO A 66 2.19 -8.69 20.96
CA PRO A 66 2.86 -8.02 19.85
C PRO A 66 1.89 -7.27 18.99
N GLU A 67 0.63 -7.74 18.95
CA GLU A 67 -0.41 -7.11 18.18
C GLU A 67 -0.66 -5.74 18.78
N PHE A 68 -0.57 -5.63 20.13
CA PHE A 68 -0.78 -4.38 20.82
C PHE A 68 0.30 -3.40 20.43
N LEU A 69 1.55 -3.86 20.19
CA LEU A 69 2.60 -2.94 19.84
C LEU A 69 2.21 -2.22 18.57
N THR A 70 1.64 -2.95 17.59
CA THR A 70 1.23 -2.34 16.34
C THR A 70 0.04 -1.45 16.61
N MET A 71 -0.90 -1.93 17.46
CA MET A 71 -2.11 -1.20 17.77
C MET A 71 -1.77 0.11 18.44
N MET A 72 -0.84 0.09 19.42
CA MET A 72 -0.49 1.28 20.15
C MET A 72 0.58 2.05 19.41
N ALA A 73 0.99 1.58 18.21
CA ALA A 73 2.02 2.28 17.46
C ALA A 73 1.46 3.61 17.05
N ARG A 74 0.12 3.64 16.79
CA ARG A 74 -0.57 4.84 16.41
C ARG A 74 -0.19 5.28 15.02
N LYS A 75 1.10 5.61 14.81
CA LYS A 75 1.55 6.06 13.51
C LYS A 75 2.09 4.87 12.77
N MET A 76 1.55 4.64 11.55
CA MET A 76 2.00 3.55 10.73
C MET A 76 2.70 4.17 9.56
N LYS A 77 3.92 3.69 9.25
CA LYS A 77 4.67 4.23 8.14
C LYS A 77 4.27 3.48 6.91
N ASP A 78 3.78 4.21 5.88
CA ASP A 78 3.39 3.59 4.65
C ASP A 78 4.58 3.61 3.74
N THR A 79 5.22 2.43 3.56
CA THR A 79 6.36 2.34 2.70
C THR A 79 6.18 1.13 1.84
N ASP A 80 4.93 0.92 1.36
CA ASP A 80 4.63 -0.22 0.53
C ASP A 80 4.86 0.15 -0.90
N SER A 81 6.13 0.46 -1.25
CA SER A 81 6.46 0.81 -2.62
C SER A 81 6.39 -0.42 -3.48
N GLU A 82 6.52 -1.61 -2.85
CA GLU A 82 6.45 -2.85 -3.57
C GLU A 82 5.07 -3.00 -4.17
N GLU A 83 4.04 -2.57 -3.42
CA GLU A 83 2.67 -2.68 -3.89
C GLU A 83 2.51 -1.83 -5.13
N GLU A 84 3.12 -0.63 -5.15
CA GLU A 84 3.01 0.24 -6.31
C GLU A 84 3.64 -0.44 -7.50
N ILE A 85 4.81 -1.07 -7.29
CA ILE A 85 5.51 -1.75 -8.35
C ILE A 85 4.65 -2.88 -8.86
N ARG A 86 4.04 -3.66 -7.94
CA ARG A 86 3.20 -4.78 -8.32
C ARG A 86 2.05 -4.30 -9.15
N GLU A 87 1.44 -3.16 -8.77
CA GLU A 87 0.31 -2.62 -9.49
C GLU A 87 0.74 -2.26 -10.89
N ALA A 88 1.96 -1.70 -11.05
CA ALA A 88 2.44 -1.32 -12.36
C ALA A 88 2.54 -2.55 -13.24
N PHE A 89 3.00 -3.69 -12.68
CA PHE A 89 3.12 -4.89 -13.48
C PHE A 89 1.76 -5.32 -13.97
N ARG A 90 0.72 -5.22 -13.12
CA ARG A 90 -0.60 -5.64 -13.53
C ARG A 90 -1.10 -4.75 -14.64
N VAL A 91 -0.84 -3.43 -14.56
CA VAL A 91 -1.30 -2.51 -15.57
C VAL A 91 -0.64 -2.81 -16.89
N PHE A 92 0.71 -2.96 -16.90
CA PHE A 92 1.42 -3.22 -18.14
C PHE A 92 1.14 -4.62 -18.62
N ASP A 93 1.15 -5.60 -17.71
CA ASP A 93 0.91 -6.97 -18.09
C ASP A 93 -0.57 -7.21 -18.07
N LYS A 94 -1.28 -6.67 -19.09
CA LYS A 94 -2.71 -6.80 -19.17
C LYS A 94 -3.13 -8.24 -19.30
N ASP A 95 -2.40 -9.05 -20.10
CA ASP A 95 -2.80 -10.43 -20.29
C ASP A 95 -2.38 -11.29 -19.12
N GLY A 96 -1.52 -10.76 -18.21
CA GLY A 96 -1.12 -11.52 -17.04
C GLY A 96 -0.31 -12.73 -17.42
N ASN A 97 0.45 -12.67 -18.54
CA ASN A 97 1.24 -13.83 -18.93
C ASN A 97 2.62 -13.73 -18.33
N GLY A 98 2.88 -12.68 -17.52
CA GLY A 98 4.18 -12.53 -16.88
C GLY A 98 5.16 -11.90 -17.83
N TYR A 99 4.73 -11.55 -19.06
CA TYR A 99 5.64 -10.95 -20.00
C TYR A 99 4.94 -9.80 -20.67
N ILE A 100 5.74 -8.85 -21.20
CA ILE A 100 5.18 -7.71 -21.88
C ILE A 100 5.57 -7.83 -23.32
N SER A 101 4.57 -7.82 -24.23
CA SER A 101 4.83 -7.94 -25.64
C SER A 101 4.55 -6.60 -26.27
N ALA A 102 4.81 -6.49 -27.59
CA ALA A 102 4.62 -5.26 -28.30
C ALA A 102 3.16 -4.88 -28.27
N ALA A 103 2.25 -5.87 -28.41
CA ALA A 103 0.84 -5.59 -28.41
C ALA A 103 0.44 -5.00 -27.07
N GLU A 104 1.02 -5.54 -25.97
CA GLU A 104 0.68 -5.06 -24.65
C GLU A 104 1.21 -3.66 -24.49
N LEU A 105 2.42 -3.39 -25.02
CA LEU A 105 3.02 -2.07 -24.92
C LEU A 105 2.16 -1.11 -25.69
N ARG A 106 1.65 -1.54 -26.87
CA ARG A 106 0.81 -0.69 -27.69
C ARG A 106 -0.41 -0.31 -26.92
N HIS A 107 -1.01 -1.26 -26.16
CA HIS A 107 -2.20 -0.97 -25.40
C HIS A 107 -1.88 0.05 -24.34
N VAL A 108 -0.69 -0.05 -23.70
CA VAL A 108 -0.34 0.90 -22.66
C VAL A 108 -0.26 2.28 -23.26
N MET A 109 0.42 2.40 -24.42
CA MET A 109 0.55 3.69 -25.07
C MET A 109 -0.80 4.20 -25.51
N THR A 110 -1.68 3.28 -26.00
CA THR A 110 -2.99 3.67 -26.44
C THR A 110 -3.76 4.24 -25.27
N ASN A 111 -3.65 3.58 -24.10
CA ASN A 111 -4.33 4.04 -22.90
C ASN A 111 -3.80 5.40 -22.52
N LEU A 112 -2.47 5.62 -22.71
CA LEU A 112 -1.86 6.88 -22.37
C LEU A 112 -2.33 7.94 -23.35
N GLY A 113 -2.87 7.53 -24.51
CA GLY A 113 -3.35 8.49 -25.48
C GLY A 113 -2.20 8.95 -26.32
N GLU A 114 -1.10 8.19 -26.34
CA GLU A 114 0.04 8.59 -27.12
C GLU A 114 0.05 7.76 -28.37
N LYS A 115 0.39 8.39 -29.52
CA LYS A 115 0.42 7.68 -30.77
C LYS A 115 1.80 7.11 -30.92
N LEU A 116 1.89 5.78 -31.07
CA LEU A 116 3.16 5.13 -31.21
C LEU A 116 3.10 4.32 -32.47
N THR A 117 4.08 4.51 -33.39
CA THR A 117 4.08 3.75 -34.61
C THR A 117 4.71 2.42 -34.32
N ASP A 118 4.54 1.44 -35.23
CA ASP A 118 5.08 0.12 -35.02
C ASP A 118 6.58 0.17 -34.98
N GLU A 119 7.20 1.03 -35.83
CA GLU A 119 8.63 1.12 -35.86
C GLU A 119 9.13 1.67 -34.55
N GLU A 120 8.42 2.69 -34.01
CA GLU A 120 8.84 3.29 -32.76
C GLU A 120 8.68 2.30 -31.64
N VAL A 121 7.58 1.50 -31.65
CA VAL A 121 7.35 0.52 -30.60
C VAL A 121 8.45 -0.50 -30.64
N ASP A 122 8.78 -0.99 -31.86
CA ASP A 122 9.80 -2.00 -31.99
C ASP A 122 11.13 -1.46 -31.52
N GLU A 123 11.47 -0.21 -31.88
CA GLU A 123 12.73 0.36 -31.45
C GLU A 123 12.75 0.53 -29.96
N MET A 124 11.61 0.96 -29.36
CA MET A 124 11.56 1.17 -27.93
C MET A 124 11.81 -0.13 -27.23
N ILE A 125 11.12 -1.20 -27.68
CA ILE A 125 11.24 -2.49 -27.07
C ILE A 125 12.65 -3.01 -27.22
N ARG A 126 13.26 -2.87 -28.42
CA ARG A 126 14.60 -3.37 -28.62
C ARG A 126 15.57 -2.65 -27.72
N GLU A 127 15.41 -1.33 -27.52
CA GLU A 127 16.32 -0.58 -26.68
C GLU A 127 16.19 -1.05 -25.25
N ALA A 128 14.95 -1.34 -24.79
CA ALA A 128 14.75 -1.77 -23.43
C ALA A 128 14.94 -3.26 -23.33
N ASP A 129 15.23 -3.93 -24.47
CA ASP A 129 15.40 -5.36 -24.45
C ASP A 129 16.85 -5.64 -24.15
N ILE A 130 17.17 -5.73 -22.84
CA ILE A 130 18.52 -5.95 -22.38
C ILE A 130 19.00 -7.31 -22.82
N ASP A 131 18.15 -8.36 -22.63
CA ASP A 131 18.57 -9.70 -22.99
C ASP A 131 18.53 -9.91 -24.48
N GLY A 132 17.79 -9.05 -25.21
CA GLY A 132 17.73 -9.18 -26.65
C GLY A 132 16.96 -10.40 -27.04
N ASP A 133 15.99 -10.85 -26.20
CA ASP A 133 15.23 -12.04 -26.52
C ASP A 133 14.00 -11.67 -27.32
N GLY A 134 13.83 -10.39 -27.68
CA GLY A 134 12.70 -9.96 -28.47
C GLY A 134 11.50 -9.74 -27.58
N GLN A 135 11.65 -9.92 -26.27
CA GLN A 135 10.53 -9.73 -25.37
C GLN A 135 11.00 -8.99 -24.16
N VAL A 136 10.05 -8.32 -23.46
CA VAL A 136 10.39 -7.60 -22.27
C VAL A 136 9.95 -8.45 -21.11
N ASN A 137 10.93 -8.88 -20.29
CA ASN A 137 10.65 -9.73 -19.15
C ASN A 137 10.37 -8.83 -17.98
N TYR A 138 9.87 -9.43 -16.89
CA TYR A 138 9.56 -8.67 -15.70
C TYR A 138 10.82 -8.03 -15.15
N GLU A 139 11.97 -8.72 -15.26
CA GLU A 139 13.22 -8.20 -14.77
C GLU A 139 13.60 -6.98 -15.57
N GLU A 140 13.37 -7.06 -16.91
CA GLU A 140 13.70 -5.97 -17.80
C GLU A 140 12.80 -4.81 -17.49
N PHE A 141 11.52 -5.09 -17.15
CA PHE A 141 10.56 -4.07 -16.83
C PHE A 141 11.01 -3.31 -15.60
N VAL A 142 11.62 -4.01 -14.62
CA VAL A 142 12.07 -3.36 -13.40
C VAL A 142 13.08 -2.30 -13.78
N GLN A 143 13.99 -2.61 -14.73
CA GLN A 143 14.99 -1.65 -15.15
C GLN A 143 14.31 -0.46 -15.78
N MET A 144 13.23 -0.70 -16.56
CA MET A 144 12.49 0.37 -17.20
C MET A 144 11.91 1.30 -16.16
N MET A 145 11.25 0.73 -15.13
CA MET A 145 10.63 1.53 -14.10
C MET A 145 11.64 2.17 -13.19
N THR A 146 12.86 1.59 -13.06
CA THR A 146 13.86 2.17 -12.19
C THR A 146 14.79 3.02 -13.01
N ALA A 147 14.42 3.27 -14.29
CA ALA A 147 15.24 4.08 -15.15
C ALA A 147 15.21 5.49 -14.64
N LYS A 148 16.39 6.16 -14.64
CA LYS A 148 16.46 7.51 -14.17
C LYS A 148 16.07 8.45 -15.32
N ALA B 1 -7.18 2.47 -11.08
CA ALA B 1 -6.22 1.59 -10.38
C ALA B 1 -5.04 2.37 -9.87
N LEU B 2 -4.41 3.15 -10.77
CA LEU B 2 -3.26 3.94 -10.38
C LEU B 2 -3.72 5.36 -10.24
N SER B 3 -3.10 6.09 -9.30
CA SER B 3 -3.47 7.47 -9.09
C SER B 3 -2.89 8.29 -10.20
N LYS B 4 -3.34 9.55 -10.33
CA LYS B 4 -2.87 10.43 -11.38
C LYS B 4 -1.38 10.64 -11.22
N ASP B 5 -0.90 10.82 -9.97
CA ASP B 5 0.51 11.05 -9.73
C ASP B 5 1.29 9.84 -10.17
N LYS B 6 0.79 8.62 -9.88
CA LYS B 6 1.49 7.41 -10.26
C LYS B 6 1.53 7.32 -11.77
N GLU B 7 0.41 7.67 -12.44
CA GLU B 7 0.34 7.60 -13.88
C GLU B 7 1.32 8.55 -14.49
N GLU B 8 1.45 9.77 -13.90
CA GLU B 8 2.37 10.75 -14.44
C GLU B 8 3.78 10.25 -14.35
N GLU B 9 4.16 9.59 -13.23
CA GLU B 9 5.52 9.12 -13.09
C GLU B 9 5.81 8.08 -14.14
N ILE B 10 4.84 7.17 -14.39
CA ILE B 10 5.01 6.13 -15.36
C ILE B 10 5.11 6.74 -16.73
N ARG B 11 4.23 7.72 -17.04
CA ARG B 11 4.23 8.35 -18.34
C ARG B 11 5.54 9.06 -18.57
N LYS B 12 6.06 9.77 -17.54
CA LYS B 12 7.31 10.51 -17.70
C LYS B 12 8.43 9.56 -18.03
N ILE B 13 8.48 8.38 -17.38
CA ILE B 13 9.55 7.44 -17.65
C ILE B 13 9.45 6.98 -19.09
N LEU B 14 8.25 6.58 -19.54
CA LEU B 14 8.09 6.11 -20.89
C LEU B 14 8.38 7.22 -21.85
N ARG B 15 7.95 8.46 -21.51
CA ARG B 15 8.19 9.59 -22.37
C ARG B 15 9.68 9.79 -22.53
N ASN B 16 10.45 9.57 -21.44
CA ASN B 16 11.88 9.76 -21.47
C ASN B 16 12.50 8.83 -22.50
N ASN B 17 12.11 7.53 -22.51
CA ASN B 17 12.68 6.63 -23.48
C ASN B 17 12.06 6.87 -24.83
N LEU B 18 10.79 7.35 -24.85
CA LEU B 18 10.12 7.63 -26.11
C LEU B 18 10.86 8.72 -26.84
N GLN B 19 11.28 9.79 -26.12
CA GLN B 19 11.99 10.88 -26.76
C GLN B 19 13.29 10.37 -27.32
N LYS B 20 13.99 9.50 -26.56
CA LYS B 20 15.26 8.98 -27.03
C LYS B 20 15.02 8.11 -28.23
N THR B 21 13.93 7.31 -28.19
CA THR B 21 13.59 6.42 -29.28
C THR B 21 13.31 7.24 -30.51
N ARG B 22 12.52 8.33 -30.36
CA ARG B 22 12.17 9.15 -31.49
C ARG B 22 13.42 9.82 -32.03
N GLN B 23 14.32 10.27 -31.14
CA GLN B 23 15.53 10.93 -31.58
C GLN B 23 16.37 9.97 -32.39
N ARG B 24 16.52 8.72 -31.91
CA ARG B 24 17.30 7.74 -32.62
C ARG B 24 16.61 7.38 -33.91
N LEU B 25 15.27 7.27 -33.87
CA LEU B 25 14.51 6.91 -35.05
C LEU B 25 14.66 7.99 -36.08
N ARG B 26 14.55 9.26 -35.66
CA ARG B 26 14.67 10.38 -36.57
C ARG B 26 16.05 10.41 -37.16
N SER B 27 17.08 10.11 -36.34
CA SER B 27 18.44 10.13 -36.80
C SER B 27 18.65 9.08 -37.87
N TYR B 28 18.04 7.89 -37.68
CA TYR B 28 18.20 6.82 -38.63
C TYR B 28 17.17 6.96 -39.73
N ASN B 29 16.33 8.01 -39.69
CA ASN B 29 15.32 8.21 -40.70
C ASN B 29 15.99 8.43 -42.04
N ARG B 30 17.16 9.09 -42.03
CA ARG B 30 17.89 9.36 -43.25
C ARG B 30 18.24 8.06 -43.94
N HIS B 31 18.56 7.00 -43.16
CA HIS B 31 18.93 5.74 -43.74
C HIS B 31 17.74 4.82 -43.77
N THR B 32 16.52 5.36 -43.55
CA THR B 32 15.33 4.54 -43.57
C THR B 32 14.54 4.88 -44.79
N LEU B 33 14.15 3.86 -45.56
CA LEU B 33 13.39 4.08 -46.77
C LEU B 33 12.02 3.52 -46.52
N VAL B 34 11.06 3.88 -47.40
CA VAL B 34 9.70 3.40 -47.25
C VAL B 34 9.28 2.83 -48.57
N ALA B 35 8.27 1.94 -48.55
CA ALA B 35 7.80 1.35 -49.77
C ALA B 35 6.36 1.00 -49.54
N ASP B 36 5.57 0.92 -50.63
CA ASP B 36 4.17 0.58 -50.51
C ASP B 36 4.06 -0.95 -50.38
N ALA C 1 -1.61 -1.32 39.90
CA ALA C 1 -0.19 -1.41 39.48
C ALA C 1 0.33 -0.09 39.03
N LEU C 2 -0.43 0.60 38.15
CA LEU C 2 -0.03 1.90 37.66
C LEU C 2 -0.86 2.93 38.34
N SER C 3 -0.38 4.18 38.34
CA SER C 3 -1.06 5.27 38.99
C SER C 3 -2.29 5.65 38.19
N LYS C 4 -3.18 6.46 38.83
CA LYS C 4 -4.40 6.91 38.21
C LYS C 4 -4.07 7.71 36.98
N ASP C 5 -2.97 8.50 37.03
CA ASP C 5 -2.59 9.33 35.90
C ASP C 5 -2.38 8.45 34.68
N LYS C 6 -1.77 7.27 34.87
CA LYS C 6 -1.55 6.37 33.76
C LYS C 6 -2.88 5.91 33.22
N GLU C 7 -3.85 5.65 34.12
CA GLU C 7 -5.16 5.20 33.71
C GLU C 7 -5.82 6.29 32.90
N GLU C 8 -5.63 7.57 33.32
CA GLU C 8 -6.22 8.69 32.63
C GLU C 8 -5.69 8.76 31.23
N GLU C 9 -4.39 8.41 31.05
CA GLU C 9 -3.76 8.43 29.75
C GLU C 9 -4.45 7.46 28.82
N ILE C 10 -5.02 6.36 29.36
CA ILE C 10 -5.70 5.37 28.53
C ILE C 10 -6.82 6.04 27.79
N ARG C 11 -7.51 7.01 28.44
CA ARG C 11 -8.62 7.66 27.77
C ARG C 11 -8.11 8.32 26.52
N LYS C 12 -6.94 8.97 26.58
CA LYS C 12 -6.37 9.61 25.42
C LYS C 12 -5.96 8.56 24.42
N ILE C 13 -5.38 7.44 24.92
CA ILE C 13 -4.92 6.37 24.08
C ILE C 13 -6.09 5.75 23.35
N LEU C 14 -7.21 5.48 24.07
CA LEU C 14 -8.37 4.91 23.44
C LEU C 14 -9.04 5.91 22.56
N ARG C 15 -9.08 7.20 22.98
CA ARG C 15 -9.75 8.20 22.18
C ARG C 15 -9.09 8.30 20.83
N ASN C 16 -7.74 8.33 20.79
CA ASN C 16 -7.05 8.44 19.52
C ASN C 16 -7.34 7.23 18.67
N ASN C 17 -7.22 6.02 19.26
CA ASN C 17 -7.47 4.80 18.50
C ASN C 17 -8.92 4.72 18.10
N LEU C 18 -9.82 5.14 19.00
CA LEU C 18 -11.25 5.08 18.74
C LEU C 18 -11.59 5.96 17.57
N GLN C 19 -11.03 7.20 17.55
CA GLN C 19 -11.34 8.12 16.47
C GLN C 19 -10.82 7.60 15.17
N LYS C 20 -9.59 7.03 15.16
CA LYS C 20 -9.03 6.52 13.95
C LYS C 20 -9.85 5.35 13.47
N THR C 21 -10.31 4.51 14.41
CA THR C 21 -11.11 3.36 14.05
C THR C 21 -12.43 3.85 13.52
N ARG C 22 -13.01 4.89 14.15
CA ARG C 22 -14.29 5.42 13.71
C ARG C 22 -14.17 5.93 12.29
N GLN C 23 -13.05 6.63 11.97
CA GLN C 23 -12.89 7.14 10.63
C GLN C 23 -12.82 5.99 9.65
N ARG C 24 -12.10 4.91 10.03
CA ARG C 24 -11.98 3.76 9.17
C ARG C 24 -13.35 3.11 9.03
N LEU C 25 -14.11 3.07 10.15
CA LEU C 25 -15.44 2.47 10.14
C LEU C 25 -16.31 3.23 9.18
N ARG C 26 -16.20 4.58 9.21
CA ARG C 26 -17.00 5.42 8.33
C ARG C 26 -16.64 5.12 6.91
N SER C 27 -15.34 4.89 6.63
CA SER C 27 -14.89 4.61 5.28
C SER C 27 -15.58 3.36 4.78
N TYR C 28 -15.70 2.33 5.64
CA TYR C 28 -16.34 1.09 5.22
C TYR C 28 -17.81 1.32 5.07
N ASN C 29 -18.42 2.12 5.97
CA ASN C 29 -19.84 2.36 5.89
C ASN C 29 -20.16 3.09 4.60
N ARG C 30 -19.32 4.08 4.22
CA ARG C 30 -19.55 4.81 3.00
C ARG C 30 -19.36 3.92 1.81
N HIS C 31 -18.39 2.98 1.87
CA HIS C 31 -18.15 2.11 0.74
C HIS C 31 -19.28 1.12 0.64
N THR C 32 -19.98 0.85 1.78
CA THR C 32 -21.09 -0.08 1.76
C THR C 32 -22.21 0.53 0.96
N LEU C 33 -22.46 1.85 1.17
CA LEU C 33 -23.51 2.52 0.46
C LEU C 33 -23.17 2.59 -1.00
N VAL C 34 -21.90 2.87 -1.33
CA VAL C 34 -21.50 2.95 -2.72
C VAL C 34 -21.66 1.60 -3.36
N ALA C 35 -21.21 0.52 -2.67
CA ALA C 35 -21.31 -0.81 -3.21
C ALA C 35 -22.76 -1.20 -3.39
N ASP C 36 -23.63 -0.83 -2.42
CA ASP C 36 -25.02 -1.17 -2.53
C ASP C 36 -25.83 0.14 -2.52
N ALA A 1 -8.37 18.86 5.72
CA ALA A 1 -7.20 19.78 5.88
C ALA A 1 -5.92 19.01 5.99
N ASP A 2 -5.94 17.89 6.76
CA ASP A 2 -4.75 17.09 6.91
C ASP A 2 -4.84 15.96 5.94
N GLN A 3 -3.72 15.69 5.24
CA GLN A 3 -3.70 14.63 4.26
C GLN A 3 -2.49 13.80 4.55
N LEU A 4 -2.56 12.49 4.24
CA LEU A 4 -1.46 11.61 4.47
C LEU A 4 -0.86 11.26 3.15
N THR A 5 0.49 11.22 3.09
CA THR A 5 1.16 10.88 1.87
C THR A 5 1.19 9.38 1.76
N GLU A 6 1.62 8.87 0.59
CA GLU A 6 1.66 7.44 0.38
C GLU A 6 2.64 6.84 1.35
N GLU A 7 3.76 7.54 1.63
CA GLU A 7 4.76 7.03 2.54
C GLU A 7 4.16 6.91 3.92
N GLN A 8 3.35 7.92 4.34
CA GLN A 8 2.74 7.88 5.65
C GLN A 8 1.77 6.75 5.72
N ILE A 9 0.98 6.54 4.64
CA ILE A 9 0.00 5.47 4.62
C ILE A 9 0.72 4.15 4.70
N ALA A 10 1.84 3.98 3.96
CA ALA A 10 2.57 2.74 3.97
C ALA A 10 3.06 2.45 5.38
N GLU A 11 3.57 3.49 6.08
CA GLU A 11 4.05 3.30 7.44
C GLU A 11 2.89 3.00 8.34
N PHE A 12 1.75 3.68 8.10
CA PHE A 12 0.57 3.50 8.92
C PHE A 12 0.03 2.10 8.72
N LYS A 13 0.26 1.52 7.52
CA LYS A 13 -0.21 0.18 7.22
C LYS A 13 0.40 -0.78 8.21
N GLU A 14 1.68 -0.52 8.59
CA GLU A 14 2.37 -1.37 9.52
C GLU A 14 1.63 -1.39 10.84
N ALA A 15 1.01 -0.26 11.23
CA ALA A 15 0.28 -0.21 12.48
C ALA A 15 -0.86 -1.21 12.46
N PHE A 16 -1.55 -1.39 11.32
CA PHE A 16 -2.63 -2.36 11.27
C PHE A 16 -2.04 -3.73 11.40
N SER A 17 -0.84 -3.90 10.79
CA SER A 17 -0.14 -5.17 10.85
C SER A 17 0.18 -5.48 12.29
N LEU A 18 0.43 -4.44 13.10
CA LEU A 18 0.73 -4.63 14.51
C LEU A 18 -0.43 -5.31 15.18
N PHE A 19 -1.66 -4.88 14.86
CA PHE A 19 -2.84 -5.48 15.45
C PHE A 19 -3.04 -6.86 14.86
N ASP A 20 -2.83 -6.99 13.53
CA ASP A 20 -3.03 -8.26 12.88
C ASP A 20 -1.75 -9.07 13.01
N LYS A 21 -1.54 -9.65 14.21
CA LYS A 21 -0.34 -10.40 14.48
C LYS A 21 -0.22 -11.61 13.59
N ASP A 22 -1.34 -12.33 13.30
CA ASP A 22 -1.22 -13.52 12.49
C ASP A 22 -1.12 -13.19 11.02
N GLY A 23 -1.38 -11.91 10.64
CA GLY A 23 -1.26 -11.52 9.26
C GLY A 23 -2.27 -12.21 8.38
N ASP A 24 -3.46 -12.56 8.91
CA ASP A 24 -4.44 -13.24 8.09
C ASP A 24 -5.36 -12.22 7.45
N GLY A 25 -5.09 -10.91 7.66
CA GLY A 25 -5.89 -9.88 7.06
C GLY A 25 -7.12 -9.62 7.91
N THR A 26 -7.29 -10.37 9.01
CA THR A 26 -8.45 -10.18 9.86
C THR A 26 -7.99 -10.02 11.28
N ILE A 27 -8.58 -9.05 11.99
CA ILE A 27 -8.23 -8.82 13.37
C ILE A 27 -9.44 -9.16 14.20
N THR A 28 -9.26 -10.05 15.20
CA THR A 28 -10.34 -10.49 16.05
C THR A 28 -10.04 -10.09 17.47
N THR A 29 -10.97 -10.44 18.38
CA THR A 29 -10.84 -10.11 19.79
C THR A 29 -9.59 -10.72 20.35
N LYS A 30 -9.31 -12.00 20.00
CA LYS A 30 -8.15 -12.66 20.55
C LYS A 30 -6.90 -11.97 20.10
N GLU A 31 -6.83 -11.54 18.81
CA GLU A 31 -5.66 -10.88 18.32
C GLU A 31 -5.52 -9.51 18.95
N LEU A 32 -6.64 -8.79 19.10
CA LEU A 32 -6.61 -7.46 19.67
C LEU A 32 -6.23 -7.58 21.12
N GLY A 33 -6.78 -8.59 21.82
CA GLY A 33 -6.48 -8.80 23.22
C GLY A 33 -5.02 -9.09 23.38
N THR A 34 -4.45 -9.88 22.44
CA THR A 34 -3.04 -10.23 22.50
C THR A 34 -2.22 -8.96 22.36
N VAL A 35 -2.64 -8.07 21.44
CA VAL A 35 -1.94 -6.83 21.23
C VAL A 35 -1.95 -6.01 22.49
N MET A 36 -3.13 -5.90 23.14
CA MET A 36 -3.24 -5.13 24.36
C MET A 36 -2.43 -5.78 25.45
N ARG A 37 -2.45 -7.13 25.51
CA ARG A 37 -1.69 -7.85 26.53
C ARG A 37 -0.23 -7.55 26.35
N SER A 38 0.24 -7.54 25.09
CA SER A 38 1.63 -7.27 24.80
C SER A 38 1.98 -5.88 25.26
N LEU A 39 1.02 -4.93 25.16
CA LEU A 39 1.28 -3.57 25.57
C LEU A 39 1.23 -3.46 27.08
N GLY A 40 0.78 -4.53 27.77
CA GLY A 40 0.73 -4.50 29.21
C GLY A 40 -0.62 -3.99 29.66
N GLN A 41 -1.59 -3.90 28.73
CA GLN A 41 -2.91 -3.43 29.09
C GLN A 41 -3.77 -4.64 29.27
N ASN A 42 -4.75 -4.56 30.20
CA ASN A 42 -5.61 -5.70 30.45
C ASN A 42 -7.04 -5.23 30.40
N PRO A 43 -7.59 -5.19 29.21
CA PRO A 43 -8.96 -4.79 28.99
C PRO A 43 -9.94 -5.90 29.26
N THR A 44 -11.22 -5.55 29.49
CA THR A 44 -12.20 -6.57 29.74
C THR A 44 -12.67 -7.10 28.41
N GLU A 45 -13.28 -8.30 28.42
CA GLU A 45 -13.76 -8.91 27.20
C GLU A 45 -14.85 -8.07 26.60
N ALA A 46 -15.74 -7.53 27.47
CA ALA A 46 -16.85 -6.72 26.98
C ALA A 46 -16.34 -5.51 26.25
N GLU A 47 -15.27 -4.87 26.78
CA GLU A 47 -14.73 -3.68 26.13
C GLU A 47 -14.19 -4.04 24.78
N LEU A 48 -13.49 -5.19 24.67
CA LEU A 48 -12.92 -5.57 23.39
C LEU A 48 -14.01 -5.85 22.40
N GLN A 49 -15.09 -6.54 22.83
CA GLN A 49 -16.18 -6.86 21.94
C GLN A 49 -16.89 -5.60 21.53
N ASP A 50 -17.07 -4.66 22.49
CA ASP A 50 -17.76 -3.42 22.20
C ASP A 50 -16.98 -2.63 21.18
N MET A 51 -15.62 -2.61 21.30
CA MET A 51 -14.82 -1.85 20.36
C MET A 51 -14.98 -2.43 18.99
N ILE A 52 -14.98 -3.77 18.87
CA ILE A 52 -15.13 -4.40 17.57
C ILE A 52 -16.49 -4.10 17.00
N ASN A 53 -17.55 -4.25 17.83
CA ASN A 53 -18.90 -4.05 17.35
C ASN A 53 -19.11 -2.61 16.92
N GLU A 54 -18.55 -1.65 17.68
CA GLU A 54 -18.74 -0.25 17.37
C GLU A 54 -18.18 0.10 16.02
N VAL A 55 -17.00 -0.43 15.65
CA VAL A 55 -16.40 -0.08 14.38
C VAL A 55 -16.61 -1.18 13.38
N ASP A 56 -17.58 -2.09 13.62
CA ASP A 56 -17.80 -3.15 12.68
C ASP A 56 -18.78 -2.65 11.65
N ALA A 57 -18.30 -1.84 10.70
CA ALA A 57 -19.14 -1.26 9.68
C ALA A 57 -19.73 -2.32 8.79
N ASP A 58 -18.96 -3.38 8.46
CA ASP A 58 -19.46 -4.40 7.56
C ASP A 58 -20.33 -5.37 8.32
N GLY A 59 -20.23 -5.37 9.66
CA GLY A 59 -21.05 -6.26 10.46
C GLY A 59 -20.67 -7.70 10.22
N ASN A 60 -19.38 -7.96 9.90
CA ASN A 60 -18.96 -9.33 9.66
C ASN A 60 -18.46 -9.93 10.95
N GLY A 61 -18.59 -9.18 12.08
CA GLY A 61 -18.18 -9.68 13.37
C GLY A 61 -16.70 -9.47 13.57
N THR A 62 -15.98 -8.88 12.58
CA THR A 62 -14.57 -8.68 12.74
C THR A 62 -14.17 -7.32 12.23
N ILE A 63 -12.95 -6.89 12.59
CA ILE A 63 -12.45 -5.62 12.15
C ILE A 63 -11.40 -5.94 11.13
N ASP A 64 -11.59 -5.45 9.90
CA ASP A 64 -10.63 -5.69 8.84
C ASP A 64 -9.75 -4.48 8.75
N PHE A 65 -8.74 -4.52 7.87
CA PHE A 65 -7.81 -3.42 7.71
C PHE A 65 -8.53 -2.13 7.37
N PRO A 66 -9.42 -2.13 6.40
CA PRO A 66 -10.16 -0.91 6.04
C PRO A 66 -10.93 -0.36 7.20
N GLU A 67 -11.54 -1.27 8.00
CA GLU A 67 -12.30 -0.86 9.15
C GLU A 67 -11.39 -0.21 10.16
N PHE A 68 -10.17 -0.75 10.37
CA PHE A 68 -9.24 -0.16 11.31
C PHE A 68 -8.76 1.17 10.78
N LEU A 69 -8.51 1.26 9.46
CA LEU A 69 -8.04 2.50 8.89
C LEU A 69 -9.11 3.54 9.07
N THR A 70 -10.38 3.14 8.88
CA THR A 70 -11.49 4.05 9.03
C THR A 70 -11.56 4.50 10.47
N MET A 71 -11.42 3.58 11.44
CA MET A 71 -11.51 3.93 12.84
C MET A 71 -10.37 4.84 13.23
N MET A 72 -9.12 4.49 12.86
CA MET A 72 -7.97 5.27 13.25
C MET A 72 -7.90 6.61 12.55
N ALA A 73 -8.25 6.69 11.24
CA ALA A 73 -8.13 7.93 10.53
C ALA A 73 -9.41 8.71 10.58
N ARG A 74 -10.53 8.04 10.94
CA ARG A 74 -11.81 8.71 11.02
C ARG A 74 -12.19 9.25 9.66
N LYS A 75 -11.93 8.47 8.59
CA LYS A 75 -12.27 8.91 7.26
C LYS A 75 -12.46 7.68 6.44
N MET A 76 -13.14 7.81 5.28
CA MET A 76 -13.38 6.66 4.43
C MET A 76 -13.03 7.07 3.03
N LYS A 77 -12.54 6.10 2.23
CA LYS A 77 -12.18 6.39 0.86
C LYS A 77 -12.96 5.40 0.03
N ASP A 78 -13.83 5.91 -0.87
CA ASP A 78 -14.66 5.05 -1.69
C ASP A 78 -13.83 4.32 -2.72
N THR A 79 -12.89 5.02 -3.38
CA THR A 79 -12.09 4.37 -4.40
C THR A 79 -10.96 3.63 -3.77
N ASP A 80 -10.41 2.64 -4.50
CA ASP A 80 -9.30 1.87 -3.99
C ASP A 80 -8.57 1.29 -5.17
N SER A 81 -8.38 2.13 -6.22
CA SER A 81 -7.70 1.69 -7.42
C SER A 81 -6.22 1.55 -7.12
N GLU A 82 -5.76 2.22 -6.05
CA GLU A 82 -4.36 2.17 -5.69
C GLU A 82 -3.99 0.77 -5.27
N GLU A 83 -4.96 -0.04 -4.80
CA GLU A 83 -4.66 -1.40 -4.38
C GLU A 83 -4.14 -2.17 -5.56
N GLU A 84 -4.77 -2.02 -6.75
CA GLU A 84 -4.34 -2.73 -7.93
C GLU A 84 -2.96 -2.26 -8.31
N ILE A 85 -2.73 -0.94 -8.24
CA ILE A 85 -1.45 -0.37 -8.60
C ILE A 85 -0.39 -0.86 -7.65
N ARG A 86 -0.71 -0.92 -6.34
CA ARG A 86 0.23 -1.35 -5.34
C ARG A 86 0.68 -2.76 -5.63
N GLU A 87 -0.26 -3.64 -6.05
CA GLU A 87 0.07 -5.01 -6.35
C GLU A 87 1.05 -5.05 -7.50
N ALA A 88 0.86 -4.17 -8.50
CA ALA A 88 1.76 -4.15 -9.65
C ALA A 88 3.16 -3.83 -9.18
N PHE A 89 3.29 -2.89 -8.22
CA PHE A 89 4.61 -2.52 -7.72
C PHE A 89 5.28 -3.70 -7.10
N ARG A 90 4.52 -4.55 -6.36
CA ARG A 90 5.11 -5.70 -5.73
C ARG A 90 5.66 -6.64 -6.78
N VAL A 91 4.92 -6.82 -7.90
CA VAL A 91 5.35 -7.72 -8.94
C VAL A 91 6.59 -7.17 -9.61
N PHE A 92 6.57 -5.86 -9.97
CA PHE A 92 7.71 -5.27 -10.66
C PHE A 92 8.88 -5.12 -9.73
N ASP A 93 8.63 -4.72 -8.46
CA ASP A 93 9.71 -4.52 -7.54
C ASP A 93 10.01 -5.83 -6.87
N LYS A 94 10.70 -6.72 -7.62
CA LYS A 94 11.05 -8.04 -7.14
C LYS A 94 11.94 -7.95 -5.92
N ASP A 95 12.94 -7.03 -5.93
CA ASP A 95 13.86 -6.95 -4.82
C ASP A 95 13.24 -6.24 -3.63
N GLY A 96 12.07 -5.59 -3.81
CA GLY A 96 11.41 -4.94 -2.69
C GLY A 96 12.23 -3.79 -2.16
N ASN A 97 13.02 -3.10 -3.00
CA ASN A 97 13.82 -2.00 -2.50
C ASN A 97 13.03 -0.71 -2.62
N GLY A 98 11.77 -0.80 -3.11
CA GLY A 98 10.93 0.37 -3.22
C GLY A 98 11.21 1.12 -4.49
N TYR A 99 12.19 0.68 -5.30
CA TYR A 99 12.50 1.38 -6.52
C TYR A 99 12.73 0.39 -7.62
N ILE A 100 12.64 0.87 -8.88
CA ILE A 100 12.86 0.03 -10.02
C ILE A 100 14.15 0.48 -10.66
N SER A 101 15.09 -0.47 -10.83
CA SER A 101 16.37 -0.17 -11.42
C SER A 101 16.40 -0.76 -12.79
N ALA A 102 17.48 -0.48 -13.54
CA ALA A 102 17.62 -0.99 -14.89
C ALA A 102 17.63 -2.49 -14.87
N ALA A 103 18.31 -3.10 -13.87
CA ALA A 103 18.38 -4.53 -13.77
C ALA A 103 16.99 -5.09 -13.60
N GLU A 104 16.15 -4.42 -12.77
CA GLU A 104 14.80 -4.88 -12.54
C GLU A 104 14.00 -4.75 -13.81
N LEU A 105 14.23 -3.67 -14.58
CA LEU A 105 13.51 -3.46 -15.82
C LEU A 105 13.90 -4.55 -16.78
N ARG A 106 15.21 -4.91 -16.79
CA ARG A 106 15.70 -5.96 -17.65
C ARG A 106 15.01 -7.24 -17.29
N HIS A 107 14.85 -7.48 -15.96
CA HIS A 107 14.20 -8.69 -15.49
C HIS A 107 12.79 -8.75 -16.02
N VAL A 108 12.06 -7.63 -15.97
CA VAL A 108 10.69 -7.62 -16.44
C VAL A 108 10.65 -7.96 -17.92
N MET A 109 11.52 -7.31 -18.73
CA MET A 109 11.51 -7.55 -20.16
C MET A 109 11.93 -8.96 -20.46
N THR A 110 12.94 -9.51 -19.75
CA THR A 110 13.38 -10.87 -20.04
C THR A 110 12.33 -11.84 -19.59
N ASN A 111 11.57 -11.50 -18.53
CA ASN A 111 10.51 -12.36 -18.05
C ASN A 111 9.45 -12.45 -19.11
N LEU A 112 9.20 -11.31 -19.80
CA LEU A 112 8.19 -11.27 -20.84
C LEU A 112 8.69 -12.04 -22.03
N GLY A 113 10.03 -12.19 -22.16
CA GLY A 113 10.59 -12.93 -23.27
C GLY A 113 11.09 -11.97 -24.29
N GLU A 114 11.16 -10.67 -23.94
CA GLU A 114 11.64 -9.69 -24.87
C GLU A 114 13.11 -9.50 -24.65
N LYS A 115 13.90 -9.54 -25.74
CA LYS A 115 15.33 -9.38 -25.61
C LYS A 115 15.63 -7.93 -25.89
N LEU A 116 16.26 -7.25 -24.91
CA LEU A 116 16.59 -5.86 -25.08
C LEU A 116 18.06 -5.70 -24.85
N THR A 117 18.68 -4.76 -25.58
CA THR A 117 20.09 -4.51 -25.41
C THR A 117 20.25 -3.60 -24.23
N ASP A 118 21.50 -3.43 -23.75
CA ASP A 118 21.75 -2.59 -22.60
C ASP A 118 21.31 -1.18 -22.92
N GLU A 119 21.59 -0.71 -24.15
CA GLU A 119 21.22 0.64 -24.53
C GLU A 119 19.72 0.76 -24.53
N GLU A 120 19.00 -0.25 -25.06
CA GLU A 120 17.55 -0.19 -25.12
C GLU A 120 16.97 -0.21 -23.73
N VAL A 121 17.55 -1.01 -22.80
CA VAL A 121 17.05 -1.07 -21.45
C VAL A 121 17.24 0.29 -20.82
N ASP A 122 18.42 0.92 -21.07
CA ASP A 122 18.71 2.21 -20.52
C ASP A 122 17.70 3.21 -21.05
N GLU A 123 17.35 3.11 -22.35
CA GLU A 123 16.39 4.02 -22.94
C GLU A 123 15.06 3.87 -22.25
N MET A 124 14.66 2.62 -21.92
CA MET A 124 13.38 2.43 -21.26
C MET A 124 13.38 3.12 -19.93
N ILE A 125 14.51 3.03 -19.19
CA ILE A 125 14.60 3.67 -17.90
C ILE A 125 14.53 5.16 -18.10
N ARG A 126 15.28 5.70 -19.09
CA ARG A 126 15.30 7.12 -19.34
C ARG A 126 13.94 7.63 -19.74
N GLU A 127 13.19 6.87 -20.57
CA GLU A 127 11.88 7.32 -21.00
C GLU A 127 10.95 7.40 -19.81
N ALA A 128 11.04 6.43 -18.88
CA ALA A 128 10.17 6.43 -17.73
C ALA A 128 10.76 7.34 -16.67
N ASP A 129 12.01 7.80 -16.88
CA ASP A 129 12.65 8.65 -15.90
C ASP A 129 12.33 10.07 -16.25
N ILE A 130 11.11 10.52 -15.87
CA ILE A 130 10.66 11.85 -16.16
C ILE A 130 11.50 12.86 -15.43
N ASP A 131 11.82 12.60 -14.14
CA ASP A 131 12.60 13.55 -13.38
C ASP A 131 14.05 13.51 -13.79
N GLY A 132 14.48 12.41 -14.45
CA GLY A 132 15.85 12.32 -14.91
C GLY A 132 16.79 12.15 -13.75
N ASP A 133 16.33 11.55 -12.63
CA ASP A 133 17.20 11.37 -11.48
C ASP A 133 17.92 10.04 -11.56
N GLY A 134 17.75 9.30 -12.67
CA GLY A 134 18.42 8.02 -12.83
C GLY A 134 17.68 6.94 -12.11
N GLN A 135 16.51 7.27 -11.53
CA GLN A 135 15.74 6.27 -10.80
C GLN A 135 14.30 6.43 -11.18
N VAL A 136 13.53 5.32 -11.04
CA VAL A 136 12.13 5.34 -11.35
C VAL A 136 11.41 5.31 -10.03
N ASN A 137 10.61 6.37 -9.75
CA ASN A 137 9.89 6.46 -8.51
C ASN A 137 8.49 5.95 -8.73
N TYR A 138 7.68 5.95 -7.65
CA TYR A 138 6.33 5.47 -7.70
C TYR A 138 5.51 6.32 -8.64
N GLU A 139 5.68 7.66 -8.58
CA GLU A 139 4.91 8.54 -9.42
C GLU A 139 5.25 8.29 -10.87
N GLU A 140 6.55 8.07 -11.15
CA GLU A 140 6.99 7.85 -12.51
C GLU A 140 6.45 6.53 -13.02
N PHE A 141 6.45 5.49 -12.16
CA PHE A 141 5.96 4.19 -12.54
C PHE A 141 4.48 4.25 -12.82
N VAL A 142 3.72 4.98 -11.96
CA VAL A 142 2.29 5.07 -12.12
C VAL A 142 1.96 5.67 -13.46
N GLN A 143 2.71 6.71 -13.88
CA GLN A 143 2.45 7.34 -15.17
C GLN A 143 2.71 6.34 -16.27
N MET A 144 3.76 5.50 -16.14
CA MET A 144 4.07 4.52 -17.16
C MET A 144 2.91 3.55 -17.31
N MET A 145 2.35 3.06 -16.19
CA MET A 145 1.26 2.11 -16.24
C MET A 145 -0.02 2.76 -16.69
N THR A 146 -0.17 4.09 -16.48
CA THR A 146 -1.39 4.75 -16.88
C THR A 146 -1.15 5.45 -18.18
N ALA A 147 -0.04 5.11 -18.87
CA ALA A 147 0.28 5.72 -20.13
C ALA A 147 -0.75 5.31 -21.15
N LYS A 148 -1.16 6.25 -22.02
CA LYS A 148 -2.14 5.95 -23.03
C LYS A 148 -1.43 5.36 -24.25
N ALA B 1 -0.61 -13.84 -8.58
CA ALA B 1 -1.05 -12.62 -7.86
C ALA B 1 -1.91 -11.76 -8.73
N LEU B 2 -1.42 -11.46 -9.95
CA LEU B 2 -2.18 -10.64 -10.87
C LEU B 2 -2.78 -11.53 -11.89
N SER B 3 -3.99 -11.18 -12.37
CA SER B 3 -4.66 -11.96 -13.37
C SER B 3 -3.92 -11.76 -14.67
N LYS B 4 -3.97 -12.75 -15.57
CA LYS B 4 -3.27 -12.64 -16.84
C LYS B 4 -3.80 -11.48 -17.63
N ASP B 5 -5.10 -11.12 -17.44
CA ASP B 5 -5.66 -10.01 -18.17
C ASP B 5 -4.91 -8.75 -17.79
N LYS B 6 -4.63 -8.58 -16.48
CA LYS B 6 -3.93 -7.41 -16.01
C LYS B 6 -2.52 -7.43 -16.54
N GLU B 7 -1.90 -8.65 -16.53
CA GLU B 7 -0.53 -8.78 -17.00
C GLU B 7 -0.46 -8.45 -18.46
N GLU B 8 -1.45 -8.91 -19.26
CA GLU B 8 -1.45 -8.66 -20.68
C GLU B 8 -1.58 -7.18 -20.92
N GLU B 9 -2.43 -6.48 -20.12
CA GLU B 9 -2.60 -5.05 -20.33
C GLU B 9 -1.31 -4.35 -20.06
N ILE B 10 -0.61 -4.75 -18.98
CA ILE B 10 0.66 -4.13 -18.61
C ILE B 10 1.66 -4.40 -19.70
N ARG B 11 1.70 -5.65 -20.21
CA ARG B 11 2.65 -6.01 -21.24
C ARG B 11 2.39 -5.18 -22.47
N LYS B 12 1.10 -4.97 -22.84
CA LYS B 12 0.77 -4.20 -24.02
C LYS B 12 1.28 -2.79 -23.88
N ILE B 13 1.21 -2.20 -22.67
CA ILE B 13 1.67 -0.84 -22.48
C ILE B 13 3.14 -0.78 -22.82
N LEU B 14 3.94 -1.70 -22.25
CA LEU B 14 5.36 -1.69 -22.48
C LEU B 14 5.66 -2.03 -23.92
N ARG B 15 4.90 -2.96 -24.53
CA ARG B 15 5.13 -3.31 -25.92
C ARG B 15 4.89 -2.09 -26.79
N ASN B 16 3.86 -1.28 -26.43
CA ASN B 16 3.53 -0.11 -27.21
C ASN B 16 4.71 0.84 -27.24
N ASN B 17 5.34 1.13 -26.08
CA ASN B 17 6.47 2.05 -26.08
C ASN B 17 7.68 1.34 -26.62
N LEU B 18 7.75 0.00 -26.46
CA LEU B 18 8.88 -0.76 -26.94
C LEU B 18 8.99 -0.62 -28.44
N GLN B 19 7.86 -0.75 -29.17
CA GLN B 19 7.88 -0.65 -30.60
C GLN B 19 8.34 0.71 -31.01
N LYS B 20 7.82 1.74 -30.31
CA LYS B 20 8.17 3.11 -30.62
C LYS B 20 9.63 3.32 -30.32
N THR B 21 10.12 2.72 -29.21
CA THR B 21 11.51 2.87 -28.83
C THR B 21 12.40 2.27 -29.87
N ARG B 22 12.04 1.07 -30.39
CA ARG B 22 12.88 0.43 -31.38
C ARG B 22 12.92 1.27 -32.63
N GLN B 23 11.76 1.83 -33.05
CA GLN B 23 11.73 2.65 -34.24
C GLN B 23 12.53 3.89 -34.02
N ARG B 24 12.37 4.51 -32.83
CA ARG B 24 13.07 5.74 -32.52
C ARG B 24 14.55 5.47 -32.48
N LEU B 25 14.95 4.34 -31.85
CA LEU B 25 16.34 3.98 -31.71
C LEU B 25 16.93 3.74 -33.08
N ARG B 26 16.21 3.01 -33.94
CA ARG B 26 16.71 2.70 -35.27
C ARG B 26 16.83 3.97 -36.09
N SER B 27 15.86 4.90 -35.93
CA SER B 27 15.86 6.12 -36.69
C SER B 27 17.10 6.94 -36.40
N TYR B 28 17.52 7.00 -35.12
CA TYR B 28 18.67 7.79 -34.76
C TYR B 28 19.87 6.91 -34.58
N ASN B 29 19.82 5.67 -35.10
CA ASN B 29 20.94 4.75 -34.96
C ASN B 29 22.15 5.34 -35.67
N ARG B 30 21.94 5.91 -36.87
CA ARG B 30 23.05 6.46 -37.62
C ARG B 30 23.37 7.84 -37.15
N HIS B 31 22.51 8.43 -36.29
CA HIS B 31 22.76 9.78 -35.82
C HIS B 31 23.44 9.73 -34.48
N THR B 32 23.67 8.50 -33.95
CA THR B 32 24.33 8.37 -32.67
C THR B 32 25.68 7.75 -32.89
N LEU B 33 26.08 7.62 -34.17
CA LEU B 33 27.37 7.03 -34.47
C LEU B 33 28.28 8.17 -34.82
N VAL B 34 29.36 8.33 -34.03
CA VAL B 34 30.31 9.39 -34.27
C VAL B 34 31.65 8.75 -34.44
N ALA B 35 32.35 9.08 -35.54
CA ALA B 35 33.65 8.53 -35.78
C ALA B 35 34.59 9.68 -35.99
N ASP B 36 35.81 9.59 -35.41
CA ASP B 36 36.77 10.65 -35.56
C ASP B 36 37.77 10.24 -36.65
N ALA C 1 13.39 -3.00 11.57
CA ALA C 1 12.55 -2.42 10.49
C ALA C 1 11.49 -1.53 11.04
N LEU C 2 10.81 -1.98 12.12
CA LEU C 2 9.77 -1.19 12.72
C LEU C 2 10.35 -0.64 13.99
N SER C 3 10.28 0.71 14.16
CA SER C 3 10.84 1.34 15.32
C SER C 3 9.98 1.05 16.53
N LYS C 4 10.60 1.20 17.72
CA LYS C 4 9.92 0.98 18.98
C LYS C 4 8.85 2.01 19.15
N ASP C 5 9.09 3.24 18.65
CA ASP C 5 8.14 4.32 18.81
C ASP C 5 6.83 3.93 18.17
N LYS C 6 6.85 3.23 17.02
CA LYS C 6 5.64 2.82 16.37
C LYS C 6 4.88 1.87 17.25
N GLU C 7 5.61 0.96 17.96
CA GLU C 7 4.96 0.02 18.85
C GLU C 7 4.32 0.78 19.99
N GLU C 8 5.04 1.81 20.51
CA GLU C 8 4.53 2.61 21.61
C GLU C 8 3.30 3.36 21.14
N GLU C 9 3.27 3.72 19.84
CA GLU C 9 2.17 4.47 19.26
C GLU C 9 0.89 3.69 19.42
N ILE C 10 0.95 2.33 19.41
CA ILE C 10 -0.25 1.53 19.53
C ILE C 10 -0.92 1.86 20.83
N ARG C 11 -0.15 2.09 21.91
CA ARG C 11 -0.73 2.40 23.19
C ARG C 11 -1.57 3.64 23.06
N LYS C 12 -1.04 4.68 22.37
CA LYS C 12 -1.79 5.91 22.20
C LYS C 12 -2.98 5.65 21.31
N ILE C 13 -2.78 4.80 20.28
CA ILE C 13 -3.84 4.48 19.35
C ILE C 13 -4.97 3.79 20.07
N LEU C 14 -4.66 2.77 20.90
CA LEU C 14 -5.68 2.08 21.65
C LEU C 14 -6.22 2.94 22.74
N ARG C 15 -5.37 3.74 23.42
CA ARG C 15 -5.82 4.56 24.51
C ARG C 15 -6.87 5.52 24.03
N ASN C 16 -6.63 6.18 22.87
CA ASN C 16 -7.57 7.13 22.36
C ASN C 16 -8.89 6.46 22.04
N ASN C 17 -8.86 5.33 21.31
CA ASN C 17 -10.09 4.65 20.95
C ASN C 17 -10.74 4.01 22.16
N LEU C 18 -9.94 3.46 23.08
CA LEU C 18 -10.48 2.80 24.25
C LEU C 18 -11.25 3.79 25.09
N GLN C 19 -10.69 5.00 25.29
CA GLN C 19 -11.36 5.99 26.12
C GLN C 19 -12.65 6.41 25.48
N LYS C 20 -12.69 6.52 24.14
CA LYS C 20 -13.90 6.93 23.46
C LYS C 20 -14.98 5.90 23.71
N THR C 21 -14.63 4.59 23.67
CA THR C 21 -15.63 3.57 23.89
C THR C 21 -16.05 3.56 25.33
N ARG C 22 -15.10 3.82 26.27
CA ARG C 22 -15.43 3.82 27.68
C ARG C 22 -16.41 4.93 27.95
N GLN C 23 -16.20 6.12 27.36
CA GLN C 23 -17.09 7.23 27.58
C GLN C 23 -18.46 6.89 27.04
N ARG C 24 -18.51 6.20 25.87
CA ARG C 24 -19.77 5.83 25.29
C ARG C 24 -20.50 4.90 26.23
N LEU C 25 -19.77 3.92 26.82
CA LEU C 25 -20.38 2.98 27.73
C LEU C 25 -20.82 3.68 28.99
N ARG C 26 -20.00 4.63 29.49
CA ARG C 26 -20.34 5.34 30.71
C ARG C 26 -21.60 6.14 30.49
N SER C 27 -21.76 6.74 29.29
CA SER C 27 -22.92 7.55 29.02
C SER C 27 -24.05 6.68 28.51
N TYR C 28 -23.82 5.35 28.41
CA TYR C 28 -24.86 4.47 27.93
C TYR C 28 -25.91 4.35 28.99
N ASN C 29 -25.50 4.26 30.27
CA ASN C 29 -26.45 4.14 31.36
C ASN C 29 -27.29 5.39 31.42
N ARG C 30 -26.65 6.56 31.18
CA ARG C 30 -27.38 7.81 31.22
C ARG C 30 -28.34 7.87 30.06
N HIS C 31 -27.93 7.29 28.90
CA HIS C 31 -28.76 7.30 27.71
C HIS C 31 -30.00 6.47 27.95
N THR C 32 -29.96 5.51 28.90
CA THR C 32 -31.11 4.68 29.19
C THR C 32 -32.23 5.55 29.68
N LEU C 33 -31.92 6.52 30.55
CA LEU C 33 -32.94 7.40 31.07
C LEU C 33 -33.13 8.51 30.07
N VAL C 34 -34.21 8.45 29.28
CA VAL C 34 -34.47 9.46 28.30
C VAL C 34 -35.49 10.42 28.84
N ALA C 35 -35.99 10.16 30.07
CA ALA C 35 -36.96 11.03 30.67
C ALA C 35 -36.26 12.27 31.13
N ASP C 36 -36.90 13.45 30.91
CA ASP C 36 -36.29 14.69 31.32
C ASP C 36 -37.21 15.32 32.38
N ALA A 1 9.92 -3.89 5.34
CA ALA A 1 8.64 -3.30 5.79
C ALA A 1 7.48 -3.91 5.07
N ASP A 2 7.61 -4.08 3.73
CA ASP A 2 6.56 -4.67 2.94
C ASP A 2 6.35 -6.09 3.38
N GLN A 3 7.47 -6.80 3.68
CA GLN A 3 7.37 -8.17 4.11
C GLN A 3 7.57 -8.17 5.59
N LEU A 4 6.63 -8.77 6.34
CA LEU A 4 6.73 -8.82 7.77
C LEU A 4 7.06 -10.23 8.15
N THR A 5 7.85 -10.39 9.23
CA THR A 5 8.25 -11.69 9.69
C THR A 5 7.30 -12.15 10.76
N GLU A 6 7.43 -13.42 11.16
CA GLU A 6 6.58 -13.99 12.20
C GLU A 6 6.82 -13.24 13.48
N GLU A 7 8.09 -12.84 13.73
CA GLU A 7 8.43 -12.14 14.93
C GLU A 7 7.66 -10.83 15.00
N GLN A 8 7.50 -10.15 13.85
CA GLN A 8 6.77 -8.89 13.84
C GLN A 8 5.33 -9.16 14.22
N ILE A 9 4.77 -10.27 13.72
CA ILE A 9 3.40 -10.62 14.02
C ILE A 9 3.26 -10.87 15.50
N ALA A 10 4.23 -11.60 16.09
CA ALA A 10 4.16 -11.90 17.50
C ALA A 10 4.20 -10.63 18.30
N GLU A 11 5.05 -9.66 17.90
CA GLU A 11 5.14 -8.41 18.64
C GLU A 11 3.83 -7.67 18.52
N PHE A 12 3.21 -7.69 17.32
CA PHE A 12 1.95 -7.02 17.12
C PHE A 12 0.89 -7.69 17.93
N LYS A 13 0.94 -9.02 17.98
CA LYS A 13 -0.05 -9.78 18.69
C LYS A 13 0.00 -9.43 20.16
N GLU A 14 1.22 -9.28 20.73
CA GLU A 14 1.36 -8.96 22.12
C GLU A 14 0.76 -7.60 22.38
N ALA A 15 0.97 -6.63 21.46
CA ALA A 15 0.45 -5.30 21.64
C ALA A 15 -1.06 -5.28 21.66
N PHE A 16 -1.75 -6.08 20.83
CA PHE A 16 -3.19 -6.05 20.85
C PHE A 16 -3.66 -6.64 22.16
N SER A 17 -2.92 -7.68 22.63
CA SER A 17 -3.26 -8.35 23.86
C SER A 17 -3.14 -7.38 25.02
N LEU A 18 -2.30 -6.33 24.84
CA LEU A 18 -2.11 -5.35 25.88
C LEU A 18 -3.41 -4.65 26.18
N PHE A 19 -4.27 -4.44 25.15
CA PHE A 19 -5.53 -3.78 25.39
C PHE A 19 -6.42 -4.73 26.15
N ASP A 20 -6.35 -6.04 25.81
CA ASP A 20 -7.18 -7.01 26.46
C ASP A 20 -6.47 -7.47 27.71
N LYS A 21 -6.39 -6.57 28.72
CA LYS A 21 -5.72 -6.86 29.96
C LYS A 21 -6.41 -7.98 30.70
N ASP A 22 -7.76 -8.05 30.64
CA ASP A 22 -8.46 -9.09 31.37
C ASP A 22 -8.36 -10.41 30.67
N GLY A 23 -7.88 -10.42 29.40
CA GLY A 23 -7.70 -11.66 28.68
C GLY A 23 -9.01 -12.35 28.45
N ASP A 24 -10.14 -11.61 28.32
CA ASP A 24 -11.41 -12.28 28.11
C ASP A 24 -11.62 -12.51 26.64
N GLY A 25 -10.66 -12.06 25.78
CA GLY A 25 -10.77 -12.28 24.36
C GLY A 25 -11.69 -11.27 23.74
N THR A 26 -12.20 -10.31 24.53
CA THR A 26 -13.10 -9.32 23.98
C THR A 26 -12.64 -7.96 24.40
N ILE A 27 -12.62 -7.01 23.43
CA ILE A 27 -12.24 -5.65 23.72
C ILE A 27 -13.44 -4.78 23.42
N THR A 28 -13.94 -4.08 24.47
CA THR A 28 -15.10 -3.22 24.33
C THR A 28 -14.72 -1.81 24.69
N THR A 29 -15.70 -0.89 24.62
CA THR A 29 -15.48 0.51 24.91
C THR A 29 -15.01 0.67 26.33
N LYS A 30 -15.68 -0.01 27.29
CA LYS A 30 -15.32 0.12 28.68
C LYS A 30 -13.91 -0.37 28.88
N GLU A 31 -13.56 -1.53 28.28
CA GLU A 31 -12.24 -2.08 28.44
C GLU A 31 -11.22 -1.19 27.79
N LEU A 32 -11.52 -0.67 26.58
CA LEU A 32 -10.59 0.19 25.88
C LEU A 32 -10.40 1.46 26.67
N GLY A 33 -11.50 2.01 27.19
CA GLY A 33 -11.45 3.23 27.96
C GLY A 33 -10.62 3.02 29.19
N THR A 34 -10.76 1.83 29.82
CA THR A 34 -10.01 1.52 31.02
C THR A 34 -8.53 1.52 30.69
N VAL A 35 -8.16 0.94 29.54
CA VAL A 35 -6.76 0.88 29.15
C VAL A 35 -6.24 2.28 28.95
N MET A 36 -7.01 3.14 28.24
CA MET A 36 -6.56 4.49 28.00
C MET A 36 -6.50 5.24 29.31
N ARG A 37 -7.49 5.01 30.21
CA ARG A 37 -7.52 5.66 31.50
C ARG A 37 -6.29 5.26 32.28
N SER A 38 -5.90 3.97 32.19
CA SER A 38 -4.75 3.47 32.91
C SER A 38 -3.51 4.18 32.42
N LEU A 39 -3.48 4.55 31.12
CA LEU A 39 -2.33 5.23 30.56
C LEU A 39 -2.36 6.69 30.96
N GLY A 40 -3.44 7.14 31.65
CA GLY A 40 -3.51 8.51 32.07
C GLY A 40 -4.17 9.35 31.01
N GLN A 41 -4.78 8.71 29.99
CA GLN A 41 -5.43 9.44 28.95
C GLN A 41 -6.87 9.59 29.36
N ASN A 42 -7.54 10.66 28.88
CA ASN A 42 -8.93 10.86 29.25
C ASN A 42 -9.71 11.09 27.99
N PRO A 43 -10.10 10.02 27.34
CA PRO A 43 -10.88 10.09 26.11
C PRO A 43 -12.34 10.31 26.39
N THR A 44 -13.07 10.82 25.36
CA THR A 44 -14.49 11.04 25.54
C THR A 44 -15.18 9.75 25.20
N GLU A 45 -16.39 9.52 25.78
CA GLU A 45 -17.12 8.30 25.55
C GLU A 45 -17.47 8.19 24.09
N ALA A 46 -17.92 9.31 23.48
CA ALA A 46 -18.28 9.30 22.08
C ALA A 46 -17.07 8.98 21.24
N GLU A 47 -15.90 9.53 21.62
CA GLU A 47 -14.69 9.28 20.86
C GLU A 47 -14.33 7.83 20.91
N LEU A 48 -14.48 7.18 22.09
CA LEU A 48 -14.14 5.79 22.22
C LEU A 48 -15.02 4.96 21.32
N GLN A 49 -16.32 5.28 21.25
CA GLN A 49 -17.22 4.53 20.41
C GLN A 49 -16.85 4.74 18.98
N ASP A 50 -16.48 6.00 18.62
CA ASP A 50 -16.12 6.31 17.26
C ASP A 50 -14.85 5.57 16.90
N MET A 51 -13.89 5.46 17.84
CA MET A 51 -12.65 4.76 17.55
C MET A 51 -12.94 3.33 17.27
N ILE A 52 -13.84 2.69 18.06
CA ILE A 52 -14.17 1.31 17.84
C ILE A 52 -14.83 1.15 16.50
N ASN A 53 -15.76 2.05 16.13
CA ASN A 53 -16.43 1.93 14.85
C ASN A 53 -15.44 2.01 13.73
N GLU A 54 -14.42 2.90 13.86
CA GLU A 54 -13.43 3.08 12.82
C GLU A 54 -12.59 1.83 12.67
N VAL A 55 -12.26 1.16 13.80
CA VAL A 55 -11.41 -0.01 13.75
C VAL A 55 -12.25 -1.24 13.53
N ASP A 56 -13.56 -1.16 13.83
CA ASP A 56 -14.43 -2.30 13.67
C ASP A 56 -14.81 -2.41 12.21
N ALA A 57 -13.94 -3.08 11.43
CA ALA A 57 -14.15 -3.23 10.01
C ALA A 57 -15.38 -4.06 9.72
N ASP A 58 -15.65 -5.13 10.50
CA ASP A 58 -16.77 -5.99 10.21
C ASP A 58 -18.05 -5.36 10.71
N GLY A 59 -17.95 -4.35 11.59
CA GLY A 59 -19.13 -3.69 12.08
C GLY A 59 -19.94 -4.61 12.95
N ASN A 60 -19.29 -5.57 13.64
CA ASN A 60 -20.01 -6.49 14.47
C ASN A 60 -20.13 -5.91 15.86
N GLY A 61 -19.63 -4.67 16.07
CA GLY A 61 -19.74 -4.02 17.35
C GLY A 61 -18.63 -4.48 18.26
N THR A 62 -17.70 -5.32 17.74
CA THR A 62 -16.64 -5.82 18.58
C THR A 62 -15.38 -5.80 17.77
N ILE A 63 -14.24 -5.45 18.42
CA ILE A 63 -13.00 -5.43 17.70
C ILE A 63 -12.38 -6.78 17.95
N ASP A 64 -12.31 -7.60 16.88
CA ASP A 64 -11.75 -8.93 17.00
C ASP A 64 -10.27 -8.84 16.92
N PHE A 65 -9.59 -9.99 17.18
CA PHE A 65 -8.15 -10.04 17.20
C PHE A 65 -7.56 -9.58 15.87
N PRO A 66 -8.00 -10.11 14.74
CA PRO A 66 -7.47 -9.68 13.45
C PRO A 66 -7.75 -8.24 13.13
N GLU A 67 -8.87 -7.69 13.65
CA GLU A 67 -9.21 -6.31 13.38
C GLU A 67 -8.17 -5.41 13.99
N PHE A 68 -7.73 -5.72 15.24
CA PHE A 68 -6.72 -4.91 15.89
C PHE A 68 -5.40 -5.09 15.20
N LEU A 69 -5.06 -6.34 14.81
CA LEU A 69 -3.80 -6.60 14.16
C LEU A 69 -3.76 -5.86 12.85
N THR A 70 -4.89 -5.87 12.10
CA THR A 70 -4.93 -5.19 10.83
C THR A 70 -4.76 -3.71 11.04
N MET A 71 -5.45 -3.16 12.08
CA MET A 71 -5.37 -1.75 12.35
C MET A 71 -3.95 -1.37 12.70
N MET A 72 -3.30 -2.14 13.59
CA MET A 72 -1.94 -1.84 13.99
C MET A 72 -1.01 -2.03 12.83
N ALA A 73 -1.22 -3.07 12.00
CA ALA A 73 -0.36 -3.31 10.86
C ALA A 73 -0.47 -2.16 9.90
N ARG A 74 -1.69 -1.54 9.84
CA ARG A 74 -1.94 -0.41 8.98
C ARG A 74 -2.09 -0.90 7.57
N LYS A 75 -1.01 -1.43 6.97
CA LYS A 75 -1.06 -1.91 5.62
C LYS A 75 -1.03 -3.41 5.67
N MET A 76 -2.18 -4.06 5.38
CA MET A 76 -2.24 -5.49 5.39
C MET A 76 -3.28 -5.88 4.39
N LYS A 77 -2.95 -6.84 3.50
CA LYS A 77 -3.89 -7.28 2.52
C LYS A 77 -3.49 -8.66 2.13
N ASP A 78 -4.48 -9.57 1.97
CA ASP A 78 -4.18 -10.93 1.61
C ASP A 78 -4.08 -11.01 0.12
N THR A 79 -2.96 -10.52 -0.43
CA THR A 79 -2.75 -10.54 -1.87
C THR A 79 -1.36 -11.09 -2.08
N ASP A 80 -1.23 -12.06 -3.02
CA ASP A 80 0.06 -12.63 -3.29
C ASP A 80 0.77 -11.73 -4.27
N SER A 81 1.05 -10.49 -3.84
CA SER A 81 1.72 -9.51 -4.67
C SER A 81 3.11 -9.98 -4.99
N GLU A 82 3.80 -10.60 -4.00
CA GLU A 82 5.16 -11.04 -4.21
C GLU A 82 5.19 -12.09 -5.30
N GLU A 83 4.21 -13.01 -5.31
CA GLU A 83 4.17 -14.04 -6.32
C GLU A 83 3.89 -13.41 -7.66
N GLU A 84 2.98 -12.42 -7.69
CA GLU A 84 2.64 -11.75 -8.93
C GLU A 84 3.87 -11.08 -9.49
N ILE A 85 4.62 -10.38 -8.62
CA ILE A 85 5.81 -9.67 -9.07
C ILE A 85 6.82 -10.67 -9.59
N ARG A 86 7.03 -11.79 -8.86
CA ARG A 86 7.99 -12.78 -9.27
C ARG A 86 7.61 -13.35 -10.61
N GLU A 87 6.31 -13.67 -10.80
CA GLU A 87 5.86 -14.22 -12.05
C GLU A 87 6.01 -13.19 -13.14
N ALA A 88 5.76 -11.90 -12.82
CA ALA A 88 5.87 -10.85 -13.81
C ALA A 88 7.29 -10.78 -14.33
N PHE A 89 8.30 -10.91 -13.44
CA PHE A 89 9.67 -10.85 -13.89
C PHE A 89 9.95 -11.99 -14.82
N ARG A 90 9.42 -13.19 -14.52
CA ARG A 90 9.66 -14.34 -15.37
C ARG A 90 9.03 -14.08 -16.73
N VAL A 91 7.80 -13.55 -16.75
CA VAL A 91 7.11 -13.30 -17.99
C VAL A 91 7.83 -12.24 -18.80
N PHE A 92 8.20 -11.11 -18.16
CA PHE A 92 8.87 -10.05 -18.87
C PHE A 92 10.26 -10.44 -19.27
N ASP A 93 10.98 -11.18 -18.39
CA ASP A 93 12.34 -11.56 -18.70
C ASP A 93 12.30 -12.85 -19.49
N LYS A 94 11.93 -12.77 -20.78
CA LYS A 94 11.84 -13.93 -21.64
C LYS A 94 13.18 -14.58 -21.83
N ASP A 95 14.25 -13.79 -21.97
CA ASP A 95 15.55 -14.37 -22.21
C ASP A 95 16.17 -14.90 -20.94
N GLY A 96 15.59 -14.58 -19.76
CA GLY A 96 16.10 -15.12 -18.52
C GLY A 96 17.48 -14.59 -18.24
N ASN A 97 17.84 -13.37 -18.70
CA ASN A 97 19.16 -12.86 -18.44
C ASN A 97 19.16 -12.09 -17.14
N GLY A 98 18.00 -12.04 -16.44
CA GLY A 98 17.92 -11.36 -15.17
C GLY A 98 17.72 -9.89 -15.37
N TYR A 99 17.65 -9.42 -16.63
CA TYR A 99 17.48 -8.01 -16.87
C TYR A 99 16.49 -7.81 -17.98
N ILE A 100 15.90 -6.61 -18.05
CA ILE A 100 14.94 -6.30 -19.07
C ILE A 100 15.60 -5.31 -19.99
N SER A 101 15.65 -5.68 -21.30
CA SER A 101 16.28 -4.83 -22.28
C SER A 101 15.20 -4.19 -23.10
N ALA A 102 15.59 -3.22 -23.96
CA ALA A 102 14.64 -2.53 -24.79
C ALA A 102 13.95 -3.50 -25.70
N ALA A 103 14.70 -4.47 -26.25
CA ALA A 103 14.12 -5.45 -27.14
C ALA A 103 13.07 -6.25 -26.41
N GLU A 104 13.34 -6.60 -25.14
CA GLU A 104 12.40 -7.38 -24.37
C GLU A 104 11.15 -6.56 -24.13
N LEU A 105 11.32 -5.25 -23.84
CA LEU A 105 10.18 -4.39 -23.59
C LEU A 105 9.38 -4.26 -24.86
N ARG A 106 10.09 -4.15 -26.02
CA ARG A 106 9.42 -4.01 -27.29
C ARG A 106 8.56 -5.22 -27.54
N HIS A 107 9.05 -6.42 -27.19
CA HIS A 107 8.29 -7.63 -27.38
C HIS A 107 7.02 -7.55 -26.58
N VAL A 108 7.12 -7.09 -25.30
CA VAL A 108 5.95 -6.99 -24.45
C VAL A 108 4.97 -6.02 -25.03
N MET A 109 5.47 -4.84 -25.51
CA MET A 109 4.60 -3.85 -26.08
C MET A 109 3.96 -4.39 -27.34
N THR A 110 4.71 -5.20 -28.12
CA THR A 110 4.17 -5.76 -29.35
C THR A 110 3.01 -6.67 -28.98
N ASN A 111 3.17 -7.47 -27.90
CA ASN A 111 2.11 -8.38 -27.49
C ASN A 111 0.96 -7.59 -26.93
N LEU A 112 1.22 -6.31 -26.54
CA LEU A 112 0.19 -5.47 -25.98
C LEU A 112 -0.74 -5.09 -27.11
N GLY A 113 -0.26 -5.13 -28.37
CA GLY A 113 -1.09 -4.80 -29.49
C GLY A 113 -0.81 -3.39 -29.90
N GLU A 114 0.24 -2.78 -29.34
CA GLU A 114 0.57 -1.41 -29.68
C GLU A 114 1.84 -1.45 -30.46
N LYS A 115 1.90 -0.66 -31.57
CA LYS A 115 3.07 -0.62 -32.39
C LYS A 115 3.94 0.48 -31.86
N LEU A 116 5.22 0.15 -31.59
CA LEU A 116 6.14 1.14 -31.08
C LEU A 116 7.38 1.09 -31.91
N THR A 117 7.95 2.27 -32.20
CA THR A 117 9.18 2.33 -32.97
C THR A 117 10.31 2.10 -32.02
N ASP A 118 11.52 1.82 -32.56
CA ASP A 118 12.68 1.58 -31.73
C ASP A 118 12.97 2.81 -30.90
N GLU A 119 12.82 4.01 -31.51
CA GLU A 119 13.11 5.24 -30.80
C GLU A 119 12.15 5.39 -29.65
N GLU A 120 10.84 5.08 -29.88
CA GLU A 120 9.86 5.23 -28.83
C GLU A 120 10.14 4.25 -27.72
N VAL A 121 10.52 3.00 -28.06
CA VAL A 121 10.80 2.01 -27.02
C VAL A 121 12.00 2.44 -26.24
N ASP A 122 13.05 2.91 -26.95
CA ASP A 122 14.27 3.32 -26.30
C ASP A 122 13.98 4.49 -25.39
N GLU A 123 13.12 5.43 -25.82
CA GLU A 123 12.80 6.59 -25.02
C GLU A 123 12.13 6.14 -23.75
N MET A 124 11.21 5.16 -23.85
CA MET A 124 10.50 4.68 -22.68
C MET A 124 11.48 4.04 -21.72
N ILE A 125 12.45 3.27 -22.26
CA ILE A 125 13.42 2.61 -21.42
C ILE A 125 14.21 3.65 -20.67
N ARG A 126 14.65 4.72 -21.37
CA ARG A 126 15.44 5.76 -20.74
C ARG A 126 14.62 6.45 -19.68
N GLU A 127 13.33 6.71 -19.93
CA GLU A 127 12.49 7.38 -18.97
C GLU A 127 12.33 6.54 -17.73
N ALA A 128 12.19 5.20 -17.91
CA ALA A 128 12.01 4.32 -16.78
C ALA A 128 13.37 3.93 -16.23
N ASP A 129 14.46 4.42 -16.85
CA ASP A 129 15.78 4.06 -16.39
C ASP A 129 16.18 5.08 -15.35
N ILE A 130 15.78 4.80 -14.10
CA ILE A 130 16.05 5.69 -12.98
C ILE A 130 17.53 5.81 -12.75
N ASP A 131 18.28 4.67 -12.73
CA ASP A 131 19.70 4.74 -12.44
C ASP A 131 20.47 5.17 -13.66
N GLY A 132 19.84 5.15 -14.86
CA GLY A 132 20.52 5.60 -16.05
C GLY A 132 21.63 4.65 -16.43
N ASP A 133 21.50 3.34 -16.13
CA ASP A 133 22.56 2.40 -16.47
C ASP A 133 22.32 1.84 -17.85
N GLY A 134 21.28 2.32 -18.56
CA GLY A 134 21.00 1.85 -19.89
C GLY A 134 20.20 0.57 -19.84
N GLN A 135 19.85 0.10 -18.62
CA GLN A 135 19.10 -1.14 -18.51
C GLN A 135 18.09 -0.98 -17.42
N VAL A 136 17.05 -1.85 -17.44
CA VAL A 136 16.02 -1.80 -16.44
C VAL A 136 16.31 -2.94 -15.49
N ASN A 137 16.54 -2.59 -14.20
CA ASN A 137 16.88 -3.57 -13.21
C ASN A 137 15.64 -3.94 -12.45
N TYR A 138 15.77 -4.86 -11.46
CA TYR A 138 14.65 -5.31 -10.68
C TYR A 138 14.04 -4.16 -9.90
N GLU A 139 14.89 -3.30 -9.31
CA GLU A 139 14.40 -2.18 -8.52
C GLU A 139 13.64 -1.24 -9.40
N GLU A 140 14.12 -1.06 -10.65
CA GLU A 140 13.49 -0.15 -11.57
C GLU A 140 12.18 -0.71 -12.06
N PHE A 141 12.11 -2.06 -12.25
CA PHE A 141 10.93 -2.68 -12.80
C PHE A 141 9.82 -2.66 -11.79
N VAL A 142 10.15 -2.89 -10.52
CA VAL A 142 9.13 -2.91 -9.50
C VAL A 142 8.46 -1.57 -9.43
N GLN A 143 9.22 -0.47 -9.66
CA GLN A 143 8.64 0.86 -9.63
C GLN A 143 7.63 0.97 -10.75
N MET A 144 7.95 0.37 -11.92
CA MET A 144 7.07 0.41 -13.06
C MET A 144 5.76 -0.28 -12.74
N MET A 145 5.85 -1.50 -12.14
CA MET A 145 4.66 -2.26 -11.84
C MET A 145 3.90 -1.67 -10.66
N THR A 146 4.57 -0.94 -9.75
CA THR A 146 3.84 -0.39 -8.62
C THR A 146 3.35 0.98 -8.99
N ALA A 147 3.59 1.41 -10.25
CA ALA A 147 3.15 2.71 -10.68
C ALA A 147 1.66 2.68 -10.81
N LYS A 148 1.00 3.80 -10.42
CA LYS A 148 -0.44 3.91 -10.49
C LYS A 148 -1.07 2.80 -9.63
N ALA B 1 1.79 -18.58 -13.21
CA ALA B 1 1.06 -18.02 -14.38
C ALA B 1 0.27 -16.80 -13.99
N LEU B 2 0.10 -15.87 -14.95
CA LEU B 2 -0.65 -14.66 -14.67
C LEU B 2 -2.00 -14.81 -15.28
N SER B 3 -3.06 -14.43 -14.52
CA SER B 3 -4.39 -14.53 -15.03
C SER B 3 -4.61 -13.39 -15.99
N LYS B 4 -5.70 -13.47 -16.78
CA LYS B 4 -6.00 -12.43 -17.75
C LYS B 4 -6.21 -11.14 -17.03
N ASP B 5 -6.91 -11.16 -15.88
CA ASP B 5 -7.18 -9.94 -15.14
C ASP B 5 -5.88 -9.30 -14.71
N LYS B 6 -4.90 -10.12 -14.26
CA LYS B 6 -3.64 -9.58 -13.82
C LYS B 6 -2.91 -9.03 -15.02
N GLU B 7 -2.98 -9.73 -16.17
CA GLU B 7 -2.30 -9.30 -17.36
C GLU B 7 -2.88 -7.97 -17.81
N GLU B 8 -4.21 -7.83 -17.74
CA GLU B 8 -4.86 -6.60 -18.16
C GLU B 8 -4.40 -5.47 -17.29
N GLU B 9 -4.23 -5.72 -15.96
CA GLU B 9 -3.82 -4.67 -15.06
C GLU B 9 -2.44 -4.19 -15.45
N ILE B 10 -1.54 -5.15 -15.79
CA ILE B 10 -0.19 -4.81 -16.17
C ILE B 10 -0.23 -4.00 -17.45
N ARG B 11 -1.07 -4.42 -18.41
CA ARG B 11 -1.18 -3.72 -19.68
C ARG B 11 -1.67 -2.32 -19.45
N LYS B 12 -2.64 -2.12 -18.53
CA LYS B 12 -3.17 -0.79 -18.27
C LYS B 12 -2.08 0.09 -17.72
N ILE B 13 -1.22 -0.45 -16.83
CA ILE B 13 -0.15 0.34 -16.24
C ILE B 13 0.78 0.80 -17.32
N LEU B 14 1.19 -0.13 -18.22
CA LEU B 14 2.10 0.24 -19.28
C LEU B 14 1.42 1.17 -20.26
N ARG B 15 0.14 0.93 -20.56
CA ARG B 15 -0.59 1.77 -21.50
C ARG B 15 -0.69 3.15 -20.94
N ASN B 16 -0.92 3.29 -19.61
CA ASN B 16 -1.08 4.58 -18.99
C ASN B 16 0.17 5.42 -19.18
N ASN B 17 1.38 4.84 -18.94
CA ASN B 17 2.58 5.62 -19.09
C ASN B 17 2.89 5.78 -20.55
N LEU B 18 2.46 4.82 -21.38
CA LEU B 18 2.69 4.88 -22.81
C LEU B 18 2.01 6.11 -23.37
N GLN B 19 0.75 6.37 -22.95
CA GLN B 19 0.02 7.51 -23.46
C GLN B 19 0.73 8.78 -23.04
N LYS B 20 1.24 8.83 -21.80
CA LYS B 20 1.93 10.01 -21.34
C LYS B 20 3.20 10.18 -22.12
N THR B 21 3.90 9.07 -22.41
CA THR B 21 5.13 9.12 -23.16
C THR B 21 4.85 9.63 -24.55
N ARG B 22 3.76 9.15 -25.18
CA ARG B 22 3.43 9.58 -26.52
C ARG B 22 3.10 11.05 -26.49
N GLN B 23 2.38 11.52 -25.45
CA GLN B 23 2.03 12.92 -25.35
C GLN B 23 3.28 13.74 -25.25
N ARG B 24 4.26 13.29 -24.44
CA ARG B 24 5.50 14.01 -24.28
C ARG B 24 6.23 14.07 -25.60
N LEU B 25 6.28 12.93 -26.34
CA LEU B 25 6.98 12.90 -27.61
C LEU B 25 6.30 13.82 -28.59
N ARG B 26 4.95 13.82 -28.63
CA ARG B 26 4.24 14.68 -29.56
C ARG B 26 4.49 16.12 -29.19
N SER B 27 4.56 16.41 -27.88
CA SER B 27 4.79 17.77 -27.42
C SER B 27 6.16 18.22 -27.89
N TYR B 28 7.15 17.30 -27.87
CA TYR B 28 8.49 17.66 -28.29
C TYR B 28 8.52 17.79 -29.79
N ASN B 29 7.85 16.87 -30.52
CA ASN B 29 7.87 16.93 -31.97
C ASN B 29 7.21 18.20 -32.47
N ARG B 30 6.09 18.62 -31.85
CA ARG B 30 5.41 19.82 -32.31
C ARG B 30 6.20 21.04 -31.92
N HIS B 31 7.14 20.90 -30.96
CA HIS B 31 7.93 22.03 -30.52
C HIS B 31 8.87 22.42 -31.62
N THR B 32 9.22 21.46 -32.50
CA THR B 32 10.13 21.77 -33.58
C THR B 32 9.31 22.11 -34.79
N LEU B 33 9.51 23.33 -35.32
CA LEU B 33 8.77 23.77 -36.48
C LEU B 33 9.76 24.01 -37.57
N VAL B 34 9.39 23.65 -38.81
CA VAL B 34 10.28 23.84 -39.93
C VAL B 34 9.47 24.48 -41.03
N ALA B 35 10.17 25.15 -41.97
CA ALA B 35 9.51 25.80 -43.08
C ALA B 35 8.69 26.94 -42.54
N ASP B 36 7.43 27.08 -43.03
CA ASP B 36 6.58 28.15 -42.58
C ASP B 36 5.60 27.56 -41.55
N ALA C 1 6.78 -13.28 29.41
CA ALA C 1 8.02 -12.46 29.44
C ALA C 1 7.88 -11.25 28.56
N LEU C 2 6.88 -10.39 28.86
CA LEU C 2 6.67 -9.21 28.07
C LEU C 2 7.18 -8.07 28.91
N SER C 3 8.04 -7.21 28.32
CA SER C 3 8.61 -6.11 29.05
C SER C 3 7.54 -5.11 29.41
N LYS C 4 7.66 -4.53 30.62
CA LYS C 4 6.72 -3.54 31.12
C LYS C 4 6.82 -2.30 30.27
N ASP C 5 7.99 -2.08 29.64
CA ASP C 5 8.21 -0.90 28.83
C ASP C 5 7.21 -0.86 27.70
N LYS C 6 6.71 -2.04 27.27
CA LYS C 6 5.75 -2.09 26.20
C LYS C 6 4.48 -1.38 26.61
N GLU C 7 4.18 -1.33 27.94
CA GLU C 7 2.98 -0.66 28.39
C GLU C 7 3.12 0.82 28.10
N GLU C 8 4.33 1.38 28.32
CA GLU C 8 4.58 2.79 28.07
C GLU C 8 4.47 3.04 26.60
N GLU C 9 4.91 2.04 25.79
CA GLU C 9 4.87 2.16 24.33
C GLU C 9 3.44 2.32 23.87
N ILE C 10 2.46 1.76 24.62
CA ILE C 10 1.06 1.85 24.21
C ILE C 10 0.68 3.30 24.08
N ARG C 11 1.23 4.20 24.92
CA ARG C 11 0.85 5.60 24.83
C ARG C 11 1.13 6.09 23.44
N LYS C 12 2.27 5.70 22.85
CA LYS C 12 2.61 6.12 21.50
C LYS C 12 1.67 5.43 20.54
N ILE C 13 1.40 4.13 20.81
CA ILE C 13 0.54 3.31 19.97
C ILE C 13 -0.86 3.88 19.92
N LEU C 14 -1.44 4.20 21.09
CA LEU C 14 -2.77 4.77 21.12
C LEU C 14 -2.75 6.19 20.64
N ARG C 15 -1.69 6.97 20.99
CA ARG C 15 -1.65 8.36 20.58
C ARG C 15 -1.62 8.43 19.08
N ASN C 16 -0.83 7.54 18.44
CA ASN C 16 -0.74 7.53 17.00
C ASN C 16 -2.10 7.23 16.41
N ASN C 17 -2.83 6.27 17.02
CA ASN C 17 -4.13 5.90 16.55
C ASN C 17 -5.11 7.01 16.84
N LEU C 18 -4.96 7.66 18.00
CA LEU C 18 -5.83 8.73 18.41
C LEU C 18 -5.73 9.87 17.43
N GLN C 19 -4.49 10.21 16.99
CA GLN C 19 -4.30 11.31 16.06
C GLN C 19 -4.97 10.99 14.76
N LYS C 20 -4.86 9.72 14.30
CA LYS C 20 -5.46 9.33 13.04
C LYS C 20 -6.96 9.43 13.19
N THR C 21 -7.47 9.04 14.38
CA THR C 21 -8.89 9.09 14.65
C THR C 21 -9.34 10.53 14.61
N ARG C 22 -8.54 11.44 15.20
CA ARG C 22 -8.90 12.84 15.24
C ARG C 22 -9.01 13.37 13.84
N GLN C 23 -8.08 12.98 12.94
CA GLN C 23 -8.12 13.44 11.56
C GLN C 23 -9.37 12.89 10.91
N ARG C 24 -9.70 11.62 11.20
CA ARG C 24 -10.88 11.00 10.62
C ARG C 24 -12.10 11.76 11.08
N LEU C 25 -12.16 12.08 12.40
CA LEU C 25 -13.29 12.79 12.95
C LEU C 25 -13.39 14.16 12.36
N ARG C 26 -12.22 14.83 12.16
CA ARG C 26 -12.21 16.17 11.62
C ARG C 26 -12.76 16.15 10.21
N SER C 27 -12.44 15.09 9.44
CA SER C 27 -12.90 14.98 8.07
C SER C 27 -14.40 14.93 8.04
N TYR C 28 -15.03 14.23 9.00
CA TYR C 28 -16.47 14.11 9.03
C TYR C 28 -17.01 14.97 10.13
N ASN C 29 -16.31 16.09 10.45
CA ASN C 29 -16.77 16.97 11.51
C ASN C 29 -18.11 17.54 11.16
N ARG C 30 -18.31 17.91 9.87
CA ARG C 30 -19.57 18.48 9.45
C ARG C 30 -20.68 17.46 9.51
N HIS C 31 -20.32 16.15 9.59
CA HIS C 31 -21.33 15.13 9.64
C HIS C 31 -21.48 14.68 11.07
N THR C 32 -20.86 15.41 12.02
CA THR C 32 -20.94 15.04 13.41
C THR C 32 -21.73 16.11 14.11
N LEU C 33 -22.78 15.68 14.86
CA LEU C 33 -23.62 16.62 15.59
C LEU C 33 -24.33 17.50 14.60
N VAL C 34 -24.90 16.89 13.54
CA VAL C 34 -25.61 17.65 12.53
C VAL C 34 -26.83 18.26 13.17
N ALA C 35 -27.54 17.47 14.00
CA ALA C 35 -28.72 17.96 14.65
C ALA C 35 -28.85 17.22 15.94
N ASP C 36 -29.50 17.86 16.95
CA ASP C 36 -29.66 17.22 18.22
C ASP C 36 -31.04 16.54 18.22
N ALA A 1 3.91 6.61 3.99
CA ALA A 1 3.06 5.50 4.53
C ALA A 1 2.69 4.54 3.43
N ASP A 2 3.69 3.81 2.90
CA ASP A 2 3.42 2.86 1.85
C ASP A 2 4.62 1.97 1.76
N GLN A 3 4.47 0.80 1.09
CA GLN A 3 5.55 -0.14 0.93
C GLN A 3 6.04 -0.56 2.29
N LEU A 4 5.14 -1.08 3.14
CA LEU A 4 5.52 -1.53 4.46
C LEU A 4 6.39 -2.74 4.31
N THR A 5 7.46 -2.81 5.12
CA THR A 5 8.36 -3.92 5.06
C THR A 5 7.80 -5.04 5.89
N GLU A 6 8.37 -6.26 5.72
CA GLU A 6 7.90 -7.41 6.47
C GLU A 6 8.15 -7.17 7.92
N GLU A 7 9.28 -6.53 8.26
CA GLU A 7 9.62 -6.27 9.64
C GLU A 7 8.57 -5.38 10.26
N GLN A 8 8.12 -4.34 9.51
CA GLN A 8 7.12 -3.44 10.04
C GLN A 8 5.83 -4.18 10.23
N ILE A 9 5.48 -5.08 9.28
CA ILE A 9 4.25 -5.83 9.39
C ILE A 9 4.35 -6.75 10.59
N ALA A 10 5.53 -7.36 10.80
CA ALA A 10 5.72 -8.25 11.94
C ALA A 10 5.50 -7.48 13.22
N GLU A 11 6.00 -6.22 13.27
CA GLU A 11 5.83 -5.39 14.45
C GLU A 11 4.36 -5.11 14.62
N PHE A 12 3.64 -4.90 13.50
CA PHE A 12 2.23 -4.64 13.56
C PHE A 12 1.50 -5.81 14.13
N LYS A 13 1.93 -7.03 13.76
CA LYS A 13 1.27 -8.22 14.25
C LYS A 13 1.41 -8.28 15.75
N GLU A 14 2.60 -7.88 16.25
CA GLU A 14 2.84 -7.89 17.69
C GLU A 14 1.91 -6.92 18.34
N ALA A 15 1.67 -5.76 17.70
CA ALA A 15 0.79 -4.75 18.25
C ALA A 15 -0.63 -5.28 18.37
N PHE A 16 -1.10 -6.07 17.39
CA PHE A 16 -2.45 -6.60 17.47
C PHE A 16 -2.49 -7.58 18.61
N SER A 17 -1.38 -8.34 18.75
CA SER A 17 -1.26 -9.33 19.81
C SER A 17 -1.26 -8.61 21.14
N LEU A 18 -0.84 -7.32 21.16
CA LEU A 18 -0.82 -6.56 22.38
C LEU A 18 -2.21 -6.39 22.89
N PHE A 19 -3.17 -6.15 21.98
CA PHE A 19 -4.54 -5.98 22.40
C PHE A 19 -5.13 -7.34 22.62
N ASP A 20 -4.84 -8.30 21.71
CA ASP A 20 -5.38 -9.63 21.82
C ASP A 20 -4.47 -10.45 22.70
N LYS A 21 -4.44 -10.12 24.01
CA LYS A 21 -3.61 -10.84 24.95
C LYS A 21 -4.08 -12.27 25.10
N ASP A 22 -5.41 -12.51 25.03
CA ASP A 22 -5.89 -13.86 25.22
C ASP A 22 -5.69 -14.69 23.98
N GLY A 23 -5.32 -14.05 22.84
CA GLY A 23 -5.06 -14.79 21.63
C GLY A 23 -6.29 -15.50 21.14
N ASP A 24 -7.51 -14.95 21.37
CA ASP A 24 -8.69 -15.65 20.90
C ASP A 24 -8.98 -15.24 19.49
N GLY A 25 -8.15 -14.36 18.89
CA GLY A 25 -8.33 -13.98 17.51
C GLY A 25 -9.24 -12.79 17.39
N THR A 26 -9.92 -12.37 18.48
CA THR A 26 -10.82 -11.24 18.37
C THR A 26 -10.55 -10.28 19.49
N ILE A 27 -10.91 -8.99 19.24
CA ILE A 27 -10.75 -7.96 20.23
C ILE A 27 -12.12 -7.39 20.48
N THR A 28 -12.57 -7.40 21.76
CA THR A 28 -13.88 -6.91 22.12
C THR A 28 -13.72 -5.77 23.08
N THR A 29 -14.86 -5.17 23.51
CA THR A 29 -14.86 -4.04 24.42
C THR A 29 -14.20 -4.44 25.72
N LYS A 30 -14.60 -5.60 26.29
CA LYS A 30 -14.04 -6.02 27.56
C LYS A 30 -12.56 -6.27 27.42
N GLU A 31 -12.15 -6.88 26.29
CA GLU A 31 -10.75 -7.18 26.07
C GLU A 31 -9.99 -5.89 25.91
N LEU A 32 -10.56 -4.93 25.16
CA LEU A 32 -9.92 -3.65 24.93
C LEU A 32 -9.81 -2.93 26.26
N GLY A 33 -10.87 -3.02 27.09
CA GLY A 33 -10.89 -2.37 28.38
C GLY A 33 -9.75 -2.88 29.23
N THR A 34 -9.48 -4.20 29.17
CA THR A 34 -8.41 -4.77 29.95
C THR A 34 -7.10 -4.15 29.53
N VAL A 35 -6.91 -3.97 28.20
CA VAL A 35 -5.68 -3.39 27.70
C VAL A 35 -5.58 -1.97 28.22
N MET A 36 -6.70 -1.21 28.16
CA MET A 36 -6.69 0.17 28.64
C MET A 36 -6.36 0.20 30.11
N ARG A 37 -6.94 -0.72 30.91
CA ARG A 37 -6.69 -0.75 32.34
C ARG A 37 -5.24 -1.06 32.57
N SER A 38 -4.66 -1.97 31.76
CA SER A 38 -3.27 -2.34 31.90
C SER A 38 -2.40 -1.15 31.64
N LEU A 39 -2.83 -0.25 30.73
CA LEU A 39 -2.05 0.92 30.41
C LEU A 39 -2.28 1.99 31.46
N GLY A 40 -3.22 1.76 32.40
CA GLY A 40 -3.47 2.73 33.45
C GLY A 40 -4.46 3.75 32.96
N GLN A 41 -5.20 3.44 31.87
CA GLN A 41 -6.17 4.37 31.36
C GLN A 41 -7.52 3.81 31.70
N ASN A 42 -8.49 4.70 32.03
CA ASN A 42 -9.80 4.23 32.41
C ASN A 42 -10.84 5.01 31.64
N PRO A 43 -11.10 4.57 30.42
CA PRO A 43 -12.11 5.19 29.58
C PRO A 43 -13.50 4.75 29.94
N THR A 44 -14.52 5.50 29.46
CA THR A 44 -15.88 5.14 29.76
C THR A 44 -16.29 4.04 28.83
N GLU A 45 -17.36 3.29 29.20
CA GLU A 45 -17.82 2.19 28.39
C GLU A 45 -18.34 2.72 27.08
N ALA A 46 -19.06 3.86 27.12
CA ALA A 46 -19.60 4.44 25.89
C ALA A 46 -18.48 4.80 24.96
N GLU A 47 -17.38 5.34 25.51
CA GLU A 47 -16.25 5.74 24.69
C GLU A 47 -15.65 4.50 24.08
N LEU A 48 -15.55 3.39 24.84
CA LEU A 48 -14.97 2.17 24.32
C LEU A 48 -15.83 1.65 23.21
N GLN A 49 -17.18 1.73 23.35
CA GLN A 49 -18.07 1.25 22.31
C GLN A 49 -17.85 2.09 21.08
N ASP A 50 -17.65 3.40 21.27
CA ASP A 50 -17.42 4.31 20.17
C ASP A 50 -16.15 3.92 19.46
N MET A 51 -15.11 3.48 20.22
CA MET A 51 -13.85 3.10 19.62
C MET A 51 -14.08 1.95 18.67
N ILE A 52 -14.86 0.93 19.10
CA ILE A 52 -15.10 -0.20 18.23
C ILE A 52 -15.89 0.23 17.03
N ASN A 53 -16.96 1.03 17.23
CA ASN A 53 -17.79 1.46 16.13
C ASN A 53 -16.99 2.28 15.14
N GLU A 54 -16.15 3.20 15.63
CA GLU A 54 -15.38 4.07 14.76
C GLU A 54 -14.40 3.28 13.94
N VAL A 55 -13.71 2.27 14.52
CA VAL A 55 -12.72 1.54 13.77
C VAL A 55 -13.35 0.36 13.07
N ASP A 56 -14.67 0.15 13.22
CA ASP A 56 -15.29 -0.98 12.58
C ASP A 56 -15.75 -0.54 11.22
N ALA A 57 -14.78 -0.32 10.31
CA ALA A 57 -15.07 0.12 8.97
C ALA A 57 -15.87 -0.92 8.22
N ASP A 58 -15.57 -2.22 8.41
CA ASP A 58 -16.29 -3.25 7.70
C ASP A 58 -17.64 -3.47 8.33
N GLY A 59 -17.82 -2.97 9.57
CA GLY A 59 -19.09 -3.09 10.26
C GLY A 59 -19.42 -4.53 10.53
N ASN A 60 -18.40 -5.37 10.83
CA ASN A 60 -18.68 -6.77 11.10
C ASN A 60 -19.06 -6.92 12.55
N GLY A 61 -19.06 -5.80 13.31
CA GLY A 61 -19.46 -5.84 14.71
C GLY A 61 -18.29 -6.11 15.60
N THR A 62 -17.10 -6.43 15.04
CA THR A 62 -15.96 -6.74 15.88
C THR A 62 -14.73 -6.14 15.28
N ILE A 63 -13.62 -6.14 16.06
CA ILE A 63 -12.37 -5.62 15.57
C ILE A 63 -11.49 -6.80 15.34
N ASP A 64 -10.99 -6.94 14.09
CA ASP A 64 -10.14 -8.05 13.75
C ASP A 64 -8.73 -7.55 13.67
N PHE A 65 -7.76 -8.48 13.55
CA PHE A 65 -6.37 -8.13 13.45
C PHE A 65 -6.12 -7.25 12.25
N PRO A 66 -6.54 -7.64 11.05
CA PRO A 66 -6.35 -6.81 9.87
C PRO A 66 -7.09 -5.51 9.94
N GLU A 67 -8.22 -5.50 10.69
CA GLU A 67 -9.02 -4.31 10.83
C GLU A 67 -8.19 -3.26 11.53
N PHE A 68 -7.42 -3.67 12.57
CA PHE A 68 -6.57 -2.74 13.28
C PHE A 68 -5.45 -2.31 12.38
N LEU A 69 -4.94 -3.23 11.53
CA LEU A 69 -3.83 -2.90 10.65
C LEU A 69 -4.24 -1.78 9.75
N THR A 70 -5.45 -1.85 9.16
CA THR A 70 -5.89 -0.81 8.26
C THR A 70 -6.20 0.45 9.05
N MET A 71 -6.73 0.31 10.29
CA MET A 71 -7.07 1.48 11.07
C MET A 71 -5.82 2.23 11.45
N MET A 72 -4.80 1.53 11.98
CA MET A 72 -3.57 2.18 12.40
C MET A 72 -2.79 2.68 11.22
N ALA A 73 -2.78 1.92 10.10
CA ALA A 73 -2.05 2.33 8.93
C ALA A 73 -2.77 3.48 8.29
N ARG A 74 -4.11 3.51 8.43
CA ARG A 74 -4.92 4.56 7.86
C ARG A 74 -4.76 4.54 6.37
N LYS A 75 -4.67 3.31 5.79
CA LYS A 75 -4.51 3.19 4.37
C LYS A 75 -4.86 1.76 4.03
N MET A 76 -5.19 1.50 2.75
CA MET A 76 -5.55 0.16 2.33
C MET A 76 -4.31 -0.69 2.37
N LYS A 77 -4.49 -2.01 2.59
CA LYS A 77 -3.37 -2.91 2.67
C LYS A 77 -3.38 -3.78 1.45
N ASP A 78 -2.22 -4.43 1.17
CA ASP A 78 -2.10 -5.28 0.03
C ASP A 78 -2.28 -6.70 0.51
N THR A 79 -2.81 -7.58 -0.36
CA THR A 79 -3.02 -8.95 0.03
C THR A 79 -1.93 -9.79 -0.58
N ASP A 80 -2.25 -10.53 -1.67
CA ASP A 80 -1.26 -11.36 -2.31
C ASP A 80 -0.75 -10.67 -3.55
N SER A 81 -1.08 -9.38 -3.71
CA SER A 81 -0.63 -8.64 -4.87
C SER A 81 0.85 -8.41 -4.78
N GLU A 82 1.40 -8.46 -3.54
CA GLU A 82 2.81 -8.26 -3.34
C GLU A 82 3.57 -9.36 -4.04
N GLU A 83 3.06 -10.61 -3.93
CA GLU A 83 3.72 -11.74 -4.55
C GLU A 83 3.68 -11.58 -6.05
N GLU A 84 2.54 -11.09 -6.59
CA GLU A 84 2.42 -10.92 -8.02
C GLU A 84 3.40 -9.87 -8.48
N ILE A 85 3.52 -8.76 -7.74
CA ILE A 85 4.44 -7.70 -8.10
C ILE A 85 5.85 -8.22 -8.06
N ARG A 86 6.20 -8.98 -6.99
CA ARG A 86 7.54 -9.51 -6.86
C ARG A 86 7.82 -10.46 -8.00
N GLU A 87 6.83 -11.30 -8.35
CA GLU A 87 7.01 -12.26 -9.42
C GLU A 87 7.21 -11.52 -10.72
N ALA A 88 6.47 -10.41 -10.93
CA ALA A 88 6.60 -9.64 -12.15
C ALA A 88 8.00 -9.10 -12.26
N PHE A 89 8.61 -8.66 -11.14
CA PHE A 89 9.96 -8.14 -11.19
C PHE A 89 10.89 -9.22 -11.67
N ARG A 90 10.69 -10.47 -11.23
CA ARG A 90 11.56 -11.54 -11.65
C ARG A 90 11.48 -11.72 -13.14
N VAL A 91 10.25 -11.68 -13.71
CA VAL A 91 10.08 -11.86 -15.13
C VAL A 91 10.74 -10.73 -15.89
N PHE A 92 10.48 -9.47 -15.49
CA PHE A 92 11.04 -8.33 -16.20
C PHE A 92 12.52 -8.24 -15.96
N ASP A 93 12.99 -8.51 -14.73
CA ASP A 93 14.39 -8.42 -14.43
C ASP A 93 15.03 -9.73 -14.76
N LYS A 94 15.18 -10.01 -16.07
CA LYS A 94 15.75 -11.26 -16.53
C LYS A 94 17.20 -11.40 -16.14
N ASP A 95 17.96 -10.27 -16.02
CA ASP A 95 19.35 -10.40 -15.68
C ASP A 95 19.54 -10.51 -14.18
N GLY A 96 18.47 -10.26 -13.39
CA GLY A 96 18.56 -10.40 -11.96
C GLY A 96 19.49 -9.38 -11.36
N ASN A 97 19.65 -8.19 -11.98
CA ASN A 97 20.55 -7.20 -11.43
C ASN A 97 19.79 -6.29 -10.49
N GLY A 98 18.48 -6.55 -10.31
CA GLY A 98 17.67 -5.75 -9.41
C GLY A 98 17.20 -4.50 -10.09
N TYR A 99 17.56 -4.28 -11.37
CA TYR A 99 17.14 -3.09 -12.05
C TYR A 99 16.71 -3.44 -13.44
N ILE A 100 15.86 -2.56 -14.05
CA ILE A 100 15.39 -2.80 -15.39
C ILE A 100 16.04 -1.76 -16.26
N SER A 101 16.79 -2.23 -17.28
CA SER A 101 17.46 -1.34 -18.19
C SER A 101 16.67 -1.27 -19.45
N ALA A 102 17.09 -0.38 -20.38
CA ALA A 102 16.40 -0.22 -21.64
C ALA A 102 16.46 -1.51 -22.41
N ALA A 103 17.63 -2.20 -22.37
CA ALA A 103 17.77 -3.45 -23.09
C ALA A 103 16.80 -4.46 -22.55
N GLU A 104 16.62 -4.50 -21.21
CA GLU A 104 15.71 -5.46 -20.63
C GLU A 104 14.30 -5.14 -21.04
N LEU A 105 13.94 -3.85 -21.10
CA LEU A 105 12.60 -3.45 -21.50
C LEU A 105 12.40 -3.85 -22.94
N ARG A 106 13.43 -3.63 -23.79
CA ARG A 106 13.34 -3.97 -25.19
C ARG A 106 13.11 -5.45 -25.33
N HIS A 107 13.78 -6.26 -24.48
CA HIS A 107 13.64 -7.69 -24.55
C HIS A 107 12.20 -8.07 -24.24
N VAL A 108 11.56 -7.37 -23.27
CA VAL A 108 10.19 -7.68 -22.92
C VAL A 108 9.32 -7.44 -24.13
N MET A 109 9.50 -6.30 -24.82
CA MET A 109 8.71 -5.98 -26.00
C MET A 109 9.02 -6.98 -27.08
N THR A 110 10.31 -7.38 -27.22
CA THR A 110 10.71 -8.32 -28.24
C THR A 110 10.02 -9.64 -27.99
N ASN A 111 9.92 -10.04 -26.71
CA ASN A 111 9.28 -11.29 -26.36
C ASN A 111 7.84 -11.26 -26.77
N LEU A 112 7.19 -10.07 -26.72
CA LEU A 112 5.81 -9.96 -27.10
C LEU A 112 5.69 -10.15 -28.59
N GLY A 113 6.80 -9.94 -29.33
CA GLY A 113 6.77 -10.12 -30.77
C GLY A 113 6.55 -8.79 -31.43
N GLU A 114 6.63 -7.68 -30.66
CA GLU A 114 6.43 -6.38 -31.23
C GLU A 114 7.78 -5.77 -31.42
N LYS A 115 8.07 -5.27 -32.65
CA LYS A 115 9.35 -4.67 -32.92
C LYS A 115 9.39 -3.33 -32.26
N LEU A 116 10.53 -3.03 -31.60
CA LEU A 116 10.68 -1.77 -30.91
C LEU A 116 11.99 -1.19 -31.36
N THR A 117 12.05 0.16 -31.48
CA THR A 117 13.27 0.80 -31.89
C THR A 117 13.98 1.23 -30.64
N ASP A 118 15.32 1.43 -30.74
CA ASP A 118 16.10 1.83 -29.59
C ASP A 118 15.66 3.19 -29.13
N GLU A 119 15.35 4.10 -30.07
CA GLU A 119 14.93 5.44 -29.74
C GLU A 119 13.64 5.39 -28.96
N GLU A 120 12.68 4.56 -29.42
CA GLU A 120 11.40 4.49 -28.76
C GLU A 120 11.57 3.88 -27.38
N VAL A 121 12.39 2.81 -27.26
CA VAL A 121 12.58 2.16 -25.98
C VAL A 121 13.22 3.13 -25.03
N ASP A 122 14.24 3.87 -25.50
CA ASP A 122 14.93 4.82 -24.67
C ASP A 122 13.97 5.89 -24.21
N GLU A 123 13.07 6.33 -25.10
CA GLU A 123 12.12 7.36 -24.76
C GLU A 123 11.20 6.84 -23.68
N MET A 124 10.76 5.56 -23.79
CA MET A 124 9.85 5.00 -22.81
C MET A 124 10.54 4.94 -21.47
N ILE A 125 11.82 4.54 -21.45
CA ILE A 125 12.54 4.43 -20.20
C ILE A 125 12.66 5.80 -19.57
N ARG A 126 13.04 6.82 -20.37
CA ARG A 126 13.20 8.16 -19.83
C ARG A 126 11.88 8.70 -19.34
N GLU A 127 10.78 8.44 -20.08
CA GLU A 127 9.48 8.94 -19.68
C GLU A 127 9.06 8.29 -18.39
N ALA A 128 9.31 6.98 -18.23
CA ALA A 128 8.91 6.29 -17.03
C ALA A 128 9.95 6.50 -15.95
N ASP A 129 11.05 7.20 -16.27
CA ASP A 129 12.08 7.43 -15.30
C ASP A 129 11.74 8.68 -14.54
N ILE A 130 10.94 8.52 -13.46
CA ILE A 130 10.48 9.62 -12.65
C ILE A 130 11.65 10.30 -11.98
N ASP A 131 12.57 9.51 -11.39
CA ASP A 131 13.71 10.09 -10.68
C ASP A 131 14.74 10.60 -11.64
N GLY A 132 14.71 10.12 -12.91
CA GLY A 132 15.67 10.59 -13.89
C GLY A 132 17.05 10.08 -13.57
N ASP A 133 17.18 8.89 -12.94
CA ASP A 133 18.48 8.37 -12.60
C ASP A 133 19.01 7.55 -13.76
N GLY A 134 18.27 7.50 -14.88
CA GLY A 134 18.71 6.76 -16.05
C GLY A 134 18.34 5.31 -15.91
N GLN A 135 17.67 4.93 -14.82
CA GLN A 135 17.30 3.53 -14.64
C GLN A 135 15.92 3.48 -14.04
N VAL A 136 15.26 2.31 -14.23
CA VAL A 136 13.93 2.13 -13.69
C VAL A 136 14.13 1.38 -12.40
N ASN A 137 13.72 2.02 -11.28
CA ASN A 137 13.87 1.44 -9.98
C ASN A 137 12.60 0.72 -9.62
N TYR A 138 12.61 0.03 -8.46
CA TYR A 138 11.46 -0.74 -8.01
C TYR A 138 10.27 0.16 -7.82
N GLU A 139 10.46 1.34 -7.21
CA GLU A 139 9.34 2.23 -6.98
C GLU A 139 8.76 2.70 -8.29
N GLU A 140 9.64 2.97 -9.27
CA GLU A 140 9.20 3.46 -10.55
C GLU A 140 8.45 2.36 -11.28
N PHE A 141 8.95 1.10 -11.18
CA PHE A 141 8.29 -0.01 -11.85
C PHE A 141 6.95 -0.26 -11.21
N VAL A 142 6.88 -0.18 -9.86
CA VAL A 142 5.62 -0.42 -9.18
C VAL A 142 4.63 0.62 -9.63
N GLN A 143 5.08 1.88 -9.77
CA GLN A 143 4.22 2.95 -10.20
C GLN A 143 3.70 2.64 -11.58
N MET A 144 4.57 2.10 -12.47
CA MET A 144 4.19 1.76 -13.82
C MET A 144 3.10 0.71 -13.80
N MET A 145 3.25 -0.30 -12.94
CA MET A 145 2.28 -1.38 -12.88
C MET A 145 1.00 -0.91 -12.26
N THR A 146 1.05 0.16 -11.42
CA THR A 146 -0.15 0.65 -10.80
C THR A 146 -0.73 1.74 -11.67
N ALA A 147 -0.18 1.90 -12.89
CA ALA A 147 -0.68 2.91 -13.79
C ALA A 147 -2.07 2.53 -14.23
N LYS A 148 -2.96 3.54 -14.33
CA LYS A 148 -4.32 3.31 -14.74
C LYS A 148 -5.01 2.42 -13.69
N ALA B 1 4.73 -19.39 -15.78
CA ALA B 1 4.71 -18.69 -14.47
C ALA B 1 3.58 -17.69 -14.41
N LEU B 2 3.56 -16.76 -15.38
CA LEU B 2 2.51 -15.76 -15.41
C LEU B 2 1.38 -16.34 -16.20
N SER B 3 0.14 -16.22 -15.67
CA SER B 3 -1.00 -16.75 -16.37
C SER B 3 -1.29 -15.83 -17.53
N LYS B 4 -2.08 -16.33 -18.50
CA LYS B 4 -2.42 -15.56 -19.67
C LYS B 4 -3.19 -14.33 -19.26
N ASP B 5 -4.14 -14.47 -18.31
CA ASP B 5 -4.95 -13.35 -17.88
C ASP B 5 -4.07 -12.28 -17.28
N LYS B 6 -3.12 -12.67 -16.41
CA LYS B 6 -2.26 -11.68 -15.78
C LYS B 6 -1.32 -11.11 -16.81
N GLU B 7 -0.82 -11.96 -17.74
CA GLU B 7 0.09 -11.49 -18.76
C GLU B 7 -0.59 -10.48 -19.63
N GLU B 8 -1.87 -10.73 -20.00
CA GLU B 8 -2.59 -9.80 -20.83
C GLU B 8 -2.74 -8.48 -20.12
N GLU B 9 -2.98 -8.52 -18.78
CA GLU B 9 -3.16 -7.28 -18.03
C GLU B 9 -1.87 -6.50 -18.09
N ILE B 10 -0.73 -7.19 -17.96
CA ILE B 10 0.57 -6.52 -17.99
C ILE B 10 0.76 -5.93 -19.37
N ARG B 11 0.39 -6.69 -20.43
CA ARG B 11 0.54 -6.21 -21.78
C ARG B 11 -0.32 -4.99 -22.00
N LYS B 12 -1.55 -4.98 -21.44
CA LYS B 12 -2.44 -3.85 -21.61
C LYS B 12 -1.83 -2.62 -20.98
N ILE B 13 -1.20 -2.77 -19.79
CA ILE B 13 -0.60 -1.62 -19.15
C ILE B 13 0.52 -1.09 -20.01
N LEU B 14 1.41 -1.99 -20.50
CA LEU B 14 2.53 -1.58 -21.31
C LEU B 14 2.02 -0.97 -22.59
N ARG B 15 0.94 -1.56 -23.16
CA ARG B 15 0.38 -1.06 -24.40
C ARG B 15 -0.14 0.34 -24.16
N ASN B 16 -0.75 0.58 -22.97
CA ASN B 16 -1.31 1.88 -22.66
C ASN B 16 -0.23 2.92 -22.66
N ASN B 17 0.93 2.67 -22.01
CA ASN B 17 1.99 3.67 -21.99
C ASN B 17 2.66 3.69 -23.33
N LEU B 18 2.70 2.54 -24.04
CA LEU B 18 3.33 2.49 -25.34
C LEU B 18 2.61 3.40 -26.29
N GLN B 19 1.26 3.36 -26.29
CA GLN B 19 0.49 4.20 -27.19
C GLN B 19 0.71 5.65 -26.86
N LYS B 20 0.74 5.99 -25.55
CA LYS B 20 0.95 7.37 -25.16
C LYS B 20 2.33 7.81 -25.57
N THR B 21 3.32 6.91 -25.40
CA THR B 21 4.69 7.23 -25.75
C THR B 21 4.78 7.43 -27.23
N ARG B 22 4.11 6.55 -28.01
CA ARG B 22 4.14 6.65 -29.46
C ARG B 22 3.55 7.96 -29.89
N GLN B 23 2.40 8.35 -29.28
CA GLN B 23 1.76 9.59 -29.64
C GLN B 23 2.67 10.75 -29.33
N ARG B 24 3.33 10.72 -28.15
CA ARG B 24 4.21 11.79 -27.77
C ARG B 24 5.39 11.83 -28.72
N LEU B 25 5.93 10.64 -29.08
CA LEU B 25 7.08 10.58 -29.96
C LEU B 25 6.71 11.17 -31.29
N ARG B 26 5.52 10.79 -31.82
CA ARG B 26 5.07 11.29 -33.10
C ARG B 26 4.86 12.78 -33.02
N SER B 27 4.31 13.26 -31.88
CA SER B 27 4.06 14.68 -31.72
C SER B 27 5.35 15.45 -31.77
N TYR B 28 6.42 14.93 -31.13
CA TYR B 28 7.69 15.62 -31.15
C TYR B 28 8.61 14.90 -32.09
N ASN B 29 8.23 14.85 -33.38
CA ASN B 29 9.05 14.18 -34.36
C ASN B 29 10.08 15.14 -34.88
N ARG B 30 10.01 16.42 -34.45
CA ARG B 30 10.91 17.43 -34.92
C ARG B 30 12.33 17.12 -34.52
N HIS B 31 12.55 16.57 -33.30
CA HIS B 31 13.90 16.28 -32.88
C HIS B 31 14.30 14.91 -33.35
N THR B 32 13.33 14.11 -33.86
CA THR B 32 13.63 12.78 -34.32
C THR B 32 14.49 12.88 -35.55
N LEU B 33 14.17 13.82 -36.46
CA LEU B 33 14.95 13.96 -37.67
C LEU B 33 15.89 15.10 -37.47
N VAL B 34 17.21 14.80 -37.50
CA VAL B 34 18.21 15.82 -37.34
C VAL B 34 18.15 16.73 -38.54
N ALA B 35 18.00 16.13 -39.74
CA ALA B 35 17.92 16.89 -40.96
C ALA B 35 19.26 17.52 -41.23
N ASP B 36 19.27 18.83 -41.54
CA ASP B 36 20.51 19.52 -41.81
C ASP B 36 20.93 20.22 -40.51
N ALA C 1 8.32 -11.27 26.61
CA ALA C 1 8.44 -11.57 25.16
C ALA C 1 8.51 -10.31 24.35
N LEU C 2 7.63 -9.33 24.66
CA LEU C 2 7.61 -8.10 23.94
C LEU C 2 8.23 -7.06 24.84
N SER C 3 8.99 -6.11 24.25
CA SER C 3 9.64 -5.09 25.04
C SER C 3 8.60 -4.25 25.73
N LYS C 4 8.91 -3.85 26.98
CA LYS C 4 8.01 -3.03 27.78
C LYS C 4 7.80 -1.72 27.09
N ASP C 5 8.85 -1.18 26.43
CA ASP C 5 8.74 0.09 25.76
C ASP C 5 7.66 0.01 24.70
N LYS C 6 7.56 -1.14 24.00
CA LYS C 6 6.55 -1.30 22.97
C LYS C 6 5.19 -1.30 23.63
N GLU C 7 5.07 -1.91 24.83
CA GLU C 7 3.79 -1.93 25.53
C GLU C 7 3.42 -0.52 25.91
N GLU C 8 4.43 0.27 26.36
CA GLU C 8 4.19 1.65 26.75
C GLU C 8 3.74 2.43 25.54
N GLU C 9 4.30 2.07 24.36
CA GLU C 9 3.99 2.73 23.11
C GLU C 9 2.51 2.64 22.83
N ILE C 10 1.84 1.57 23.31
CA ILE C 10 0.42 1.39 23.05
C ILE C 10 -0.33 2.59 23.56
N ARG C 11 0.12 3.21 24.68
CA ARG C 11 -0.58 4.36 25.22
C ARG C 11 -0.68 5.41 24.14
N LYS C 12 0.42 5.66 23.41
CA LYS C 12 0.39 6.65 22.34
C LYS C 12 -0.48 6.14 21.21
N ILE C 13 -0.41 4.82 20.95
CA ILE C 13 -1.18 4.18 19.90
C ILE C 13 -2.66 4.35 20.15
N LEU C 14 -3.12 4.02 21.37
CA LEU C 14 -4.51 4.18 21.70
C LEU C 14 -4.87 5.62 21.88
N ARG C 15 -3.99 6.44 22.50
CA ARG C 15 -4.31 7.82 22.74
C ARG C 15 -4.55 8.55 21.45
N ASN C 16 -3.70 8.32 20.43
CA ASN C 16 -3.87 9.01 19.16
C ASN C 16 -5.20 8.64 18.57
N ASN C 17 -5.56 7.35 18.61
CA ASN C 17 -6.82 6.90 18.06
C ASN C 17 -7.95 7.37 18.93
N LEU C 18 -7.72 7.40 20.26
CA LEU C 18 -8.73 7.78 21.22
C LEU C 18 -9.12 9.22 21.00
N GLN C 19 -8.14 10.11 20.71
CA GLN C 19 -8.43 11.51 20.51
C GLN C 19 -9.36 11.69 19.34
N LYS C 20 -9.19 10.88 18.28
CA LYS C 20 -10.03 11.00 17.12
C LYS C 20 -11.46 10.73 17.50
N THR C 21 -11.69 9.73 18.38
CA THR C 21 -13.05 9.42 18.79
C THR C 21 -13.57 10.52 19.66
N ARG C 22 -12.70 11.14 20.50
CA ARG C 22 -13.14 12.21 21.36
C ARG C 22 -13.64 13.36 20.52
N GLN C 23 -12.96 13.66 19.39
CA GLN C 23 -13.40 14.75 18.55
C GLN C 23 -14.77 14.44 18.00
N ARG C 24 -15.00 13.18 17.60
CA ARG C 24 -16.29 12.79 17.06
C ARG C 24 -17.31 12.86 18.16
N LEU C 25 -16.95 12.41 19.38
CA LEU C 25 -17.86 12.40 20.50
C LEU C 25 -18.28 13.81 20.81
N ARG C 26 -17.32 14.76 20.81
CA ARG C 26 -17.65 16.14 21.11
C ARG C 26 -18.52 16.69 20.01
N SER C 27 -18.24 16.30 18.75
CA SER C 27 -19.00 16.77 17.61
C SER C 27 -20.42 16.29 17.75
N TYR C 28 -20.61 15.04 18.22
CA TYR C 28 -21.93 14.48 18.36
C TYR C 28 -22.64 15.16 19.49
N ASN C 29 -21.91 15.45 20.58
CA ASN C 29 -22.51 16.11 21.73
C ASN C 29 -23.02 17.47 21.33
N ARG C 30 -22.29 18.18 20.45
CA ARG C 30 -22.71 19.49 20.02
C ARG C 30 -23.95 19.42 19.18
N HIS C 31 -24.30 18.22 18.66
CA HIS C 31 -25.49 18.11 17.82
C HIS C 31 -26.64 17.63 18.65
N THR C 32 -26.46 17.52 19.99
CA THR C 32 -27.55 17.06 20.83
C THR C 32 -28.48 18.22 21.04
N LEU C 33 -29.73 17.91 21.49
CA LEU C 33 -30.74 18.92 21.74
C LEU C 33 -31.35 19.30 20.43
N VAL C 34 -30.51 19.77 19.48
CA VAL C 34 -30.99 20.14 18.17
C VAL C 34 -31.52 18.92 17.49
N ALA C 35 -30.78 17.80 17.60
CA ALA C 35 -31.20 16.56 17.00
C ALA C 35 -31.39 15.57 18.11
N ASP C 36 -32.45 14.73 17.99
CA ASP C 36 -32.74 13.72 18.99
C ASP C 36 -33.00 14.42 20.33
N ALA A 1 8.75 13.21 0.37
CA ALA A 1 7.35 13.66 0.49
C ALA A 1 6.81 13.38 1.86
N ASP A 2 7.59 13.72 2.91
CA ASP A 2 7.16 13.49 4.26
C ASP A 2 6.47 14.75 4.71
N GLN A 3 5.11 14.71 4.78
CA GLN A 3 4.35 15.87 5.19
C GLN A 3 4.43 16.02 6.69
N LEU A 4 4.84 14.95 7.41
CA LEU A 4 4.93 15.03 8.85
C LEU A 4 6.21 15.70 9.22
N THR A 5 6.14 16.60 10.23
CA THR A 5 7.32 17.29 10.69
C THR A 5 8.01 16.40 11.67
N GLU A 6 9.26 16.76 12.03
CA GLU A 6 10.02 15.97 12.97
C GLU A 6 9.33 15.98 14.31
N GLU A 7 8.74 17.13 14.70
CA GLU A 7 8.08 17.24 15.97
C GLU A 7 6.89 16.31 16.01
N GLN A 8 6.12 16.21 14.89
CA GLN A 8 4.97 15.34 14.88
C GLN A 8 5.41 13.92 14.94
N ILE A 9 6.51 13.58 14.23
CA ILE A 9 7.02 12.22 14.24
C ILE A 9 7.47 11.86 15.63
N ALA A 10 8.16 12.80 16.32
CA ALA A 10 8.63 12.53 17.66
C ALA A 10 7.46 12.28 18.57
N GLU A 11 6.37 13.07 18.41
CA GLU A 11 5.20 12.90 19.22
C GLU A 11 4.58 11.56 18.91
N PHE A 12 4.59 11.17 17.61
CA PHE A 12 4.03 9.90 17.21
C PHE A 12 4.74 8.78 17.88
N LYS A 13 6.08 8.88 17.99
CA LYS A 13 6.84 7.82 18.61
C LYS A 13 6.41 7.68 20.04
N GLU A 14 6.11 8.81 20.71
CA GLU A 14 5.67 8.77 22.09
C GLU A 14 4.36 8.03 22.16
N ALA A 15 3.46 8.25 21.17
CA ALA A 15 2.18 7.57 21.16
C ALA A 15 2.41 6.09 20.97
N PHE A 16 3.40 5.71 20.13
CA PHE A 16 3.68 4.30 19.88
C PHE A 16 4.16 3.72 21.17
N SER A 17 4.95 4.52 21.91
CA SER A 17 5.48 4.12 23.18
C SER A 17 4.34 3.91 24.16
N LEU A 18 3.20 4.60 23.96
CA LEU A 18 2.06 4.44 24.84
C LEU A 18 1.56 3.03 24.75
N PHE A 19 1.47 2.51 23.51
CA PHE A 19 1.01 1.17 23.30
C PHE A 19 2.11 0.22 23.68
N ASP A 20 3.36 0.62 23.39
CA ASP A 20 4.49 -0.23 23.69
C ASP A 20 4.91 0.02 25.11
N LYS A 21 4.09 -0.49 26.06
CA LYS A 21 4.34 -0.33 27.47
C LYS A 21 5.62 -1.00 27.87
N ASP A 22 5.93 -2.19 27.30
CA ASP A 22 7.14 -2.89 27.70
C ASP A 22 8.36 -2.29 27.03
N GLY A 23 8.17 -1.40 26.04
CA GLY A 23 9.30 -0.76 25.39
C GLY A 23 10.13 -1.75 24.63
N ASP A 24 9.54 -2.85 24.10
CA ASP A 24 10.36 -3.81 23.38
C ASP A 24 10.43 -3.42 21.92
N GLY A 25 9.75 -2.32 21.53
CA GLY A 25 9.80 -1.86 20.16
C GLY A 25 8.83 -2.63 19.31
N THR A 26 8.08 -3.58 19.90
CA THR A 26 7.15 -4.37 19.13
C THR A 26 5.81 -4.36 19.81
N ILE A 27 4.74 -4.22 19.00
CA ILE A 27 3.39 -4.23 19.53
C ILE A 27 2.77 -5.51 19.03
N THR A 28 2.34 -6.37 19.98
CA THR A 28 1.78 -7.66 19.62
C THR A 28 0.33 -7.67 20.04
N THR A 29 -0.36 -8.80 19.77
CA THR A 29 -1.77 -8.94 20.11
C THR A 29 -1.96 -8.81 21.59
N LYS A 30 -1.13 -9.52 22.38
CA LYS A 30 -1.26 -9.49 23.82
C LYS A 30 -0.98 -8.10 24.32
N GLU A 31 0.04 -7.43 23.73
CA GLU A 31 0.40 -6.10 24.14
C GLU A 31 -0.72 -5.15 23.81
N LEU A 32 -1.32 -5.30 22.61
CA LEU A 32 -2.41 -4.43 22.20
C LEU A 32 -3.57 -4.67 23.11
N GLY A 33 -3.84 -5.95 23.45
CA GLY A 33 -4.94 -6.28 24.32
C GLY A 33 -4.71 -5.67 25.67
N THR A 34 -3.45 -5.66 26.14
CA THR A 34 -3.12 -5.09 27.42
C THR A 34 -3.45 -3.61 27.42
N VAL A 35 -3.14 -2.92 26.30
CA VAL A 35 -3.43 -1.51 26.18
C VAL A 35 -4.91 -1.32 26.25
N MET A 36 -5.69 -2.17 25.55
CA MET A 36 -7.13 -2.06 25.56
C MET A 36 -7.66 -2.27 26.95
N ARG A 37 -7.10 -3.26 27.68
CA ARG A 37 -7.54 -3.54 29.03
C ARG A 37 -7.24 -2.35 29.90
N SER A 38 -6.07 -1.71 29.68
CA SER A 38 -5.68 -0.56 30.46
C SER A 38 -6.66 0.56 30.22
N LEU A 39 -7.20 0.65 28.99
CA LEU A 39 -8.15 1.70 28.66
C LEU A 39 -9.52 1.31 29.15
N GLY A 40 -9.69 0.08 29.67
CA GLY A 40 -10.98 -0.33 30.18
C GLY A 40 -11.85 -0.82 29.05
N GLN A 41 -11.25 -1.24 27.93
CA GLN A 41 -12.03 -1.74 26.82
C GLN A 41 -11.81 -3.22 26.75
N ASN A 42 -12.82 -3.98 26.28
CA ASN A 42 -12.68 -5.42 26.21
C ASN A 42 -13.11 -5.88 24.84
N PRO A 43 -12.29 -5.66 23.84
CA PRO A 43 -12.59 -6.09 22.48
C PRO A 43 -12.49 -7.58 22.32
N THR A 44 -13.16 -8.14 21.28
CA THR A 44 -13.11 -9.56 21.06
C THR A 44 -11.75 -9.86 20.48
N GLU A 45 -11.25 -11.11 20.71
CA GLU A 45 -9.94 -11.48 20.22
C GLU A 45 -9.93 -11.44 18.71
N ALA A 46 -11.02 -11.90 18.07
CA ALA A 46 -11.10 -11.92 16.62
C ALA A 46 -11.01 -10.51 16.10
N GLU A 47 -11.66 -9.56 16.80
CA GLU A 47 -11.66 -8.18 16.36
C GLU A 47 -10.26 -7.64 16.44
N LEU A 48 -9.50 -7.99 17.52
CA LEU A 48 -8.15 -7.51 17.67
C LEU A 48 -7.29 -8.07 16.57
N GLN A 49 -7.50 -9.36 16.22
CA GLN A 49 -6.71 -9.99 15.17
C GLN A 49 -6.99 -9.30 13.86
N ASP A 50 -8.27 -8.94 13.63
CA ASP A 50 -8.64 -8.28 12.39
C ASP A 50 -7.93 -6.95 12.30
N MET A 51 -7.82 -6.22 13.43
CA MET A 51 -7.15 -4.93 13.43
C MET A 51 -5.71 -5.13 13.08
N ILE A 52 -5.07 -6.16 13.68
CA ILE A 52 -3.66 -6.41 13.43
C ILE A 52 -3.46 -6.86 12.01
N ASN A 53 -4.37 -7.70 11.48
CA ASN A 53 -4.19 -8.22 10.13
C ASN A 53 -4.13 -7.12 9.11
N GLU A 54 -5.01 -6.09 9.19
CA GLU A 54 -4.99 -5.04 8.20
C GLU A 54 -3.88 -4.06 8.48
N VAL A 55 -3.35 -4.03 9.72
CA VAL A 55 -2.30 -3.10 10.06
C VAL A 55 -0.96 -3.75 9.78
N ASP A 56 -0.93 -5.09 9.81
CA ASP A 56 0.31 -5.80 9.62
C ASP A 56 0.61 -5.86 8.14
N ALA A 57 1.15 -4.74 7.61
CA ALA A 57 1.49 -4.65 6.20
C ALA A 57 2.58 -5.61 5.84
N ASP A 58 3.57 -5.81 6.72
CA ASP A 58 4.69 -6.68 6.39
C ASP A 58 4.28 -8.13 6.55
N GLY A 59 3.16 -8.37 7.27
CA GLY A 59 2.68 -9.72 7.44
C GLY A 59 3.63 -10.53 8.26
N ASN A 60 4.37 -9.89 9.19
CA ASN A 60 5.30 -10.64 10.02
C ASN A 60 4.61 -11.09 11.28
N GLY A 61 3.28 -10.86 11.37
CA GLY A 61 2.51 -11.31 12.51
C GLY A 61 2.62 -10.32 13.63
N THR A 62 3.35 -9.20 13.44
CA THR A 62 3.49 -8.23 14.51
C THR A 62 3.38 -6.84 13.96
N ILE A 63 3.08 -5.89 14.87
CA ILE A 63 2.96 -4.51 14.50
C ILE A 63 4.17 -3.80 15.05
N ASP A 64 4.95 -3.17 14.16
CA ASP A 64 6.13 -2.47 14.57
C ASP A 64 5.82 -0.99 14.52
N PHE A 65 6.79 -0.15 14.96
CA PHE A 65 6.59 1.29 14.99
C PHE A 65 6.24 1.85 13.62
N PRO A 66 6.97 1.51 12.57
CA PRO A 66 6.66 2.02 11.23
C PRO A 66 5.25 1.70 10.79
N GLU A 67 4.81 0.47 11.13
CA GLU A 67 3.48 0.03 10.77
C GLU A 67 2.46 0.90 11.46
N PHE A 68 2.71 1.28 12.74
CA PHE A 68 1.79 2.13 13.46
C PHE A 68 1.74 3.49 12.84
N LEU A 69 2.88 4.00 12.32
CA LEU A 69 2.87 5.31 11.72
C LEU A 69 1.93 5.31 10.55
N THR A 70 1.97 4.22 9.74
CA THR A 70 1.09 4.12 8.60
C THR A 70 -0.34 4.01 9.08
N MET A 71 -0.57 3.20 10.15
CA MET A 71 -1.90 3.00 10.67
C MET A 71 -2.50 4.30 11.16
N MET A 72 -1.71 5.09 11.92
CA MET A 72 -2.22 6.34 12.45
C MET A 72 -2.26 7.38 11.37
N ALA A 73 -1.65 7.09 10.19
CA ALA A 73 -1.63 8.05 9.11
C ALA A 73 -2.77 7.76 8.16
N ARG A 74 -3.67 6.82 8.54
CA ARG A 74 -4.79 6.49 7.67
C ARG A 74 -5.68 7.69 7.54
N LYS A 75 -6.27 7.86 6.34
CA LYS A 75 -7.13 8.98 6.10
C LYS A 75 -8.16 8.55 5.09
N MET A 76 -9.19 9.40 4.88
CA MET A 76 -10.25 9.06 3.95
C MET A 76 -9.69 9.13 2.55
N LYS A 77 -10.17 8.23 1.67
CA LYS A 77 -9.70 8.19 0.32
C LYS A 77 -10.72 8.87 -0.55
N ASP A 78 -10.29 9.33 -1.75
CA ASP A 78 -11.18 10.01 -2.65
C ASP A 78 -12.17 9.01 -3.19
N THR A 79 -13.41 9.49 -3.45
CA THR A 79 -14.44 8.62 -3.97
C THR A 79 -14.26 8.50 -5.46
N ASP A 80 -14.94 7.50 -6.05
CA ASP A 80 -14.88 7.25 -7.48
C ASP A 80 -13.50 6.79 -7.87
N SER A 81 -12.74 6.24 -6.90
CA SER A 81 -11.40 5.76 -7.18
C SER A 81 -11.52 4.56 -8.09
N GLU A 82 -12.54 3.70 -7.87
CA GLU A 82 -12.72 2.52 -8.66
C GLU A 82 -12.98 2.90 -10.09
N GLU A 83 -13.76 3.97 -10.33
CA GLU A 83 -14.06 4.40 -11.68
C GLU A 83 -12.79 4.82 -12.37
N GLU A 84 -11.90 5.54 -11.63
CA GLU A 84 -10.66 5.99 -12.21
C GLU A 84 -9.81 4.80 -12.59
N ILE A 85 -9.76 3.79 -11.70
CA ILE A 85 -8.99 2.60 -11.95
C ILE A 85 -9.54 1.87 -13.15
N ARG A 86 -10.89 1.77 -13.24
CA ARG A 86 -11.53 1.07 -14.32
C ARG A 86 -11.19 1.72 -15.63
N GLU A 87 -11.19 3.08 -15.68
CA GLU A 87 -10.90 3.79 -16.89
C GLU A 87 -9.48 3.50 -17.31
N ALA A 88 -8.55 3.42 -16.33
CA ALA A 88 -7.16 3.15 -16.65
C ALA A 88 -7.03 1.80 -17.31
N PHE A 89 -7.78 0.78 -16.84
CA PHE A 89 -7.69 -0.53 -17.43
C PHE A 89 -8.13 -0.49 -18.87
N ARG A 90 -9.20 0.26 -19.18
CA ARG A 90 -9.68 0.32 -20.54
C ARG A 90 -8.65 0.97 -21.41
N VAL A 91 -8.00 2.04 -20.90
CA VAL A 91 -7.00 2.75 -21.68
C VAL A 91 -5.82 1.86 -21.97
N PHE A 92 -5.28 1.19 -20.93
CA PHE A 92 -4.12 0.34 -21.11
C PHE A 92 -4.47 -0.91 -21.88
N ASP A 93 -5.66 -1.50 -21.62
CA ASP A 93 -6.03 -2.71 -22.30
C ASP A 93 -6.70 -2.34 -23.59
N LYS A 94 -5.89 -1.93 -24.59
CA LYS A 94 -6.38 -1.52 -25.87
C LYS A 94 -7.08 -2.66 -26.59
N ASP A 95 -6.53 -3.89 -26.53
CA ASP A 95 -7.13 -4.99 -27.25
C ASP A 95 -8.33 -5.54 -26.52
N GLY A 96 -8.55 -5.15 -25.25
CA GLY A 96 -9.72 -5.60 -24.52
C GLY A 96 -9.65 -7.08 -24.25
N ASN A 97 -8.44 -7.67 -24.15
CA ASN A 97 -8.35 -9.09 -23.91
C ASN A 97 -8.29 -9.33 -22.42
N GLY A 98 -8.39 -8.26 -21.61
CA GLY A 98 -8.38 -8.41 -20.17
C GLY A 98 -6.96 -8.50 -19.67
N TYR A 99 -5.97 -8.41 -20.57
CA TYR A 99 -4.59 -8.51 -20.14
C TYR A 99 -3.77 -7.46 -20.82
N ILE A 100 -2.60 -7.15 -20.22
CA ILE A 100 -1.70 -6.17 -20.78
C ILE A 100 -0.52 -6.93 -21.30
N SER A 101 -0.28 -6.82 -22.63
CA SER A 101 0.83 -7.51 -23.25
C SER A 101 1.92 -6.50 -23.43
N ALA A 102 3.12 -6.97 -23.83
CA ALA A 102 4.24 -6.10 -24.02
C ALA A 102 3.93 -5.07 -25.09
N ALA A 103 3.24 -5.50 -26.16
CA ALA A 103 2.89 -4.60 -27.23
C ALA A 103 1.99 -3.51 -26.71
N GLU A 104 1.03 -3.88 -25.82
CA GLU A 104 0.10 -2.92 -25.28
C GLU A 104 0.84 -1.92 -24.43
N LEU A 105 1.82 -2.39 -23.61
CA LEU A 105 2.57 -1.49 -22.76
C LEU A 105 3.42 -0.60 -23.63
N ARG A 106 4.03 -1.18 -24.69
CA ARG A 106 4.89 -0.44 -25.58
C ARG A 106 4.07 0.64 -26.25
N HIS A 107 2.81 0.32 -26.63
CA HIS A 107 1.96 1.28 -27.29
C HIS A 107 1.69 2.43 -26.35
N VAL A 108 1.50 2.15 -25.04
CA VAL A 108 1.23 3.21 -24.09
C VAL A 108 2.43 4.13 -24.04
N MET A 109 3.65 3.55 -23.96
CA MET A 109 4.86 4.35 -23.88
C MET A 109 5.03 5.11 -25.17
N THR A 110 4.71 4.47 -26.31
CA THR A 110 4.86 5.11 -27.61
C THR A 110 3.95 6.31 -27.68
N ASN A 111 2.71 6.18 -27.16
CA ASN A 111 1.76 7.26 -27.20
C ASN A 111 2.24 8.43 -26.38
N LEU A 112 3.14 8.18 -25.40
CA LEU A 112 3.66 9.27 -24.57
C LEU A 112 4.56 10.12 -25.41
N GLY A 113 5.13 9.55 -26.50
CA GLY A 113 6.02 10.30 -27.35
C GLY A 113 7.43 10.10 -26.91
N GLU A 114 7.64 9.15 -25.97
CA GLU A 114 8.99 8.89 -25.49
C GLU A 114 9.51 7.74 -26.29
N LYS A 115 10.70 7.93 -26.92
CA LYS A 115 11.27 6.88 -27.72
C LYS A 115 12.24 6.12 -26.86
N LEU A 116 11.92 4.83 -26.60
CA LEU A 116 12.79 4.01 -25.80
C LEU A 116 12.96 2.71 -26.55
N THR A 117 13.86 1.83 -26.07
CA THR A 117 14.09 0.57 -26.75
C THR A 117 13.14 -0.45 -26.19
N ASP A 118 12.85 -1.49 -27.00
CA ASP A 118 11.94 -2.55 -26.58
C ASP A 118 12.53 -3.33 -25.44
N GLU A 119 13.87 -3.40 -25.35
CA GLU A 119 14.51 -4.15 -24.29
C GLU A 119 14.14 -3.52 -22.97
N GLU A 120 14.10 -2.17 -22.92
CA GLU A 120 13.77 -1.48 -21.69
C GLU A 120 12.35 -1.79 -21.32
N VAL A 121 11.43 -1.86 -22.32
CA VAL A 121 10.05 -2.15 -22.06
C VAL A 121 9.95 -3.54 -21.46
N ASP A 122 10.67 -4.50 -22.07
CA ASP A 122 10.64 -5.87 -21.60
C ASP A 122 11.18 -5.95 -20.19
N GLU A 123 12.26 -5.18 -19.90
CA GLU A 123 12.85 -5.21 -18.58
C GLU A 123 11.86 -4.70 -17.58
N MET A 124 11.12 -3.62 -17.94
CA MET A 124 10.15 -3.04 -17.05
C MET A 124 9.08 -4.05 -16.75
N ILE A 125 8.60 -4.74 -17.81
CA ILE A 125 7.55 -5.72 -17.67
C ILE A 125 8.01 -6.85 -16.79
N ARG A 126 9.25 -7.35 -17.01
CA ARG A 126 9.75 -8.45 -16.21
C ARG A 126 9.83 -8.03 -14.76
N GLU A 127 10.28 -6.79 -14.49
CA GLU A 127 10.40 -6.32 -13.13
C GLU A 127 9.05 -6.23 -12.49
N ALA A 128 8.03 -5.75 -13.25
CA ALA A 128 6.70 -5.61 -12.70
C ALA A 128 5.96 -6.92 -12.78
N ASP A 129 6.61 -7.96 -13.35
CA ASP A 129 5.96 -9.24 -13.49
C ASP A 129 6.16 -9.99 -12.20
N ILE A 130 5.26 -9.73 -11.22
CA ILE A 130 5.33 -10.34 -9.91
C ILE A 130 5.15 -11.83 -10.01
N ASP A 131 4.12 -12.27 -10.79
CA ASP A 131 3.84 -13.69 -10.90
C ASP A 131 4.86 -14.37 -11.79
N GLY A 132 5.58 -13.60 -12.62
CA GLY A 132 6.59 -14.19 -13.48
C GLY A 132 5.94 -15.01 -14.57
N ASP A 133 4.71 -14.68 -14.98
CA ASP A 133 4.04 -15.44 -16.02
C ASP A 133 4.35 -14.86 -17.38
N GLY A 134 5.22 -13.82 -17.44
CA GLY A 134 5.58 -13.22 -18.70
C GLY A 134 4.54 -12.22 -19.12
N GLN A 135 3.52 -11.99 -18.27
CA GLN A 135 2.47 -11.05 -18.64
C GLN A 135 2.10 -10.21 -17.45
N VAL A 136 1.45 -9.07 -17.72
CA VAL A 136 1.02 -8.18 -16.67
C VAL A 136 -0.47 -8.36 -16.57
N ASN A 137 -0.91 -8.86 -15.41
CA ASN A 137 -2.32 -9.11 -15.16
C ASN A 137 -2.88 -7.90 -14.48
N TYR A 138 -4.21 -7.90 -14.26
CA TYR A 138 -4.87 -6.78 -13.64
C TYR A 138 -4.35 -6.57 -12.23
N GLU A 139 -4.03 -7.67 -11.50
CA GLU A 139 -3.53 -7.53 -10.16
C GLU A 139 -2.19 -6.85 -10.19
N GLU A 140 -1.34 -7.23 -11.17
CA GLU A 140 -0.02 -6.65 -11.30
C GLU A 140 -0.16 -5.20 -11.68
N PHE A 141 -1.16 -4.88 -12.54
CA PHE A 141 -1.38 -3.51 -12.96
C PHE A 141 -1.77 -2.67 -11.77
N VAL A 142 -2.58 -3.22 -10.84
CA VAL A 142 -2.99 -2.47 -9.67
C VAL A 142 -1.75 -2.09 -8.89
N GLN A 143 -0.79 -3.03 -8.75
CA GLN A 143 0.42 -2.75 -8.02
C GLN A 143 1.19 -1.66 -8.72
N MET A 144 1.18 -1.68 -10.07
CA MET A 144 1.87 -0.68 -10.86
C MET A 144 1.32 0.69 -10.55
N MET A 145 -0.01 0.81 -10.51
CA MET A 145 -0.66 2.07 -10.26
C MET A 145 -0.50 2.50 -8.83
N THR A 146 -0.29 1.55 -7.90
CA THR A 146 -0.13 1.92 -6.50
C THR A 146 1.33 2.12 -6.22
N ALA A 147 2.19 2.01 -7.25
CA ALA A 147 3.60 2.19 -7.06
C ALA A 147 3.86 3.63 -6.73
N LYS A 148 4.79 3.88 -5.78
CA LYS A 148 5.10 5.23 -5.39
C LYS A 148 6.63 5.40 -5.51
N ALA B 1 -12.39 10.05 -22.96
CA ALA B 1 -12.80 9.08 -21.90
C ALA B 1 -11.91 9.20 -20.70
N LEU B 2 -10.57 9.23 -20.94
CA LEU B 2 -9.64 9.32 -19.85
C LEU B 2 -9.16 10.75 -19.81
N SER B 3 -9.29 11.39 -18.62
CA SER B 3 -8.88 12.77 -18.47
C SER B 3 -7.38 12.85 -18.63
N LYS B 4 -6.91 13.95 -19.24
CA LYS B 4 -5.50 14.17 -19.45
C LYS B 4 -4.79 14.23 -18.14
N ASP B 5 -5.41 14.89 -17.13
CA ASP B 5 -4.78 15.01 -15.83
C ASP B 5 -4.54 13.64 -15.24
N LYS B 6 -5.52 12.72 -15.43
CA LYS B 6 -5.40 11.38 -14.92
C LYS B 6 -4.28 10.68 -15.64
N GLU B 7 -4.17 10.91 -16.96
CA GLU B 7 -3.14 10.29 -17.76
C GLU B 7 -1.78 10.78 -17.32
N GLU B 8 -1.67 12.10 -17.01
CA GLU B 8 -0.41 12.66 -16.59
C GLU B 8 0.03 12.02 -15.30
N GLU B 9 -0.91 11.75 -14.37
CA GLU B 9 -0.54 11.15 -13.11
C GLU B 9 -0.01 9.77 -13.35
N ILE B 10 -0.65 9.03 -14.29
CA ILE B 10 -0.22 7.69 -14.62
C ILE B 10 1.16 7.76 -15.23
N ARG B 11 1.38 8.78 -16.10
CA ARG B 11 2.66 8.94 -16.76
C ARG B 11 3.74 9.15 -15.73
N LYS B 12 3.46 9.95 -14.68
CA LYS B 12 4.47 10.20 -13.66
C LYS B 12 4.82 8.92 -12.97
N ILE B 13 3.82 8.05 -12.70
CA ILE B 13 4.09 6.79 -12.04
C ILE B 13 5.00 5.96 -12.90
N LEU B 14 4.67 5.83 -14.20
CA LEU B 14 5.47 5.04 -15.10
C LEU B 14 6.83 5.64 -15.26
N ARG B 15 6.91 6.99 -15.31
CA ARG B 15 8.17 7.65 -15.46
C ARG B 15 9.06 7.32 -14.28
N ASN B 16 8.46 7.25 -13.07
CA ASN B 16 9.21 6.96 -11.87
C ASN B 16 9.88 5.62 -11.99
N ASN B 17 9.15 4.56 -12.41
CA ASN B 17 9.78 3.26 -12.52
C ASN B 17 10.64 3.21 -13.75
N LEU B 18 10.28 3.98 -14.80
CA LEU B 18 11.04 3.99 -16.03
C LEU B 18 12.42 4.53 -15.76
N GLN B 19 12.52 5.61 -14.93
CA GLN B 19 13.79 6.21 -14.63
C GLN B 19 14.68 5.19 -13.96
N LYS B 20 14.11 4.48 -12.98
CA LYS B 20 14.86 3.47 -12.25
C LYS B 20 15.26 2.36 -13.18
N THR B 21 14.35 1.96 -14.09
CA THR B 21 14.63 0.89 -15.02
C THR B 21 15.72 1.32 -15.94
N ARG B 22 15.67 2.58 -16.42
CA ARG B 22 16.67 3.10 -17.34
C ARG B 22 18.02 3.07 -16.68
N GLN B 23 18.11 3.55 -15.41
CA GLN B 23 19.38 3.58 -14.73
C GLN B 23 19.90 2.18 -14.54
N ARG B 24 19.03 1.25 -14.12
CA ARG B 24 19.44 -0.12 -13.89
C ARG B 24 19.89 -0.73 -15.19
N LEU B 25 19.13 -0.51 -16.28
CA LEU B 25 19.45 -1.08 -17.57
C LEU B 25 20.75 -0.50 -18.07
N ARG B 26 20.94 0.83 -17.92
CA ARG B 26 22.14 1.48 -18.40
C ARG B 26 23.35 0.95 -17.69
N SER B 27 23.22 0.68 -16.37
CA SER B 27 24.33 0.20 -15.59
C SER B 27 24.83 -1.12 -16.13
N TYR B 28 23.93 -2.03 -16.53
CA TYR B 28 24.34 -3.32 -17.02
C TYR B 28 24.25 -3.36 -18.52
N ASN B 29 24.30 -2.18 -19.19
CA ASN B 29 24.22 -2.15 -20.64
C ASN B 29 25.56 -2.54 -21.21
N ARG B 30 26.58 -2.71 -20.35
CA ARG B 30 27.89 -3.07 -20.81
C ARG B 30 28.00 -4.57 -20.90
N HIS B 31 26.88 -5.30 -20.64
CA HIS B 31 26.92 -6.74 -20.70
C HIS B 31 27.12 -7.18 -22.13
N THR B 32 26.88 -6.27 -23.10
CA THR B 32 27.03 -6.61 -24.50
C THR B 32 28.49 -6.66 -24.87
N LEU B 33 29.38 -6.17 -23.98
CA LEU B 33 30.80 -6.17 -24.27
C LEU B 33 31.29 -7.60 -24.36
N VAL B 34 30.76 -8.49 -23.48
CA VAL B 34 31.20 -9.86 -23.49
C VAL B 34 30.05 -10.69 -23.96
N ALA B 35 30.23 -11.41 -25.09
CA ALA B 35 29.17 -12.22 -25.64
C ALA B 35 29.21 -13.59 -25.00
N ASP B 36 30.27 -13.89 -24.23
CA ASP B 36 30.37 -15.18 -23.60
C ASP B 36 29.49 -15.18 -22.34
N ALA C 1 7.02 8.47 29.73
CA ALA C 1 6.38 9.18 30.87
C ALA C 1 5.49 10.29 30.37
N LEU C 2 4.27 9.92 29.92
CA LEU C 2 3.34 10.91 29.43
C LEU C 2 2.27 11.09 30.47
N SER C 3 1.57 12.24 30.40
CA SER C 3 0.53 12.54 31.35
C SER C 3 -0.64 11.64 31.12
N LYS C 4 -1.52 11.56 32.15
CA LYS C 4 -2.71 10.71 32.09
C LYS C 4 -3.58 11.15 30.95
N ASP C 5 -3.59 12.47 30.63
CA ASP C 5 -4.42 12.97 29.57
C ASP C 5 -4.04 12.28 28.27
N LYS C 6 -2.73 12.04 28.04
CA LYS C 6 -2.31 11.38 26.83
C LYS C 6 -2.83 9.96 26.83
N GLU C 7 -2.85 9.30 28.01
CA GLU C 7 -3.34 7.94 28.10
C GLU C 7 -4.80 7.94 27.75
N GLU C 8 -5.56 8.96 28.24
CA GLU C 8 -6.98 9.06 27.97
C GLU C 8 -7.17 9.28 26.49
N GLU C 9 -6.25 10.05 25.87
CA GLU C 9 -6.33 10.35 24.46
C GLU C 9 -6.31 9.08 23.65
N ILE C 10 -5.60 8.03 24.14
CA ILE C 10 -5.49 6.78 23.43
C ILE C 10 -6.87 6.22 23.19
N ARG C 11 -7.83 6.46 24.11
CA ARG C 11 -9.16 5.93 23.96
C ARG C 11 -9.70 6.37 22.61
N LYS C 12 -9.53 7.66 22.25
CA LYS C 12 -10.00 8.17 20.98
C LYS C 12 -9.14 7.58 19.88
N ILE C 13 -7.83 7.43 20.15
CA ILE C 13 -6.88 6.89 19.19
C ILE C 13 -7.27 5.50 18.78
N LEU C 14 -7.56 4.62 19.76
CA LEU C 14 -7.96 3.26 19.43
C LEU C 14 -9.33 3.22 18.86
N ARG C 15 -10.27 4.05 19.37
CA ARG C 15 -11.62 4.02 18.85
C ARG C 15 -11.63 4.41 17.39
N ASN C 16 -10.80 5.38 16.98
CA ASN C 16 -10.79 5.78 15.59
C ASN C 16 -10.42 4.61 14.73
N ASN C 17 -9.36 3.86 15.12
CA ASN C 17 -8.93 2.71 14.37
C ASN C 17 -9.96 1.61 14.49
N LEU C 18 -10.55 1.47 15.69
CA LEU C 18 -11.53 0.43 15.95
C LEU C 18 -12.74 0.61 15.07
N GLN C 19 -13.20 1.86 14.88
CA GLN C 19 -14.40 2.11 14.08
C GLN C 19 -14.19 1.64 12.67
N LYS C 20 -12.97 1.81 12.11
CA LYS C 20 -12.72 1.40 10.75
C LYS C 20 -12.92 -0.09 10.64
N THR C 21 -12.45 -0.86 11.64
CA THR C 21 -12.61 -2.30 11.61
C THR C 21 -14.05 -2.67 11.85
N ARG C 22 -14.77 -1.91 12.70
CA ARG C 22 -16.14 -2.21 13.00
C ARG C 22 -16.97 -2.13 11.74
N GLN C 23 -16.69 -1.12 10.86
CA GLN C 23 -17.46 -0.98 9.65
C GLN C 23 -17.24 -2.19 8.77
N ARG C 24 -15.99 -2.66 8.68
CA ARG C 24 -15.70 -3.83 7.85
C ARG C 24 -16.30 -5.06 8.48
N LEU C 25 -16.21 -5.16 9.83
CA LEU C 25 -16.72 -6.31 10.53
C LEU C 25 -18.21 -6.40 10.32
N ARG C 26 -18.92 -5.26 10.41
CA ARG C 26 -20.36 -5.24 10.22
C ARG C 26 -20.68 -5.61 8.80
N SER C 27 -19.87 -5.12 7.84
CA SER C 27 -20.12 -5.38 6.44
C SER C 27 -20.05 -6.86 6.15
N TYR C 28 -19.09 -7.58 6.79
CA TYR C 28 -18.95 -8.99 6.51
C TYR C 28 -19.63 -9.79 7.59
N ASN C 29 -20.44 -9.15 8.44
CA ASN C 29 -21.13 -9.85 9.50
C ASN C 29 -22.10 -10.82 8.89
N ARG C 30 -22.78 -10.38 7.80
CA ARG C 30 -23.76 -11.23 7.15
C ARG C 30 -23.06 -12.20 6.24
N HIS C 31 -21.72 -12.07 6.08
CA HIS C 31 -21.00 -12.95 5.20
C HIS C 31 -20.33 -14.03 6.02
N THR C 32 -20.76 -14.21 7.28
CA THR C 32 -20.15 -15.23 8.11
C THR C 32 -21.23 -15.75 9.03
N LEU C 33 -20.98 -16.93 9.64
CA LEU C 33 -21.95 -17.51 10.53
C LEU C 33 -21.19 -18.17 11.63
N VAL C 34 -21.73 -18.10 12.87
CA VAL C 34 -21.08 -18.69 14.01
C VAL C 34 -21.32 -20.18 13.99
N ALA C 35 -22.50 -20.62 13.48
CA ALA C 35 -22.78 -22.03 13.45
C ALA C 35 -23.79 -22.24 12.36
N ASP C 36 -23.81 -23.47 11.80
CA ASP C 36 -24.75 -23.77 10.75
C ASP C 36 -25.97 -24.45 11.39
N ALA A 1 5.33 8.04 2.57
CA ALA A 1 5.32 6.61 2.96
C ALA A 1 3.92 6.09 3.03
N ASP A 2 3.27 5.92 1.86
CA ASP A 2 1.92 5.43 1.81
C ASP A 2 1.95 3.97 1.46
N GLN A 3 3.14 3.35 1.50
CA GLN A 3 3.27 1.95 1.17
C GLN A 3 3.84 1.27 2.37
N LEU A 4 3.17 0.19 2.83
CA LEU A 4 3.65 -0.54 3.98
C LEU A 4 4.43 -1.71 3.47
N THR A 5 5.65 -1.92 4.01
CA THR A 5 6.46 -3.03 3.59
C THR A 5 6.03 -4.24 4.38
N GLU A 6 6.51 -5.43 3.95
CA GLU A 6 6.16 -6.66 4.62
C GLU A 6 6.69 -6.61 6.03
N GLU A 7 7.90 -6.04 6.23
CA GLU A 7 8.49 -5.96 7.54
C GLU A 7 7.63 -5.12 8.44
N GLN A 8 7.08 -3.99 7.92
CA GLN A 8 6.25 -3.13 8.74
C GLN A 8 5.00 -3.87 9.13
N ILE A 9 4.41 -4.64 8.18
CA ILE A 9 3.20 -5.37 8.49
C ILE A 9 3.52 -6.43 9.51
N ALA A 10 4.68 -7.11 9.37
CA ALA A 10 5.06 -8.16 10.29
C ALA A 10 5.20 -7.57 11.67
N GLU A 11 5.80 -6.37 11.78
CA GLU A 11 5.96 -5.72 13.05
C GLU A 11 4.61 -5.39 13.60
N PHE A 12 3.69 -4.92 12.73
CA PHE A 12 2.36 -4.58 13.15
C PHE A 12 1.63 -5.80 13.62
N LYS A 13 1.87 -6.94 12.96
CA LYS A 13 1.20 -8.16 13.35
C LYS A 13 1.61 -8.49 14.76
N GLU A 14 2.92 -8.30 15.09
CA GLU A 14 3.40 -8.58 16.44
C GLU A 14 2.67 -7.68 17.41
N ALA A 15 2.38 -6.44 16.97
CA ALA A 15 1.69 -5.48 17.81
C ALA A 15 0.33 -6.00 18.22
N PHE A 16 -0.34 -6.85 17.40
CA PHE A 16 -1.65 -7.33 17.78
C PHE A 16 -1.53 -8.08 19.08
N SER A 17 -0.39 -8.79 19.28
CA SER A 17 -0.18 -9.55 20.49
C SER A 17 -0.09 -8.62 21.67
N LEU A 18 0.30 -7.35 21.44
CA LEU A 18 0.40 -6.40 22.52
C LEU A 18 -0.96 -6.17 23.11
N PHE A 19 -1.98 -6.10 22.23
CA PHE A 19 -3.33 -5.89 22.69
C PHE A 19 -3.93 -7.21 23.07
N ASP A 20 -3.58 -8.29 22.34
CA ASP A 20 -4.12 -9.59 22.64
C ASP A 20 -3.26 -10.22 23.71
N LYS A 21 -3.35 -9.65 24.93
CA LYS A 21 -2.58 -10.13 26.05
C LYS A 21 -2.98 -11.54 26.42
N ASP A 22 -4.29 -11.87 26.32
CA ASP A 22 -4.73 -13.19 26.71
C ASP A 22 -4.42 -14.20 25.64
N GLY A 23 -4.03 -13.75 24.43
CA GLY A 23 -3.67 -14.67 23.38
C GLY A 23 -4.85 -15.50 22.96
N ASP A 24 -6.09 -14.98 23.04
CA ASP A 24 -7.23 -15.79 22.65
C ASP A 24 -7.47 -15.64 21.16
N GLY A 25 -6.64 -14.82 20.47
CA GLY A 25 -6.77 -14.68 19.04
C GLY A 25 -7.72 -13.57 18.68
N THR A 26 -8.46 -13.00 19.66
CA THR A 26 -9.38 -11.94 19.32
C THR A 26 -9.20 -10.80 20.28
N ILE A 27 -9.61 -9.59 19.83
CA ILE A 27 -9.54 -8.42 20.67
C ILE A 27 -10.95 -7.89 20.78
N THR A 28 -11.45 -7.76 22.03
CA THR A 28 -12.79 -7.28 22.26
C THR A 28 -12.72 -6.01 23.06
N THR A 29 -13.90 -5.42 23.35
CA THR A 29 -13.98 -4.16 24.08
C THR A 29 -13.37 -4.32 25.45
N LYS A 30 -13.73 -5.39 26.18
CA LYS A 30 -13.21 -5.58 27.51
C LYS A 30 -11.71 -5.78 27.46
N GLU A 31 -11.24 -6.55 26.46
CA GLU A 31 -9.83 -6.82 26.35
C GLU A 31 -9.09 -5.55 26.01
N LEU A 32 -9.65 -4.72 25.09
CA LEU A 32 -8.99 -3.50 24.69
C LEU A 32 -8.98 -2.55 25.87
N GLY A 33 -10.08 -2.54 26.65
CA GLY A 33 -10.16 -1.66 27.79
C GLY A 33 -9.07 -2.01 28.78
N THR A 34 -8.81 -3.31 28.97
CA THR A 34 -7.78 -3.75 29.88
C THR A 34 -6.44 -3.26 29.39
N VAL A 35 -6.21 -3.33 28.07
CA VAL A 35 -4.94 -2.89 27.50
C VAL A 35 -4.75 -1.42 27.77
N MET A 36 -5.79 -0.59 27.52
CA MET A 36 -5.65 0.83 27.75
C MET A 36 -5.49 1.10 29.22
N ARG A 37 -6.24 0.36 30.07
CA ARG A 37 -6.15 0.54 31.51
C ARG A 37 -4.75 0.23 31.96
N SER A 38 -4.14 -0.83 31.38
CA SER A 38 -2.80 -1.23 31.75
C SER A 38 -1.84 -0.13 31.40
N LEU A 39 -2.11 0.61 30.29
CA LEU A 39 -1.23 1.68 29.88
C LEU A 39 -1.50 2.92 30.71
N GLY A 40 -2.49 2.88 31.62
CA GLY A 40 -2.77 4.03 32.46
C GLY A 40 -3.78 4.93 31.81
N GLN A 41 -4.44 4.47 30.73
CA GLN A 41 -5.44 5.29 30.09
C GLN A 41 -6.79 4.87 30.60
N ASN A 42 -7.76 5.81 30.65
CA ASN A 42 -9.07 5.48 31.15
C ASN A 42 -10.08 5.95 30.14
N PRO A 43 -10.32 5.13 29.15
CA PRO A 43 -11.29 5.44 28.11
C PRO A 43 -12.70 5.18 28.52
N THR A 44 -13.68 5.83 27.86
CA THR A 44 -15.06 5.59 28.20
C THR A 44 -15.50 4.37 27.43
N GLU A 45 -16.61 3.75 27.89
CA GLU A 45 -17.11 2.55 27.24
C GLU A 45 -17.56 2.89 25.84
N ALA A 46 -18.20 4.07 25.67
CA ALA A 46 -18.70 4.47 24.37
C ALA A 46 -17.55 4.62 23.40
N GLU A 47 -16.42 5.21 23.85
CA GLU A 47 -15.29 5.41 22.97
C GLU A 47 -14.74 4.08 22.54
N LEU A 48 -14.67 3.10 23.46
CA LEU A 48 -14.13 1.80 23.11
C LEU A 48 -15.02 1.14 22.09
N GLN A 49 -16.35 1.27 22.25
CA GLN A 49 -17.28 0.67 21.30
C GLN A 49 -17.13 1.34 19.98
N ASP A 50 -16.93 2.68 19.98
CA ASP A 50 -16.80 3.42 18.75
C ASP A 50 -15.59 2.95 17.99
N MET A 51 -14.47 2.64 18.68
CA MET A 51 -13.28 2.20 17.98
C MET A 51 -13.58 0.92 17.26
N ILE A 52 -14.25 -0.04 17.93
CA ILE A 52 -14.55 -1.30 17.30
C ILE A 52 -15.56 -1.13 16.21
N ASN A 53 -16.65 -0.38 16.48
CA ASN A 53 -17.70 -0.22 15.50
C ASN A 53 -17.19 0.48 14.26
N GLU A 54 -16.33 1.50 14.42
CA GLU A 54 -15.84 2.25 13.29
C GLU A 54 -15.03 1.36 12.38
N VAL A 55 -14.16 0.50 12.95
CA VAL A 55 -13.31 -0.33 12.12
C VAL A 55 -13.95 -1.67 11.86
N ASP A 56 -15.18 -1.93 12.35
CA ASP A 56 -15.78 -3.23 12.13
C ASP A 56 -16.46 -3.21 10.80
N ALA A 57 -15.66 -3.09 9.72
CA ALA A 57 -16.18 -3.06 8.37
C ALA A 57 -16.78 -4.39 8.02
N ASP A 58 -16.18 -5.50 8.53
CA ASP A 58 -16.68 -6.81 8.20
C ASP A 58 -17.92 -7.11 9.00
N GLY A 59 -18.15 -6.32 10.07
CA GLY A 59 -19.33 -6.49 10.88
C GLY A 59 -19.35 -7.83 11.55
N ASN A 60 -18.17 -8.36 11.96
CA ASN A 60 -18.16 -9.66 12.61
C ASN A 60 -18.40 -9.47 14.08
N GLY A 61 -18.64 -8.22 14.53
CA GLY A 61 -18.94 -7.95 15.91
C GLY A 61 -17.70 -7.86 16.75
N THR A 62 -16.50 -8.00 16.15
CA THR A 62 -15.30 -7.94 16.95
C THR A 62 -14.13 -7.53 16.08
N ILE A 63 -12.95 -7.39 16.70
CA ILE A 63 -11.77 -6.98 15.99
C ILE A 63 -11.06 -8.20 15.49
N ASP A 64 -10.83 -8.26 14.16
CA ASP A 64 -10.15 -9.35 13.55
C ASP A 64 -8.77 -8.85 13.21
N PHE A 65 -7.87 -9.73 12.72
CA PHE A 65 -6.51 -9.33 12.41
C PHE A 65 -6.47 -8.29 11.31
N PRO A 66 -7.17 -8.49 10.18
CA PRO A 66 -7.18 -7.50 9.11
C PRO A 66 -7.61 -6.14 9.56
N GLU A 67 -8.57 -6.12 10.51
CA GLU A 67 -9.09 -4.88 11.03
C GLU A 67 -7.98 -4.10 11.70
N PHE A 68 -7.05 -4.77 12.41
CA PHE A 68 -5.98 -4.06 13.06
C PHE A 68 -5.09 -3.42 12.03
N LEU A 69 -4.81 -4.12 10.91
CA LEU A 69 -3.97 -3.55 9.88
C LEU A 69 -4.66 -2.34 9.31
N THR A 70 -5.98 -2.46 9.03
CA THR A 70 -6.72 -1.36 8.45
C THR A 70 -6.76 -0.19 9.40
N MET A 71 -7.05 -0.45 10.70
CA MET A 71 -7.16 0.63 11.66
C MET A 71 -5.83 1.32 11.84
N MET A 72 -4.74 0.55 12.03
CA MET A 72 -3.44 1.14 12.27
C MET A 72 -2.90 1.80 11.02
N ALA A 73 -3.11 1.18 9.84
CA ALA A 73 -2.59 1.72 8.60
C ALA A 73 -3.39 2.94 8.21
N ARG A 74 -4.70 2.96 8.58
CA ARG A 74 -5.56 4.07 8.23
C ARG A 74 -5.64 4.17 6.73
N LYS A 75 -5.83 3.02 6.07
CA LYS A 75 -5.94 2.99 4.63
C LYS A 75 -7.24 2.32 4.30
N MET A 76 -7.84 2.69 3.15
CA MET A 76 -9.11 2.13 2.76
C MET A 76 -8.97 0.65 2.52
N LYS A 77 -7.87 0.22 1.86
CA LYS A 77 -7.70 -1.19 1.62
C LYS A 77 -6.24 -1.46 1.36
N ASP A 78 -5.67 -2.44 2.09
CA ASP A 78 -4.29 -2.79 1.90
C ASP A 78 -4.11 -4.14 2.53
N THR A 79 -4.16 -5.21 1.73
CA THR A 79 -4.02 -6.54 2.27
C THR A 79 -3.09 -7.34 1.39
N ASP A 80 -3.62 -7.89 0.28
CA ASP A 80 -2.82 -8.70 -0.60
C ASP A 80 -2.34 -7.86 -1.75
N SER A 81 -2.55 -6.53 -1.67
CA SER A 81 -2.11 -5.65 -2.73
C SER A 81 -0.62 -5.70 -2.84
N GLU A 82 0.08 -5.75 -1.68
CA GLU A 82 1.53 -5.79 -1.68
C GLU A 82 1.99 -7.09 -2.29
N GLU A 83 1.26 -8.19 -2.00
CA GLU A 83 1.64 -9.49 -2.53
C GLU A 83 1.51 -9.47 -4.03
N GLU A 84 0.43 -8.85 -4.55
CA GLU A 84 0.21 -8.80 -5.98
C GLU A 84 1.34 -8.04 -6.63
N ILE A 85 1.75 -6.91 -6.01
CA ILE A 85 2.83 -6.10 -6.54
C ILE A 85 4.10 -6.92 -6.54
N ARG A 86 4.37 -7.64 -5.43
CA ARG A 86 5.58 -8.44 -5.32
C ARG A 86 5.59 -9.49 -6.41
N GLU A 87 4.43 -10.14 -6.66
CA GLU A 87 4.36 -11.17 -7.66
C GLU A 87 4.66 -10.60 -9.03
N ALA A 88 4.19 -9.36 -9.30
CA ALA A 88 4.44 -8.76 -10.60
C ALA A 88 5.91 -8.58 -10.79
N PHE A 89 6.64 -8.18 -9.72
CA PHE A 89 8.07 -8.00 -9.82
C PHE A 89 8.74 -9.31 -10.14
N ARG A 90 8.26 -10.42 -9.54
CA ARG A 90 8.86 -11.71 -9.79
C ARG A 90 8.69 -12.07 -11.24
N VAL A 91 7.49 -11.78 -11.82
CA VAL A 91 7.24 -12.11 -13.20
C VAL A 91 8.14 -11.30 -14.11
N PHE A 92 8.24 -9.97 -13.87
CA PHE A 92 9.06 -9.13 -14.71
C PHE A 92 10.52 -9.42 -14.48
N ASP A 93 10.91 -9.63 -13.21
CA ASP A 93 12.30 -9.88 -12.90
C ASP A 93 12.57 -11.36 -13.02
N LYS A 94 12.57 -11.87 -14.26
CA LYS A 94 12.79 -13.27 -14.52
C LYS A 94 14.18 -13.67 -14.10
N ASP A 95 15.18 -12.79 -14.33
CA ASP A 95 16.55 -13.15 -14.00
C ASP A 95 16.79 -13.01 -12.52
N GLY A 96 15.86 -12.38 -11.77
CA GLY A 96 16.02 -12.27 -10.32
C GLY A 96 17.20 -11.42 -9.97
N ASN A 97 17.56 -10.40 -10.80
CA ASN A 97 18.70 -9.58 -10.45
C ASN A 97 18.26 -8.44 -9.56
N GLY A 98 16.93 -8.37 -9.27
CA GLY A 98 16.41 -7.35 -8.38
C GLY A 98 16.18 -6.06 -9.10
N TYR A 99 16.53 -5.98 -10.40
CA TYR A 99 16.33 -4.74 -11.12
C TYR A 99 15.81 -5.04 -12.49
N ILE A 100 15.24 -3.99 -13.15
CA ILE A 100 14.72 -4.14 -14.47
C ILE A 100 15.61 -3.33 -15.36
N SER A 101 16.24 -4.00 -16.36
CA SER A 101 17.13 -3.35 -17.26
C SER A 101 16.45 -3.27 -18.60
N ALA A 102 17.10 -2.60 -19.58
CA ALA A 102 16.52 -2.43 -20.90
C ALA A 102 16.30 -3.77 -21.54
N ALA A 103 17.27 -4.71 -21.42
CA ALA A 103 17.11 -6.01 -22.02
C ALA A 103 15.96 -6.72 -21.39
N GLU A 104 15.83 -6.58 -20.04
CA GLU A 104 14.78 -7.24 -19.32
C GLU A 104 13.44 -6.68 -19.74
N LEU A 105 13.36 -5.34 -19.90
CA LEU A 105 12.12 -4.70 -20.31
C LEU A 105 11.80 -5.10 -21.72
N ARG A 106 12.83 -5.17 -22.59
CA ARG A 106 12.64 -5.53 -23.97
C ARG A 106 12.07 -6.91 -24.06
N HIS A 107 12.50 -7.85 -23.20
CA HIS A 107 12.00 -9.20 -23.23
C HIS A 107 10.52 -9.19 -22.95
N VAL A 108 10.05 -8.35 -22.00
CA VAL A 108 8.63 -8.29 -21.68
C VAL A 108 7.86 -7.88 -22.90
N MET A 109 8.33 -6.81 -23.59
CA MET A 109 7.64 -6.31 -24.77
C MET A 109 7.70 -7.35 -25.86
N THR A 110 8.85 -8.06 -25.99
CA THR A 110 8.99 -9.07 -27.01
C THR A 110 7.99 -10.16 -26.80
N ASN A 111 7.79 -10.60 -25.53
CA ASN A 111 6.83 -11.64 -25.23
C ASN A 111 5.45 -11.17 -25.55
N LEU A 112 5.17 -9.85 -25.38
CA LEU A 112 3.86 -9.32 -25.67
C LEU A 112 3.63 -9.35 -27.15
N GLY A 113 4.72 -9.35 -27.95
CA GLY A 113 4.58 -9.39 -29.39
C GLY A 113 4.64 -8.00 -29.94
N GLU A 114 4.99 -7.01 -29.09
CA GLU A 114 5.07 -5.64 -29.56
C GLU A 114 6.50 -5.39 -29.91
N LYS A 115 6.76 -4.98 -31.18
CA LYS A 115 8.10 -4.72 -31.61
C LYS A 115 8.50 -3.37 -31.09
N LEU A 116 9.70 -3.28 -30.48
CA LEU A 116 10.18 -2.04 -29.94
C LEU A 116 11.58 -1.84 -30.46
N THR A 117 11.95 -0.56 -30.70
CA THR A 117 13.29 -0.26 -31.16
C THR A 117 14.11 -0.01 -29.93
N ASP A 118 15.45 -0.08 -30.05
CA ASP A 118 16.31 0.14 -28.91
C ASP A 118 16.14 1.56 -28.42
N GLU A 119 16.00 2.52 -29.35
CA GLU A 119 15.85 3.91 -28.97
C GLU A 119 14.55 4.09 -28.23
N GLU A 120 13.46 3.43 -28.71
CA GLU A 120 12.17 3.56 -28.07
C GLU A 120 12.22 2.96 -26.68
N VAL A 121 12.90 1.80 -26.53
CA VAL A 121 12.99 1.16 -25.23
C VAL A 121 13.72 2.08 -24.29
N ASP A 122 14.84 2.66 -24.76
CA ASP A 122 15.64 3.53 -23.95
C ASP A 122 14.84 4.75 -23.57
N GLU A 123 14.05 5.30 -24.52
CA GLU A 123 13.27 6.50 -24.24
C GLU A 123 12.28 6.21 -23.15
N MET A 124 11.59 5.05 -23.21
CA MET A 124 10.59 4.72 -22.22
C MET A 124 11.24 4.58 -20.88
N ILE A 125 12.41 3.91 -20.85
CA ILE A 125 13.11 3.69 -19.61
C ILE A 125 13.59 5.00 -19.05
N ARG A 126 14.15 5.89 -19.90
CA ARG A 126 14.64 7.16 -19.43
C ARG A 126 13.51 7.97 -18.85
N GLU A 127 12.32 7.91 -19.47
CA GLU A 127 11.19 8.67 -18.99
C GLU A 127 10.82 8.21 -17.61
N ALA A 128 10.84 6.88 -17.35
CA ALA A 128 10.49 6.37 -16.06
C ALA A 128 11.71 6.31 -15.18
N ASP A 129 12.88 6.74 -15.70
CA ASP A 129 14.09 6.69 -14.91
C ASP A 129 14.20 7.99 -14.16
N ILE A 130 13.59 8.02 -12.96
CA ILE A 130 13.57 9.21 -12.13
C ILE A 130 14.97 9.52 -11.64
N ASP A 131 15.70 8.49 -11.16
CA ASP A 131 17.03 8.72 -10.62
C ASP A 131 18.01 8.95 -11.73
N GLY A 132 17.68 8.55 -12.98
CA GLY A 132 18.58 8.78 -14.09
C GLY A 132 19.79 7.90 -13.98
N ASP A 133 19.68 6.74 -13.30
CA ASP A 133 20.82 5.86 -13.15
C ASP A 133 20.87 4.86 -14.29
N GLY A 134 19.94 4.97 -15.26
CA GLY A 134 19.94 4.07 -16.39
C GLY A 134 19.26 2.77 -16.03
N GLN A 135 18.76 2.67 -14.78
CA GLN A 135 18.12 1.45 -14.35
C GLN A 135 16.77 1.78 -13.75
N VAL A 136 15.87 0.78 -13.80
CA VAL A 136 14.55 0.95 -13.26
C VAL A 136 14.48 0.15 -11.99
N ASN A 137 14.25 0.86 -10.86
CA ASN A 137 14.17 0.23 -9.57
C ASN A 137 12.72 -0.08 -9.31
N TYR A 138 12.44 -0.70 -8.14
CA TYR A 138 11.08 -1.06 -7.81
C TYR A 138 10.22 0.17 -7.67
N GLU A 139 10.78 1.29 -7.14
CA GLU A 139 10.01 2.50 -6.96
C GLU A 139 9.67 3.07 -8.33
N GLU A 140 10.66 3.02 -9.25
CA GLU A 140 10.46 3.55 -10.58
C GLU A 140 9.45 2.71 -11.33
N PHE A 141 9.50 1.37 -11.10
CA PHE A 141 8.58 0.44 -11.75
C PHE A 141 7.17 0.74 -11.31
N VAL A 142 6.97 1.12 -10.03
CA VAL A 142 5.64 1.39 -9.51
C VAL A 142 5.03 2.51 -10.30
N GLN A 143 5.80 3.56 -10.62
CA GLN A 143 5.26 4.68 -11.35
C GLN A 143 4.79 4.24 -12.71
N MET A 144 5.54 3.33 -13.37
CA MET A 144 5.17 2.84 -14.68
C MET A 144 3.86 2.10 -14.59
N MET A 145 3.67 1.28 -13.53
CA MET A 145 2.45 0.52 -13.38
C MET A 145 1.31 1.42 -12.99
N THR A 146 1.59 2.59 -12.36
CA THR A 146 0.51 3.48 -11.97
C THR A 146 0.22 4.42 -13.11
N ALA A 147 0.92 4.25 -14.25
CA ALA A 147 0.71 5.11 -15.39
C ALA A 147 -0.66 4.81 -15.94
N LYS A 148 -1.40 5.88 -16.32
CA LYS A 148 -2.72 5.71 -16.86
C LYS A 148 -2.65 5.84 -18.38
N ALA B 1 2.42 -17.10 -12.01
CA ALA B 1 1.04 -17.56 -11.77
C ALA B 1 0.11 -16.40 -11.55
N LEU B 2 0.05 -15.50 -12.56
CA LEU B 2 -0.81 -14.34 -12.46
C LEU B 2 -2.03 -14.60 -13.30
N SER B 3 -3.17 -14.02 -12.89
CA SER B 3 -4.39 -14.18 -13.63
C SER B 3 -4.23 -13.46 -14.95
N LYS B 4 -4.88 -14.01 -16.01
CA LYS B 4 -4.78 -13.41 -17.31
C LYS B 4 -5.33 -12.02 -17.26
N ASP B 5 -6.41 -11.80 -16.50
CA ASP B 5 -7.01 -10.49 -16.41
C ASP B 5 -6.01 -9.51 -15.84
N LYS B 6 -5.23 -9.95 -14.83
CA LYS B 6 -4.23 -9.08 -14.23
C LYS B 6 -3.16 -8.80 -15.25
N GLU B 7 -2.77 -9.82 -16.03
CA GLU B 7 -1.74 -9.66 -17.02
C GLU B 7 -2.21 -8.68 -18.07
N GLU B 8 -3.51 -8.77 -18.44
CA GLU B 8 -4.05 -7.88 -19.44
C GLU B 8 -3.99 -6.46 -18.94
N GLU B 9 -4.26 -6.23 -17.64
CA GLU B 9 -4.24 -4.89 -17.11
C GLU B 9 -2.85 -4.34 -17.21
N ILE B 10 -1.83 -5.16 -16.91
CA ILE B 10 -0.44 -4.72 -16.97
C ILE B 10 -0.13 -4.38 -18.41
N ARG B 11 -0.58 -5.24 -19.36
CA ARG B 11 -0.31 -5.01 -20.76
C ARG B 11 -0.98 -3.73 -21.20
N LYS B 12 -2.24 -3.48 -20.76
CA LYS B 12 -2.93 -2.27 -21.16
C LYS B 12 -2.20 -1.06 -20.64
N ILE B 13 -1.68 -1.12 -19.39
CA ILE B 13 -0.97 0.00 -18.82
C ILE B 13 0.24 0.26 -19.66
N LEU B 14 1.02 -0.79 -19.99
CA LEU B 14 2.21 -0.60 -20.77
C LEU B 14 1.85 -0.13 -22.15
N ARG B 15 0.75 -0.66 -22.75
CA ARG B 15 0.36 -0.24 -24.08
C ARG B 15 0.01 1.23 -24.05
N ASN B 16 -0.82 1.65 -23.07
CA ASN B 16 -1.22 3.04 -22.96
C ASN B 16 -0.02 3.90 -22.67
N ASN B 17 0.85 3.40 -21.76
CA ASN B 17 2.05 4.08 -21.37
C ASN B 17 2.96 4.25 -22.56
N LEU B 18 3.12 3.18 -23.35
CA LEU B 18 3.98 3.20 -24.51
C LEU B 18 3.46 4.16 -25.53
N GLN B 19 2.12 4.22 -25.73
CA GLN B 19 1.56 5.14 -26.71
C GLN B 19 1.87 6.56 -26.31
N LYS B 20 1.78 6.86 -25.00
CA LYS B 20 2.06 8.22 -24.55
C LYS B 20 3.51 8.52 -24.78
N THR B 21 4.40 7.54 -24.52
CA THR B 21 5.82 7.74 -24.72
C THR B 21 6.10 7.94 -26.18
N ARG B 22 5.44 7.13 -27.05
CA ARG B 22 5.65 7.23 -28.47
C ARG B 22 5.23 8.60 -28.94
N GLN B 23 4.09 9.12 -28.44
CA GLN B 23 3.63 10.43 -28.85
C GLN B 23 4.64 11.46 -28.44
N ARG B 24 5.18 11.37 -27.21
CA ARG B 24 6.15 12.33 -26.75
C ARG B 24 7.41 12.20 -27.57
N LEU B 25 7.80 10.96 -27.92
CA LEU B 25 9.00 10.74 -28.69
C LEU B 25 8.85 11.40 -30.03
N ARG B 26 7.68 11.24 -30.67
CA ARG B 26 7.43 11.85 -31.96
C ARG B 26 7.38 13.34 -31.82
N SER B 27 6.88 13.85 -30.67
CA SER B 27 6.77 15.28 -30.46
C SER B 27 8.12 15.94 -30.55
N TYR B 28 9.18 15.30 -30.01
CA TYR B 28 10.50 15.92 -30.05
C TYR B 28 11.06 15.78 -31.44
N ASN B 29 10.49 14.86 -32.25
CA ASN B 29 11.00 14.67 -33.61
C ASN B 29 10.32 15.66 -34.52
N ARG B 30 9.32 16.41 -34.00
CA ARG B 30 8.61 17.37 -34.82
C ARG B 30 9.52 18.54 -35.12
N HIS B 31 10.56 18.74 -34.29
CA HIS B 31 11.47 19.85 -34.51
C HIS B 31 12.27 19.58 -35.75
N THR B 32 12.45 18.29 -36.12
CA THR B 32 13.20 17.93 -37.31
C THR B 32 14.62 18.41 -37.14
N LEU B 33 15.43 17.65 -36.38
CA LEU B 33 16.80 18.06 -36.16
C LEU B 33 17.65 17.31 -37.15
N VAL B 34 18.48 18.05 -37.91
CA VAL B 34 19.33 17.43 -38.88
C VAL B 34 20.55 18.30 -38.99
N ALA B 35 21.73 17.67 -39.22
CA ALA B 35 22.95 18.43 -39.34
C ALA B 35 23.20 18.64 -40.80
N ASP B 36 23.53 19.89 -41.18
CA ASP B 36 23.80 20.20 -42.57
C ASP B 36 25.33 20.29 -42.73
N ALA C 1 6.84 -11.37 23.46
CA ALA C 1 8.22 -11.09 23.90
C ALA C 1 8.72 -9.77 23.36
N LEU C 2 7.91 -8.70 23.54
CA LEU C 2 8.29 -7.40 23.05
C LEU C 2 8.73 -6.59 24.23
N SER C 3 9.69 -5.66 23.99
CA SER C 3 10.21 -4.82 25.04
C SER C 3 9.17 -3.80 25.42
N LYS C 4 9.36 -3.18 26.61
CA LYS C 4 8.45 -2.18 27.11
C LYS C 4 8.39 -1.00 26.16
N ASP C 5 9.47 -0.79 25.37
CA ASP C 5 9.49 0.31 24.44
C ASP C 5 8.34 0.16 23.48
N LYS C 6 8.04 -1.09 23.06
CA LYS C 6 6.95 -1.33 22.14
C LYS C 6 5.64 -1.02 22.85
N GLU C 7 5.55 -1.34 24.15
CA GLU C 7 4.34 -1.07 24.91
C GLU C 7 4.15 0.42 25.00
N GLU C 8 5.25 1.18 25.16
CA GLU C 8 5.16 2.63 25.24
C GLU C 8 4.65 3.14 23.92
N GLU C 9 5.06 2.48 22.81
CA GLU C 9 4.65 2.87 21.48
C GLU C 9 3.14 2.73 21.37
N ILE C 10 2.54 1.76 22.11
CA ILE C 10 1.10 1.55 22.04
C ILE C 10 0.40 2.82 22.47
N ARG C 11 0.94 3.55 23.46
CA ARG C 11 0.30 4.77 23.91
C ARG C 11 0.18 5.71 22.74
N LYS C 12 1.22 5.82 21.90
CA LYS C 12 1.16 6.69 20.75
C LYS C 12 0.18 6.13 19.75
N ILE C 13 0.19 4.79 19.58
CA ILE C 13 -0.68 4.13 18.62
C ILE C 13 -2.13 4.32 19.03
N LEU C 14 -2.44 4.12 20.34
CA LEU C 14 -3.79 4.29 20.81
C LEU C 14 -4.15 5.74 20.87
N ARG C 15 -3.20 6.63 21.19
CA ARG C 15 -3.50 8.04 21.26
C ARG C 15 -3.99 8.52 19.92
N ASN C 16 -3.32 8.07 18.84
CA ASN C 16 -3.72 8.45 17.50
C ASN C 16 -5.12 7.95 17.26
N ASN C 17 -5.39 6.69 17.64
CA ASN C 17 -6.70 6.10 17.44
C ASN C 17 -7.72 6.84 18.27
N LEU C 18 -7.32 7.23 19.50
CA LEU C 18 -8.21 7.90 20.41
C LEU C 18 -8.60 9.24 19.84
N GLN C 19 -7.65 9.99 19.24
CA GLN C 19 -7.97 11.29 18.70
C GLN C 19 -8.96 11.14 17.57
N LYS C 20 -8.79 10.11 16.73
CA LYS C 20 -9.70 9.90 15.63
C LYS C 20 -11.05 9.56 16.17
N THR C 21 -11.08 8.76 17.26
CA THR C 21 -12.32 8.36 17.88
C THR C 21 -13.02 9.58 18.43
N ARG C 22 -12.27 10.50 19.06
CA ARG C 22 -12.86 11.69 19.62
C ARG C 22 -13.49 12.52 18.53
N GLN C 23 -12.84 12.61 17.35
CA GLN C 23 -13.38 13.40 16.27
C GLN C 23 -14.69 12.80 15.83
N ARG C 24 -14.77 11.46 15.74
CA ARG C 24 -15.98 10.81 15.32
C ARG C 24 -17.02 10.94 16.40
N LEU C 25 -16.59 10.88 17.68
CA LEU C 25 -17.53 11.00 18.78
C LEU C 25 -18.20 12.34 18.73
N ARG C 26 -17.41 13.42 18.48
CA ARG C 26 -17.99 14.74 18.41
C ARG C 26 -18.87 14.84 17.20
N SER C 27 -18.46 14.22 16.08
CA SER C 27 -19.23 14.27 14.86
C SER C 27 -20.58 13.63 15.10
N TYR C 28 -20.59 12.49 15.84
CA TYR C 28 -21.83 11.80 16.11
C TYR C 28 -22.65 12.59 17.09
N ASN C 29 -21.98 13.19 18.10
CA ASN C 29 -22.68 13.97 19.10
C ASN C 29 -23.38 15.13 18.46
N ARG C 30 -22.74 15.79 17.46
CA ARG C 30 -23.35 16.93 16.82
C ARG C 30 -24.32 16.47 15.75
N HIS C 31 -24.44 15.14 15.54
CA HIS C 31 -25.35 14.66 14.52
C HIS C 31 -26.66 14.30 15.18
N THR C 32 -26.85 14.70 16.45
CA THR C 32 -28.09 14.39 17.13
C THR C 32 -28.36 15.51 18.10
N LEU C 33 -29.64 15.63 18.53
CA LEU C 33 -30.07 16.65 19.46
C LEU C 33 -30.20 17.96 18.73
N VAL C 34 -29.08 18.49 18.19
CA VAL C 34 -29.11 19.75 17.49
C VAL C 34 -29.57 19.50 16.08
N ALA C 35 -29.71 18.21 15.69
CA ALA C 35 -30.16 17.86 14.36
C ALA C 35 -31.54 18.39 14.15
N ASP C 36 -32.39 18.31 15.20
CA ASP C 36 -33.75 18.77 15.09
C ASP C 36 -33.76 20.28 15.40
N ALA A 1 13.85 9.19 7.23
CA ALA A 1 12.88 10.10 7.89
C ALA A 1 11.64 9.36 8.28
N ASP A 2 11.79 8.33 9.16
CA ASP A 2 10.65 7.57 9.60
C ASP A 2 10.21 8.14 10.91
N GLN A 3 8.91 8.43 11.03
CA GLN A 3 8.37 8.98 12.26
C GLN A 3 8.47 7.95 13.33
N LEU A 4 8.19 6.67 12.98
CA LEU A 4 8.25 5.60 13.95
C LEU A 4 9.45 4.78 13.64
N THR A 5 10.21 4.41 14.69
CA THR A 5 11.38 3.59 14.51
C THR A 5 10.93 2.16 14.46
N GLU A 6 11.85 1.26 14.05
CA GLU A 6 11.53 -0.15 13.96
C GLU A 6 11.22 -0.67 15.34
N GLU A 7 11.95 -0.19 16.37
CA GLU A 7 11.73 -0.65 17.72
C GLU A 7 10.34 -0.26 18.17
N GLN A 8 9.90 0.97 17.81
CA GLN A 8 8.58 1.42 18.21
C GLN A 8 7.53 0.59 17.53
N ILE A 9 7.75 0.25 16.23
CA ILE A 9 6.79 -0.55 15.50
C ILE A 9 6.72 -1.92 16.14
N ALA A 10 7.89 -2.50 16.50
CA ALA A 10 7.92 -3.80 17.12
C ALA A 10 7.19 -3.76 18.43
N GLU A 11 7.36 -2.66 19.20
CA GLU A 11 6.70 -2.50 20.46
C GLU A 11 5.22 -2.42 20.22
N PHE A 12 4.81 -1.71 19.15
CA PHE A 12 3.41 -1.56 18.82
C PHE A 12 2.81 -2.90 18.52
N LYS A 13 3.59 -3.80 17.89
CA LYS A 13 3.09 -5.09 17.53
C LYS A 13 2.63 -5.83 18.76
N GLU A 14 3.37 -5.69 19.88
CA GLU A 14 3.01 -6.37 21.11
C GLU A 14 1.66 -5.89 21.56
N ALA A 15 1.38 -4.57 21.44
CA ALA A 15 0.11 -4.03 21.87
C ALA A 15 -1.02 -4.60 21.05
N PHE A 16 -0.82 -4.77 19.71
CA PHE A 16 -1.87 -5.31 18.86
C PHE A 16 -2.06 -6.74 19.24
N SER A 17 -0.94 -7.40 19.57
CA SER A 17 -0.96 -8.80 19.96
C SER A 17 -1.80 -8.95 21.19
N LEU A 18 -1.78 -7.94 22.09
CA LEU A 18 -2.56 -7.99 23.31
C LEU A 18 -4.01 -8.15 22.97
N PHE A 19 -4.49 -7.36 21.98
CA PHE A 19 -5.88 -7.44 21.60
C PHE A 19 -6.13 -8.72 20.84
N ASP A 20 -5.15 -9.17 20.03
CA ASP A 20 -5.33 -10.39 19.28
C ASP A 20 -4.95 -11.54 20.16
N LYS A 21 -5.81 -11.88 21.13
CA LYS A 21 -5.54 -12.94 22.08
C LYS A 21 -5.42 -14.28 21.38
N ASP A 22 -6.26 -14.57 20.36
CA ASP A 22 -6.20 -15.86 19.72
C ASP A 22 -5.08 -15.92 18.70
N GLY A 23 -4.47 -14.77 18.37
CA GLY A 23 -3.36 -14.77 17.43
C GLY A 23 -3.79 -15.21 16.06
N ASP A 24 -5.07 -14.96 15.67
CA ASP A 24 -5.52 -15.39 14.36
C ASP A 24 -5.25 -14.31 13.35
N GLY A 25 -4.61 -13.21 13.75
CA GLY A 25 -4.28 -12.16 12.82
C GLY A 25 -5.38 -11.14 12.75
N THR A 26 -6.54 -11.42 13.36
CA THR A 26 -7.63 -10.46 13.31
C THR A 26 -8.14 -10.23 14.71
N ILE A 27 -8.76 -9.06 14.92
CA ILE A 27 -9.31 -8.71 16.20
C ILE A 27 -10.78 -8.46 16.00
N THR A 28 -11.62 -9.14 16.81
CA THR A 28 -13.05 -9.02 16.70
C THR A 28 -13.58 -8.45 17.99
N THR A 29 -14.93 -8.28 18.04
CA THR A 29 -15.59 -7.73 19.20
C THR A 29 -15.33 -8.59 20.40
N LYS A 30 -15.43 -9.93 20.22
CA LYS A 30 -15.23 -10.83 21.34
C LYS A 30 -13.82 -10.71 21.86
N GLU A 31 -12.82 -10.60 20.96
CA GLU A 31 -11.45 -10.51 21.40
C GLU A 31 -11.21 -9.18 22.09
N LEU A 32 -11.80 -8.09 21.54
CA LEU A 32 -11.61 -6.78 22.14
C LEU A 32 -12.31 -6.77 23.47
N GLY A 33 -13.48 -7.44 23.55
CA GLY A 33 -14.25 -7.50 24.78
C GLY A 33 -13.44 -8.15 25.85
N THR A 34 -12.67 -9.19 25.49
CA THR A 34 -11.84 -9.89 26.47
C THR A 34 -10.84 -8.92 27.03
N VAL A 35 -10.24 -8.08 26.17
CA VAL A 35 -9.26 -7.11 26.62
C VAL A 35 -9.91 -6.15 27.57
N MET A 36 -11.12 -5.64 27.21
CA MET A 36 -11.81 -4.70 28.07
C MET A 36 -12.16 -5.37 29.37
N ARG A 37 -12.61 -6.64 29.32
CA ARG A 37 -12.97 -7.36 30.52
C ARG A 37 -11.75 -7.51 31.40
N SER A 38 -10.59 -7.83 30.78
CA SER A 38 -9.36 -8.01 31.51
C SER A 38 -8.97 -6.71 32.18
N LEU A 39 -9.29 -5.58 31.52
CA LEU A 39 -8.94 -4.28 32.08
C LEU A 39 -9.96 -3.91 33.13
N GLY A 40 -11.02 -4.71 33.31
CA GLY A 40 -12.03 -4.42 34.31
C GLY A 40 -13.03 -3.44 33.78
N GLN A 41 -13.12 -3.31 32.44
CA GLN A 41 -14.07 -2.39 31.86
C GLN A 41 -15.24 -3.19 31.38
N ASN A 42 -16.45 -2.61 31.40
CA ASN A 42 -17.62 -3.32 30.97
C ASN A 42 -18.40 -2.44 30.01
N PRO A 43 -17.96 -2.43 28.77
CA PRO A 43 -18.60 -1.64 27.74
C PRO A 43 -19.81 -2.30 27.16
N THR A 44 -20.66 -1.53 26.44
CA THR A 44 -21.84 -2.10 25.85
C THR A 44 -21.43 -2.79 24.57
N GLU A 45 -22.19 -3.83 24.16
CA GLU A 45 -21.87 -4.57 22.95
C GLU A 45 -22.05 -3.69 21.74
N ALA A 46 -23.11 -2.86 21.74
CA ALA A 46 -23.38 -2.00 20.61
C ALA A 46 -22.24 -1.03 20.44
N GLU A 47 -21.70 -0.52 21.56
CA GLU A 47 -20.61 0.42 21.51
C GLU A 47 -19.42 -0.23 20.87
N LEU A 48 -19.13 -1.49 21.23
CA LEU A 48 -17.97 -2.19 20.69
C LEU A 48 -18.14 -2.38 19.21
N GLN A 49 -19.36 -2.76 18.75
CA GLN A 49 -19.58 -2.96 17.34
C GLN A 49 -19.39 -1.66 16.61
N ASP A 50 -19.88 -0.56 17.22
CA ASP A 50 -19.76 0.74 16.60
C ASP A 50 -18.31 1.12 16.50
N MET A 51 -17.49 0.80 17.53
CA MET A 51 -16.09 1.16 17.51
C MET A 51 -15.40 0.47 16.37
N ILE A 52 -15.73 -0.82 16.13
CA ILE A 52 -15.08 -1.55 15.05
C ILE A 52 -15.43 -0.92 13.73
N ASN A 53 -16.72 -0.58 13.51
CA ASN A 53 -17.13 -0.01 12.25
C ASN A 53 -16.46 1.32 12.01
N GLU A 54 -16.30 2.14 13.07
CA GLU A 54 -15.70 3.45 12.91
C GLU A 54 -14.27 3.36 12.44
N VAL A 55 -13.52 2.37 12.95
CA VAL A 55 -12.12 2.27 12.59
C VAL A 55 -11.92 1.18 11.58
N ASP A 56 -13.00 0.70 10.94
CA ASP A 56 -12.86 -0.35 9.96
C ASP A 56 -12.61 0.31 8.64
N ALA A 57 -11.34 0.68 8.38
CA ALA A 57 -10.96 1.37 7.16
C ALA A 57 -11.20 0.51 5.95
N ASP A 58 -10.91 -0.81 6.05
CA ASP A 58 -11.06 -1.68 4.89
C ASP A 58 -12.49 -2.14 4.78
N GLY A 59 -13.28 -1.99 5.86
CA GLY A 59 -14.67 -2.39 5.82
C GLY A 59 -14.79 -3.88 5.68
N ASN A 60 -13.81 -4.64 6.23
CA ASN A 60 -13.86 -6.08 6.13
C ASN A 60 -14.62 -6.65 7.30
N GLY A 61 -15.18 -5.77 8.17
CA GLY A 61 -15.96 -6.22 9.29
C GLY A 61 -15.08 -6.43 10.50
N THR A 62 -13.74 -6.34 10.34
CA THR A 62 -12.88 -6.56 11.48
C THR A 62 -11.78 -5.52 11.49
N ILE A 63 -11.08 -5.42 12.64
CA ILE A 63 -10.00 -4.48 12.77
C ILE A 63 -8.76 -5.32 12.69
N ASP A 64 -7.91 -5.05 11.67
CA ASP A 64 -6.71 -5.81 11.49
C ASP A 64 -5.57 -5.06 12.14
N PHE A 65 -4.37 -5.68 12.16
CA PHE A 65 -3.20 -5.09 12.77
C PHE A 65 -2.87 -3.75 12.14
N PRO A 66 -2.81 -3.64 10.82
CA PRO A 66 -2.52 -2.35 10.19
C PRO A 66 -3.52 -1.29 10.55
N GLU A 67 -4.80 -1.70 10.63
CA GLU A 67 -5.86 -0.78 10.97
C GLU A 67 -5.63 -0.30 12.39
N PHE A 68 -5.20 -1.19 13.30
CA PHE A 68 -4.95 -0.81 14.67
C PHE A 68 -3.77 0.12 14.74
N LEU A 69 -2.75 -0.07 13.89
CA LEU A 69 -1.59 0.79 13.92
C LEU A 69 -2.02 2.19 13.59
N THR A 70 -2.89 2.35 12.57
CA THR A 70 -3.37 3.66 12.19
C THR A 70 -4.27 4.18 13.29
N MET A 71 -5.09 3.26 13.86
CA MET A 71 -6.03 3.61 14.91
C MET A 71 -5.30 4.15 16.11
N MET A 72 -4.21 3.49 16.53
CA MET A 72 -3.47 3.92 17.69
C MET A 72 -2.54 5.05 17.33
N ALA A 73 -2.38 5.34 16.01
CA ALA A 73 -1.50 6.39 15.59
C ALA A 73 -2.25 7.68 15.71
N ARG A 74 -3.60 7.58 15.74
CA ARG A 74 -4.48 8.72 15.87
C ARG A 74 -4.55 9.48 14.57
N LYS A 75 -3.46 9.52 13.79
CA LYS A 75 -3.46 10.23 12.54
C LYS A 75 -2.44 9.58 11.65
N MET A 76 -2.61 9.73 10.32
CA MET A 76 -1.68 9.14 9.40
C MET A 76 -1.65 10.03 8.19
N LYS A 77 -0.44 10.48 7.78
CA LYS A 77 -0.33 11.34 6.63
C LYS A 77 0.56 10.66 5.62
N ASP A 78 0.86 9.37 5.83
CA ASP A 78 1.72 8.66 4.91
C ASP A 78 0.85 8.03 3.86
N THR A 79 1.17 8.31 2.57
CA THR A 79 0.39 7.77 1.48
C THR A 79 1.02 6.46 1.05
N ASP A 80 2.17 6.11 1.67
CA ASP A 80 2.86 4.87 1.35
C ASP A 80 3.26 4.87 -0.10
N SER A 81 3.74 6.02 -0.60
CA SER A 81 4.17 6.14 -1.98
C SER A 81 5.34 5.22 -2.22
N GLU A 82 6.27 5.18 -1.24
CA GLU A 82 7.45 4.35 -1.37
C GLU A 82 7.05 2.90 -1.48
N GLU A 83 6.03 2.47 -0.72
CA GLU A 83 5.60 1.10 -0.75
C GLU A 83 5.08 0.78 -2.12
N GLU A 84 4.32 1.71 -2.73
CA GLU A 84 3.77 1.49 -4.06
C GLU A 84 4.90 1.36 -5.05
N ILE A 85 5.92 2.23 -4.92
CA ILE A 85 7.06 2.20 -5.83
C ILE A 85 7.78 0.89 -5.66
N ARG A 86 7.99 0.44 -4.40
CA ARG A 86 8.69 -0.80 -4.14
C ARG A 86 7.95 -1.94 -4.78
N GLU A 87 6.60 -1.95 -4.65
CA GLU A 87 5.80 -3.01 -5.20
C GLU A 87 5.93 -3.01 -6.70
N ALA A 88 6.00 -1.82 -7.33
CA ALA A 88 6.12 -1.74 -8.77
C ALA A 88 7.40 -2.41 -9.21
N PHE A 89 8.51 -2.20 -8.45
CA PHE A 89 9.76 -2.80 -8.82
C PHE A 89 9.64 -4.30 -8.75
N ARG A 90 8.93 -4.83 -7.73
CA ARG A 90 8.78 -6.26 -7.59
C ARG A 90 8.00 -6.81 -8.75
N VAL A 91 6.95 -6.08 -9.19
CA VAL A 91 6.13 -6.54 -10.30
C VAL A 91 6.94 -6.60 -11.56
N PHE A 92 7.68 -5.51 -11.89
CA PHE A 92 8.46 -5.49 -13.10
C PHE A 92 9.64 -6.41 -13.01
N ASP A 93 10.29 -6.48 -11.83
CA ASP A 93 11.44 -7.33 -11.68
C ASP A 93 10.98 -8.71 -11.30
N LYS A 94 10.47 -9.45 -12.31
CA LYS A 94 9.96 -10.80 -12.11
C LYS A 94 11.04 -11.73 -11.64
N ASP A 95 12.26 -11.62 -12.19
CA ASP A 95 13.31 -12.54 -11.81
C ASP A 95 13.92 -12.17 -10.49
N GLY A 96 13.61 -10.97 -9.95
CA GLY A 96 14.13 -10.58 -8.66
C GLY A 96 15.63 -10.43 -8.68
N ASN A 97 16.23 -10.05 -9.83
CA ASN A 97 17.67 -9.91 -9.87
C ASN A 97 18.05 -8.50 -9.53
N GLY A 98 17.05 -7.64 -9.22
CA GLY A 98 17.32 -6.27 -8.84
C GLY A 98 17.51 -5.41 -10.05
N TYR A 99 17.41 -6.00 -11.27
CA TYR A 99 17.60 -5.21 -12.46
C TYR A 99 16.56 -5.61 -13.47
N ILE A 100 16.30 -4.70 -14.44
CA ILE A 100 15.33 -4.99 -15.46
C ILE A 100 16.07 -5.14 -16.75
N SER A 101 15.94 -6.34 -17.38
CA SER A 101 16.62 -6.60 -18.61
C SER A 101 15.65 -6.40 -19.74
N ALA A 102 16.14 -6.49 -20.99
CA ALA A 102 15.30 -6.31 -22.15
C ALA A 102 14.23 -7.37 -22.16
N ALA A 103 14.60 -8.62 -21.78
CA ALA A 103 13.64 -9.71 -21.77
C ALA A 103 12.54 -9.41 -20.79
N GLU A 104 12.88 -8.84 -19.61
CA GLU A 104 11.89 -8.54 -18.61
C GLU A 104 10.96 -7.47 -19.12
N LEU A 105 11.50 -6.45 -19.81
CA LEU A 105 10.67 -5.39 -20.35
C LEU A 105 9.79 -5.95 -21.43
N ARG A 106 10.36 -6.85 -22.26
CA ARG A 106 9.64 -7.46 -23.34
C ARG A 106 8.48 -8.24 -22.78
N HIS A 107 8.69 -8.91 -21.63
CA HIS A 107 7.63 -9.69 -21.02
C HIS A 107 6.47 -8.78 -20.68
N VAL A 108 6.76 -7.58 -20.13
CA VAL A 108 5.71 -6.66 -19.76
C VAL A 108 4.92 -6.28 -21.00
N MET A 109 5.63 -5.96 -22.11
CA MET A 109 4.98 -5.59 -23.33
C MET A 109 4.19 -6.76 -23.86
N THR A 110 4.73 -7.99 -23.69
CA THR A 110 4.05 -9.19 -24.16
C THR A 110 2.76 -9.34 -23.42
N ASN A 111 2.75 -9.03 -22.10
CA ASN A 111 1.54 -9.16 -21.31
C ASN A 111 0.50 -8.21 -21.81
N LEU A 112 0.92 -7.09 -22.43
CA LEU A 112 -0.03 -6.12 -22.93
C LEU A 112 -0.72 -6.71 -24.14
N GLY A 113 -0.08 -7.68 -24.81
CA GLY A 113 -0.68 -8.30 -25.97
C GLY A 113 -0.27 -7.51 -27.18
N GLU A 114 0.69 -6.58 -27.02
CA GLU A 114 1.13 -5.78 -28.13
C GLU A 114 2.34 -6.45 -28.72
N LYS A 115 2.39 -6.54 -30.06
CA LYS A 115 3.50 -7.16 -30.72
C LYS A 115 4.30 -6.06 -31.34
N LEU A 116 5.61 -6.01 -31.02
CA LEU A 116 6.46 -4.98 -31.56
C LEU A 116 7.68 -5.65 -32.12
N THR A 117 8.48 -4.89 -32.90
CA THR A 117 9.67 -5.43 -33.52
C THR A 117 10.72 -5.62 -32.47
N ASP A 118 11.66 -6.56 -32.74
CA ASP A 118 12.74 -6.85 -31.83
C ASP A 118 13.62 -5.63 -31.68
N GLU A 119 13.85 -4.92 -32.80
CA GLU A 119 14.68 -3.74 -32.79
C GLU A 119 14.07 -2.69 -31.89
N GLU A 120 12.73 -2.57 -31.90
CA GLU A 120 12.05 -1.58 -31.09
C GLU A 120 12.29 -1.86 -29.63
N VAL A 121 12.32 -3.16 -29.22
CA VAL A 121 12.54 -3.50 -27.84
C VAL A 121 13.91 -3.00 -27.45
N ASP A 122 14.92 -3.24 -28.31
CA ASP A 122 16.26 -2.82 -28.02
C ASP A 122 16.31 -1.31 -27.93
N GLU A 123 15.58 -0.60 -28.81
CA GLU A 123 15.57 0.84 -28.78
C GLU A 123 14.96 1.34 -27.50
N MET A 124 13.89 0.66 -27.01
CA MET A 124 13.25 1.09 -25.79
C MET A 124 14.22 0.99 -24.65
N ILE A 125 14.96 -0.13 -24.57
CA ILE A 125 15.93 -0.31 -23.51
C ILE A 125 17.02 0.71 -23.68
N ARG A 126 17.48 0.89 -24.94
CA ARG A 126 18.56 1.82 -25.21
C ARG A 126 18.18 3.23 -24.83
N GLU A 127 16.96 3.68 -25.19
CA GLU A 127 16.53 5.03 -24.87
C GLU A 127 16.39 5.21 -23.39
N ALA A 128 15.89 4.18 -22.67
CA ALA A 128 15.71 4.29 -21.25
C ALA A 128 17.01 4.03 -20.55
N ASP A 129 18.05 3.60 -21.29
CA ASP A 129 19.32 3.31 -20.67
C ASP A 129 20.14 4.57 -20.68
N ILE A 130 19.92 5.42 -19.67
CA ILE A 130 20.60 6.69 -19.55
C ILE A 130 22.08 6.46 -19.36
N ASP A 131 22.45 5.52 -18.45
CA ASP A 131 23.84 5.27 -18.17
C ASP A 131 24.48 4.49 -19.29
N GLY A 132 23.68 3.82 -20.14
CA GLY A 132 24.24 3.08 -21.25
C GLY A 132 25.00 1.88 -20.76
N ASP A 133 24.60 1.28 -19.61
CA ASP A 133 25.31 0.13 -19.10
C ASP A 133 24.74 -1.14 -19.68
N GLY A 134 23.76 -1.02 -20.60
CA GLY A 134 23.17 -2.19 -21.22
C GLY A 134 22.09 -2.76 -20.35
N GLN A 135 21.81 -2.12 -19.19
CA GLN A 135 20.79 -2.63 -18.31
C GLN A 135 20.00 -1.47 -17.77
N VAL A 136 18.76 -1.75 -17.33
CA VAL A 136 17.91 -0.73 -16.78
C VAL A 136 18.01 -0.87 -15.30
N ASN A 137 18.52 0.19 -14.64
CA ASN A 137 18.69 0.19 -13.20
C ASN A 137 17.44 0.74 -12.60
N TYR A 138 17.32 0.66 -11.25
CA TYR A 138 16.13 1.12 -10.57
C TYR A 138 15.94 2.61 -10.78
N GLU A 139 17.02 3.41 -10.84
CA GLU A 139 16.88 4.83 -11.03
C GLU A 139 16.42 5.10 -12.45
N GLU A 140 16.86 4.27 -13.40
CA GLU A 140 16.51 4.44 -14.79
C GLU A 140 15.05 4.09 -14.95
N PHE A 141 14.60 3.06 -14.19
CA PHE A 141 13.21 2.63 -14.23
C PHE A 141 12.32 3.78 -13.82
N VAL A 142 12.70 4.48 -12.72
CA VAL A 142 11.90 5.59 -12.24
C VAL A 142 11.80 6.62 -13.33
N GLN A 143 12.93 6.91 -14.02
CA GLN A 143 12.93 7.90 -15.06
C GLN A 143 11.99 7.45 -16.17
N MET A 144 11.98 6.15 -16.49
CA MET A 144 11.14 5.61 -17.53
C MET A 144 9.69 5.82 -17.20
N MET A 145 9.30 5.62 -15.93
CA MET A 145 7.91 5.74 -15.56
C MET A 145 7.54 7.18 -15.31
N THR A 146 8.52 8.11 -15.33
CA THR A 146 8.19 9.51 -15.12
C THR A 146 8.00 10.12 -16.48
N ALA A 147 8.02 9.26 -17.52
CA ALA A 147 7.85 9.71 -18.87
C ALA A 147 6.45 10.23 -19.03
N LYS A 148 6.29 11.35 -19.77
CA LYS A 148 4.99 11.92 -19.97
C LYS A 148 4.51 11.53 -21.37
N ALA B 1 0.14 -6.94 -5.06
CA ALA B 1 -1.28 -6.59 -5.26
C ALA B 1 -1.44 -5.13 -5.60
N LEU B 2 -1.44 -4.82 -6.91
CA LEU B 2 -1.59 -3.45 -7.33
C LEU B 2 -3.02 -3.26 -7.72
N SER B 3 -3.55 -2.04 -7.49
CA SER B 3 -4.91 -1.74 -7.84
C SER B 3 -5.03 -1.71 -9.33
N LYS B 4 -6.23 -2.03 -9.85
CA LYS B 4 -6.44 -2.06 -11.28
C LYS B 4 -6.21 -0.69 -11.87
N ASP B 5 -6.70 0.37 -11.18
CA ASP B 5 -6.53 1.72 -11.68
C ASP B 5 -5.05 2.05 -11.74
N LYS B 6 -4.28 1.63 -10.72
CA LYS B 6 -2.86 1.90 -10.69
C LYS B 6 -2.19 1.16 -11.81
N GLU B 7 -2.62 -0.10 -12.06
CA GLU B 7 -2.03 -0.90 -13.11
C GLU B 7 -2.29 -0.24 -14.44
N GLU B 8 -3.52 0.28 -14.65
CA GLU B 8 -3.85 0.92 -15.90
C GLU B 8 -2.99 2.14 -16.10
N GLU B 9 -2.73 2.91 -15.02
CA GLU B 9 -1.93 4.10 -15.15
C GLU B 9 -0.53 3.72 -15.60
N ILE B 10 0.01 2.65 -14.99
CA ILE B 10 1.35 2.19 -15.32
C ILE B 10 1.39 1.77 -16.77
N ARG B 11 0.39 0.99 -17.22
CA ARG B 11 0.34 0.51 -18.58
C ARG B 11 0.20 1.67 -19.55
N LYS B 12 -0.62 2.68 -19.20
CA LYS B 12 -0.83 3.81 -20.09
C LYS B 12 0.44 4.57 -20.32
N ILE B 13 1.29 4.74 -19.27
CA ILE B 13 2.51 5.50 -19.45
C ILE B 13 3.39 4.81 -20.46
N LEU B 14 3.60 3.49 -20.33
CA LEU B 14 4.45 2.79 -21.26
C LEU B 14 3.81 2.78 -22.62
N ARG B 15 2.47 2.62 -22.67
CA ARG B 15 1.77 2.61 -23.94
C ARG B 15 1.96 3.95 -24.62
N ASN B 16 1.91 5.05 -23.84
CA ASN B 16 2.06 6.38 -24.39
C ASN B 16 3.40 6.54 -25.06
N ASN B 17 4.51 6.09 -24.42
CA ASN B 17 5.81 6.24 -25.07
C ASN B 17 5.94 5.20 -26.15
N LEU B 18 5.27 4.04 -26.01
CA LEU B 18 5.35 2.99 -27.00
C LEU B 18 4.79 3.50 -28.30
N GLN B 19 3.63 4.19 -28.26
CA GLN B 19 3.02 4.70 -29.47
C GLN B 19 3.91 5.72 -30.10
N LYS B 20 4.54 6.60 -29.28
CA LYS B 20 5.40 7.62 -29.82
C LYS B 20 6.61 6.97 -30.46
N THR B 21 7.14 5.92 -29.80
CA THR B 21 8.31 5.23 -30.31
C THR B 21 7.97 4.57 -31.62
N ARG B 22 6.78 3.94 -31.70
CA ARG B 22 6.38 3.26 -32.91
C ARG B 22 6.28 4.25 -34.04
N GLN B 23 5.67 5.44 -33.78
CA GLN B 23 5.52 6.43 -34.81
C GLN B 23 6.88 6.91 -35.26
N ARG B 24 7.79 7.17 -34.31
CA ARG B 24 9.12 7.64 -34.67
C ARG B 24 9.88 6.56 -35.40
N LEU B 25 9.72 5.30 -34.98
CA LEU B 25 10.44 4.20 -35.62
C LEU B 25 9.97 4.09 -37.05
N ARG B 26 8.66 4.17 -37.30
CA ARG B 26 8.13 4.07 -38.65
C ARG B 26 8.62 5.25 -39.45
N SER B 27 8.64 6.44 -38.81
CA SER B 27 9.08 7.66 -39.45
C SER B 27 10.54 7.56 -39.82
N TYR B 28 11.31 6.74 -39.06
CA TYR B 28 12.73 6.62 -39.30
C TYR B 28 12.95 5.84 -40.57
N ASN B 29 12.05 4.89 -40.89
CA ASN B 29 12.20 4.10 -42.10
C ASN B 29 12.14 5.02 -43.29
N ARG B 30 11.25 6.04 -43.26
CA ARG B 30 11.12 6.95 -44.37
C ARG B 30 12.22 7.97 -44.33
N HIS B 31 12.99 8.02 -43.22
CA HIS B 31 14.07 8.99 -43.11
C HIS B 31 15.36 8.29 -43.42
N THR B 32 15.27 7.05 -43.94
CA THR B 32 16.47 6.31 -44.26
C THR B 32 16.59 6.31 -45.76
N LEU B 33 17.76 6.74 -46.27
CA LEU B 33 17.97 6.79 -47.69
C LEU B 33 18.93 5.68 -48.03
N VAL B 34 18.62 4.94 -49.11
CA VAL B 34 19.47 3.85 -49.52
C VAL B 34 20.09 4.21 -50.84
N ALA B 35 19.83 5.46 -51.31
CA ALA B 35 20.37 5.92 -52.57
C ALA B 35 19.73 5.13 -53.68
N ASP B 36 20.55 4.61 -54.61
CA ASP B 36 20.02 3.84 -55.71
C ASP B 36 20.28 2.35 -55.41
N ALA C 1 8.86 -11.70 27.40
CA ALA C 1 9.47 -10.59 28.19
C ALA C 1 8.71 -9.31 27.98
N LEU C 2 7.39 -9.35 28.23
CA LEU C 2 6.57 -8.16 28.05
C LEU C 2 6.28 -7.65 29.43
N SER C 3 6.56 -6.35 29.66
CA SER C 3 6.34 -5.76 30.97
C SER C 3 4.86 -5.62 31.22
N LYS C 4 4.49 -5.69 32.52
CA LYS C 4 3.11 -5.56 32.93
C LYS C 4 2.61 -4.18 32.60
N ASP C 5 3.53 -3.19 32.56
CA ASP C 5 3.17 -1.81 32.27
C ASP C 5 2.47 -1.76 30.93
N LYS C 6 2.85 -2.65 29.97
CA LYS C 6 2.23 -2.65 28.68
C LYS C 6 0.75 -2.92 28.82
N GLU C 7 0.38 -3.86 29.72
CA GLU C 7 -1.01 -4.20 29.93
C GLU C 7 -1.73 -2.98 30.48
N GLU C 8 -1.07 -2.25 31.40
CA GLU C 8 -1.67 -1.08 31.99
C GLU C 8 -1.88 -0.03 30.93
N GLU C 9 -0.91 0.07 29.98
CA GLU C 9 -0.99 1.03 28.91
C GLU C 9 -2.19 0.77 28.03
N ILE C 10 -2.64 -0.51 27.92
CA ILE C 10 -3.78 -0.81 27.07
C ILE C 10 -4.96 -0.01 27.54
N ARG C 11 -5.11 0.18 28.87
CA ARG C 11 -6.22 0.94 29.38
C ARG C 11 -6.17 2.33 28.80
N LYS C 12 -4.98 2.95 28.80
CA LYS C 12 -4.81 4.29 28.26
C LYS C 12 -5.08 4.25 26.78
N ILE C 13 -4.59 3.19 26.08
CA ILE C 13 -4.75 3.08 24.65
C ILE C 13 -6.22 3.00 24.33
N LEU C 14 -6.99 2.19 25.09
CA LEU C 14 -8.40 2.08 24.85
C LEU C 14 -9.13 3.32 25.27
N ARG C 15 -8.77 3.96 26.40
CA ARG C 15 -9.49 5.15 26.80
C ARG C 15 -9.33 6.23 25.78
N ASN C 16 -8.13 6.39 25.19
CA ASN C 16 -7.94 7.43 24.20
C ASN C 16 -8.82 7.15 23.01
N ASN C 17 -8.84 5.87 22.55
CA ASN C 17 -9.65 5.50 21.41
C ASN C 17 -11.11 5.60 21.77
N LEU C 18 -11.45 5.21 23.02
CA LEU C 18 -12.82 5.20 23.48
C LEU C 18 -13.37 6.61 23.47
N GLN C 19 -12.56 7.60 23.89
CA GLN C 19 -13.04 8.97 23.94
C GLN C 19 -13.38 9.46 22.56
N LYS C 20 -12.58 9.09 21.54
CA LYS C 20 -12.86 9.52 20.19
C LYS C 20 -14.18 8.96 19.75
N THR C 21 -14.44 7.68 20.11
CA THR C 21 -15.67 7.03 19.74
C THR C 21 -16.82 7.68 20.48
N ARG C 22 -16.62 8.02 21.77
CA ARG C 22 -17.66 8.63 22.57
C ARG C 22 -18.06 9.94 21.95
N GLN C 23 -17.08 10.76 21.52
CA GLN C 23 -17.40 12.04 20.92
C GLN C 23 -18.14 11.82 19.63
N ARG C 24 -17.74 10.79 18.85
CA ARG C 24 -18.39 10.52 17.59
C ARG C 24 -19.83 10.15 17.85
N LEU C 25 -20.08 9.31 18.89
CA LEU C 25 -21.43 8.89 19.20
C LEU C 25 -22.25 10.07 19.65
N ARG C 26 -21.65 11.00 20.43
CA ARG C 26 -22.37 12.15 20.91
C ARG C 26 -22.71 13.07 19.76
N SER C 27 -21.91 13.03 18.68
CA SER C 27 -22.15 13.88 17.53
C SER C 27 -23.49 13.55 16.92
N TYR C 28 -23.85 12.25 16.89
CA TYR C 28 -25.11 11.87 16.28
C TYR C 28 -26.18 11.77 17.34
N ASN C 29 -25.87 12.19 18.59
CA ASN C 29 -26.85 12.14 19.66
C ASN C 29 -27.97 13.08 19.33
N ARG C 30 -27.65 14.20 18.67
CA ARG C 30 -28.63 15.20 18.31
C ARG C 30 -29.68 14.59 17.41
N HIS C 31 -29.28 13.67 16.52
CA HIS C 31 -30.22 13.06 15.60
C HIS C 31 -30.71 11.75 16.16
N THR C 32 -30.44 11.48 17.45
CA THR C 32 -30.87 10.24 18.05
C THR C 32 -31.93 10.58 19.06
N LEU C 33 -33.10 9.91 18.96
CA LEU C 33 -34.17 10.17 19.88
C LEU C 33 -34.25 9.00 20.81
N VAL C 34 -34.34 9.26 22.13
CA VAL C 34 -34.42 8.20 23.09
C VAL C 34 -35.22 8.71 24.25
N ALA C 35 -36.04 7.81 24.85
CA ALA C 35 -36.86 8.17 25.99
C ALA C 35 -37.92 9.14 25.53
N ASP C 36 -37.75 10.43 25.88
CA ASP C 36 -38.72 11.43 25.49
C ASP C 36 -37.94 12.61 24.90
N ALA A 1 -18.65 -12.21 2.03
CA ALA A 1 -17.24 -12.24 2.50
C ALA A 1 -17.15 -12.72 3.92
N ASP A 2 -18.00 -13.70 4.29
CA ASP A 2 -18.01 -14.23 5.62
C ASP A 2 -16.70 -14.94 5.86
N GLN A 3 -16.22 -15.68 4.85
CA GLN A 3 -14.97 -16.40 4.99
C GLN A 3 -13.88 -15.51 4.48
N LEU A 4 -12.86 -15.28 5.33
CA LEU A 4 -11.75 -14.44 4.95
C LEU A 4 -10.81 -15.25 4.10
N THR A 5 -10.14 -14.56 3.16
CA THR A 5 -9.18 -15.21 2.30
C THR A 5 -7.93 -15.36 3.12
N GLU A 6 -7.07 -16.35 2.78
CA GLU A 6 -5.85 -16.59 3.52
C GLU A 6 -4.97 -15.36 3.44
N GLU A 7 -4.93 -14.70 2.27
CA GLU A 7 -4.11 -13.52 2.10
C GLU A 7 -4.61 -12.43 3.03
N GLN A 8 -5.94 -12.29 3.17
CA GLN A 8 -6.49 -11.26 4.02
C GLN A 8 -6.14 -11.57 5.45
N ILE A 9 -6.21 -12.87 5.83
CA ILE A 9 -5.89 -13.25 7.20
C ILE A 9 -4.44 -12.96 7.48
N ALA A 10 -3.54 -13.22 6.51
CA ALA A 10 -2.14 -12.95 6.72
C ALA A 10 -1.94 -11.49 6.98
N GLU A 11 -2.65 -10.61 6.23
CA GLU A 11 -2.54 -9.18 6.44
C GLU A 11 -3.11 -8.84 7.79
N PHE A 12 -4.20 -9.52 8.19
CA PHE A 12 -4.81 -9.28 9.48
C PHE A 12 -3.83 -9.56 10.57
N LYS A 13 -3.08 -10.67 10.45
CA LYS A 13 -2.13 -11.01 11.48
C LYS A 13 -1.07 -9.96 11.57
N GLU A 14 -0.65 -9.42 10.40
CA GLU A 14 0.36 -8.40 10.37
C GLU A 14 -0.15 -7.18 11.08
N ALA A 15 -1.46 -6.83 10.90
CA ALA A 15 -2.02 -5.67 11.55
C ALA A 15 -2.00 -5.85 13.04
N PHE A 16 -2.27 -7.07 13.55
CA PHE A 16 -2.27 -7.28 14.98
C PHE A 16 -0.87 -7.11 15.46
N SER A 17 0.09 -7.57 14.64
CA SER A 17 1.50 -7.46 14.97
C SER A 17 1.89 -6.01 15.03
N LEU A 18 1.17 -5.13 14.30
CA LEU A 18 1.46 -3.72 14.31
C LEU A 18 1.23 -3.18 15.69
N PHE A 19 0.15 -3.64 16.36
CA PHE A 19 -0.15 -3.18 17.68
C PHE A 19 0.68 -3.97 18.66
N ASP A 20 0.85 -5.28 18.40
CA ASP A 20 1.61 -6.12 19.29
C ASP A 20 3.06 -6.04 18.93
N LYS A 21 3.67 -4.86 19.17
CA LYS A 21 5.07 -4.64 18.85
C LYS A 21 5.94 -5.52 19.72
N ASP A 22 5.55 -5.76 20.99
CA ASP A 22 6.39 -6.54 21.86
C ASP A 22 6.24 -8.02 21.57
N GLY A 23 5.24 -8.40 20.75
CA GLY A 23 5.07 -9.78 20.37
C GLY A 23 4.76 -10.64 21.56
N ASP A 24 4.07 -10.11 22.61
CA ASP A 24 3.77 -10.94 23.76
C ASP A 24 2.49 -11.68 23.52
N GLY A 25 1.84 -11.48 22.35
CA GLY A 25 0.63 -12.20 22.02
C GLY A 25 -0.58 -11.49 22.52
N THR A 26 -0.42 -10.44 23.35
CA THR A 26 -1.59 -9.75 23.87
C THR A 26 -1.43 -8.28 23.68
N ILE A 27 -2.59 -7.57 23.66
CA ILE A 27 -2.59 -6.13 23.52
C ILE A 27 -3.32 -5.60 24.72
N THR A 28 -2.66 -4.70 25.49
CA THR A 28 -3.23 -4.14 26.69
C THR A 28 -3.34 -2.65 26.51
N THR A 29 -3.89 -1.96 27.55
CA THR A 29 -4.08 -0.52 27.49
C THR A 29 -2.75 0.17 27.33
N LYS A 30 -1.72 -0.25 28.10
CA LYS A 30 -0.43 0.38 28.02
C LYS A 30 0.15 0.16 26.65
N GLU A 31 0.03 -1.07 26.12
CA GLU A 31 0.57 -1.38 24.82
C GLU A 31 -0.19 -0.60 23.76
N LEU A 32 -1.53 -0.53 23.90
CA LEU A 32 -2.35 0.18 22.94
C LEU A 32 -2.01 1.64 22.99
N GLY A 33 -1.81 2.20 24.21
CA GLY A 33 -1.48 3.60 24.36
C GLY A 33 -0.18 3.88 23.66
N THR A 34 0.79 2.95 23.74
CA THR A 34 2.07 3.14 23.10
C THR A 34 1.87 3.24 21.62
N VAL A 35 0.98 2.37 21.06
CA VAL A 35 0.71 2.39 19.64
C VAL A 35 0.08 3.71 19.29
N MET A 36 -0.87 4.19 20.12
CA MET A 36 -1.52 5.46 19.84
C MET A 36 -0.51 6.58 19.87
N ARG A 37 0.41 6.57 20.85
CA ARG A 37 1.41 7.61 20.95
C ARG A 37 2.28 7.58 19.72
N SER A 38 2.61 6.36 19.23
CA SER A 38 3.45 6.22 18.07
C SER A 38 2.76 6.84 16.87
N LEU A 39 1.41 6.75 16.83
CA LEU A 39 0.67 7.30 15.72
C LEU A 39 0.44 8.78 15.93
N GLY A 40 0.90 9.33 17.07
CA GLY A 40 0.74 10.75 17.33
C GLY A 40 -0.63 11.02 17.88
N GLN A 41 -1.32 10.00 18.41
CA GLN A 41 -2.63 10.19 18.97
C GLN A 41 -2.47 10.18 20.47
N ASN A 42 -3.30 10.98 21.19
CA ASN A 42 -3.18 11.02 22.62
C ASN A 42 -4.58 10.92 23.22
N PRO A 43 -5.09 9.72 23.27
CA PRO A 43 -6.40 9.47 23.84
C PRO A 43 -6.36 9.39 25.34
N THR A 44 -7.53 9.49 26.00
CA THR A 44 -7.56 9.43 27.45
C THR A 44 -7.39 7.97 27.83
N GLU A 45 -6.82 7.72 29.03
CA GLU A 45 -6.59 6.37 29.48
C GLU A 45 -7.91 5.68 29.71
N ALA A 46 -8.91 6.42 30.26
CA ALA A 46 -10.20 5.85 30.53
C ALA A 46 -10.84 5.40 29.24
N GLU A 47 -10.67 6.20 28.17
CA GLU A 47 -11.25 5.86 26.89
C GLU A 47 -10.63 4.59 26.37
N LEU A 48 -9.30 4.43 26.55
CA LEU A 48 -8.63 3.24 26.06
C LEU A 48 -9.12 2.04 26.80
N GLN A 49 -9.33 2.17 28.13
CA GLN A 49 -9.80 1.05 28.93
C GLN A 49 -11.19 0.68 28.49
N ASP A 50 -12.02 1.70 28.18
CA ASP A 50 -13.38 1.46 27.76
C ASP A 50 -13.36 0.72 26.44
N MET A 51 -12.44 1.08 25.53
CA MET A 51 -12.39 0.43 24.23
C MET A 51 -12.12 -1.04 24.41
N ILE A 52 -11.19 -1.39 25.33
CA ILE A 52 -10.87 -2.77 25.56
C ILE A 52 -12.07 -3.49 26.10
N ASN A 53 -12.77 -2.90 27.09
CA ASN A 53 -13.91 -3.54 27.69
C ASN A 53 -15.01 -3.76 26.68
N GLU A 54 -15.28 -2.75 25.82
CA GLU A 54 -16.36 -2.87 24.84
C GLU A 54 -16.11 -3.98 23.87
N VAL A 55 -14.84 -4.17 23.43
CA VAL A 55 -14.57 -5.19 22.44
C VAL A 55 -14.02 -6.43 23.09
N ASP A 56 -14.17 -6.56 24.43
CA ASP A 56 -13.64 -7.72 25.09
C ASP A 56 -14.71 -8.78 25.07
N ALA A 57 -14.84 -9.46 23.91
CA ALA A 57 -15.86 -10.49 23.73
C ALA A 57 -15.64 -11.64 24.68
N ASP A 58 -14.37 -12.04 24.91
CA ASP A 58 -14.11 -13.18 25.76
C ASP A 58 -14.13 -12.76 27.21
N GLY A 59 -14.04 -11.45 27.48
CA GLY A 59 -14.09 -10.96 28.84
C GLY A 59 -12.88 -11.41 29.60
N ASN A 60 -11.72 -11.59 28.92
CA ASN A 60 -10.53 -12.04 29.61
C ASN A 60 -9.76 -10.84 30.10
N GLY A 61 -10.32 -9.62 29.88
CA GLY A 61 -9.67 -8.41 30.35
C GLY A 61 -8.75 -7.86 29.30
N THR A 62 -8.54 -8.60 28.18
CA THR A 62 -7.63 -8.11 27.16
C THR A 62 -8.21 -8.33 25.79
N ILE A 63 -7.57 -7.71 24.78
CA ILE A 63 -8.02 -7.86 23.42
C ILE A 63 -7.02 -8.78 22.78
N ASP A 64 -7.49 -9.95 22.32
CA ASP A 64 -6.63 -10.90 21.68
C ASP A 64 -6.69 -10.67 20.20
N PHE A 65 -5.88 -11.44 19.44
CA PHE A 65 -5.82 -11.30 18.01
C PHE A 65 -7.18 -11.52 17.37
N PRO A 66 -7.89 -12.60 17.68
CA PRO A 66 -9.21 -12.81 17.08
C PRO A 66 -10.21 -11.75 17.44
N GLU A 67 -10.07 -11.12 18.63
CA GLU A 67 -10.97 -10.07 19.03
C GLU A 67 -10.76 -8.89 18.12
N PHE A 68 -9.48 -8.61 17.77
CA PHE A 68 -9.18 -7.51 16.88
C PHE A 68 -9.65 -7.85 15.49
N LEU A 69 -9.55 -9.14 15.11
CA LEU A 69 -9.95 -9.56 13.78
C LEU A 69 -11.41 -9.25 13.57
N THR A 70 -12.27 -9.52 14.58
CA THR A 70 -13.68 -9.25 14.44
C THR A 70 -13.90 -7.75 14.37
N MET A 71 -13.21 -6.99 15.24
CA MET A 71 -13.39 -5.54 15.28
C MET A 71 -12.98 -4.91 13.97
N MET A 72 -11.83 -5.34 13.41
CA MET A 72 -11.33 -4.76 12.19
C MET A 72 -11.98 -5.40 10.99
N ALA A 73 -12.93 -6.34 11.19
CA ALA A 73 -13.58 -7.00 10.08
C ALA A 73 -14.67 -6.11 9.54
N ARG A 74 -14.87 -4.93 10.18
CA ARG A 74 -15.90 -4.01 9.74
C ARG A 74 -15.56 -3.51 8.36
N LYS A 75 -14.25 -3.26 8.09
CA LYS A 75 -13.87 -2.75 6.79
C LYS A 75 -13.52 -3.93 5.92
N MET A 76 -14.27 -4.07 4.79
CA MET A 76 -14.03 -5.15 3.87
C MET A 76 -14.04 -4.59 2.49
N LYS A 77 -13.33 -5.24 1.54
CA LYS A 77 -13.30 -4.78 0.19
C LYS A 77 -13.11 -5.99 -0.68
N ASP A 78 -13.51 -5.87 -1.97
CA ASP A 78 -13.38 -6.97 -2.89
C ASP A 78 -12.47 -6.54 -4.00
N THR A 79 -11.64 -7.48 -4.49
CA THR A 79 -10.72 -7.17 -5.57
C THR A 79 -10.87 -8.25 -6.60
N ASP A 80 -10.45 -7.98 -7.85
CA ASP A 80 -10.58 -8.98 -8.88
C ASP A 80 -9.69 -8.59 -10.04
N SER A 81 -9.98 -7.45 -10.69
CA SER A 81 -9.21 -7.00 -11.83
C SER A 81 -7.84 -6.60 -11.38
N GLU A 82 -7.69 -6.23 -10.10
CA GLU A 82 -6.42 -5.81 -9.56
C GLU A 82 -5.46 -6.96 -9.60
N GLU A 83 -5.95 -8.21 -9.51
CA GLU A 83 -5.07 -9.37 -9.53
C GLU A 83 -4.35 -9.43 -10.86
N GLU A 84 -5.05 -9.16 -11.97
CA GLU A 84 -4.43 -9.20 -13.28
C GLU A 84 -3.39 -8.12 -13.37
N ILE A 85 -3.71 -6.92 -12.84
CA ILE A 85 -2.79 -5.80 -12.88
C ILE A 85 -1.57 -6.17 -12.06
N ARG A 86 -1.80 -6.76 -10.87
CA ARG A 86 -0.71 -7.14 -9.98
C ARG A 86 0.18 -8.13 -10.66
N GLU A 87 -0.40 -9.06 -11.45
CA GLU A 87 0.37 -10.07 -12.12
C GLU A 87 1.34 -9.41 -13.09
N ALA A 88 0.89 -8.33 -13.78
CA ALA A 88 1.77 -7.63 -14.71
C ALA A 88 2.94 -7.07 -13.96
N PHE A 89 2.70 -6.53 -12.74
CA PHE A 89 3.77 -5.97 -11.95
C PHE A 89 4.73 -7.06 -11.57
N ARG A 90 4.22 -8.27 -11.27
CA ARG A 90 5.10 -9.37 -10.89
C ARG A 90 6.03 -9.68 -12.04
N VAL A 91 5.49 -9.69 -13.29
CA VAL A 91 6.29 -10.00 -14.45
C VAL A 91 7.36 -8.94 -14.64
N PHE A 92 6.96 -7.65 -14.56
CA PHE A 92 7.91 -6.57 -14.74
C PHE A 92 8.88 -6.51 -13.59
N ASP A 93 8.39 -6.75 -12.36
CA ASP A 93 9.23 -6.68 -11.20
C ASP A 93 9.92 -8.01 -11.03
N LYS A 94 10.95 -8.24 -11.87
CA LYS A 94 11.69 -9.49 -11.85
C LYS A 94 12.38 -9.70 -10.53
N ASP A 95 12.98 -8.64 -9.93
CA ASP A 95 13.71 -8.82 -8.69
C ASP A 95 12.75 -8.92 -7.52
N GLY A 96 11.46 -8.59 -7.71
CA GLY A 96 10.50 -8.72 -6.63
C GLY A 96 10.79 -7.73 -5.52
N ASN A 97 11.38 -6.56 -5.83
CA ASN A 97 11.67 -5.60 -4.78
C ASN A 97 10.49 -4.67 -4.60
N GLY A 98 9.39 -4.90 -5.36
CA GLY A 98 8.20 -4.10 -5.23
C GLY A 98 8.33 -2.83 -6.03
N TYR A 99 9.47 -2.61 -6.71
CA TYR A 99 9.62 -1.40 -7.48
C TYR A 99 10.29 -1.72 -8.78
N ILE A 100 10.16 -0.79 -9.76
CA ILE A 100 10.75 -0.98 -11.05
C ILE A 100 11.92 -0.04 -11.13
N SER A 101 13.12 -0.59 -11.40
CA SER A 101 14.31 0.22 -11.49
C SER A 101 14.72 0.28 -12.93
N ALA A 102 15.73 1.12 -13.24
CA ALA A 102 16.21 1.28 -14.59
C ALA A 102 16.75 -0.01 -15.11
N ALA A 103 17.47 -0.77 -14.24
CA ALA A 103 18.04 -2.03 -14.67
C ALA A 103 16.94 -2.98 -15.07
N GLU A 104 15.82 -2.98 -14.31
CA GLU A 104 14.73 -3.87 -14.61
C GLU A 104 14.07 -3.44 -15.90
N LEU A 105 13.93 -2.11 -16.11
CA LEU A 105 13.32 -1.59 -17.31
C LEU A 105 14.20 -1.94 -18.50
N ARG A 106 15.53 -1.85 -18.31
CA ARG A 106 16.48 -2.15 -19.36
C ARG A 106 16.29 -3.58 -19.80
N HIS A 107 16.03 -4.50 -18.85
CA HIS A 107 15.83 -5.89 -19.18
C HIS A 107 14.65 -6.02 -20.11
N VAL A 108 13.55 -5.28 -19.82
CA VAL A 108 12.36 -5.35 -20.65
C VAL A 108 12.71 -4.86 -22.03
N MET A 109 13.46 -3.74 -22.14
CA MET A 109 13.83 -3.19 -23.42
C MET A 109 14.74 -4.14 -24.14
N THR A 110 15.59 -4.87 -23.40
CA THR A 110 16.51 -5.82 -24.01
C THR A 110 15.71 -6.90 -24.68
N ASN A 111 14.60 -7.33 -24.03
CA ASN A 111 13.77 -8.38 -24.58
C ASN A 111 13.11 -7.90 -25.86
N LEU A 112 13.11 -6.57 -26.13
CA LEU A 112 12.49 -6.07 -27.33
C LEU A 112 13.47 -6.24 -28.48
N GLY A 113 14.73 -6.64 -28.17
CA GLY A 113 15.70 -6.84 -29.21
C GLY A 113 16.30 -5.52 -29.58
N GLU A 114 16.19 -4.52 -28.68
CA GLU A 114 16.74 -3.22 -28.95
C GLU A 114 17.63 -2.87 -27.81
N LYS A 115 18.71 -2.10 -28.08
CA LYS A 115 19.62 -1.72 -27.06
C LYS A 115 19.44 -0.25 -26.83
N LEU A 116 19.43 0.16 -25.53
CA LEU A 116 19.26 1.54 -25.19
C LEU A 116 20.41 1.93 -24.32
N THR A 117 20.86 3.20 -24.43
CA THR A 117 21.95 3.67 -23.62
C THR A 117 21.38 4.05 -22.27
N ASP A 118 22.26 4.25 -21.27
CA ASP A 118 21.82 4.59 -19.95
C ASP A 118 21.07 5.89 -19.95
N GLU A 119 21.51 6.89 -20.74
CA GLU A 119 20.83 8.17 -20.75
C GLU A 119 19.47 8.04 -21.37
N GLU A 120 19.31 7.15 -22.38
CA GLU A 120 18.01 6.99 -23.01
C GLU A 120 17.06 6.35 -22.04
N VAL A 121 17.53 5.35 -21.27
CA VAL A 121 16.67 4.67 -20.33
C VAL A 121 16.33 5.62 -19.21
N ASP A 122 17.33 6.37 -18.71
CA ASP A 122 17.11 7.28 -17.61
C ASP A 122 16.13 8.35 -17.99
N GLU A 123 16.24 8.91 -19.22
CA GLU A 123 15.34 9.95 -19.64
C GLU A 123 13.94 9.40 -19.80
N MET A 124 13.82 8.15 -20.31
CA MET A 124 12.51 7.56 -20.50
C MET A 124 11.83 7.45 -19.16
N ILE A 125 12.58 6.94 -18.15
CA ILE A 125 12.05 6.77 -16.83
C ILE A 125 11.74 8.12 -16.23
N ARG A 126 12.62 9.11 -16.48
CA ARG A 126 12.42 10.45 -15.94
C ARG A 126 11.12 11.02 -16.45
N GLU A 127 10.81 10.82 -17.75
CA GLU A 127 9.58 11.35 -18.31
C GLU A 127 8.39 10.70 -17.64
N ALA A 128 8.48 9.39 -17.36
CA ALA A 128 7.36 8.70 -16.73
C ALA A 128 7.44 8.86 -15.24
N ASP A 129 8.47 9.57 -14.74
CA ASP A 129 8.62 9.76 -13.32
C ASP A 129 7.81 10.97 -12.94
N ILE A 130 6.49 10.75 -12.73
CA ILE A 130 5.57 11.81 -12.40
C ILE A 130 5.93 12.44 -11.08
N ASP A 131 6.21 11.61 -10.05
CA ASP A 131 6.54 12.16 -8.75
C ASP A 131 7.94 12.71 -8.73
N GLY A 132 8.79 12.30 -9.69
CA GLY A 132 10.14 12.82 -9.74
C GLY A 132 10.94 12.28 -8.58
N ASP A 133 10.60 11.06 -8.09
CA ASP A 133 11.32 10.50 -6.97
C ASP A 133 12.47 9.64 -7.45
N GLY A 134 12.75 9.63 -8.77
CA GLY A 134 13.87 8.87 -9.28
C GLY A 134 13.48 7.43 -9.51
N GLN A 135 12.20 7.07 -9.32
CA GLN A 135 11.80 5.70 -9.52
C GLN A 135 10.38 5.65 -9.99
N VAL A 136 9.97 4.46 -10.50
CA VAL A 136 8.63 4.27 -10.98
C VAL A 136 7.91 3.41 -9.98
N ASN A 137 6.83 3.97 -9.40
CA ASN A 137 6.05 3.25 -8.41
C ASN A 137 4.85 2.66 -9.10
N TYR A 138 3.97 2.01 -8.29
CA TYR A 138 2.79 1.37 -8.84
C TYR A 138 1.89 2.37 -9.51
N GLU A 139 1.68 3.54 -8.88
CA GLU A 139 0.80 4.54 -9.46
C GLU A 139 1.36 5.04 -10.77
N GLU A 140 2.70 5.22 -10.81
CA GLU A 140 3.34 5.73 -12.01
C GLU A 140 3.25 4.69 -13.11
N PHE A 141 3.43 3.41 -12.77
CA PHE A 141 3.37 2.35 -13.76
C PHE A 141 1.96 2.23 -14.28
N VAL A 142 0.95 2.39 -13.40
CA VAL A 142 -0.42 2.29 -13.83
C VAL A 142 -0.68 3.38 -14.84
N GLN A 143 -0.16 4.61 -14.58
CA GLN A 143 -0.36 5.71 -15.50
C GLN A 143 0.31 5.37 -16.83
N MET A 144 1.48 4.72 -16.77
CA MET A 144 2.22 4.34 -17.96
C MET A 144 1.36 3.41 -18.81
N MET A 145 0.72 2.42 -18.17
CA MET A 145 -0.10 1.47 -18.89
C MET A 145 -1.37 2.11 -19.39
N THR A 146 -1.84 3.20 -18.74
CA THR A 146 -3.06 3.83 -19.19
C THR A 146 -2.70 4.97 -20.12
N ALA A 147 -1.41 5.06 -20.50
CA ALA A 147 -0.97 6.11 -21.39
C ALA A 147 -1.57 5.87 -22.75
N LYS A 148 -2.00 6.97 -23.41
CA LYS A 148 -2.58 6.88 -24.73
C LYS A 148 -3.87 6.03 -24.65
N ALA B 1 1.47 -17.30 -18.64
CA ALA B 1 0.98 -16.38 -17.58
C ALA B 1 0.09 -15.32 -18.15
N LEU B 2 0.69 -14.39 -18.93
CA LEU B 2 -0.09 -13.32 -19.52
C LEU B 2 -0.27 -13.66 -20.97
N SER B 3 -1.41 -13.21 -21.54
CA SER B 3 -1.71 -13.47 -22.93
C SER B 3 -0.69 -12.73 -23.76
N LYS B 4 -0.27 -13.33 -24.89
CA LYS B 4 0.71 -12.71 -25.75
C LYS B 4 0.17 -11.41 -26.26
N ASP B 5 -1.14 -11.37 -26.63
CA ASP B 5 -1.72 -10.15 -27.14
C ASP B 5 -1.65 -9.07 -26.10
N LYS B 6 -1.91 -9.43 -24.82
CA LYS B 6 -1.86 -8.46 -23.74
C LYS B 6 -0.44 -7.97 -23.60
N GLU B 7 0.53 -8.90 -23.65
CA GLU B 7 1.93 -8.54 -23.50
C GLU B 7 2.34 -7.64 -24.64
N GLU B 8 1.89 -7.95 -25.86
CA GLU B 8 2.25 -7.15 -27.01
C GLU B 8 1.70 -5.76 -26.84
N GLU B 9 0.47 -5.62 -26.29
CA GLU B 9 -0.12 -4.31 -26.11
C GLU B 9 0.73 -3.52 -25.15
N ILE B 10 1.20 -4.17 -24.08
CA ILE B 10 2.03 -3.50 -23.09
C ILE B 10 3.32 -3.06 -23.75
N ARG B 11 3.92 -3.94 -24.57
CA ARG B 11 5.16 -3.62 -25.24
C ARG B 11 4.93 -2.48 -26.21
N LYS B 12 3.78 -2.47 -26.91
CA LYS B 12 3.50 -1.43 -27.88
C LYS B 12 3.47 -0.08 -27.21
N ILE B 13 2.93 0.01 -25.97
CA ILE B 13 2.88 1.28 -25.28
C ILE B 13 4.28 1.79 -25.09
N LEU B 14 5.19 0.93 -24.59
CA LEU B 14 6.56 1.35 -24.36
C LEU B 14 7.23 1.64 -25.67
N ARG B 15 6.92 0.83 -26.71
CA ARG B 15 7.53 1.02 -28.02
C ARG B 15 7.14 2.39 -28.54
N ASN B 16 5.89 2.81 -28.29
CA ASN B 16 5.41 4.09 -28.78
C ASN B 16 6.23 5.22 -28.21
N ASN B 17 6.47 5.22 -26.87
CA ASN B 17 7.25 6.29 -26.28
C ASN B 17 8.71 6.08 -26.58
N LEU B 18 9.14 4.82 -26.73
CA LEU B 18 10.53 4.52 -27.00
C LEU B 18 10.95 5.14 -28.31
N GLN B 19 10.11 5.03 -29.36
CA GLN B 19 10.47 5.57 -30.65
C GLN B 19 10.56 7.07 -30.56
N LYS B 20 9.62 7.72 -29.84
CA LYS B 20 9.65 9.15 -29.71
C LYS B 20 10.86 9.58 -28.93
N THR B 21 11.18 8.82 -27.85
CA THR B 21 12.32 9.13 -27.02
C THR B 21 13.58 8.98 -27.83
N ARG B 22 13.67 7.88 -28.61
CA ARG B 22 14.85 7.64 -29.42
C ARG B 22 15.03 8.74 -30.42
N GLN B 23 13.93 9.15 -31.10
CA GLN B 23 14.04 10.19 -32.11
C GLN B 23 14.48 11.48 -31.47
N ARG B 24 13.90 11.83 -30.29
CA ARG B 24 14.26 13.05 -29.62
C ARG B 24 15.71 13.00 -29.22
N LEU B 25 16.16 11.85 -28.66
CA LEU B 25 17.52 11.72 -28.20
C LEU B 25 18.48 11.82 -29.37
N ARG B 26 18.14 11.19 -30.51
CA ARG B 26 19.02 11.24 -31.68
C ARG B 26 19.10 12.65 -32.19
N SER B 27 17.97 13.39 -32.18
CA SER B 27 17.98 14.76 -32.69
C SER B 27 18.74 15.66 -31.74
N TYR B 28 18.90 15.24 -30.47
CA TYR B 28 19.60 16.06 -29.50
C TYR B 28 21.02 15.59 -29.40
N ASN B 29 21.40 14.58 -30.22
CA ASN B 29 22.74 14.05 -30.17
C ASN B 29 23.74 15.12 -30.55
N ARG B 30 23.41 15.94 -31.56
CA ARG B 30 24.32 16.98 -32.01
C ARG B 30 24.38 18.10 -31.00
N HIS B 31 23.44 18.13 -30.03
CA HIS B 31 23.44 19.20 -29.06
C HIS B 31 24.22 18.78 -27.85
N THR B 32 24.82 17.56 -27.88
CA THR B 32 25.59 17.10 -26.74
C THR B 32 26.97 17.68 -26.82
N LEU B 33 27.30 18.31 -27.97
CA LEU B 33 28.61 18.90 -28.13
C LEU B 33 28.60 20.28 -27.53
N VAL B 34 27.38 20.79 -27.19
CA VAL B 34 27.24 22.11 -26.60
C VAL B 34 27.71 23.13 -27.61
N ALA B 35 26.88 23.38 -28.64
CA ALA B 35 27.24 24.33 -29.65
C ALA B 35 25.98 24.93 -30.16
N ASP B 36 26.07 26.17 -30.69
CA ASP B 36 24.89 26.83 -31.21
C ASP B 36 25.36 27.78 -32.33
N ALA C 1 7.80 -5.34 9.64
CA ALA C 1 8.56 -4.76 8.50
C ALA C 1 7.62 -4.35 7.40
N LEU C 2 6.63 -3.49 7.74
CA LEU C 2 5.67 -3.03 6.76
C LEU C 2 6.03 -1.62 6.40
N SER C 3 5.52 -1.16 5.23
CA SER C 3 5.80 0.17 4.75
C SER C 3 5.14 1.17 5.65
N LYS C 4 5.62 2.45 5.57
CA LYS C 4 5.10 3.51 6.39
C LYS C 4 3.63 3.73 6.11
N ASP C 5 3.20 3.62 4.84
CA ASP C 5 1.81 3.83 4.51
C ASP C 5 0.94 2.83 5.24
N LYS C 6 1.47 1.61 5.51
CA LYS C 6 0.70 0.61 6.20
C LYS C 6 0.51 1.07 7.63
N GLU C 7 1.55 1.70 8.21
CA GLU C 7 1.48 2.19 9.57
C GLU C 7 0.47 3.32 9.61
N GLU C 8 0.44 4.16 8.56
CA GLU C 8 -0.49 5.27 8.49
C GLU C 8 -1.90 4.76 8.50
N GLU C 9 -2.13 3.58 7.86
CA GLU C 9 -3.45 2.98 7.81
C GLU C 9 -3.94 2.69 9.21
N ILE C 10 -3.03 2.38 10.16
CA ILE C 10 -3.44 2.07 11.52
C ILE C 10 -4.16 3.26 12.08
N ARG C 11 -3.70 4.49 11.76
CA ARG C 11 -4.35 5.66 12.29
C ARG C 11 -5.80 5.65 11.85
N LYS C 12 -6.04 5.32 10.57
CA LYS C 12 -7.41 5.27 10.07
C LYS C 12 -8.15 4.14 10.75
N ILE C 13 -7.47 3.00 10.99
CA ILE C 13 -8.12 1.86 11.61
C ILE C 13 -8.50 2.22 13.02
N LEU C 14 -7.60 2.90 13.76
CA LEU C 14 -7.91 3.29 15.12
C LEU C 14 -8.92 4.39 15.15
N ARG C 15 -8.83 5.38 14.24
CA ARG C 15 -9.78 6.47 14.27
C ARG C 15 -11.16 5.94 13.98
N ASN C 16 -11.28 5.00 13.03
CA ASN C 16 -12.58 4.45 12.70
C ASN C 16 -13.14 3.72 13.90
N ASN C 17 -12.29 2.93 14.59
CA ASN C 17 -12.74 2.18 15.75
C ASN C 17 -12.99 3.12 16.90
N LEU C 18 -12.13 4.15 17.03
CA LEU C 18 -12.24 5.10 18.11
C LEU C 18 -13.54 5.84 18.03
N GLN C 19 -13.95 6.28 16.81
CA GLN C 19 -15.17 7.05 16.66
C GLN C 19 -16.35 6.21 17.05
N LYS C 20 -16.34 4.91 16.68
CA LYS C 20 -17.45 4.04 17.00
C LYS C 20 -17.54 3.92 18.50
N THR C 21 -16.38 3.85 19.17
CA THR C 21 -16.33 3.73 20.62
C THR C 21 -16.86 4.99 21.23
N ARG C 22 -16.49 6.16 20.66
CA ARG C 22 -16.95 7.43 21.21
C ARG C 22 -18.44 7.52 21.13
N GLN C 23 -19.05 7.01 20.03
CA GLN C 23 -20.49 7.06 19.90
C GLN C 23 -21.10 6.21 20.98
N ARG C 24 -20.47 5.06 21.29
CA ARG C 24 -20.97 4.18 22.33
C ARG C 24 -20.94 4.91 23.65
N LEU C 25 -19.86 5.68 23.91
CA LEU C 25 -19.73 6.41 25.16
C LEU C 25 -20.83 7.42 25.28
N ARG C 26 -21.20 8.08 24.16
CA ARG C 26 -22.24 9.08 24.20
C ARG C 26 -23.56 8.45 24.60
N SER C 27 -23.83 7.21 24.13
CA SER C 27 -25.09 6.57 24.45
C SER C 27 -25.17 6.22 25.91
N TYR C 28 -24.01 6.10 26.60
CA TYR C 28 -24.03 5.76 28.01
C TYR C 28 -24.46 6.96 28.82
N ASN C 29 -24.34 8.18 28.24
CA ASN C 29 -24.72 9.37 28.96
C ASN C 29 -26.20 9.34 29.25
N ARG C 30 -27.02 8.83 28.29
CA ARG C 30 -28.44 8.78 28.50
C ARG C 30 -28.83 7.44 29.07
N HIS C 31 -27.85 6.54 29.27
CA HIS C 31 -28.15 5.23 29.82
C HIS C 31 -28.40 5.36 31.29
N THR C 32 -27.84 6.40 31.94
CA THR C 32 -28.03 6.57 33.36
C THR C 32 -28.94 7.74 33.58
N LEU C 33 -30.10 7.49 34.23
CA LEU C 33 -31.07 8.52 34.52
C LEU C 33 -31.61 9.06 33.22
N VAL C 34 -32.40 10.15 33.30
CA VAL C 34 -32.96 10.76 32.11
C VAL C 34 -31.81 11.32 31.31
N ALA C 35 -30.88 12.01 31.99
CA ALA C 35 -29.74 12.57 31.31
C ALA C 35 -28.67 12.75 32.34
N ASP C 36 -27.39 12.67 31.90
CA ASP C 36 -26.29 12.84 32.81
C ASP C 36 -25.64 14.19 32.50
N ALA A 1 -15.06 10.90 2.40
CA ALA A 1 -14.68 10.47 1.03
C ALA A 1 -13.58 11.33 0.48
N ASP A 2 -12.39 11.29 1.14
CA ASP A 2 -11.27 12.10 0.70
C ASP A 2 -10.41 11.26 -0.20
N GLN A 3 -10.80 9.97 -0.39
CA GLN A 3 -10.07 9.05 -1.24
C GLN A 3 -8.86 8.57 -0.49
N LEU A 4 -8.75 7.23 -0.32
CA LEU A 4 -7.63 6.66 0.36
C LEU A 4 -6.54 6.48 -0.64
N THR A 5 -5.30 6.92 -0.31
CA THR A 5 -4.20 6.77 -1.22
C THR A 5 -3.49 5.50 -0.88
N GLU A 6 -2.63 5.02 -1.81
CA GLU A 6 -1.90 3.79 -1.58
C GLU A 6 -0.96 3.97 -0.42
N GLU A 7 -0.33 5.17 -0.31
CA GLU A 7 0.59 5.42 0.77
C GLU A 7 -0.13 5.34 2.09
N GLN A 8 -1.34 5.91 2.17
CA GLN A 8 -2.11 5.88 3.40
C GLN A 8 -2.50 4.46 3.71
N ILE A 9 -2.88 3.68 2.67
CA ILE A 9 -3.27 2.30 2.89
C ILE A 9 -2.09 1.52 3.41
N ALA A 10 -0.88 1.77 2.86
CA ALA A 10 0.29 1.06 3.30
C ALA A 10 0.54 1.36 4.77
N GLU A 11 0.36 2.63 5.17
CA GLU A 11 0.55 3.00 6.56
C GLU A 11 -0.49 2.32 7.40
N PHE A 12 -1.74 2.23 6.88
CA PHE A 12 -2.81 1.60 7.61
C PHE A 12 -2.49 0.15 7.82
N LYS A 13 -1.93 -0.50 6.79
CA LYS A 13 -1.61 -1.90 6.90
C LYS A 13 -0.58 -2.09 7.99
N GLU A 14 0.40 -1.16 8.07
CA GLU A 14 1.43 -1.26 9.07
C GLU A 14 0.81 -1.10 10.44
N ALA A 15 -0.21 -0.21 10.56
CA ALA A 15 -0.83 0.03 11.85
C ALA A 15 -1.48 -1.22 12.39
N PHE A 16 -2.17 -2.05 11.56
CA PHE A 16 -2.79 -3.24 12.11
C PHE A 16 -1.71 -4.20 12.53
N SER A 17 -0.58 -4.22 11.78
CA SER A 17 0.52 -5.09 12.08
C SER A 17 1.09 -4.72 13.42
N LEU A 18 0.97 -3.43 13.82
CA LEU A 18 1.47 -2.98 15.08
C LEU A 18 0.78 -3.72 16.19
N PHE A 19 -0.54 -3.92 16.05
CA PHE A 19 -1.31 -4.60 17.07
C PHE A 19 -0.97 -6.07 17.05
N ASP A 20 -0.81 -6.65 15.84
CA ASP A 20 -0.50 -8.06 15.75
C ASP A 20 0.99 -8.21 15.86
N LYS A 21 1.53 -8.01 17.09
CA LYS A 21 2.95 -8.09 17.33
C LYS A 21 3.46 -9.48 17.07
N ASP A 22 2.64 -10.52 17.36
CA ASP A 22 3.11 -11.88 17.17
C ASP A 22 3.06 -12.26 15.71
N GLY A 23 2.41 -11.44 14.86
CA GLY A 23 2.38 -11.71 13.43
C GLY A 23 1.73 -13.03 13.13
N ASP A 24 0.77 -13.50 13.95
CA ASP A 24 0.14 -14.77 13.68
C ASP A 24 -1.06 -14.56 12.79
N GLY A 25 -1.32 -13.30 12.39
CA GLY A 25 -2.43 -13.01 11.51
C GLY A 25 -3.72 -12.94 12.28
N THR A 26 -3.65 -13.08 13.62
CA THR A 26 -4.86 -13.02 14.42
C THR A 26 -4.63 -12.08 15.56
N ILE A 27 -5.62 -11.19 15.82
CA ILE A 27 -5.53 -10.27 16.93
C ILE A 27 -6.67 -10.61 17.85
N THR A 28 -6.34 -10.89 19.14
CA THR A 28 -7.34 -11.26 20.11
C THR A 28 -7.32 -10.25 21.22
N THR A 29 -8.19 -10.48 22.23
CA THR A 29 -8.33 -9.59 23.36
C THR A 29 -7.01 -9.48 24.08
N LYS A 30 -6.31 -10.61 24.27
CA LYS A 30 -5.06 -10.59 24.98
C LYS A 30 -4.06 -9.73 24.23
N GLU A 31 -4.02 -9.85 22.88
CA GLU A 31 -3.07 -9.07 22.12
C GLU A 31 -3.45 -7.61 22.16
N LEU A 32 -4.76 -7.32 22.03
CA LEU A 32 -5.22 -5.95 22.03
C LEU A 32 -4.92 -5.32 23.36
N GLY A 33 -5.20 -6.06 24.46
CA GLY A 33 -4.97 -5.57 25.80
C GLY A 33 -3.49 -5.33 25.99
N THR A 34 -2.65 -6.23 25.45
CA THR A 34 -1.21 -6.09 25.60
C THR A 34 -0.76 -4.83 24.88
N VAL A 35 -1.30 -4.59 23.67
CA VAL A 35 -0.93 -3.42 22.92
C VAL A 35 -1.34 -2.18 23.67
N MET A 36 -2.58 -2.15 24.21
CA MET A 36 -3.04 -0.98 24.93
C MET A 36 -2.22 -0.82 26.18
N ARG A 37 -1.88 -1.93 26.86
CA ARG A 37 -1.09 -1.87 28.07
C ARG A 37 0.27 -1.30 27.75
N SER A 38 0.83 -1.70 26.58
CA SER A 38 2.14 -1.22 26.17
C SER A 38 2.09 0.27 25.98
N LEU A 39 0.93 0.79 25.52
CA LEU A 39 0.79 2.22 25.32
C LEU A 39 0.50 2.91 26.62
N GLY A 40 0.36 2.14 27.73
CA GLY A 40 0.11 2.76 29.02
C GLY A 40 -1.36 2.92 29.26
N GLN A 41 -2.21 2.29 28.43
CA GLN A 41 -3.64 2.41 28.62
C GLN A 41 -4.09 1.16 29.31
N ASN A 42 -4.99 1.30 30.32
CA ASN A 42 -5.44 0.14 31.05
C ASN A 42 -6.94 0.19 31.13
N PRO A 43 -7.60 -0.33 30.11
CA PRO A 43 -9.06 -0.37 30.08
C PRO A 43 -9.62 -1.50 30.88
N THR A 44 -10.94 -1.45 31.17
CA THR A 44 -11.55 -2.53 31.93
C THR A 44 -11.61 -3.72 31.02
N GLU A 45 -11.60 -4.94 31.59
CA GLU A 45 -11.62 -6.14 30.78
C GLU A 45 -12.92 -6.23 30.03
N ALA A 46 -14.05 -5.88 30.68
CA ALA A 46 -15.34 -5.95 30.02
C ALA A 46 -15.37 -4.97 28.88
N GLU A 47 -14.83 -3.76 29.09
CA GLU A 47 -14.83 -2.74 28.06
C GLU A 47 -13.96 -3.19 26.90
N LEU A 48 -12.80 -3.81 27.22
CA LEU A 48 -11.87 -4.25 26.22
C LEU A 48 -12.51 -5.31 25.36
N GLN A 49 -13.21 -6.29 25.98
CA GLN A 49 -13.85 -7.35 25.23
C GLN A 49 -14.93 -6.77 24.37
N ASP A 50 -15.67 -5.77 24.90
CA ASP A 50 -16.75 -5.14 24.18
C ASP A 50 -16.23 -4.49 22.93
N MET A 51 -14.98 -3.95 22.95
CA MET A 51 -14.45 -3.28 21.78
C MET A 51 -14.37 -4.24 20.61
N ILE A 52 -13.92 -5.49 20.84
CA ILE A 52 -13.82 -6.45 19.77
C ILE A 52 -15.20 -6.76 19.25
N ASN A 53 -16.17 -6.99 20.16
CA ASN A 53 -17.50 -7.34 19.77
C ASN A 53 -18.14 -6.24 18.98
N GLU A 54 -17.88 -4.96 19.36
CA GLU A 54 -18.47 -3.83 18.69
C GLU A 54 -18.08 -3.79 17.23
N VAL A 55 -16.81 -4.07 16.90
CA VAL A 55 -16.38 -3.99 15.52
C VAL A 55 -16.40 -5.34 14.88
N ASP A 56 -16.89 -6.39 15.58
CA ASP A 56 -16.90 -7.70 14.99
C ASP A 56 -18.19 -7.85 14.24
N ALA A 57 -18.32 -7.09 13.12
CA ALA A 57 -19.52 -7.12 12.31
C ALA A 57 -19.73 -8.48 11.73
N ASP A 58 -18.63 -9.17 11.31
CA ASP A 58 -18.78 -10.47 10.70
C ASP A 58 -19.01 -11.51 11.77
N GLY A 59 -18.72 -11.14 13.04
CA GLY A 59 -18.94 -12.04 14.14
C GLY A 59 -18.08 -13.27 14.02
N ASN A 60 -16.84 -13.13 13.52
CA ASN A 60 -15.99 -14.28 13.38
C ASN A 60 -15.27 -14.53 14.68
N GLY A 61 -15.51 -13.68 15.70
CA GLY A 61 -14.91 -13.87 17.01
C GLY A 61 -13.58 -13.19 17.08
N THR A 62 -13.06 -12.66 15.96
CA THR A 62 -11.76 -12.02 16.00
C THR A 62 -11.80 -10.79 15.12
N ILE A 63 -10.71 -9.99 15.18
CA ILE A 63 -10.65 -8.81 14.36
C ILE A 63 -9.65 -9.12 13.29
N ASP A 64 -10.10 -9.06 12.02
CA ASP A 64 -9.23 -9.36 10.91
C ASP A 64 -8.57 -8.09 10.46
N PHE A 65 -7.66 -8.20 9.47
CA PHE A 65 -6.95 -7.06 8.96
C PHE A 65 -7.93 -6.06 8.36
N PRO A 66 -8.79 -6.47 7.43
CA PRO A 66 -9.76 -5.55 6.87
C PRO A 66 -10.75 -5.06 7.89
N GLU A 67 -11.02 -5.89 8.92
CA GLU A 67 -11.95 -5.51 9.96
C GLU A 67 -11.35 -4.35 10.71
N PHE A 68 -10.02 -4.39 10.98
CA PHE A 68 -9.34 -3.31 11.66
C PHE A 68 -9.27 -2.11 10.76
N LEU A 69 -8.97 -2.33 9.45
CA LEU A 69 -8.85 -1.24 8.52
C LEU A 69 -10.17 -0.53 8.39
N THR A 70 -11.28 -1.29 8.36
CA THR A 70 -12.59 -0.69 8.24
C THR A 70 -12.85 0.16 9.46
N MET A 71 -12.53 -0.37 10.67
CA MET A 71 -12.76 0.37 11.88
C MET A 71 -11.95 1.64 11.92
N MET A 72 -10.64 1.54 11.63
CA MET A 72 -9.77 2.69 11.70
C MET A 72 -10.02 3.68 10.59
N ALA A 73 -10.31 3.22 9.36
CA ALA A 73 -10.50 4.14 8.26
C ALA A 73 -11.90 4.67 8.26
N ARG A 74 -12.88 3.87 8.76
CA ARG A 74 -14.26 4.30 8.78
C ARG A 74 -14.70 4.62 7.38
N LYS A 75 -14.18 3.86 6.39
CA LYS A 75 -14.54 4.09 5.02
C LYS A 75 -14.26 2.81 4.29
N MET A 76 -15.14 2.45 3.34
CA MET A 76 -14.96 1.25 2.58
C MET A 76 -14.99 1.64 1.13
N LYS A 77 -14.19 0.96 0.29
CA LYS A 77 -14.15 1.27 -1.11
C LYS A 77 -13.98 -0.02 -1.84
N ASP A 78 -14.77 -0.23 -2.91
CA ASP A 78 -14.68 -1.44 -3.67
C ASP A 78 -14.58 -1.05 -5.11
N THR A 79 -13.39 -1.26 -5.72
CA THR A 79 -13.21 -0.91 -7.10
C THR A 79 -12.19 -1.87 -7.66
N ASP A 80 -12.28 -2.15 -8.98
CA ASP A 80 -11.36 -3.06 -9.60
C ASP A 80 -10.19 -2.29 -10.15
N SER A 81 -10.25 -0.94 -10.09
CA SER A 81 -9.17 -0.12 -10.59
C SER A 81 -7.94 -0.37 -9.77
N GLU A 82 -8.11 -0.48 -8.44
CA GLU A 82 -6.99 -0.72 -7.55
C GLU A 82 -6.43 -2.08 -7.83
N GLU A 83 -7.31 -3.07 -8.11
CA GLU A 83 -6.86 -4.42 -8.38
C GLU A 83 -6.02 -4.44 -9.62
N GLU A 84 -6.44 -3.70 -10.67
CA GLU A 84 -5.71 -3.67 -11.91
C GLU A 84 -4.35 -3.08 -11.67
N ILE A 85 -4.29 -1.97 -10.90
CA ILE A 85 -3.02 -1.32 -10.63
C ILE A 85 -2.14 -2.25 -9.84
N ARG A 86 -2.72 -2.93 -8.82
CA ARG A 86 -1.96 -3.84 -7.98
C ARG A 86 -1.40 -4.95 -8.81
N GLU A 87 -2.20 -5.50 -9.75
CA GLU A 87 -1.75 -6.57 -10.59
C GLU A 87 -0.61 -6.10 -11.46
N ALA A 88 -0.68 -4.84 -11.95
CA ALA A 88 0.38 -4.33 -12.80
C ALA A 88 1.67 -4.31 -12.01
N PHE A 89 1.62 -3.91 -10.72
CA PHE A 89 2.82 -3.88 -9.92
C PHE A 89 3.38 -5.27 -9.78
N ARG A 90 2.51 -6.28 -9.60
CA ARG A 90 2.98 -7.63 -9.44
C ARG A 90 3.64 -8.11 -10.70
N VAL A 91 3.07 -7.76 -11.88
CA VAL A 91 3.63 -8.18 -13.14
C VAL A 91 5.00 -7.58 -13.34
N PHE A 92 5.14 -6.25 -13.11
CA PHE A 92 6.42 -5.60 -13.31
C PHE A 92 7.38 -6.00 -12.23
N ASP A 93 6.90 -6.10 -10.97
CA ASP A 93 7.78 -6.45 -9.89
C ASP A 93 7.84 -7.96 -9.79
N LYS A 94 8.60 -8.58 -10.70
CA LYS A 94 8.72 -10.02 -10.75
C LYS A 94 9.37 -10.55 -9.50
N ASP A 95 10.40 -9.84 -8.98
CA ASP A 95 11.10 -10.34 -7.81
C ASP A 95 10.32 -10.06 -6.55
N GLY A 96 9.26 -9.23 -6.61
CA GLY A 96 8.45 -8.96 -5.44
C GLY A 96 9.23 -8.25 -4.37
N ASN A 97 10.25 -7.42 -4.75
CA ASN A 97 11.02 -6.73 -3.74
C ASN A 97 10.40 -5.39 -3.46
N GLY A 98 9.26 -5.07 -4.11
CA GLY A 98 8.58 -3.82 -3.88
C GLY A 98 9.20 -2.71 -4.69
N TYR A 99 10.24 -3.03 -5.49
CA TYR A 99 10.89 -2.00 -6.28
C TYR A 99 11.16 -2.55 -7.64
N ILE A 100 11.32 -1.63 -8.63
CA ILE A 100 11.59 -2.04 -9.99
C ILE A 100 12.97 -1.56 -10.31
N SER A 101 13.84 -2.49 -10.76
CA SER A 101 15.20 -2.15 -11.10
C SER A 101 15.33 -2.22 -12.60
N ALA A 102 16.54 -1.91 -13.10
CA ALA A 102 16.80 -1.92 -14.53
C ALA A 102 16.61 -3.31 -15.07
N ALA A 103 17.08 -4.33 -14.32
CA ALA A 103 16.95 -5.69 -14.79
C ALA A 103 15.50 -6.06 -14.92
N GLU A 104 14.65 -5.63 -13.97
CA GLU A 104 13.26 -5.95 -14.01
C GLU A 104 12.60 -5.25 -15.17
N LEU A 105 13.00 -3.98 -15.45
CA LEU A 105 12.42 -3.25 -16.55
C LEU A 105 12.83 -3.92 -17.84
N ARG A 106 14.09 -4.36 -17.92
CA ARG A 106 14.61 -5.02 -19.09
C ARG A 106 13.81 -6.29 -19.33
N HIS A 107 13.48 -7.01 -18.24
CA HIS A 107 12.72 -8.24 -18.37
C HIS A 107 11.36 -7.93 -18.95
N VAL A 108 10.73 -6.81 -18.53
CA VAL A 108 9.41 -6.47 -19.03
C VAL A 108 9.51 -6.23 -20.52
N MET A 109 10.53 -5.46 -20.96
CA MET A 109 10.68 -5.16 -22.37
C MET A 109 10.96 -6.44 -23.11
N THR A 110 11.76 -7.36 -22.49
CA THR A 110 12.08 -8.62 -23.13
C THR A 110 10.81 -9.41 -23.32
N ASN A 111 9.93 -9.41 -22.29
CA ASN A 111 8.68 -10.14 -22.37
C ASN A 111 7.84 -9.57 -23.48
N LEU A 112 7.90 -8.23 -23.69
CA LEU A 112 7.12 -7.61 -24.74
C LEU A 112 7.68 -8.01 -26.08
N GLY A 113 8.96 -8.42 -26.12
CA GLY A 113 9.56 -8.84 -27.37
C GLY A 113 10.40 -7.74 -27.93
N GLU A 114 10.63 -6.67 -27.14
CA GLU A 114 11.43 -5.57 -27.62
C GLU A 114 12.83 -5.80 -27.12
N LYS A 115 13.81 -5.80 -28.03
CA LYS A 115 15.18 -6.03 -27.64
C LYS A 115 15.78 -4.72 -27.23
N LEU A 116 16.29 -4.65 -25.98
CA LEU A 116 16.90 -3.44 -25.50
C LEU A 116 18.22 -3.81 -24.90
N THR A 117 19.24 -2.94 -25.07
CA THR A 117 20.53 -3.21 -24.50
C THR A 117 20.50 -2.71 -23.08
N ASP A 118 21.49 -3.14 -22.27
CA ASP A 118 21.55 -2.74 -20.88
C ASP A 118 21.72 -1.24 -20.80
N GLU A 119 22.54 -0.66 -21.70
CA GLU A 119 22.77 0.77 -21.69
C GLU A 119 21.49 1.50 -21.96
N GLU A 120 20.69 1.01 -22.94
CA GLU A 120 19.45 1.66 -23.28
C GLU A 120 18.49 1.58 -22.12
N VAL A 121 18.43 0.42 -21.43
CA VAL A 121 17.53 0.25 -20.32
C VAL A 121 17.94 1.19 -19.21
N ASP A 122 19.27 1.30 -18.96
CA ASP A 122 19.75 2.16 -17.91
C ASP A 122 19.36 3.58 -18.18
N GLU A 123 19.42 4.04 -19.46
CA GLU A 123 19.06 5.39 -19.78
C GLU A 123 17.59 5.60 -19.50
N MET A 124 16.74 4.59 -19.83
CA MET A 124 15.32 4.71 -19.63
C MET A 124 15.04 4.81 -18.14
N ILE A 125 15.76 4.01 -17.32
CA ILE A 125 15.55 4.02 -15.89
C ILE A 125 15.86 5.39 -15.36
N ARG A 126 16.99 5.99 -15.80
CA ARG A 126 17.36 7.31 -15.31
C ARG A 126 16.32 8.33 -15.71
N GLU A 127 15.79 8.23 -16.95
CA GLU A 127 14.80 9.17 -17.40
C GLU A 127 13.54 9.05 -16.57
N ALA A 128 13.15 7.81 -16.21
CA ALA A 128 11.94 7.61 -15.45
C ALA A 128 12.26 7.74 -13.98
N ASP A 129 13.53 7.99 -13.62
CA ASP A 129 13.89 8.11 -12.23
C ASP A 129 13.75 9.55 -11.85
N ILE A 130 12.55 9.90 -11.34
CA ILE A 130 12.21 11.25 -10.97
C ILE A 130 13.01 11.67 -9.76
N ASP A 131 13.10 10.80 -8.72
CA ASP A 131 13.79 11.18 -7.51
C ASP A 131 15.30 11.00 -7.67
N GLY A 132 15.74 10.30 -8.73
CA GLY A 132 17.16 10.14 -8.95
C GLY A 132 17.78 9.25 -7.90
N ASP A 133 17.02 8.28 -7.33
CA ASP A 133 17.58 7.41 -6.31
C ASP A 133 18.21 6.20 -6.95
N GLY A 134 18.22 6.13 -8.30
CA GLY A 134 18.81 5.00 -9.00
C GLY A 134 17.84 3.86 -9.07
N GLN A 135 16.61 4.04 -8.54
CA GLN A 135 15.64 2.97 -8.58
C GLN A 135 14.31 3.56 -8.92
N VAL A 136 13.39 2.69 -9.39
CA VAL A 136 12.06 3.13 -9.74
C VAL A 136 11.17 2.70 -8.61
N ASN A 137 10.54 3.68 -7.94
CA ASN A 137 9.67 3.42 -6.82
C ASN A 137 8.26 3.30 -7.34
N TYR A 138 7.32 2.91 -6.46
CA TYR A 138 5.94 2.76 -6.86
C TYR A 138 5.37 4.08 -7.32
N GLU A 139 5.78 5.20 -6.68
CA GLU A 139 5.29 6.50 -7.05
C GLU A 139 5.79 6.84 -8.44
N GLU A 140 7.03 6.44 -8.74
CA GLU A 140 7.62 6.72 -10.02
C GLU A 140 6.99 5.82 -11.07
N PHE A 141 6.57 4.60 -10.66
CA PHE A 141 6.01 3.62 -11.58
C PHE A 141 4.73 4.15 -12.15
N VAL A 142 3.86 4.68 -11.27
CA VAL A 142 2.60 5.18 -11.72
C VAL A 142 2.80 6.32 -12.69
N GLN A 143 3.85 7.16 -12.46
CA GLN A 143 4.12 8.26 -13.37
C GLN A 143 4.53 7.69 -14.71
N MET A 144 5.33 6.60 -14.69
CA MET A 144 5.79 5.98 -15.91
C MET A 144 4.63 5.43 -16.69
N MET A 145 3.65 4.78 -16.02
CA MET A 145 2.56 4.17 -16.75
C MET A 145 1.47 5.15 -17.03
N THR A 146 1.41 6.30 -16.32
CA THR A 146 0.36 7.27 -16.59
C THR A 146 0.84 8.17 -17.70
N ALA A 147 2.05 7.87 -18.24
CA ALA A 147 2.61 8.66 -19.30
C ALA A 147 1.77 8.48 -20.53
N LYS A 148 1.57 9.58 -21.29
CA LYS A 148 0.78 9.52 -22.48
C LYS A 148 1.70 9.10 -23.64
N ALA B 1 -2.20 -12.75 -15.43
CA ALA B 1 -3.56 -12.93 -16.01
C ALA B 1 -4.20 -11.60 -16.29
N LEU B 2 -3.59 -10.82 -17.21
CA LEU B 2 -4.12 -9.52 -17.55
C LEU B 2 -4.81 -9.66 -18.87
N SER B 3 -5.85 -8.81 -19.08
CA SER B 3 -6.59 -8.84 -20.32
C SER B 3 -5.67 -8.38 -21.42
N LYS B 4 -5.85 -8.92 -22.64
CA LYS B 4 -5.02 -8.57 -23.75
C LYS B 4 -5.16 -7.10 -24.03
N ASP B 5 -6.39 -6.56 -23.94
CA ASP B 5 -6.61 -5.16 -24.22
C ASP B 5 -5.83 -4.33 -23.22
N LYS B 6 -5.83 -4.76 -21.93
CA LYS B 6 -5.10 -4.03 -20.91
C LYS B 6 -3.63 -4.10 -21.20
N GLU B 7 -3.15 -5.29 -21.63
CA GLU B 7 -1.75 -5.49 -21.91
C GLU B 7 -1.35 -4.60 -23.06
N GLU B 8 -2.23 -4.49 -24.09
CA GLU B 8 -1.91 -3.66 -25.24
C GLU B 8 -1.75 -2.23 -24.81
N GLU B 9 -2.61 -1.75 -23.87
CA GLU B 9 -2.51 -0.37 -23.44
C GLU B 9 -1.19 -0.17 -22.73
N ILE B 10 -0.79 -1.15 -21.90
CA ILE B 10 0.46 -1.07 -21.18
C ILE B 10 1.60 -1.04 -22.18
N ARG B 11 1.53 -1.93 -23.20
CA ARG B 11 2.55 -2.02 -24.21
C ARG B 11 2.67 -0.72 -24.95
N LYS B 12 1.52 -0.12 -25.36
CA LYS B 12 1.55 1.10 -26.13
C LYS B 12 2.17 2.24 -25.34
N ILE B 13 1.86 2.34 -24.03
CA ILE B 13 2.40 3.42 -23.23
C ILE B 13 3.90 3.31 -23.18
N LEU B 14 4.43 2.10 -22.92
CA LEU B 14 5.86 1.94 -22.86
C LEU B 14 6.47 2.09 -24.22
N ARG B 15 5.79 1.57 -25.27
CA ARG B 15 6.30 1.66 -26.62
C ARG B 15 6.38 3.12 -27.02
N ASN B 16 5.37 3.93 -26.62
CA ASN B 16 5.35 5.33 -26.99
C ASN B 16 6.54 6.05 -26.42
N ASN B 17 6.92 5.78 -25.15
CA ASN B 17 8.06 6.48 -24.58
C ASN B 17 9.33 5.87 -25.13
N LEU B 18 9.27 4.58 -25.50
CA LEU B 18 10.43 3.89 -26.03
C LEU B 18 10.84 4.56 -27.32
N GLN B 19 9.86 4.91 -28.19
CA GLN B 19 10.17 5.53 -29.45
C GLN B 19 10.83 6.86 -29.23
N LYS B 20 10.34 7.64 -28.24
CA LYS B 20 10.90 8.94 -27.97
C LYS B 20 12.30 8.78 -27.45
N THR B 21 12.51 7.75 -26.59
CA THR B 21 13.83 7.50 -26.03
C THR B 21 14.77 7.11 -27.13
N ARG B 22 14.30 6.24 -28.06
CA ARG B 22 15.13 5.79 -29.14
C ARG B 22 15.53 6.96 -30.00
N GLN B 23 14.58 7.87 -30.33
CA GLN B 23 14.89 9.01 -31.15
C GLN B 23 15.91 9.89 -30.47
N ARG B 24 15.73 10.12 -29.15
CA ARG B 24 16.65 10.95 -28.41
C ARG B 24 18.00 10.30 -28.38
N LEU B 25 18.04 8.98 -28.14
CA LEU B 25 19.29 8.25 -28.06
C LEU B 25 19.98 8.29 -29.40
N ARG B 26 19.19 8.13 -30.49
CA ARG B 26 19.73 8.15 -31.83
C ARG B 26 20.39 9.48 -32.11
N SER B 27 19.80 10.58 -31.60
CA SER B 27 20.34 11.90 -31.83
C SER B 27 21.73 11.99 -31.27
N TYR B 28 21.98 11.39 -30.08
CA TYR B 28 23.30 11.46 -29.49
C TYR B 28 24.24 10.54 -30.23
N ASN B 29 23.70 9.48 -30.87
CA ASN B 29 24.54 8.54 -31.58
C ASN B 29 24.99 9.16 -32.89
N ARG B 30 24.44 10.33 -33.28
CA ARG B 30 24.84 10.96 -34.51
C ARG B 30 26.23 11.50 -34.40
N HIS B 31 26.75 11.64 -33.15
CA HIS B 31 28.09 12.17 -32.97
C HIS B 31 29.12 11.16 -33.43
N THR B 32 28.77 9.86 -33.44
CA THR B 32 29.73 8.86 -33.86
C THR B 32 29.12 8.08 -34.98
N LEU B 33 29.81 8.01 -36.14
CA LEU B 33 29.29 7.27 -37.26
C LEU B 33 30.27 6.19 -37.59
N VAL B 34 29.83 4.91 -37.45
CA VAL B 34 30.68 3.79 -37.76
C VAL B 34 29.87 2.89 -38.64
N ALA B 35 30.45 2.46 -39.78
CA ALA B 35 29.74 1.60 -40.67
C ALA B 35 30.75 0.71 -41.33
N ASP B 36 30.33 -0.52 -41.70
CA ASP B 36 31.24 -1.44 -42.35
C ASP B 36 30.85 -1.50 -43.83
N ALA C 1 10.45 -1.61 14.49
CA ALA C 1 10.25 -1.56 13.01
C ALA C 1 9.95 -0.16 12.57
N LEU C 2 8.96 0.50 13.24
CA LEU C 2 8.60 1.85 12.87
C LEU C 2 9.17 2.77 13.92
N SER C 3 9.21 4.08 13.58
CA SER C 3 9.76 5.08 14.47
C SER C 3 8.87 5.24 15.67
N LYS C 4 9.43 5.88 16.72
CA LYS C 4 8.72 6.11 17.97
C LYS C 4 7.49 6.93 17.71
N ASP C 5 7.55 7.90 16.76
CA ASP C 5 6.40 8.73 16.48
C ASP C 5 5.25 7.87 16.04
N LYS C 6 5.52 6.81 15.24
CA LYS C 6 4.47 5.94 14.78
C LYS C 6 3.90 5.19 15.96
N GLU C 7 4.79 4.77 16.90
CA GLU C 7 4.34 4.03 18.07
C GLU C 7 3.45 4.93 18.90
N GLU C 8 3.86 6.20 19.06
CA GLU C 8 3.09 7.16 19.84
C GLU C 8 1.77 7.40 19.14
N GLU C 9 1.78 7.38 17.80
CA GLU C 9 0.59 7.61 17.00
C GLU C 9 -0.46 6.58 17.34
N ILE C 10 -0.06 5.34 17.70
CA ILE C 10 -1.01 4.29 18.01
C ILE C 10 -1.90 4.76 19.14
N ARG C 11 -1.37 5.55 20.09
CA ARG C 11 -2.18 6.01 21.20
C ARG C 11 -3.36 6.77 20.64
N LYS C 12 -3.14 7.65 19.65
CA LYS C 12 -4.21 8.40 19.04
C LYS C 12 -5.13 7.43 18.34
N ILE C 13 -4.54 6.42 17.67
CA ILE C 13 -5.27 5.42 16.92
C ILE C 13 -6.21 4.69 17.85
N LEU C 14 -5.70 4.21 19.01
CA LEU C 14 -6.54 3.51 19.96
C LEU C 14 -7.45 4.45 20.67
N ARG C 15 -6.98 5.66 21.02
CA ARG C 15 -7.80 6.61 21.76
C ARG C 15 -9.03 6.96 20.96
N ASN C 16 -8.89 7.19 19.65
CA ASN C 16 -10.04 7.55 18.84
C ASN C 16 -11.04 6.42 18.88
N ASN C 17 -10.56 5.17 18.70
CA ASN C 17 -11.44 4.02 18.71
C ASN C 17 -12.04 3.85 20.09
N LEU C 18 -11.21 4.09 21.13
CA LEU C 18 -11.64 3.91 22.50
C LEU C 18 -12.78 4.86 22.82
N GLN C 19 -12.69 6.13 22.36
CA GLN C 19 -13.72 7.10 22.65
C GLN C 19 -15.02 6.68 22.02
N LYS C 20 -14.98 6.14 20.79
CA LYS C 20 -16.19 5.72 20.12
C LYS C 20 -16.83 4.61 20.92
N THR C 21 -16.01 3.67 21.43
CA THR C 21 -16.52 2.57 22.22
C THR C 21 -17.08 3.09 23.51
N ARG C 22 -16.37 4.07 24.13
CA ARG C 22 -16.81 4.65 25.39
C ARG C 22 -18.17 5.27 25.22
N GLN C 23 -18.39 6.00 24.11
CA GLN C 23 -19.68 6.64 23.88
C GLN C 23 -20.75 5.59 23.75
N ARG C 24 -20.45 4.47 23.06
CA ARG C 24 -21.42 3.41 22.88
C ARG C 24 -21.76 2.83 24.23
N LEU C 25 -20.73 2.58 25.07
CA LEU C 25 -20.94 2.01 26.38
C LEU C 25 -21.74 2.99 27.23
N ARG C 26 -21.39 4.29 27.14
CA ARG C 26 -22.05 5.31 27.91
C ARG C 26 -23.51 5.36 27.53
N SER C 27 -23.83 5.16 26.24
CA SER C 27 -25.21 5.21 25.80
C SER C 27 -26.01 4.14 26.50
N TYR C 28 -25.44 2.95 26.71
CA TYR C 28 -26.17 1.89 27.38
C TYR C 28 -26.27 2.19 28.85
N ASN C 29 -25.25 2.88 29.41
CA ASN C 29 -25.27 3.19 30.82
C ASN C 29 -26.23 4.31 31.07
N ARG C 30 -26.72 4.98 30.01
CA ARG C 30 -27.65 6.08 30.15
C ARG C 30 -29.01 5.52 30.50
N HIS C 31 -29.16 4.18 30.48
CA HIS C 31 -30.41 3.56 30.79
C HIS C 31 -30.76 3.80 32.23
N THR C 32 -29.75 4.05 33.10
CA THR C 32 -30.03 4.29 34.50
C THR C 32 -30.52 5.70 34.64
N LEU C 33 -31.60 5.89 35.44
CA LEU C 33 -32.16 7.19 35.64
C LEU C 33 -31.18 8.06 36.38
N VAL C 34 -30.49 7.47 37.38
CA VAL C 34 -29.53 8.23 38.15
C VAL C 34 -28.19 7.57 37.96
N ALA C 35 -27.20 8.36 37.48
CA ALA C 35 -25.88 7.83 37.28
C ALA C 35 -24.91 8.73 37.99
N ASP C 36 -25.01 10.04 37.71
CA ASP C 36 -24.13 11.00 38.35
C ASP C 36 -24.82 11.50 39.62
N ALA A 1 5.62 -1.72 1.16
CA ALA A 1 4.67 -0.69 1.67
C ALA A 1 3.25 -1.13 1.48
N ASP A 2 2.92 -1.61 0.26
CA ASP A 2 1.57 -2.06 -0.03
C ASP A 2 1.26 -3.26 0.83
N GLN A 3 2.26 -4.15 1.01
CA GLN A 3 2.07 -5.32 1.82
C GLN A 3 3.14 -5.33 2.86
N LEU A 4 2.81 -5.87 4.05
CA LEU A 4 3.77 -5.91 5.12
C LEU A 4 4.61 -7.14 4.95
N THR A 5 5.93 -6.99 5.17
CA THR A 5 6.84 -8.12 5.05
C THR A 5 6.82 -8.83 6.37
N GLU A 6 7.44 -10.03 6.43
CA GLU A 6 7.45 -10.82 7.64
C GLU A 6 8.20 -10.05 8.70
N GLU A 7 9.25 -9.28 8.32
CA GLU A 7 10.01 -8.52 9.28
C GLU A 7 9.08 -7.52 9.93
N GLN A 8 8.18 -6.91 9.12
CA GLN A 8 7.23 -5.94 9.63
C GLN A 8 6.28 -6.63 10.57
N ILE A 9 5.97 -7.93 10.32
CA ILE A 9 5.03 -8.65 11.15
C ILE A 9 5.57 -8.69 12.56
N ALA A 10 6.89 -8.93 12.73
CA ALA A 10 7.47 -9.00 14.05
C ALA A 10 7.30 -7.67 14.76
N GLU A 11 7.53 -6.55 14.04
CA GLU A 11 7.40 -5.24 14.67
C GLU A 11 5.95 -4.97 14.97
N PHE A 12 5.05 -5.38 14.04
CA PHE A 12 3.63 -5.15 14.22
C PHE A 12 3.17 -6.00 15.37
N LYS A 13 3.75 -7.21 15.51
CA LYS A 13 3.39 -8.13 16.56
C LYS A 13 3.64 -7.48 17.89
N GLU A 14 4.80 -6.80 18.03
CA GLU A 14 5.15 -6.17 19.27
C GLU A 14 4.15 -5.07 19.56
N ALA A 15 3.70 -4.34 18.52
CA ALA A 15 2.77 -3.25 18.73
C ALA A 15 1.46 -3.75 19.31
N PHE A 16 0.85 -4.82 18.75
CA PHE A 16 -0.40 -5.31 19.30
C PHE A 16 -0.14 -5.94 20.64
N SER A 17 1.03 -6.60 20.80
CA SER A 17 1.36 -7.28 22.03
C SER A 17 1.48 -6.29 23.16
N LEU A 18 1.76 -5.00 22.84
CA LEU A 18 1.91 -3.97 23.84
C LEU A 18 0.65 -3.88 24.66
N PHE A 19 -0.50 -4.12 24.02
CA PHE A 19 -1.77 -4.04 24.69
C PHE A 19 -1.91 -5.18 25.66
N ASP A 20 -1.34 -6.35 25.32
CA ASP A 20 -1.43 -7.49 26.18
C ASP A 20 -0.31 -7.41 27.19
N LYS A 21 -0.48 -6.53 28.21
CA LYS A 21 0.53 -6.33 29.22
C LYS A 21 0.80 -7.59 30.01
N ASP A 22 -0.24 -8.39 30.35
CA ASP A 22 -0.01 -9.56 31.16
C ASP A 22 0.51 -10.70 30.32
N GLY A 23 0.48 -10.58 28.98
CA GLY A 23 1.01 -11.62 28.13
C GLY A 23 0.20 -12.90 28.26
N ASP A 24 -1.12 -12.82 28.56
CA ASP A 24 -1.90 -14.02 28.70
C ASP A 24 -2.52 -14.38 27.36
N GLY A 25 -2.20 -13.61 26.30
CA GLY A 25 -2.73 -13.89 24.99
C GLY A 25 -4.11 -13.33 24.85
N THR A 26 -4.62 -12.64 25.90
CA THR A 26 -5.95 -12.08 25.83
C THR A 26 -5.87 -10.64 26.27
N ILE A 27 -6.57 -9.75 25.52
CA ILE A 27 -6.61 -8.35 25.87
C ILE A 27 -8.00 -8.10 26.41
N THR A 28 -8.08 -7.52 27.63
CA THR A 28 -9.36 -7.25 28.26
C THR A 28 -9.49 -5.78 28.49
N THR A 29 -10.65 -5.39 29.07
CA THR A 29 -10.95 -3.98 29.33
C THR A 29 -9.92 -3.40 30.26
N LYS A 30 -9.56 -4.14 31.33
CA LYS A 30 -8.61 -3.62 32.28
C LYS A 30 -7.27 -3.41 31.62
N GLU A 31 -6.85 -4.35 30.75
CA GLU A 31 -5.57 -4.22 30.10
C GLU A 31 -5.63 -3.10 29.10
N LEU A 32 -6.75 -2.98 28.34
CA LEU A 32 -6.88 -1.94 27.35
C LEU A 32 -6.88 -0.59 28.04
N GLY A 33 -7.64 -0.48 29.15
CA GLY A 33 -7.71 0.77 29.88
C GLY A 33 -6.36 1.13 30.41
N THR A 34 -5.60 0.14 30.91
CA THR A 34 -4.29 0.41 31.47
C THR A 34 -3.40 0.94 30.38
N VAL A 35 -3.46 0.33 29.17
CA VAL A 35 -2.61 0.76 28.08
C VAL A 35 -2.97 2.17 27.69
N MET A 36 -4.28 2.49 27.56
CA MET A 36 -4.69 3.82 27.17
C MET A 36 -4.28 4.80 28.24
N ARG A 37 -4.45 4.43 29.53
CA ARG A 37 -4.08 5.32 30.62
C ARG A 37 -2.59 5.56 30.59
N SER A 38 -1.80 4.51 30.27
CA SER A 38 -0.36 4.64 30.22
C SER A 38 0.02 5.63 29.16
N LEU A 39 -0.75 5.68 28.05
CA LEU A 39 -0.46 6.61 26.97
C LEU A 39 -0.93 7.99 27.34
N GLY A 40 -1.60 8.16 28.51
CA GLY A 40 -2.05 9.47 28.91
C GLY A 40 -3.44 9.72 28.42
N GLN A 41 -4.12 8.70 27.89
CA GLN A 41 -5.47 8.88 27.41
C GLN A 41 -6.38 8.60 28.58
N ASN A 42 -7.57 9.21 28.60
CA ASN A 42 -8.47 9.02 29.72
C ASN A 42 -9.84 8.58 29.22
N PRO A 43 -9.95 7.35 28.80
CA PRO A 43 -11.21 6.80 28.32
C PRO A 43 -12.15 6.43 29.43
N THR A 44 -13.47 6.39 29.15
CA THR A 44 -14.42 6.02 30.17
C THR A 44 -14.53 4.52 30.16
N GLU A 45 -15.02 3.93 31.26
CA GLU A 45 -15.16 2.49 31.35
C GLU A 45 -16.17 2.02 30.36
N ALA A 46 -17.27 2.78 30.18
CA ALA A 46 -18.31 2.40 29.24
C ALA A 46 -17.75 2.38 27.85
N GLU A 47 -16.91 3.38 27.52
CA GLU A 47 -16.34 3.48 26.20
C GLU A 47 -15.44 2.29 25.96
N LEU A 48 -14.63 1.90 26.97
CA LEU A 48 -13.72 0.78 26.80
C LEU A 48 -14.48 -0.48 26.52
N GLN A 49 -15.62 -0.69 27.23
CA GLN A 49 -16.41 -1.88 27.02
C GLN A 49 -17.00 -1.84 25.65
N ASP A 50 -17.45 -0.65 25.20
CA ASP A 50 -18.05 -0.51 23.91
C ASP A 50 -17.04 -0.83 22.83
N MET A 51 -15.77 -0.39 23.01
CA MET A 51 -14.75 -0.63 22.01
C MET A 51 -14.54 -2.11 21.84
N ILE A 52 -14.49 -2.87 22.96
CA ILE A 52 -14.28 -4.30 22.86
C ILE A 52 -15.44 -4.94 22.15
N ASN A 53 -16.68 -4.58 22.52
CA ASN A 53 -17.85 -5.18 21.90
C ASN A 53 -17.91 -4.85 20.43
N GLU A 54 -17.54 -3.60 20.06
CA GLU A 54 -17.60 -3.19 18.67
C GLU A 54 -16.68 -4.03 17.82
N VAL A 55 -15.46 -4.30 18.31
CA VAL A 55 -14.50 -5.05 17.52
C VAL A 55 -14.59 -6.53 17.84
N ASP A 56 -15.54 -6.93 18.71
CA ASP A 56 -15.65 -8.33 19.05
C ASP A 56 -16.49 -9.00 18.00
N ALA A 57 -15.88 -9.22 16.81
CA ALA A 57 -16.57 -9.84 15.70
C ALA A 57 -16.97 -11.24 16.05
N ASP A 58 -16.13 -11.97 16.82
CA ASP A 58 -16.44 -13.34 17.16
C ASP A 58 -17.46 -13.38 18.26
N GLY A 59 -17.64 -12.25 18.97
CA GLY A 59 -18.63 -12.17 20.02
C GLY A 59 -18.32 -13.15 21.12
N ASN A 60 -17.03 -13.44 21.35
CA ASN A 60 -16.66 -14.38 22.38
C ASN A 60 -16.44 -13.66 23.68
N GLY A 61 -16.66 -12.32 23.70
CA GLY A 61 -16.53 -11.56 24.92
C GLY A 61 -15.08 -11.24 25.18
N THR A 62 -14.17 -11.64 24.27
CA THR A 62 -12.77 -11.39 24.49
C THR A 62 -12.15 -10.92 23.20
N ILE A 63 -10.93 -10.32 23.33
CA ILE A 63 -10.22 -9.82 22.19
C ILE A 63 -9.10 -10.78 21.90
N ASP A 64 -9.11 -11.33 20.67
CA ASP A 64 -8.08 -12.25 20.25
C ASP A 64 -7.16 -11.48 19.34
N PHE A 65 -6.02 -12.11 18.95
CA PHE A 65 -5.04 -11.46 18.11
C PHE A 65 -5.61 -11.05 16.77
N PRO A 66 -6.35 -11.91 16.07
CA PRO A 66 -6.92 -11.56 14.77
C PRO A 66 -7.80 -10.34 14.81
N GLU A 67 -8.55 -10.21 15.93
CA GLU A 67 -9.45 -9.08 16.09
C GLU A 67 -8.65 -7.81 16.11
N PHE A 68 -7.48 -7.78 16.79
CA PHE A 68 -6.68 -6.59 16.82
C PHE A 68 -6.00 -6.36 15.49
N LEU A 69 -5.52 -7.44 14.84
CA LEU A 69 -4.83 -7.27 13.57
C LEU A 69 -5.78 -6.69 12.54
N THR A 70 -7.04 -7.17 12.50
CA THR A 70 -7.98 -6.66 11.55
C THR A 70 -8.40 -5.27 11.93
N MET A 71 -8.55 -4.99 13.25
CA MET A 71 -8.96 -3.69 13.70
C MET A 71 -7.95 -2.65 13.31
N MET A 72 -6.65 -2.94 13.58
CA MET A 72 -5.60 -1.99 13.26
C MET A 72 -5.44 -1.86 11.78
N ALA A 73 -5.59 -2.97 11.03
CA ALA A 73 -5.44 -2.94 9.59
C ALA A 73 -6.53 -2.09 9.00
N ARG A 74 -7.73 -2.10 9.64
CA ARG A 74 -8.85 -1.33 9.16
C ARG A 74 -9.19 -1.76 7.76
N LYS A 75 -9.12 -3.08 7.49
CA LYS A 75 -9.42 -3.58 6.17
C LYS A 75 -10.74 -4.29 6.28
N MET A 76 -11.72 -3.89 5.44
CA MET A 76 -13.01 -4.51 5.48
C MET A 76 -13.60 -4.44 4.10
N LYS A 77 -12.74 -4.60 3.07
CA LYS A 77 -13.21 -4.55 1.71
C LYS A 77 -12.77 -5.81 1.04
N ASP A 78 -13.62 -6.35 0.13
CA ASP A 78 -13.29 -7.56 -0.57
C ASP A 78 -12.79 -7.21 -1.94
N THR A 79 -12.63 -5.90 -2.22
CA THR A 79 -12.17 -5.48 -3.52
C THR A 79 -10.80 -4.91 -3.33
N ASP A 80 -9.82 -5.41 -4.12
CA ASP A 80 -8.47 -4.93 -4.02
C ASP A 80 -8.04 -4.56 -5.42
N SER A 81 -7.95 -3.23 -5.68
CA SER A 81 -7.56 -2.73 -6.98
C SER A 81 -6.11 -3.01 -7.23
N GLU A 82 -5.31 -3.24 -6.16
CA GLU A 82 -3.90 -3.48 -6.32
C GLU A 82 -3.68 -4.76 -7.08
N GLU A 83 -4.65 -5.70 -7.06
CA GLU A 83 -4.49 -6.95 -7.76
C GLU A 83 -4.37 -6.70 -9.23
N GLU A 84 -5.17 -5.74 -9.77
CA GLU A 84 -5.12 -5.44 -11.18
C GLU A 84 -3.77 -4.87 -11.52
N ILE A 85 -3.26 -3.98 -10.64
CA ILE A 85 -1.97 -3.37 -10.86
C ILE A 85 -0.90 -4.43 -10.81
N ARG A 86 -1.04 -5.37 -9.85
CA ARG A 86 -0.06 -6.44 -9.68
C ARG A 86 0.04 -7.26 -10.94
N GLU A 87 -1.10 -7.51 -11.61
CA GLU A 87 -1.11 -8.30 -12.81
C GLU A 87 -0.26 -7.62 -13.86
N ALA A 88 -0.34 -6.27 -13.94
CA ALA A 88 0.43 -5.53 -14.92
C ALA A 88 1.90 -5.73 -14.66
N PHE A 89 2.32 -5.75 -13.37
CA PHE A 89 3.72 -5.94 -13.04
C PHE A 89 4.19 -7.27 -13.54
N ARG A 90 3.36 -8.33 -13.44
CA ARG A 90 3.78 -9.64 -13.88
C ARG A 90 3.99 -9.62 -15.37
N VAL A 91 3.12 -8.91 -16.12
CA VAL A 91 3.25 -8.86 -17.56
C VAL A 91 4.55 -8.20 -17.93
N PHE A 92 4.87 -7.03 -17.33
CA PHE A 92 6.10 -6.35 -17.65
C PHE A 92 7.28 -7.11 -17.11
N ASP A 93 7.17 -7.63 -15.87
CA ASP A 93 8.26 -8.35 -15.28
C ASP A 93 8.15 -9.79 -15.69
N LYS A 94 8.47 -10.07 -16.96
CA LYS A 94 8.37 -11.41 -17.50
C LYS A 94 9.30 -12.35 -16.78
N ASP A 95 10.54 -11.91 -16.45
CA ASP A 95 11.48 -12.82 -15.81
C ASP A 95 11.16 -12.97 -14.34
N GLY A 96 10.26 -12.14 -13.78
CA GLY A 96 9.89 -12.27 -12.39
C GLY A 96 11.06 -11.99 -11.48
N ASN A 97 12.00 -11.12 -11.87
CA ASN A 97 13.15 -10.85 -11.01
C ASN A 97 12.83 -9.69 -10.10
N GLY A 98 11.58 -9.17 -10.16
CA GLY A 98 11.18 -8.08 -9.30
C GLY A 98 11.62 -6.76 -9.86
N TYR A 99 12.31 -6.76 -11.02
CA TYR A 99 12.76 -5.53 -11.60
C TYR A 99 12.49 -5.55 -13.08
N ILE A 100 12.41 -4.35 -13.68
CA ILE A 100 12.15 -4.24 -15.09
C ILE A 100 13.41 -3.71 -15.72
N SER A 101 13.93 -4.45 -16.72
CA SER A 101 15.15 -4.06 -17.39
C SER A 101 14.77 -3.59 -18.76
N ALA A 102 15.75 -3.03 -19.50
CA ALA A 102 15.50 -2.53 -20.83
C ALA A 102 15.03 -3.64 -21.72
N ALA A 103 15.64 -4.84 -21.59
CA ALA A 103 15.27 -5.96 -22.41
C ALA A 103 13.83 -6.33 -22.15
N GLU A 104 13.40 -6.27 -20.86
CA GLU A 104 12.05 -6.62 -20.53
C GLU A 104 11.09 -5.59 -21.07
N LEU A 105 11.48 -4.29 -21.02
CA LEU A 105 10.63 -3.24 -21.53
C LEU A 105 10.52 -3.40 -23.03
N ARG A 106 11.64 -3.74 -23.69
CA ARG A 106 11.65 -3.92 -25.12
C ARG A 106 10.70 -5.04 -25.48
N HIS A 107 10.68 -6.10 -24.64
CA HIS A 107 9.81 -7.23 -24.87
C HIS A 107 8.37 -6.77 -24.86
N VAL A 108 8.01 -5.90 -23.90
CA VAL A 108 6.64 -5.40 -23.82
C VAL A 108 6.32 -4.64 -25.08
N MET A 109 7.25 -3.75 -25.52
CA MET A 109 7.03 -2.96 -26.72
C MET A 109 6.90 -3.85 -27.92
N THR A 110 7.70 -4.94 -27.97
CA THR A 110 7.66 -5.85 -29.10
C THR A 110 6.30 -6.46 -29.21
N ASN A 111 5.70 -6.85 -28.05
CA ASN A 111 4.39 -7.46 -28.06
C ASN A 111 3.34 -6.46 -28.50
N LEU A 112 3.62 -5.15 -28.37
CA LEU A 112 2.66 -4.15 -28.77
C LEU A 112 2.59 -4.13 -30.28
N GLY A 113 3.59 -4.74 -30.96
CA GLY A 113 3.59 -4.79 -32.40
C GLY A 113 4.36 -3.63 -32.93
N GLU A 114 5.04 -2.88 -32.05
CA GLU A 114 5.82 -1.75 -32.50
C GLU A 114 7.26 -2.11 -32.32
N LYS A 115 8.05 -1.97 -33.41
CA LYS A 115 9.46 -2.29 -33.34
C LYS A 115 10.15 -1.13 -32.71
N LEU A 116 11.01 -1.40 -31.71
CA LEU A 116 11.73 -0.36 -31.04
C LEU A 116 13.17 -0.79 -31.03
N THR A 117 14.10 0.11 -31.43
CA THR A 117 15.50 -0.25 -31.47
C THR A 117 16.00 -0.34 -30.05
N ASP A 118 17.08 -1.13 -29.82
CA ASP A 118 17.62 -1.30 -28.49
C ASP A 118 18.12 0.03 -27.97
N GLU A 119 18.76 0.84 -28.85
CA GLU A 119 19.28 2.12 -28.43
C GLU A 119 18.13 3.00 -28.03
N GLU A 120 17.02 2.93 -28.79
CA GLU A 120 15.86 3.75 -28.51
C GLU A 120 15.26 3.30 -27.19
N VAL A 121 15.25 1.97 -26.94
CA VAL A 121 14.69 1.45 -25.71
C VAL A 121 15.52 1.96 -24.56
N ASP A 122 16.86 1.94 -24.72
CA ASP A 122 17.74 2.40 -23.68
C ASP A 122 17.48 3.84 -23.36
N GLU A 123 17.23 4.69 -24.40
CA GLU A 123 16.98 6.09 -24.15
C GLU A 123 15.70 6.24 -23.36
N MET A 124 14.67 5.43 -23.69
CA MET A 124 13.41 5.52 -22.99
C MET A 124 13.62 5.12 -21.55
N ILE A 125 14.38 4.02 -21.32
CA ILE A 125 14.64 3.55 -19.98
C ILE A 125 15.40 4.58 -19.20
N ARG A 126 16.43 5.20 -19.81
CA ARG A 126 17.22 6.20 -19.12
C ARG A 126 16.35 7.38 -18.77
N GLU A 127 15.44 7.78 -19.68
CA GLU A 127 14.57 8.91 -19.42
C GLU A 127 13.65 8.60 -18.28
N ALA A 128 13.12 7.34 -18.22
CA ALA A 128 12.20 6.96 -17.17
C ALA A 128 12.98 6.60 -15.93
N ASP A 129 14.33 6.59 -16.02
CA ASP A 129 15.12 6.22 -14.88
C ASP A 129 15.33 7.45 -14.04
N ILE A 130 14.43 7.64 -13.05
CA ILE A 130 14.51 8.78 -12.16
C ILE A 130 15.77 8.67 -11.34
N ASP A 131 16.05 7.45 -10.81
CA ASP A 131 17.22 7.27 -9.98
C ASP A 131 18.46 7.17 -10.84
N GLY A 132 18.31 6.86 -12.15
CA GLY A 132 19.45 6.80 -13.04
C GLY A 132 20.31 5.60 -12.70
N ASP A 133 19.73 4.53 -12.14
CA ASP A 133 20.53 3.37 -11.80
C ASP A 133 20.55 2.40 -12.97
N GLY A 134 19.93 2.79 -14.10
CA GLY A 134 19.92 1.93 -15.27
C GLY A 134 18.86 0.87 -15.15
N GLN A 135 18.07 0.90 -14.05
CA GLN A 135 17.04 -0.09 -13.87
C GLN A 135 15.76 0.61 -13.52
N VAL A 136 14.62 -0.02 -13.86
CA VAL A 136 13.33 0.53 -13.56
C VAL A 136 12.79 -0.26 -12.41
N ASN A 137 12.57 0.45 -11.27
CA ASN A 137 12.08 -0.18 -10.07
C ASN A 137 10.59 0.03 -10.01
N TYR A 138 9.98 -0.44 -8.90
CA TYR A 138 8.53 -0.33 -8.73
C TYR A 138 8.10 1.11 -8.71
N GLU A 139 8.85 1.99 -8.01
CA GLU A 139 8.46 3.38 -7.93
C GLU A 139 8.54 4.01 -9.29
N GLU A 140 9.59 3.67 -10.07
CA GLU A 140 9.78 4.23 -11.39
C GLU A 140 8.69 3.72 -12.30
N PHE A 141 8.34 2.42 -12.17
CA PHE A 141 7.30 1.83 -12.99
C PHE A 141 5.99 2.53 -12.72
N VAL A 142 5.67 2.75 -11.43
CA VAL A 142 4.43 3.40 -11.06
C VAL A 142 4.39 4.78 -11.67
N GLN A 143 5.54 5.51 -11.63
CA GLN A 143 5.57 6.85 -12.19
C GLN A 143 5.33 6.77 -13.68
N MET A 144 5.91 5.74 -14.35
CA MET A 144 5.73 5.57 -15.78
C MET A 144 4.28 5.33 -16.10
N MET A 145 3.61 4.45 -15.32
CA MET A 145 2.21 4.13 -15.58
C MET A 145 1.31 5.28 -15.21
N THR A 146 1.76 6.14 -14.28
CA THR A 146 0.93 7.27 -13.88
C THR A 146 1.36 8.49 -14.64
N ALA A 147 2.21 8.30 -15.67
CA ALA A 147 2.69 9.42 -16.45
C ALA A 147 1.53 9.95 -17.25
N LYS A 148 1.42 11.29 -17.33
CA LYS A 148 0.34 11.90 -18.08
C LYS A 148 0.93 13.08 -18.86
N ALA B 1 -6.93 -11.83 -17.54
CA ALA B 1 -6.08 -11.25 -16.47
C ALA B 1 -5.94 -9.76 -16.66
N LEU B 2 -5.55 -9.34 -17.87
CA LEU B 2 -5.39 -7.93 -18.15
C LEU B 2 -6.59 -7.48 -18.91
N SER B 3 -7.24 -6.40 -18.43
CA SER B 3 -8.40 -5.87 -19.11
C SER B 3 -7.93 -5.21 -20.38
N LYS B 4 -8.73 -5.35 -21.46
CA LYS B 4 -8.36 -4.75 -22.72
C LYS B 4 -8.29 -3.26 -22.56
N ASP B 5 -9.27 -2.68 -21.81
CA ASP B 5 -9.28 -1.25 -21.61
C ASP B 5 -8.03 -0.83 -20.88
N LYS B 6 -7.61 -1.64 -19.88
CA LYS B 6 -6.43 -1.33 -19.10
C LYS B 6 -5.24 -1.39 -20.02
N GLU B 7 -5.18 -2.41 -20.90
CA GLU B 7 -4.07 -2.58 -21.82
C GLU B 7 -4.01 -1.39 -22.72
N GLU B 8 -5.17 -0.90 -23.21
CA GLU B 8 -5.19 0.25 -24.09
C GLU B 8 -4.66 1.45 -23.36
N GLU B 9 -5.03 1.62 -22.07
CA GLU B 9 -4.58 2.77 -21.31
C GLU B 9 -3.08 2.69 -21.16
N ILE B 10 -2.55 1.48 -20.88
CA ILE B 10 -1.13 1.28 -20.71
C ILE B 10 -0.45 1.62 -22.02
N ARG B 11 -1.02 1.14 -23.14
CA ARG B 11 -0.45 1.40 -24.45
C ARG B 11 -0.41 2.88 -24.72
N LYS B 12 -1.52 3.60 -24.44
CA LYS B 12 -1.56 5.02 -24.70
C LYS B 12 -0.56 5.75 -23.85
N ILE B 13 -0.41 5.35 -22.56
CA ILE B 13 0.52 6.01 -21.68
C ILE B 13 1.93 5.82 -22.20
N LEU B 14 2.28 4.57 -22.59
CA LEU B 14 3.61 4.31 -23.08
C LEU B 14 3.80 4.99 -24.42
N ARG B 15 2.75 4.99 -25.27
CA ARG B 15 2.84 5.61 -26.56
C ARG B 15 3.08 7.09 -26.39
N ASN B 16 2.42 7.70 -25.37
CA ASN B 16 2.57 9.12 -25.13
C ASN B 16 4.01 9.45 -24.82
N ASN B 17 4.70 8.64 -23.98
CA ASN B 17 6.07 8.95 -23.65
C ASN B 17 6.94 8.57 -24.83
N LEU B 18 6.51 7.55 -25.60
CA LEU B 18 7.27 7.13 -26.75
C LEU B 18 7.28 8.23 -27.77
N GLN B 19 6.14 8.92 -27.96
CA GLN B 19 6.04 9.99 -28.91
C GLN B 19 6.99 11.08 -28.51
N LYS B 20 7.02 11.39 -27.21
CA LYS B 20 7.90 12.42 -26.70
C LYS B 20 9.33 11.99 -26.91
N THR B 21 9.61 10.69 -26.69
CA THR B 21 10.94 10.17 -26.86
C THR B 21 11.34 10.32 -28.31
N ARG B 22 10.41 10.01 -29.24
CA ARG B 22 10.70 10.11 -30.65
C ARG B 22 10.98 11.55 -31.00
N GLN B 23 10.21 12.49 -30.44
CA GLN B 23 10.40 13.89 -30.74
C GLN B 23 11.76 14.32 -30.27
N ARG B 24 12.15 13.92 -29.04
CA ARG B 24 13.44 14.29 -28.50
C ARG B 24 14.53 13.63 -29.31
N LEU B 25 14.32 12.36 -29.68
CA LEU B 25 15.32 11.61 -30.42
C LEU B 25 15.54 12.27 -31.76
N ARG B 26 14.46 12.68 -32.45
CA ARG B 26 14.59 13.31 -33.75
C ARG B 26 15.23 14.65 -33.61
N SER B 27 15.09 15.29 -32.43
CA SER B 27 15.68 16.59 -32.21
C SER B 27 17.19 16.49 -32.32
N TYR B 28 17.79 15.40 -31.80
CA TYR B 28 19.23 15.25 -31.86
C TYR B 28 19.63 14.85 -33.25
N ASN B 29 18.67 14.41 -34.09
CA ASN B 29 18.98 14.01 -35.44
C ASN B 29 19.34 15.24 -36.24
N ARG B 30 18.95 16.43 -35.74
CA ARG B 30 19.24 17.67 -36.43
C ARG B 30 20.73 17.92 -36.39
N HIS B 31 21.43 17.34 -35.39
CA HIS B 31 22.87 17.55 -35.29
C HIS B 31 23.56 16.49 -36.11
N THR B 32 22.78 15.54 -36.68
CA THR B 32 23.33 14.48 -37.50
C THR B 32 24.01 13.46 -36.63
N LEU B 33 25.06 13.89 -35.89
CA LEU B 33 25.80 12.99 -35.01
C LEU B 33 26.48 11.95 -35.85
N VAL B 34 27.45 12.39 -36.69
CA VAL B 34 28.18 11.47 -37.53
C VAL B 34 29.29 10.89 -36.71
N ALA B 35 29.36 9.53 -36.67
CA ALA B 35 30.39 8.88 -35.92
C ALA B 35 31.01 7.86 -36.84
N ASP B 36 32.34 7.70 -36.75
CA ASP B 36 33.02 6.75 -37.59
C ASP B 36 33.55 5.62 -36.68
N ALA C 1 15.16 -1.96 23.84
CA ALA C 1 14.61 -3.13 23.08
C ALA C 1 13.51 -2.71 22.17
N LEU C 2 12.54 -1.92 22.70
CA LEU C 2 11.42 -1.47 21.91
C LEU C 2 11.69 -0.03 21.60
N SER C 3 11.56 0.35 20.31
CA SER C 3 11.80 1.71 19.90
C SER C 3 10.76 2.61 20.52
N LYS C 4 11.19 3.83 20.93
CA LYS C 4 10.29 4.79 21.52
C LYS C 4 9.23 5.16 20.52
N ASP C 5 9.63 5.25 19.23
CA ASP C 5 8.71 5.61 18.18
C ASP C 5 7.58 4.62 18.13
N LYS C 6 7.90 3.32 18.37
CA LYS C 6 6.86 2.29 18.34
C LYS C 6 5.86 2.57 19.43
N GLU C 7 6.35 2.99 20.63
CA GLU C 7 5.45 3.27 21.74
C GLU C 7 4.59 4.45 21.37
N GLU C 8 5.17 5.47 20.71
CA GLU C 8 4.43 6.65 20.31
C GLU C 8 3.38 6.25 19.30
N GLU C 9 3.72 5.28 18.43
CA GLU C 9 2.82 4.80 17.40
C GLU C 9 1.57 4.25 18.03
N ILE C 10 1.66 3.67 19.24
CA ILE C 10 0.49 3.07 19.88
C ILE C 10 -0.55 4.16 20.05
N ARG C 11 -0.12 5.40 20.39
CA ARG C 11 -1.08 6.47 20.59
C ARG C 11 -1.86 6.66 19.31
N LYS C 12 -1.16 6.67 18.15
CA LYS C 12 -1.82 6.84 16.89
C LYS C 12 -2.70 5.63 16.61
N ILE C 13 -2.23 4.43 16.98
CA ILE C 13 -2.97 3.21 16.72
C ILE C 13 -4.25 3.24 17.52
N LEU C 14 -4.19 3.66 18.80
CA LEU C 14 -5.37 3.74 19.62
C LEU C 14 -6.22 4.89 19.19
N ARG C 15 -5.61 6.03 18.82
CA ARG C 15 -6.38 7.19 18.41
C ARG C 15 -7.17 6.84 17.18
N ASN C 16 -6.54 6.15 16.21
CA ASN C 16 -7.23 5.77 14.99
C ASN C 16 -8.38 4.84 15.31
N ASN C 17 -8.14 3.88 16.22
CA ASN C 17 -9.17 2.93 16.59
C ASN C 17 -10.25 3.65 17.36
N LEU C 18 -9.85 4.60 18.22
CA LEU C 18 -10.78 5.33 19.05
C LEU C 18 -11.71 6.16 18.19
N GLN C 19 -11.18 6.79 17.12
CA GLN C 19 -12.00 7.62 16.27
C GLN C 19 -13.08 6.82 15.62
N LYS C 20 -12.77 5.57 15.20
CA LYS C 20 -13.77 4.74 14.56
C LYS C 20 -14.88 4.47 15.53
N THR C 21 -14.51 4.22 16.82
CA THR C 21 -15.49 3.96 17.84
C THR C 21 -16.29 5.20 18.10
N ARG C 22 -15.62 6.38 18.11
CA ARG C 22 -16.30 7.64 18.37
C ARG C 22 -17.36 7.86 17.31
N GLN C 23 -17.02 7.61 16.02
CA GLN C 23 -17.98 7.80 14.95
C GLN C 23 -19.16 6.89 15.16
N ARG C 24 -18.92 5.65 15.64
CA ARG C 24 -20.00 4.71 15.88
C ARG C 24 -20.91 5.28 16.93
N LEU C 25 -20.33 5.84 18.02
CA LEU C 25 -21.13 6.40 19.10
C LEU C 25 -21.89 7.59 18.57
N ARG C 26 -21.25 8.41 17.71
CA ARG C 26 -21.89 9.58 17.15
C ARG C 26 -23.09 9.18 16.33
N SER C 27 -23.00 8.02 15.64
CA SER C 27 -24.09 7.55 14.82
C SER C 27 -25.31 7.33 15.68
N TYR C 28 -25.13 6.80 16.90
CA TYR C 28 -26.26 6.56 17.78
C TYR C 28 -26.76 7.88 18.31
N ASN C 29 -25.85 8.84 18.54
CA ASN C 29 -26.26 10.14 19.04
C ASN C 29 -27.13 10.81 18.01
N ARG C 30 -26.80 10.64 16.71
CA ARG C 30 -27.57 11.26 15.65
C ARG C 30 -28.98 10.72 15.66
N HIS C 31 -29.16 9.41 15.97
CA HIS C 31 -30.49 8.84 15.98
C HIS C 31 -31.26 9.39 17.16
N THR C 32 -30.52 9.85 18.21
CA THR C 32 -31.14 10.43 19.39
C THR C 32 -31.86 9.36 20.16
N LEU C 33 -33.18 9.18 19.90
CA LEU C 33 -33.94 8.19 20.61
C LEU C 33 -34.84 7.52 19.61
N VAL C 34 -34.78 6.17 19.57
CA VAL C 34 -35.60 5.42 18.65
C VAL C 34 -36.26 4.33 19.45
N ALA C 35 -37.38 3.80 18.93
CA ALA C 35 -38.07 2.74 19.62
C ALA C 35 -38.80 1.95 18.58
N ASP C 36 -39.06 0.65 18.88
CA ASP C 36 -39.76 -0.19 17.94
C ASP C 36 -41.26 0.08 18.07
#